data_1XC1
#
_entry.id   1XC1
#
_cell.length_a   146.200
_cell.length_b   146.200
_cell.length_c   113.558
_cell.angle_alpha   90.00
_cell.angle_beta   90.00
_cell.angle_gamma   120.00
#
_symmetry.space_group_name_H-M   'P 32'
#
loop_
_entity.id
_entity.type
_entity.pdbx_description
1 polymer 'periplasmic iron-binding protein'
2 non-polymer 'OXO ZIRCONIUM(IV) CLUSTER'
3 water water
#
_entity_poly.entity_id   1
_entity_poly.type   'polypeptide(L)'
_entity_poly.pdbx_seq_one_letter_code
;DITVYNGQHKEAAQAVADAFTRATGIKVKLNSAKGDQLAGQIKEEGSRSPADVFYSEQIPALATLSAANLLEPLPASTIN
ETRGKGVPVAAKKDWVALSGRSRVVVYDTRKLSEKDLEKSVLNYATPKWKNRIGYVPTSGAFLEQIVAIVKLKGEAAALK
WLKGLKEYGKPYAKNSVALQAVENGEIDAALINNYYWHAFAREKGVQNVHTRLNFVRHRDPGALVTYSGAAVLKSSQNKD
EAKKFVAFLAGKEGQRALTAVRAEYPLNPHVVSTFNLEPIAKLEAPQVSATTVSEKEHATRLLEQAGMK
;
_entity_poly.pdbx_strand_id   A,B,C,D,E,F,G,H,I
#
# COMPACT_ATOMS: atom_id res chain seq x y z
N ASP A 1 -41.08 -9.81 -52.45
CA ASP A 1 -40.67 -10.48 -53.73
C ASP A 1 -39.89 -11.75 -53.42
N ILE A 2 -39.08 -11.70 -52.37
CA ILE A 2 -38.33 -12.86 -51.93
C ILE A 2 -38.67 -13.08 -50.45
N THR A 3 -38.56 -14.32 -50.00
CA THR A 3 -38.85 -14.63 -48.60
C THR A 3 -37.54 -15.00 -47.92
N VAL A 4 -37.24 -14.26 -46.86
CA VAL A 4 -36.03 -14.47 -46.10
C VAL A 4 -36.33 -15.09 -44.74
N TYR A 5 -35.77 -16.27 -44.50
CA TYR A 5 -35.91 -16.93 -43.21
C TYR A 5 -34.80 -16.27 -42.39
N ASN A 6 -35.21 -15.51 -41.39
CA ASN A 6 -34.28 -14.75 -40.58
C ASN A 6 -34.04 -15.21 -39.14
N GLY A 7 -32.87 -15.79 -38.92
CA GLY A 7 -32.51 -16.24 -37.58
C GLY A 7 -31.69 -15.17 -36.91
N GLN A 8 -31.40 -14.08 -37.64
CA GLN A 8 -30.58 -13.00 -37.11
C GLN A 8 -31.41 -11.93 -36.38
N HIS A 9 -30.72 -10.91 -35.89
CA HIS A 9 -31.36 -9.82 -35.16
C HIS A 9 -32.54 -9.29 -35.99
N LYS A 10 -33.66 -9.08 -35.31
CA LYS A 10 -34.89 -8.58 -35.91
C LYS A 10 -34.71 -7.16 -36.49
N GLU A 11 -34.16 -6.28 -35.67
CA GLU A 11 -33.93 -4.89 -36.07
C GLU A 11 -32.84 -4.85 -37.13
N ALA A 12 -31.92 -5.81 -37.05
CA ALA A 12 -30.82 -5.92 -38.01
C ALA A 12 -31.40 -6.23 -39.38
N ALA A 13 -32.08 -7.37 -39.45
CA ALA A 13 -32.69 -7.85 -40.66
C ALA A 13 -33.56 -6.80 -41.34
N GLN A 14 -34.38 -6.11 -40.55
CA GLN A 14 -35.28 -5.09 -41.09
C GLN A 14 -34.53 -3.97 -41.77
N ALA A 15 -33.45 -3.50 -41.13
CA ALA A 15 -32.63 -2.42 -41.68
C ALA A 15 -32.01 -2.79 -43.03
N VAL A 16 -31.49 -4.02 -43.14
CA VAL A 16 -30.85 -4.46 -44.36
C VAL A 16 -31.87 -4.81 -45.45
N ALA A 17 -33.02 -5.31 -45.05
CA ALA A 17 -34.06 -5.66 -46.01
C ALA A 17 -34.58 -4.37 -46.66
N ASP A 18 -34.86 -3.36 -45.83
CA ASP A 18 -35.35 -2.08 -46.34
C ASP A 18 -34.36 -1.36 -47.25
N ALA A 19 -33.07 -1.46 -46.92
CA ALA A 19 -32.05 -0.82 -47.73
C ALA A 19 -32.07 -1.51 -49.09
N PHE A 20 -32.27 -2.83 -49.07
CA PHE A 20 -32.32 -3.63 -50.29
C PHE A 20 -33.49 -3.18 -51.14
N THR A 21 -34.64 -2.98 -50.51
CA THR A 21 -35.82 -2.58 -51.25
C THR A 21 -35.65 -1.18 -51.85
N ARG A 22 -34.89 -0.31 -51.18
CA ARG A 22 -34.66 1.03 -51.69
C ARG A 22 -33.73 1.03 -52.91
N ALA A 23 -32.78 0.10 -52.94
CA ALA A 23 -31.82 0.02 -54.02
C ALA A 23 -32.22 -0.81 -55.25
N THR A 24 -33.24 -1.65 -55.13
CA THR A 24 -33.64 -2.49 -56.25
C THR A 24 -35.15 -2.52 -56.48
N GLY A 25 -35.91 -2.07 -55.48
CA GLY A 25 -37.36 -2.08 -55.60
C GLY A 25 -37.92 -3.46 -55.27
N ILE A 26 -37.02 -4.38 -54.89
CA ILE A 26 -37.44 -5.73 -54.55
C ILE A 26 -37.91 -5.80 -53.10
N LYS A 27 -39.14 -6.26 -52.93
CA LYS A 27 -39.76 -6.40 -51.63
C LYS A 27 -39.22 -7.62 -50.89
N VAL A 28 -39.09 -7.50 -49.57
CA VAL A 28 -38.56 -8.58 -48.74
C VAL A 28 -39.55 -8.97 -47.64
N LYS A 29 -39.79 -10.28 -47.55
CA LYS A 29 -40.70 -10.85 -46.56
C LYS A 29 -39.85 -11.59 -45.54
N LEU A 30 -39.91 -11.15 -44.29
CA LEU A 30 -39.11 -11.76 -43.22
C LEU A 30 -39.86 -12.73 -42.31
N ASN A 31 -39.26 -13.89 -42.11
CA ASN A 31 -39.81 -14.90 -41.23
C ASN A 31 -38.73 -15.06 -40.17
N SER A 32 -38.86 -14.33 -39.07
CA SER A 32 -37.90 -14.36 -37.97
C SER A 32 -38.18 -15.43 -36.94
N ALA A 33 -37.13 -16.07 -36.46
CA ALA A 33 -37.24 -17.11 -35.45
C ALA A 33 -35.87 -17.69 -35.14
N LYS A 34 -35.84 -18.65 -34.21
CA LYS A 34 -34.62 -19.34 -33.79
C LYS A 34 -33.95 -19.95 -35.02
N GLY A 35 -32.64 -19.71 -35.15
CA GLY A 35 -31.89 -20.21 -36.27
C GLY A 35 -31.93 -21.72 -36.45
N ASP A 36 -31.98 -22.45 -35.34
CA ASP A 36 -32.02 -23.90 -35.41
C ASP A 36 -33.38 -24.37 -35.90
N GLN A 37 -34.42 -23.61 -35.57
CA GLN A 37 -35.79 -23.94 -35.99
C GLN A 37 -36.01 -23.66 -37.46
N LEU A 38 -35.58 -22.50 -37.92
CA LEU A 38 -35.73 -22.13 -39.33
C LEU A 38 -35.03 -23.16 -40.24
N ALA A 39 -33.81 -23.53 -39.86
CA ALA A 39 -33.00 -24.50 -40.62
C ALA A 39 -33.65 -25.87 -40.70
N GLY A 40 -34.06 -26.40 -39.56
CA GLY A 40 -34.71 -27.70 -39.54
C GLY A 40 -36.06 -27.60 -40.22
N GLN A 41 -36.58 -26.37 -40.29
CA GLN A 41 -37.87 -26.09 -40.93
C GLN A 41 -37.62 -26.18 -42.43
N ILE A 42 -36.49 -25.62 -42.86
CA ILE A 42 -36.09 -25.64 -44.24
C ILE A 42 -35.69 -27.07 -44.59
N LYS A 43 -35.06 -27.75 -43.62
CA LYS A 43 -34.60 -29.12 -43.79
C LYS A 43 -35.77 -30.12 -43.87
N GLU A 44 -36.80 -29.88 -43.06
CA GLU A 44 -37.96 -30.75 -43.07
C GLU A 44 -38.87 -30.45 -44.27
N GLU A 45 -38.51 -29.42 -45.03
CA GLU A 45 -39.28 -29.03 -46.22
C GLU A 45 -38.46 -29.21 -47.50
N GLY A 46 -37.14 -29.26 -47.34
CA GLY A 46 -36.25 -29.42 -48.48
C GLY A 46 -36.61 -28.53 -49.66
N SER A 47 -36.48 -29.05 -50.87
CA SER A 47 -36.79 -28.29 -52.08
C SER A 47 -38.29 -28.15 -52.32
N ARG A 48 -38.98 -27.49 -51.38
CA ARG A 48 -40.41 -27.28 -51.47
C ARG A 48 -40.86 -26.08 -50.59
N SER A 49 -40.00 -25.66 -49.67
CA SER A 49 -40.32 -24.54 -48.78
C SER A 49 -40.34 -23.18 -49.50
N PRO A 50 -40.90 -22.15 -48.83
CA PRO A 50 -41.02 -20.77 -49.36
C PRO A 50 -39.75 -19.93 -49.23
N ALA A 51 -38.79 -20.40 -48.44
CA ALA A 51 -37.56 -19.66 -48.22
C ALA A 51 -36.70 -19.48 -49.46
N ASP A 52 -36.34 -18.23 -49.73
CA ASP A 52 -35.47 -17.89 -50.85
C ASP A 52 -34.07 -17.66 -50.29
N VAL A 53 -34.01 -17.07 -49.10
CA VAL A 53 -32.73 -16.81 -48.45
C VAL A 53 -32.77 -17.22 -46.97
N PHE A 54 -31.63 -17.70 -46.49
CA PHE A 54 -31.49 -18.06 -45.09
C PHE A 54 -30.45 -17.12 -44.54
N TYR A 55 -30.89 -16.23 -43.63
CA TYR A 55 -30.03 -15.23 -43.00
C TYR A 55 -29.89 -15.64 -41.55
N SER A 56 -28.77 -16.25 -41.18
CA SER A 56 -28.61 -16.69 -39.80
C SER A 56 -27.50 -16.00 -39.02
N GLU A 57 -27.59 -16.09 -37.69
CA GLU A 57 -26.60 -15.51 -36.80
C GLU A 57 -25.57 -16.57 -36.39
N GLN A 58 -25.81 -17.82 -36.78
CA GLN A 58 -24.91 -18.92 -36.45
C GLN A 58 -24.50 -19.70 -37.69
N ILE A 59 -23.20 -19.78 -37.94
CA ILE A 59 -22.69 -20.52 -39.10
C ILE A 59 -23.06 -22.00 -39.05
N PRO A 60 -23.12 -22.60 -37.85
CA PRO A 60 -23.49 -24.02 -37.77
C PRO A 60 -24.81 -24.39 -38.46
N ALA A 61 -25.79 -23.48 -38.43
CA ALA A 61 -27.08 -23.74 -39.07
C ALA A 61 -26.94 -23.72 -40.58
N LEU A 62 -25.96 -22.97 -41.06
CA LEU A 62 -25.70 -22.89 -42.50
C LEU A 62 -24.91 -24.13 -42.93
N ALA A 63 -24.07 -24.65 -42.04
CA ALA A 63 -23.29 -25.84 -42.33
C ALA A 63 -24.22 -27.05 -42.45
N THR A 64 -25.28 -27.07 -41.64
CA THR A 64 -26.23 -28.17 -41.65
C THR A 64 -26.97 -28.24 -42.97
N LEU A 65 -27.45 -27.09 -43.43
CA LEU A 65 -28.16 -27.03 -44.68
C LEU A 65 -27.22 -27.35 -45.82
N SER A 66 -25.97 -26.93 -45.66
CA SER A 66 -24.94 -27.17 -46.65
C SER A 66 -24.67 -28.68 -46.71
N ALA A 67 -24.50 -29.27 -45.54
CA ALA A 67 -24.23 -30.71 -45.42
C ALA A 67 -25.37 -31.54 -46.01
N ALA A 68 -26.59 -31.01 -45.95
CA ALA A 68 -27.77 -31.70 -46.48
C ALA A 68 -27.97 -31.32 -47.96
N ASN A 69 -27.03 -30.56 -48.50
CA ASN A 69 -27.05 -30.14 -49.91
C ASN A 69 -28.28 -29.33 -50.33
N LEU A 70 -28.68 -28.38 -49.50
CA LEU A 70 -29.85 -27.56 -49.79
C LEU A 70 -29.50 -26.14 -50.22
N LEU A 71 -28.23 -25.77 -50.11
CA LEU A 71 -27.80 -24.42 -50.47
C LEU A 71 -27.29 -24.34 -51.89
N GLU A 72 -27.53 -23.20 -52.52
CA GLU A 72 -27.11 -22.94 -53.89
C GLU A 72 -25.74 -22.26 -53.91
N PRO A 73 -24.76 -22.82 -54.66
CA PRO A 73 -23.45 -22.16 -54.68
C PRO A 73 -23.58 -20.70 -55.10
N LEU A 74 -22.80 -19.84 -54.47
CA LEU A 74 -22.82 -18.42 -54.77
C LEU A 74 -21.61 -18.05 -55.62
N PRO A 75 -21.73 -17.02 -56.48
CA PRO A 75 -20.59 -16.64 -57.31
C PRO A 75 -19.42 -16.19 -56.45
N ALA A 76 -18.21 -16.31 -56.99
CA ALA A 76 -17.01 -15.94 -56.26
C ALA A 76 -17.00 -14.49 -55.81
N SER A 77 -17.53 -13.61 -56.66
CA SER A 77 -17.59 -12.17 -56.37
C SER A 77 -18.26 -11.89 -55.05
N THR A 78 -19.37 -12.58 -54.78
CA THR A 78 -20.08 -12.40 -53.52
C THR A 78 -19.19 -12.86 -52.37
N ILE A 79 -18.79 -14.13 -52.42
CA ILE A 79 -17.95 -14.69 -51.37
C ILE A 79 -16.65 -13.92 -51.24
N ASN A 80 -16.20 -13.31 -52.32
CA ASN A 80 -14.96 -12.56 -52.30
C ASN A 80 -15.08 -11.30 -51.46
N GLU A 81 -16.28 -10.73 -51.45
CA GLU A 81 -16.57 -9.50 -50.71
C GLU A 81 -16.11 -9.43 -49.25
N THR A 82 -16.30 -10.49 -48.49
CA THR A 82 -15.94 -10.46 -47.08
C THR A 82 -14.77 -11.36 -46.74
N ARG A 83 -14.07 -11.83 -47.77
CA ARG A 83 -12.93 -12.70 -47.61
C ARG A 83 -11.79 -12.08 -46.82
N GLY A 84 -11.31 -12.81 -45.82
CA GLY A 84 -10.22 -12.33 -44.99
C GLY A 84 -9.69 -13.48 -44.19
N LYS A 85 -8.46 -13.36 -43.69
CA LYS A 85 -7.88 -14.43 -42.91
C LYS A 85 -8.60 -14.60 -41.56
N GLY A 86 -8.87 -15.84 -41.20
CA GLY A 86 -9.57 -16.11 -39.95
C GLY A 86 -11.06 -16.15 -40.19
N VAL A 87 -11.51 -15.57 -41.31
CA VAL A 87 -12.91 -15.52 -41.72
C VAL A 87 -13.37 -16.87 -42.27
N PRO A 88 -14.46 -17.44 -41.72
CA PRO A 88 -15.01 -18.73 -42.15
C PRO A 88 -15.31 -18.73 -43.65
N VAL A 89 -14.90 -19.79 -44.33
CA VAL A 89 -15.14 -19.93 -45.77
C VAL A 89 -15.93 -21.21 -46.04
N ALA A 90 -16.95 -21.10 -46.89
CA ALA A 90 -17.79 -22.24 -47.21
C ALA A 90 -17.07 -23.20 -48.17
N ALA A 91 -16.81 -24.41 -47.68
CA ALA A 91 -16.12 -25.43 -48.48
C ALA A 91 -16.76 -25.65 -49.84
N LYS A 92 -18.09 -25.71 -49.90
CA LYS A 92 -18.81 -25.92 -51.15
C LYS A 92 -19.28 -24.58 -51.72
N LYS A 93 -18.74 -23.49 -51.17
CA LYS A 93 -19.04 -22.13 -51.61
C LYS A 93 -20.55 -21.85 -51.72
N ASP A 94 -21.32 -22.37 -50.77
CA ASP A 94 -22.77 -22.22 -50.78
C ASP A 94 -23.36 -21.30 -49.71
N TRP A 95 -22.49 -20.62 -48.98
CA TRP A 95 -22.88 -19.63 -47.98
C TRP A 95 -21.71 -18.66 -47.82
N VAL A 96 -22.00 -17.50 -47.25
CA VAL A 96 -20.96 -16.47 -47.04
C VAL A 96 -21.08 -15.85 -45.64
N ALA A 97 -19.93 -15.57 -45.05
CA ALA A 97 -19.87 -14.94 -43.72
C ALA A 97 -20.09 -13.44 -43.96
N LEU A 98 -20.86 -12.82 -43.07
CA LEU A 98 -21.21 -11.40 -43.19
C LEU A 98 -20.74 -10.47 -42.06
N SER A 99 -20.93 -10.88 -40.82
CA SER A 99 -20.52 -10.07 -39.69
C SER A 99 -20.15 -10.93 -38.47
N GLY A 100 -19.71 -10.28 -37.41
CA GLY A 100 -19.31 -11.01 -36.22
C GLY A 100 -19.46 -10.22 -34.93
N ARG A 101 -19.56 -10.95 -33.82
CA ARG A 101 -19.67 -10.34 -32.51
C ARG A 101 -18.51 -10.87 -31.71
N SER A 102 -17.95 -10.05 -30.85
CA SER A 102 -16.81 -10.45 -30.04
C SER A 102 -17.10 -10.59 -28.57
N ARG A 103 -16.45 -11.55 -27.93
CA ARG A 103 -16.57 -11.73 -26.51
C ARG A 103 -15.75 -10.57 -25.99
N VAL A 104 -16.10 -10.06 -24.82
CA VAL A 104 -15.36 -8.94 -24.26
C VAL A 104 -15.47 -8.89 -22.74
N VAL A 105 -14.64 -8.05 -22.15
CA VAL A 105 -14.66 -7.82 -20.72
C VAL A 105 -15.07 -6.35 -20.54
N VAL A 106 -16.17 -6.10 -19.83
CA VAL A 106 -16.58 -4.72 -19.54
C VAL A 106 -16.07 -4.44 -18.15
N TYR A 107 -15.48 -3.28 -17.94
CA TYR A 107 -14.99 -2.96 -16.62
C TYR A 107 -15.44 -1.58 -16.14
N ASP A 108 -15.36 -1.41 -14.82
CA ASP A 108 -15.74 -0.18 -14.14
C ASP A 108 -14.54 0.78 -14.18
N THR A 109 -14.66 1.84 -14.98
CA THR A 109 -13.57 2.82 -15.09
C THR A 109 -13.36 3.66 -13.85
N ARG A 110 -14.31 3.65 -12.91
CA ARG A 110 -14.12 4.45 -11.70
C ARG A 110 -13.05 3.77 -10.87
N LYS A 111 -13.02 2.44 -10.97
CA LYS A 111 -12.08 1.62 -10.22
C LYS A 111 -10.90 1.02 -10.99
N LEU A 112 -11.03 0.87 -12.30
CA LEU A 112 -9.95 0.24 -13.04
C LEU A 112 -9.57 0.93 -14.35
N SER A 113 -8.42 0.52 -14.88
CA SER A 113 -7.89 1.04 -16.13
C SER A 113 -7.53 -0.20 -16.95
N GLU A 114 -7.21 -0.02 -18.23
CA GLU A 114 -6.85 -1.17 -19.06
C GLU A 114 -5.67 -1.95 -18.43
N LYS A 115 -4.70 -1.20 -17.91
CA LYS A 115 -3.51 -1.77 -17.29
C LYS A 115 -3.78 -2.67 -16.07
N ASP A 116 -5.02 -2.71 -15.62
CA ASP A 116 -5.37 -3.54 -14.46
C ASP A 116 -6.06 -4.83 -14.89
N LEU A 117 -6.30 -4.97 -16.19
CA LEU A 117 -6.99 -6.16 -16.68
C LEU A 117 -6.03 -7.27 -17.06
N GLU A 118 -6.55 -8.49 -17.11
CA GLU A 118 -5.77 -9.66 -17.45
C GLU A 118 -5.40 -9.72 -18.93
N LYS A 119 -4.26 -10.34 -19.20
CA LYS A 119 -3.75 -10.51 -20.56
C LYS A 119 -4.50 -11.66 -21.28
N SER A 120 -5.02 -12.60 -20.50
CA SER A 120 -5.77 -13.75 -21.01
C SER A 120 -7.06 -13.92 -20.21
N VAL A 121 -8.16 -14.26 -20.88
CA VAL A 121 -9.43 -14.43 -20.21
C VAL A 121 -9.41 -15.61 -19.23
N LEU A 122 -8.46 -16.51 -19.43
CA LEU A 122 -8.32 -17.67 -18.56
C LEU A 122 -7.85 -17.26 -17.17
N ASN A 123 -7.17 -16.11 -17.10
CA ASN A 123 -6.63 -15.57 -15.85
C ASN A 123 -7.64 -15.05 -14.83
N TYR A 124 -8.90 -14.90 -15.25
CA TYR A 124 -9.91 -14.38 -14.35
C TYR A 124 -10.40 -15.40 -13.34
N ALA A 125 -10.26 -16.68 -13.65
CA ALA A 125 -10.71 -17.74 -12.77
C ALA A 125 -9.69 -17.97 -11.65
N THR A 126 -9.24 -16.89 -11.03
CA THR A 126 -8.25 -17.01 -9.97
C THR A 126 -8.61 -16.17 -8.73
N PRO A 127 -7.97 -16.49 -7.58
CA PRO A 127 -8.23 -15.78 -6.32
C PRO A 127 -8.20 -14.25 -6.48
N LYS A 128 -7.30 -13.76 -7.33
CA LYS A 128 -7.17 -12.34 -7.55
C LYS A 128 -8.49 -11.68 -7.97
N TRP A 129 -9.39 -12.46 -8.55
CA TRP A 129 -10.66 -11.92 -9.00
C TRP A 129 -11.85 -12.36 -8.18
N LYS A 130 -11.57 -12.81 -6.96
CA LYS A 130 -12.60 -13.23 -6.03
C LYS A 130 -13.62 -12.08 -5.96
N ASN A 131 -14.88 -12.38 -6.29
CA ASN A 131 -15.96 -11.39 -6.30
C ASN A 131 -15.74 -10.14 -7.16
N ARG A 132 -14.76 -10.20 -8.05
CA ARG A 132 -14.44 -9.05 -8.92
C ARG A 132 -14.74 -9.26 -10.39
N ILE A 133 -15.16 -10.47 -10.76
CA ILE A 133 -15.46 -10.78 -12.15
C ILE A 133 -16.83 -11.48 -12.22
N GLY A 134 -17.67 -11.02 -13.13
CA GLY A 134 -18.99 -11.59 -13.28
C GLY A 134 -19.11 -12.34 -14.60
N TYR A 135 -20.04 -13.29 -14.64
CA TYR A 135 -20.26 -14.07 -15.84
C TYR A 135 -21.71 -14.55 -15.88
N VAL A 136 -22.12 -15.04 -17.03
CA VAL A 136 -23.48 -15.52 -17.24
C VAL A 136 -23.42 -16.95 -17.77
N PRO A 137 -23.47 -17.94 -16.87
CA PRO A 137 -23.41 -19.36 -17.23
C PRO A 137 -24.56 -19.91 -18.08
N THR A 138 -25.72 -19.24 -18.03
CA THR A 138 -26.87 -19.69 -18.80
C THR A 138 -26.89 -19.14 -20.24
N SER A 139 -25.92 -18.28 -20.54
CA SER A 139 -25.79 -17.64 -21.84
C SER A 139 -25.25 -18.54 -22.99
N GLY A 140 -25.75 -18.31 -24.20
CA GLY A 140 -25.32 -19.09 -25.34
C GLY A 140 -23.89 -18.77 -25.73
N ALA A 141 -23.53 -17.48 -25.65
CA ALA A 141 -22.19 -17.04 -25.98
C ALA A 141 -21.17 -17.53 -24.93
N PHE A 142 -21.65 -17.73 -23.70
CA PHE A 142 -20.77 -18.24 -22.64
C PHE A 142 -20.45 -19.68 -23.01
N LEU A 143 -21.45 -20.38 -23.55
CA LEU A 143 -21.25 -21.76 -23.96
C LEU A 143 -20.24 -21.81 -25.10
N GLU A 144 -20.36 -20.86 -26.03
CA GLU A 144 -19.44 -20.76 -27.17
C GLU A 144 -18.01 -20.54 -26.67
N GLN A 145 -17.88 -19.74 -25.62
CA GLN A 145 -16.59 -19.43 -25.03
C GLN A 145 -15.94 -20.71 -24.50
N ILE A 146 -16.70 -21.51 -23.75
CA ILE A 146 -16.16 -22.76 -23.20
C ILE A 146 -15.76 -23.67 -24.36
N VAL A 147 -16.59 -23.73 -25.40
CA VAL A 147 -16.31 -24.55 -26.58
C VAL A 147 -14.98 -24.14 -27.23
N ALA A 148 -14.70 -22.84 -27.25
CA ALA A 148 -13.46 -22.31 -27.85
C ALA A 148 -12.21 -22.62 -27.01
N ILE A 149 -12.33 -22.55 -25.69
CA ILE A 149 -11.20 -22.85 -24.82
C ILE A 149 -10.81 -24.32 -24.96
N VAL A 150 -11.81 -25.18 -25.17
CA VAL A 150 -11.54 -26.60 -25.33
C VAL A 150 -10.79 -26.88 -26.64
N LYS A 151 -11.22 -26.23 -27.73
CA LYS A 151 -10.53 -26.42 -29.02
C LYS A 151 -9.17 -25.74 -29.04
N LEU A 152 -9.07 -24.61 -28.35
CA LEU A 152 -7.83 -23.84 -28.31
C LEU A 152 -6.84 -24.21 -27.21
N LYS A 153 -7.33 -24.77 -26.10
CA LYS A 153 -6.47 -25.11 -24.99
C LYS A 153 -6.58 -26.53 -24.46
N GLY A 154 -7.57 -27.28 -24.93
CA GLY A 154 -7.76 -28.64 -24.45
C GLY A 154 -8.79 -28.64 -23.34
N GLU A 155 -9.41 -29.78 -23.07
CA GLU A 155 -10.45 -29.84 -22.04
C GLU A 155 -10.03 -29.48 -20.62
N ALA A 156 -8.80 -29.85 -20.23
CA ALA A 156 -8.32 -29.57 -18.88
C ALA A 156 -8.37 -28.07 -18.55
N ALA A 157 -7.97 -27.25 -19.53
CA ALA A 157 -7.97 -25.80 -19.38
C ALA A 157 -9.40 -25.31 -19.17
N ALA A 158 -10.32 -25.83 -19.97
CA ALA A 158 -11.72 -25.44 -19.87
C ALA A 158 -12.28 -25.77 -18.48
N LEU A 159 -11.88 -26.92 -17.96
CA LEU A 159 -12.34 -27.37 -16.64
C LEU A 159 -11.73 -26.49 -15.53
N LYS A 160 -10.47 -26.15 -15.70
CA LYS A 160 -9.78 -25.28 -14.76
C LYS A 160 -10.49 -23.93 -14.73
N TRP A 161 -10.82 -23.40 -15.90
CA TRP A 161 -11.48 -22.11 -16.02
C TRP A 161 -12.86 -22.08 -15.34
N LEU A 162 -13.69 -23.09 -15.61
CA LEU A 162 -15.02 -23.16 -15.04
C LEU A 162 -15.04 -23.34 -13.53
N LYS A 163 -14.08 -24.09 -12.99
CA LYS A 163 -14.04 -24.27 -11.55
C LYS A 163 -13.53 -23.00 -10.90
N GLY A 164 -12.62 -22.30 -11.58
CA GLY A 164 -12.09 -21.04 -11.07
C GLY A 164 -13.17 -19.98 -11.00
N LEU A 165 -13.97 -19.85 -12.07
CA LEU A 165 -15.06 -18.89 -12.12
C LEU A 165 -16.16 -19.25 -11.10
N LYS A 166 -16.52 -20.53 -11.05
CA LYS A 166 -17.54 -20.97 -10.11
C LYS A 166 -17.07 -20.63 -8.70
N GLU A 167 -15.79 -20.82 -8.48
CA GLU A 167 -15.12 -20.59 -7.21
C GLU A 167 -14.93 -19.11 -6.80
N TYR A 168 -14.50 -18.28 -7.74
CA TYR A 168 -14.25 -16.89 -7.42
C TYR A 168 -15.12 -15.85 -8.15
N GLY A 169 -15.71 -16.25 -9.27
CA GLY A 169 -16.53 -15.34 -10.01
C GLY A 169 -17.89 -15.15 -9.37
N LYS A 170 -18.74 -14.39 -10.05
CA LYS A 170 -20.10 -14.11 -9.60
C LYS A 170 -21.03 -14.26 -10.79
N PRO A 171 -21.95 -15.24 -10.74
CA PRO A 171 -22.89 -15.44 -11.86
C PRO A 171 -24.05 -14.45 -11.84
N TYR A 172 -24.54 -14.14 -13.04
CA TYR A 172 -25.68 -13.24 -13.25
C TYR A 172 -26.54 -13.97 -14.26
N ALA A 173 -27.86 -13.85 -14.11
CA ALA A 173 -28.80 -14.55 -14.99
C ALA A 173 -28.81 -14.10 -16.44
N LYS A 174 -28.53 -12.83 -16.68
CA LYS A 174 -28.55 -12.29 -18.04
C LYS A 174 -27.36 -11.39 -18.33
N ASN A 175 -26.98 -11.35 -19.61
CA ASN A 175 -25.88 -10.50 -20.01
C ASN A 175 -26.11 -9.02 -19.65
N SER A 176 -27.36 -8.58 -19.75
CA SER A 176 -27.71 -7.18 -19.42
C SER A 176 -27.60 -6.95 -17.91
N VAL A 177 -28.01 -7.95 -17.13
CA VAL A 177 -27.94 -7.86 -15.67
C VAL A 177 -26.46 -7.74 -15.26
N ALA A 178 -25.61 -8.52 -15.91
CA ALA A 178 -24.17 -8.49 -15.63
C ALA A 178 -23.62 -7.11 -15.91
N LEU A 179 -23.99 -6.54 -17.07
CA LEU A 179 -23.56 -5.20 -17.49
C LEU A 179 -24.02 -4.09 -16.55
N GLN A 180 -25.25 -4.21 -16.07
CA GLN A 180 -25.82 -3.23 -15.15
C GLN A 180 -25.12 -3.33 -13.78
N ALA A 181 -24.59 -4.51 -13.46
CA ALA A 181 -23.88 -4.71 -12.18
C ALA A 181 -22.57 -3.91 -12.19
N VAL A 182 -21.87 -3.93 -13.33
CA VAL A 182 -20.63 -3.19 -13.47
C VAL A 182 -20.93 -1.68 -13.51
N GLU A 183 -21.99 -1.30 -14.22
CA GLU A 183 -22.37 0.11 -14.33
C GLU A 183 -22.67 0.72 -12.97
N ASN A 184 -23.32 -0.05 -12.11
CA ASN A 184 -23.67 0.41 -10.76
C ASN A 184 -22.57 0.23 -9.74
N GLY A 185 -21.49 -0.42 -10.14
CA GLY A 185 -20.36 -0.60 -9.25
C GLY A 185 -20.43 -1.74 -8.25
N GLU A 186 -21.21 -2.78 -8.56
CA GLU A 186 -21.30 -3.92 -7.66
C GLU A 186 -20.34 -5.06 -7.99
N ILE A 187 -19.44 -4.79 -8.94
CA ILE A 187 -18.39 -5.72 -9.40
C ILE A 187 -17.49 -4.94 -10.36
N ASP A 188 -16.19 -5.21 -10.30
CA ASP A 188 -15.22 -4.51 -11.14
C ASP A 188 -15.33 -4.81 -12.62
N ALA A 189 -15.55 -6.08 -12.96
CA ALA A 189 -15.66 -6.48 -14.34
C ALA A 189 -16.63 -7.66 -14.57
N ALA A 190 -16.90 -7.95 -15.85
CA ALA A 190 -17.79 -9.03 -16.23
C ALA A 190 -17.50 -9.42 -17.66
N LEU A 191 -17.75 -10.67 -17.98
CA LEU A 191 -17.54 -11.21 -19.32
C LEU A 191 -18.89 -11.19 -20.05
N ILE A 192 -18.94 -10.52 -21.20
CA ILE A 192 -20.17 -10.42 -21.98
C ILE A 192 -19.85 -10.25 -23.46
N ASN A 193 -20.88 -9.98 -24.26
CA ASN A 193 -20.71 -9.74 -25.69
C ASN A 193 -20.54 -8.22 -25.90
N ASN A 194 -19.76 -7.85 -26.89
CA ASN A 194 -19.48 -6.44 -27.14
C ASN A 194 -20.67 -5.55 -27.41
N TYR A 195 -21.58 -6.00 -28.27
CA TYR A 195 -22.72 -5.16 -28.65
C TYR A 195 -23.61 -4.65 -27.50
N TYR A 196 -23.65 -5.38 -26.38
CA TYR A 196 -24.46 -4.95 -25.24
C TYR A 196 -23.97 -3.60 -24.73
N TRP A 197 -22.65 -3.42 -24.69
CA TRP A 197 -22.09 -2.16 -24.23
C TRP A 197 -22.29 -1.05 -25.27
N HIS A 198 -22.08 -1.38 -26.54
CA HIS A 198 -22.23 -0.41 -27.62
C HIS A 198 -23.66 0.13 -27.75
N ALA A 199 -24.64 -0.75 -27.55
CA ALA A 199 -26.04 -0.38 -27.63
C ALA A 199 -26.37 0.56 -26.46
N PHE A 200 -25.93 0.16 -25.28
CA PHE A 200 -26.15 0.91 -24.04
C PHE A 200 -25.51 2.29 -24.12
N ALA A 201 -24.29 2.37 -24.65
CA ALA A 201 -23.58 3.62 -24.75
C ALA A 201 -24.28 4.58 -25.71
N ARG A 202 -24.80 4.06 -26.81
CA ARG A 202 -25.49 4.88 -27.80
C ARG A 202 -26.80 5.48 -27.25
N GLU A 203 -27.49 4.73 -26.39
CA GLU A 203 -28.75 5.21 -25.82
C GLU A 203 -28.57 6.26 -24.70
N LYS A 204 -27.55 6.07 -23.86
CA LYS A 204 -27.29 6.98 -22.73
C LYS A 204 -26.35 8.14 -23.03
N GLY A 205 -25.32 7.87 -23.82
CA GLY A 205 -24.34 8.89 -24.12
C GLY A 205 -23.10 8.40 -23.38
N VAL A 206 -22.06 8.07 -24.12
CA VAL A 206 -20.85 7.53 -23.51
C VAL A 206 -20.29 8.33 -22.31
N GLN A 207 -20.60 9.62 -22.24
CA GLN A 207 -20.11 10.46 -21.16
C GLN A 207 -20.86 10.15 -19.86
N ASN A 208 -22.04 9.55 -20.01
CA ASN A 208 -22.87 9.19 -18.86
C ASN A 208 -22.64 7.77 -18.36
N VAL A 209 -21.85 6.99 -19.10
CA VAL A 209 -21.54 5.62 -18.71
C VAL A 209 -20.14 5.48 -18.12
N HIS A 210 -20.04 4.69 -17.06
CA HIS A 210 -18.77 4.48 -16.37
C HIS A 210 -18.07 3.18 -16.75
N THR A 211 -18.68 2.43 -17.65
CA THR A 211 -18.10 1.17 -18.10
C THR A 211 -17.39 1.34 -19.45
N ARG A 212 -16.37 0.52 -19.68
CA ARG A 212 -15.63 0.54 -20.93
C ARG A 212 -15.32 -0.90 -21.33
N LEU A 213 -14.93 -1.09 -22.58
CA LEU A 213 -14.62 -2.41 -23.09
C LEU A 213 -13.14 -2.72 -23.23
N ASN A 214 -12.78 -3.94 -22.82
CA ASN A 214 -11.43 -4.43 -22.93
C ASN A 214 -11.46 -5.62 -23.89
N PHE A 215 -10.46 -5.67 -24.78
CA PHE A 215 -10.33 -6.74 -25.76
C PHE A 215 -8.98 -7.40 -25.52
N VAL A 216 -8.95 -8.71 -25.28
CA VAL A 216 -7.67 -9.40 -25.04
C VAL A 216 -6.75 -9.49 -26.27
N ARG A 217 -7.33 -9.66 -27.46
CA ARG A 217 -6.56 -9.80 -28.70
C ARG A 217 -5.56 -10.96 -28.61
N HIS A 218 -4.41 -10.78 -29.26
CA HIS A 218 -3.33 -11.77 -29.28
C HIS A 218 -3.82 -13.22 -29.39
N ARG A 219 -4.85 -13.44 -30.22
CA ARG A 219 -5.45 -14.76 -30.47
C ARG A 219 -5.93 -15.52 -29.22
N ASP A 220 -6.09 -14.83 -28.10
CA ASP A 220 -6.54 -15.45 -26.83
C ASP A 220 -7.93 -16.05 -27.02
N PRO A 221 -8.31 -17.06 -26.20
CA PRO A 221 -9.64 -17.65 -26.36
C PRO A 221 -10.72 -16.58 -26.10
N GLY A 222 -10.39 -15.63 -25.22
CA GLY A 222 -11.30 -14.54 -24.89
C GLY A 222 -11.49 -13.54 -26.01
N ALA A 223 -10.73 -13.68 -27.09
CA ALA A 223 -10.85 -12.79 -28.23
C ALA A 223 -11.81 -13.40 -29.23
N LEU A 224 -12.50 -14.46 -28.83
CA LEU A 224 -13.46 -15.16 -29.70
C LEU A 224 -14.51 -14.30 -30.41
N VAL A 225 -14.54 -14.41 -31.73
CA VAL A 225 -15.52 -13.71 -32.55
C VAL A 225 -16.42 -14.78 -33.16
N THR A 226 -17.73 -14.58 -33.05
CA THR A 226 -18.69 -15.51 -33.60
C THR A 226 -19.30 -14.84 -34.85
N TYR A 227 -19.35 -15.56 -35.94
CA TYR A 227 -19.86 -15.01 -37.20
C TYR A 227 -21.28 -15.34 -37.58
N SER A 228 -21.84 -14.49 -38.42
CA SER A 228 -23.18 -14.69 -38.94
C SER A 228 -22.97 -14.76 -40.46
N GLY A 229 -23.95 -15.28 -41.18
CA GLY A 229 -23.80 -15.38 -42.61
C GLY A 229 -25.13 -15.61 -43.28
N ALA A 230 -25.12 -15.81 -44.59
CA ALA A 230 -26.35 -16.04 -45.32
C ALA A 230 -26.12 -16.95 -46.51
N ALA A 231 -27.22 -17.47 -47.05
CA ALA A 231 -27.18 -18.35 -48.19
C ALA A 231 -28.50 -18.35 -48.93
N VAL A 232 -28.46 -18.82 -50.17
CA VAL A 232 -29.67 -18.91 -50.97
C VAL A 232 -30.06 -20.40 -51.08
N LEU A 233 -31.35 -20.67 -51.00
CA LEU A 233 -31.85 -22.03 -51.12
C LEU A 233 -31.84 -22.50 -52.57
N LYS A 234 -31.35 -23.72 -52.80
CA LYS A 234 -31.30 -24.28 -54.14
C LYS A 234 -32.75 -24.41 -54.61
N SER A 235 -33.67 -24.49 -53.67
CA SER A 235 -35.09 -24.63 -53.97
C SER A 235 -35.82 -23.32 -54.30
N SER A 236 -35.16 -22.19 -54.09
CA SER A 236 -35.79 -20.90 -54.38
C SER A 236 -36.41 -20.77 -55.77
N GLN A 237 -37.56 -20.10 -55.84
CA GLN A 237 -38.26 -19.87 -57.11
C GLN A 237 -37.91 -18.47 -57.60
N ASN A 238 -37.14 -17.76 -56.78
CA ASN A 238 -36.68 -16.39 -57.08
C ASN A 238 -35.18 -16.41 -56.79
N LYS A 239 -34.47 -17.29 -57.47
CA LYS A 239 -33.04 -17.44 -57.26
C LYS A 239 -32.22 -16.25 -57.74
N ASP A 240 -32.78 -15.51 -58.68
CA ASP A 240 -32.11 -14.33 -59.21
C ASP A 240 -32.07 -13.24 -58.15
N GLU A 241 -33.24 -12.94 -57.59
CA GLU A 241 -33.37 -11.91 -56.57
C GLU A 241 -32.71 -12.29 -55.25
N ALA A 242 -32.75 -13.58 -54.92
CA ALA A 242 -32.14 -14.08 -53.70
C ALA A 242 -30.62 -13.93 -53.80
N LYS A 243 -30.08 -14.27 -54.96
CA LYS A 243 -28.65 -14.14 -55.19
C LYS A 243 -28.25 -12.67 -55.04
N LYS A 244 -29.11 -11.78 -55.52
CA LYS A 244 -28.86 -10.34 -55.42
C LYS A 244 -28.81 -9.95 -53.96
N PHE A 245 -29.85 -10.30 -53.22
CA PHE A 245 -29.94 -9.97 -51.81
C PHE A 245 -28.70 -10.35 -50.99
N VAL A 246 -28.13 -11.54 -51.21
CA VAL A 246 -26.94 -11.95 -50.48
C VAL A 246 -25.73 -11.13 -50.93
N ALA A 247 -25.67 -10.79 -52.21
CA ALA A 247 -24.57 -9.97 -52.73
C ALA A 247 -24.67 -8.58 -52.07
N PHE A 248 -25.90 -8.13 -51.84
CA PHE A 248 -26.18 -6.84 -51.20
C PHE A 248 -25.74 -6.96 -49.75
N LEU A 249 -26.03 -8.11 -49.15
CA LEU A 249 -25.67 -8.37 -47.77
C LEU A 249 -24.18 -8.29 -47.54
N ALA A 250 -23.41 -8.84 -48.49
CA ALA A 250 -21.97 -8.86 -48.39
C ALA A 250 -21.32 -7.54 -48.84
N GLY A 251 -22.02 -6.81 -49.70
CA GLY A 251 -21.51 -5.55 -50.23
C GLY A 251 -21.49 -4.34 -49.31
N LYS A 252 -20.74 -3.33 -49.71
CA LYS A 252 -20.59 -2.09 -48.96
C LYS A 252 -21.92 -1.50 -48.50
N GLU A 253 -22.83 -1.32 -49.45
CA GLU A 253 -24.15 -0.75 -49.17
C GLU A 253 -24.92 -1.56 -48.13
N GLY A 254 -24.87 -2.88 -48.25
CA GLY A 254 -25.58 -3.72 -47.31
C GLY A 254 -24.90 -3.78 -45.97
N GLN A 255 -23.57 -3.78 -45.98
CA GLN A 255 -22.77 -3.84 -44.76
C GLN A 255 -22.88 -2.56 -43.96
N ARG A 256 -23.09 -1.45 -44.68
CA ARG A 256 -23.25 -0.16 -44.03
C ARG A 256 -24.62 -0.05 -43.40
N ALA A 257 -25.63 -0.67 -44.03
CA ALA A 257 -26.99 -0.64 -43.50
C ALA A 257 -27.07 -1.43 -42.20
N LEU A 258 -26.30 -2.52 -42.13
CA LEU A 258 -26.28 -3.36 -40.92
C LEU A 258 -25.52 -2.70 -39.76
N THR A 259 -24.35 -2.16 -40.05
CA THR A 259 -23.54 -1.53 -39.00
C THR A 259 -24.04 -0.14 -38.62
N ALA A 260 -25.18 0.25 -39.19
CA ALA A 260 -25.80 1.53 -38.91
C ALA A 260 -26.73 1.35 -37.72
N VAL A 261 -27.16 0.11 -37.49
CA VAL A 261 -28.08 -0.19 -36.42
C VAL A 261 -27.61 -1.29 -35.46
N ARG A 262 -26.72 -2.15 -35.93
CA ARG A 262 -26.21 -3.25 -35.11
C ARG A 262 -24.71 -3.13 -34.91
N ALA A 263 -24.28 -3.31 -33.67
CA ALA A 263 -22.87 -3.23 -33.31
C ALA A 263 -22.11 -4.53 -33.64
N GLU A 264 -22.24 -5.01 -34.88
CA GLU A 264 -21.51 -6.21 -35.31
C GLU A 264 -20.36 -5.75 -36.19
N TYR A 265 -19.24 -6.46 -36.16
CA TYR A 265 -18.09 -6.08 -36.98
C TYR A 265 -18.29 -6.42 -38.44
N PRO A 266 -18.29 -5.41 -39.32
CA PRO A 266 -18.47 -5.64 -40.76
C PRO A 266 -17.35 -6.54 -41.25
N LEU A 267 -17.64 -7.41 -42.21
CA LEU A 267 -16.58 -8.26 -42.75
C LEU A 267 -16.04 -7.63 -44.03
N ASN A 268 -16.85 -6.79 -44.65
CA ASN A 268 -16.45 -6.08 -45.85
C ASN A 268 -15.41 -5.05 -45.38
N PRO A 269 -14.22 -5.00 -46.03
CA PRO A 269 -13.14 -4.08 -45.67
C PRO A 269 -13.39 -2.58 -45.92
N HIS A 270 -14.17 -2.28 -46.95
CA HIS A 270 -14.45 -0.89 -47.32
C HIS A 270 -15.53 -0.20 -46.49
N VAL A 271 -15.86 -0.78 -45.34
CA VAL A 271 -16.92 -0.24 -44.50
C VAL A 271 -16.50 0.19 -43.08
N VAL A 272 -17.04 1.33 -42.64
CA VAL A 272 -16.78 1.79 -41.28
C VAL A 272 -18.10 1.80 -40.52
N SER A 273 -18.10 1.21 -39.34
CA SER A 273 -19.30 1.15 -38.50
C SER A 273 -19.66 2.50 -37.86
N THR A 274 -20.94 2.67 -37.54
CA THR A 274 -21.41 3.89 -36.90
C THR A 274 -21.15 3.78 -35.41
N PHE A 275 -20.57 2.64 -35.02
CA PHE A 275 -20.17 2.34 -33.65
C PHE A 275 -18.65 2.32 -33.72
N ASN A 276 -18.00 2.70 -32.61
CA ASN A 276 -16.54 2.74 -32.56
C ASN A 276 -15.91 1.36 -32.55
N LEU A 277 -16.10 0.64 -33.64
CA LEU A 277 -15.58 -0.71 -33.79
C LEU A 277 -14.34 -0.62 -34.65
N GLU A 278 -13.25 -1.20 -34.16
CA GLU A 278 -12.00 -1.24 -34.88
C GLU A 278 -12.18 -2.25 -36.01
N PRO A 279 -11.34 -2.16 -37.06
CA PRO A 279 -11.48 -3.13 -38.16
C PRO A 279 -11.27 -4.53 -37.56
N ILE A 280 -12.20 -5.44 -37.86
CA ILE A 280 -12.17 -6.79 -37.30
C ILE A 280 -10.80 -7.46 -37.20
N ALA A 281 -10.01 -7.40 -38.28
CA ALA A 281 -8.70 -8.04 -38.28
C ALA A 281 -7.80 -7.56 -37.14
N LYS A 282 -8.17 -6.44 -36.51
CA LYS A 282 -7.39 -5.90 -35.41
C LYS A 282 -7.76 -6.52 -34.06
N LEU A 283 -8.81 -7.34 -34.06
CA LEU A 283 -9.23 -7.99 -32.82
C LEU A 283 -8.30 -9.15 -32.51
N GLU A 284 -7.62 -9.65 -33.55
CA GLU A 284 -6.71 -10.78 -33.41
C GLU A 284 -7.48 -11.94 -32.80
N ALA A 285 -8.69 -12.14 -33.31
CA ALA A 285 -9.53 -13.23 -32.82
C ALA A 285 -8.87 -14.55 -33.22
N PRO A 286 -8.97 -15.56 -32.34
CA PRO A 286 -8.36 -16.84 -32.70
C PRO A 286 -9.13 -17.56 -33.83
N GLN A 287 -8.49 -18.54 -34.46
CA GLN A 287 -9.14 -19.30 -35.52
C GLN A 287 -9.76 -20.51 -34.82
N VAL A 288 -11.04 -20.74 -35.04
CA VAL A 288 -11.71 -21.88 -34.45
C VAL A 288 -12.71 -22.45 -35.43
N SER A 289 -12.88 -23.77 -35.40
CA SER A 289 -13.81 -24.45 -36.28
C SER A 289 -15.24 -24.17 -35.82
N ALA A 290 -16.21 -24.35 -36.71
CA ALA A 290 -17.62 -24.12 -36.36
C ALA A 290 -18.00 -25.03 -35.18
N THR A 291 -19.01 -24.63 -34.43
CA THR A 291 -19.46 -25.39 -33.27
C THR A 291 -20.42 -26.50 -33.68
N THR A 292 -20.19 -27.71 -33.15
CA THR A 292 -21.04 -28.86 -33.43
C THR A 292 -21.93 -29.17 -32.23
N VAL A 293 -22.92 -30.03 -32.45
CA VAL A 293 -23.84 -30.42 -31.41
C VAL A 293 -23.08 -31.13 -30.28
N SER A 294 -22.13 -31.99 -30.64
CA SER A 294 -21.36 -32.72 -29.65
C SER A 294 -20.51 -31.79 -28.81
N GLU A 295 -20.01 -30.74 -29.44
CA GLU A 295 -19.18 -29.76 -28.75
C GLU A 295 -20.02 -28.97 -27.73
N LYS A 296 -21.28 -28.72 -28.05
CA LYS A 296 -22.15 -28.00 -27.12
C LYS A 296 -22.56 -28.97 -26.01
N GLU A 297 -22.53 -30.27 -26.31
CA GLU A 297 -22.88 -31.29 -25.32
C GLU A 297 -21.71 -31.45 -24.35
N HIS A 298 -20.50 -31.38 -24.89
CA HIS A 298 -19.30 -31.49 -24.08
C HIS A 298 -19.22 -30.28 -23.15
N ALA A 299 -19.36 -29.09 -23.72
CA ALA A 299 -19.28 -27.84 -22.95
C ALA A 299 -20.36 -27.82 -21.88
N THR A 300 -21.53 -28.37 -22.22
CA THR A 300 -22.63 -28.42 -21.28
C THR A 300 -22.31 -29.35 -20.12
N ARG A 301 -21.84 -30.56 -20.44
CA ARG A 301 -21.46 -31.52 -19.43
C ARG A 301 -20.44 -30.86 -18.51
N LEU A 302 -19.56 -30.04 -19.10
CA LEU A 302 -18.53 -29.32 -18.34
C LEU A 302 -19.16 -28.28 -17.40
N LEU A 303 -20.21 -27.60 -17.87
CA LEU A 303 -20.90 -26.61 -17.04
C LEU A 303 -21.42 -27.30 -15.80
N GLU A 304 -22.02 -28.47 -16.00
CA GLU A 304 -22.58 -29.25 -14.90
C GLU A 304 -21.42 -29.71 -14.02
N GLN A 305 -20.37 -30.23 -14.63
CA GLN A 305 -19.17 -30.69 -13.91
C GLN A 305 -18.58 -29.58 -13.01
N ALA A 306 -18.53 -28.36 -13.54
CA ALA A 306 -17.96 -27.22 -12.82
C ALA A 306 -18.77 -26.81 -11.59
N GLY A 307 -20.09 -26.85 -11.71
CA GLY A 307 -20.96 -26.48 -10.61
C GLY A 307 -21.94 -25.38 -10.94
N MET A 308 -21.92 -24.93 -12.20
CA MET A 308 -22.80 -23.85 -12.64
C MET A 308 -24.20 -24.30 -13.04
N LYS A 309 -24.29 -25.37 -13.82
CA LYS A 309 -25.59 -25.90 -14.26
C LYS A 309 -26.48 -26.26 -13.07
N ASP B 1 -43.91 -20.00 30.62
CA ASP B 1 -43.77 -20.11 32.11
C ASP B 1 -42.95 -21.35 32.43
N ILE B 2 -42.25 -21.31 33.56
CA ILE B 2 -41.46 -22.45 34.00
C ILE B 2 -41.59 -22.63 35.50
N THR B 3 -41.87 -23.85 35.93
CA THR B 3 -41.99 -24.15 37.35
C THR B 3 -40.59 -24.50 37.80
N VAL B 4 -40.09 -23.75 38.78
CA VAL B 4 -38.76 -24.02 39.32
C VAL B 4 -38.88 -24.61 40.72
N TYR B 5 -38.24 -25.75 40.94
CA TYR B 5 -38.26 -26.38 42.25
C TYR B 5 -37.14 -25.69 43.01
N ASN B 6 -37.54 -24.88 43.98
CA ASN B 6 -36.62 -24.06 44.77
C ASN B 6 -36.21 -24.54 46.16
N GLY B 7 -34.95 -24.94 46.30
CA GLY B 7 -34.44 -25.38 47.58
C GLY B 7 -33.75 -24.20 48.25
N GLN B 8 -33.47 -23.16 47.47
CA GLN B 8 -32.82 -21.95 47.92
C GLN B 8 -33.75 -21.15 48.84
N HIS B 9 -33.22 -20.12 49.49
CA HIS B 9 -34.00 -19.29 50.39
C HIS B 9 -35.21 -18.71 49.66
N LYS B 10 -36.38 -18.80 50.28
CA LYS B 10 -37.62 -18.31 49.69
C LYS B 10 -37.56 -16.87 49.13
N GLU B 11 -36.99 -15.95 49.91
CA GLU B 11 -36.87 -14.55 49.48
C GLU B 11 -35.89 -14.32 48.33
N ALA B 12 -34.65 -14.75 48.50
CA ALA B 12 -33.65 -14.55 47.45
C ALA B 12 -34.05 -15.25 46.16
N ALA B 13 -34.87 -16.28 46.27
CA ALA B 13 -35.33 -17.03 45.11
C ALA B 13 -36.54 -16.39 44.44
N GLN B 14 -37.20 -15.49 45.15
CA GLN B 14 -38.36 -14.81 44.61
C GLN B 14 -37.90 -13.49 44.00
N ALA B 15 -36.84 -12.94 44.58
CA ALA B 15 -36.26 -11.68 44.10
C ALA B 15 -35.49 -11.94 42.80
N VAL B 16 -35.01 -13.16 42.63
CA VAL B 16 -34.26 -13.53 41.42
C VAL B 16 -35.21 -13.91 40.29
N ALA B 17 -36.42 -14.32 40.66
CA ALA B 17 -37.45 -14.71 39.70
C ALA B 17 -38.08 -13.45 39.12
N ASP B 18 -38.26 -12.44 39.99
CA ASP B 18 -38.84 -11.17 39.59
C ASP B 18 -37.93 -10.40 38.65
N ALA B 19 -36.62 -10.56 38.84
CA ALA B 19 -35.64 -9.91 37.99
C ALA B 19 -35.59 -10.64 36.64
N PHE B 20 -36.09 -11.87 36.65
CA PHE B 20 -36.13 -12.72 35.46
C PHE B 20 -37.29 -12.32 34.57
N THR B 21 -38.50 -12.44 35.11
CA THR B 21 -39.72 -12.10 34.40
C THR B 21 -39.70 -10.64 33.94
N ARG B 22 -39.03 -9.79 34.71
CA ARG B 22 -38.93 -8.39 34.41
C ARG B 22 -38.18 -8.19 33.10
N ALA B 23 -37.06 -8.89 32.94
CA ALA B 23 -36.25 -8.76 31.73
C ALA B 23 -36.64 -9.69 30.58
N THR B 24 -37.62 -10.58 30.80
CA THR B 24 -38.04 -11.51 29.74
C THR B 24 -39.55 -11.71 29.63
N GLY B 25 -40.29 -11.38 30.68
CA GLY B 25 -41.72 -11.58 30.64
C GLY B 25 -42.05 -13.05 30.86
N ILE B 26 -41.00 -13.86 30.95
CA ILE B 26 -41.14 -15.30 31.17
C ILE B 26 -41.55 -15.54 32.62
N LYS B 27 -42.73 -16.10 32.83
CA LYS B 27 -43.22 -16.37 34.18
C LYS B 27 -42.44 -17.47 34.89
N VAL B 28 -42.56 -17.50 36.22
CA VAL B 28 -41.86 -18.47 37.05
C VAL B 28 -42.64 -18.89 38.31
N LYS B 29 -43.13 -20.13 38.31
CA LYS B 29 -43.86 -20.66 39.45
C LYS B 29 -42.86 -21.38 40.37
N LEU B 30 -42.96 -21.13 41.67
CA LEU B 30 -42.03 -21.74 42.62
C LEU B 30 -42.66 -22.81 43.52
N ASN B 31 -42.02 -23.98 43.49
CA ASN B 31 -42.42 -25.10 44.32
C ASN B 31 -41.22 -25.23 45.24
N SER B 32 -41.16 -24.39 46.26
CA SER B 32 -40.03 -24.39 47.18
C SER B 32 -40.18 -25.32 48.37
N ALA B 33 -39.09 -26.02 48.67
CA ALA B 33 -39.00 -26.96 49.78
C ALA B 33 -37.53 -27.23 49.99
N LYS B 34 -37.19 -28.23 50.80
CA LYS B 34 -35.78 -28.55 51.02
C LYS B 34 -35.24 -29.21 49.76
N GLY B 35 -34.04 -28.78 49.35
CA GLY B 35 -33.41 -29.34 48.17
C GLY B 35 -33.52 -30.85 48.16
N ASP B 36 -33.55 -31.43 49.36
CA ASP B 36 -33.67 -32.87 49.56
C ASP B 36 -35.07 -33.29 49.14
N GLN B 37 -36.07 -32.73 49.82
CA GLN B 37 -37.47 -33.02 49.56
C GLN B 37 -37.87 -32.85 48.09
N LEU B 38 -37.25 -31.89 47.41
CA LEU B 38 -37.56 -31.64 46.01
C LEU B 38 -36.90 -32.69 45.11
N ALA B 39 -35.67 -33.08 45.46
CA ALA B 39 -34.94 -34.07 44.67
C ALA B 39 -35.71 -35.38 44.67
N GLY B 40 -36.01 -35.89 45.86
CA GLY B 40 -36.76 -37.12 45.97
C GLY B 40 -38.09 -36.98 45.24
N GLN B 41 -38.68 -35.79 45.33
CA GLN B 41 -39.95 -35.50 44.67
C GLN B 41 -39.79 -35.59 43.17
N ILE B 42 -38.64 -35.17 42.67
CA ILE B 42 -38.36 -35.20 41.23
C ILE B 42 -38.02 -36.59 40.69
N LYS B 43 -37.40 -37.44 41.50
CA LYS B 43 -37.04 -38.79 41.06
C LYS B 43 -38.31 -39.61 40.85
N GLU B 44 -39.14 -39.66 41.89
CA GLU B 44 -40.40 -40.39 41.85
C GLU B 44 -41.20 -39.92 40.64
N GLU B 45 -41.12 -38.62 40.36
CA GLU B 45 -41.80 -38.00 39.24
C GLU B 45 -41.29 -38.54 37.92
N GLY B 46 -40.01 -38.88 37.87
CA GLY B 46 -39.42 -39.41 36.65
C GLY B 46 -39.55 -38.38 35.54
N SER B 47 -40.09 -38.81 34.39
CA SER B 47 -40.28 -37.92 33.26
C SER B 47 -41.70 -37.36 33.27
N ARG B 48 -42.27 -37.25 34.47
CA ARG B 48 -43.64 -36.76 34.65
C ARG B 48 -43.77 -35.52 35.53
N SER B 49 -42.66 -35.05 36.11
CA SER B 49 -42.73 -33.88 36.97
C SER B 49 -43.01 -32.59 36.20
N PRO B 50 -43.69 -31.63 36.83
CA PRO B 50 -44.02 -30.35 36.20
C PRO B 50 -42.81 -29.40 36.16
N ALA B 51 -41.78 -29.75 36.93
CA ALA B 51 -40.55 -28.96 37.06
C ALA B 51 -39.71 -28.83 35.80
N ASP B 52 -39.16 -27.64 35.59
CA ASP B 52 -38.32 -27.33 34.43
C ASP B 52 -36.90 -27.02 34.90
N VAL B 53 -36.81 -26.47 36.10
CA VAL B 53 -35.52 -26.11 36.69
C VAL B 53 -35.47 -26.46 38.19
N PHE B 54 -34.28 -26.85 38.64
CA PHE B 54 -34.04 -27.19 40.02
C PHE B 54 -32.93 -26.25 40.49
N TYR B 55 -33.28 -25.39 41.43
CA TYR B 55 -32.34 -24.41 41.99
C TYR B 55 -32.23 -24.78 43.47
N SER B 56 -31.04 -25.15 43.91
CA SER B 56 -30.87 -25.56 45.31
C SER B 56 -29.64 -25.01 46.04
N GLU B 57 -29.62 -25.21 47.35
CA GLU B 57 -28.51 -24.76 48.17
C GLU B 57 -27.59 -25.95 48.46
N GLN B 58 -28.10 -27.16 48.22
CA GLN B 58 -27.33 -28.38 48.45
C GLN B 58 -26.86 -29.03 47.15
N ILE B 59 -25.56 -29.00 46.88
CA ILE B 59 -25.04 -29.63 45.66
C ILE B 59 -25.39 -31.11 45.59
N PRO B 60 -25.26 -31.84 46.71
CA PRO B 60 -25.59 -33.28 46.68
C PRO B 60 -27.03 -33.62 46.28
N ALA B 61 -27.91 -32.62 46.30
CA ALA B 61 -29.31 -32.84 45.91
C ALA B 61 -29.31 -32.90 44.39
N LEU B 62 -28.35 -32.19 43.80
CA LEU B 62 -28.18 -32.14 42.35
C LEU B 62 -27.45 -33.40 41.90
N ALA B 63 -26.46 -33.80 42.70
CA ALA B 63 -25.67 -34.99 42.39
C ALA B 63 -26.57 -36.21 42.33
N THR B 64 -27.55 -36.26 43.23
CA THR B 64 -28.47 -37.38 43.25
C THR B 64 -29.23 -37.47 41.92
N LEU B 65 -29.76 -36.34 41.46
CA LEU B 65 -30.49 -36.29 40.20
C LEU B 65 -29.57 -36.50 39.00
N SER B 66 -28.30 -36.13 39.16
CA SER B 66 -27.33 -36.30 38.09
C SER B 66 -26.99 -37.77 37.86
N ALA B 67 -26.71 -38.48 38.96
CA ALA B 67 -26.39 -39.90 38.88
C ALA B 67 -27.61 -40.65 38.35
N ALA B 68 -28.79 -40.07 38.58
CA ALA B 68 -30.03 -40.66 38.11
C ALA B 68 -30.24 -40.26 36.65
N ASN B 69 -29.34 -39.42 36.15
CA ASN B 69 -29.38 -38.94 34.76
C ASN B 69 -30.64 -38.10 34.47
N LEU B 70 -31.35 -37.70 35.51
CA LEU B 70 -32.57 -36.93 35.36
C LEU B 70 -32.31 -35.47 34.99
N LEU B 71 -31.03 -35.12 34.84
CA LEU B 71 -30.65 -33.75 34.52
C LEU B 71 -30.15 -33.67 33.10
N GLU B 72 -30.55 -32.63 32.37
CA GLU B 72 -30.11 -32.45 30.99
C GLU B 72 -28.86 -31.55 30.92
N PRO B 73 -27.85 -31.98 30.15
CA PRO B 73 -26.60 -31.22 29.99
C PRO B 73 -26.83 -29.73 29.68
N LEU B 74 -26.09 -28.87 30.37
CA LEU B 74 -26.20 -27.41 30.20
C LEU B 74 -25.16 -26.88 29.22
N PRO B 75 -25.53 -25.89 28.40
CA PRO B 75 -24.57 -25.33 27.44
C PRO B 75 -23.27 -24.97 28.13
N ALA B 76 -22.16 -25.09 27.41
CA ALA B 76 -20.85 -24.78 27.96
C ALA B 76 -20.76 -23.34 28.46
N SER B 77 -21.50 -22.45 27.79
CA SER B 77 -21.50 -21.04 28.14
C SER B 77 -22.04 -20.79 29.53
N THR B 78 -23.10 -21.52 29.89
CA THR B 78 -23.71 -21.37 31.20
C THR B 78 -22.80 -21.86 32.32
N ILE B 79 -22.20 -23.01 32.12
CA ILE B 79 -21.31 -23.59 33.12
C ILE B 79 -20.01 -22.79 33.28
N ASN B 80 -19.61 -22.09 32.23
CA ASN B 80 -18.36 -21.33 32.26
C ASN B 80 -18.44 -20.00 33.00
N GLU B 81 -19.66 -19.51 33.23
CA GLU B 81 -19.83 -18.25 33.94
C GLU B 81 -19.31 -18.29 35.37
N THR B 82 -19.51 -19.42 36.05
CA THR B 82 -19.06 -19.55 37.43
C THR B 82 -17.82 -20.42 37.58
N ARG B 83 -17.18 -20.77 36.46
CA ARG B 83 -15.98 -21.61 36.50
C ARG B 83 -14.90 -21.01 37.39
N GLY B 84 -14.40 -21.79 38.34
CA GLY B 84 -13.38 -21.28 39.23
C GLY B 84 -12.49 -22.34 39.86
N LYS B 85 -11.29 -21.91 40.27
CA LYS B 85 -10.28 -22.77 40.87
C LYS B 85 -10.76 -23.96 41.72
N GLY B 86 -11.56 -23.69 42.75
CA GLY B 86 -12.05 -24.77 43.59
C GLY B 86 -13.56 -24.94 43.52
N VAL B 87 -14.16 -24.26 42.55
CA VAL B 87 -15.61 -24.28 42.33
C VAL B 87 -16.08 -25.65 41.84
N PRO B 88 -17.12 -26.21 42.50
CA PRO B 88 -17.65 -27.53 42.11
C PRO B 88 -17.96 -27.63 40.61
N VAL B 89 -17.49 -28.71 39.99
CA VAL B 89 -17.66 -28.98 38.56
C VAL B 89 -18.39 -30.30 38.30
N ALA B 90 -19.57 -30.23 37.67
CA ALA B 90 -20.35 -31.44 37.37
C ALA B 90 -19.65 -32.27 36.29
N ALA B 91 -19.41 -33.55 36.59
CA ALA B 91 -18.74 -34.44 35.64
C ALA B 91 -19.57 -34.60 34.36
N LYS B 92 -20.88 -34.51 34.50
CA LYS B 92 -21.77 -34.63 33.35
C LYS B 92 -22.36 -33.30 32.89
N LYS B 93 -21.66 -32.21 33.17
CA LYS B 93 -22.12 -30.88 32.77
C LYS B 93 -23.64 -30.70 32.85
N ASP B 94 -24.28 -31.33 33.84
CA ASP B 94 -25.72 -31.22 33.98
C ASP B 94 -26.20 -30.27 35.10
N TRP B 95 -25.24 -29.65 35.81
CA TRP B 95 -25.55 -28.65 36.83
C TRP B 95 -24.43 -27.62 36.88
N VAL B 96 -24.73 -26.45 37.44
CA VAL B 96 -23.75 -25.37 37.56
C VAL B 96 -23.81 -24.72 38.94
N ALA B 97 -22.66 -24.58 39.59
CA ALA B 97 -22.59 -23.97 40.92
C ALA B 97 -22.85 -22.49 40.77
N LEU B 98 -23.63 -21.92 41.68
CA LEU B 98 -23.99 -20.51 41.58
C LEU B 98 -23.52 -19.60 42.70
N SER B 99 -23.77 -20.01 43.94
CA SER B 99 -23.37 -19.19 45.08
C SER B 99 -22.69 -19.99 46.19
N GLY B 100 -22.23 -19.29 47.23
CA GLY B 100 -21.57 -19.96 48.34
C GLY B 100 -21.79 -19.33 49.71
N ARG B 101 -21.91 -20.19 50.73
CA ARG B 101 -22.10 -19.76 52.12
C ARG B 101 -20.80 -20.10 52.84
N SER B 102 -20.33 -19.19 53.69
CA SER B 102 -19.09 -19.40 54.42
C SER B 102 -19.24 -19.56 55.94
N ARG B 103 -18.47 -20.47 56.52
CA ARG B 103 -18.48 -20.66 57.96
C ARG B 103 -17.63 -19.49 58.47
N VAL B 104 -17.96 -18.95 59.64
CA VAL B 104 -17.19 -17.83 60.17
C VAL B 104 -17.12 -17.79 61.68
N VAL B 105 -16.26 -16.91 62.17
CA VAL B 105 -16.13 -16.69 63.60
C VAL B 105 -16.57 -15.24 63.76
N VAL B 106 -17.66 -15.04 64.49
CA VAL B 106 -18.18 -13.70 64.75
C VAL B 106 -17.63 -13.35 66.14
N TYR B 107 -17.08 -12.15 66.29
CA TYR B 107 -16.53 -11.75 67.58
C TYR B 107 -16.85 -10.32 68.02
N ASP B 108 -16.73 -10.10 69.32
CA ASP B 108 -17.00 -8.81 69.94
C ASP B 108 -15.72 -7.96 69.90
N THR B 109 -15.73 -6.87 69.14
CA THR B 109 -14.58 -5.99 69.02
C THR B 109 -14.19 -5.32 70.34
N ARG B 110 -15.13 -5.27 71.27
CA ARG B 110 -14.89 -4.66 72.58
C ARG B 110 -14.07 -5.62 73.43
N LYS B 111 -13.99 -6.87 72.98
CA LYS B 111 -13.26 -7.90 73.71
C LYS B 111 -12.08 -8.45 72.94
N LEU B 112 -12.20 -8.48 71.62
CA LEU B 112 -11.14 -9.02 70.77
C LEU B 112 -10.83 -8.22 69.52
N SER B 113 -9.58 -8.35 69.07
CA SER B 113 -9.10 -7.70 67.86
C SER B 113 -8.96 -8.84 66.86
N GLU B 114 -8.60 -8.52 65.62
CA GLU B 114 -8.42 -9.55 64.60
C GLU B 114 -7.31 -10.53 65.01
N LYS B 115 -6.13 -9.98 65.27
CA LYS B 115 -4.95 -10.76 65.65
C LYS B 115 -5.19 -11.77 66.77
N ASP B 116 -6.22 -11.53 67.59
CA ASP B 116 -6.52 -12.41 68.72
C ASP B 116 -7.23 -13.73 68.38
N LEU B 117 -8.04 -13.74 67.33
CA LEU B 117 -8.73 -14.96 66.97
C LEU B 117 -7.81 -16.00 66.35
N GLU B 118 -8.12 -17.27 66.64
CA GLU B 118 -7.36 -18.43 66.18
C GLU B 118 -7.10 -18.46 64.67
N LYS B 119 -6.01 -19.12 64.29
CA LYS B 119 -5.62 -19.23 62.88
C LYS B 119 -6.20 -20.52 62.27
N SER B 120 -6.90 -21.29 63.11
CA SER B 120 -7.58 -22.55 62.75
C SER B 120 -8.77 -22.72 63.70
N VAL B 121 -9.92 -23.12 63.19
CA VAL B 121 -11.10 -23.31 64.03
C VAL B 121 -10.88 -24.48 65.00
N LEU B 122 -9.92 -25.34 64.69
CA LEU B 122 -9.64 -26.48 65.56
C LEU B 122 -9.07 -26.04 66.91
N ASN B 123 -8.47 -24.85 66.96
CA ASN B 123 -7.87 -24.30 68.17
C ASN B 123 -8.81 -23.79 69.26
N TYR B 124 -10.10 -23.65 68.94
CA TYR B 124 -11.09 -23.16 69.91
C TYR B 124 -11.53 -24.18 70.94
N ALA B 125 -11.27 -25.46 70.64
CA ALA B 125 -11.65 -26.53 71.54
C ALA B 125 -10.59 -26.69 72.63
N THR B 126 -10.19 -25.56 73.23
CA THR B 126 -9.16 -25.55 74.27
C THR B 126 -9.57 -24.77 75.52
N PRO B 127 -8.82 -24.94 76.64
CA PRO B 127 -9.08 -24.26 77.92
C PRO B 127 -9.02 -22.74 77.77
N LYS B 128 -8.22 -22.30 76.79
CA LYS B 128 -8.03 -20.90 76.46
C LYS B 128 -9.33 -20.22 75.99
N TRP B 129 -10.30 -21.03 75.58
CA TRP B 129 -11.57 -20.51 75.10
C TRP B 129 -12.77 -20.96 75.93
N LYS B 130 -12.47 -21.37 77.16
CA LYS B 130 -13.47 -21.81 78.13
C LYS B 130 -14.48 -20.68 78.36
N ASN B 131 -15.74 -20.93 78.01
CA ASN B 131 -16.80 -19.94 78.16
C ASN B 131 -16.60 -18.70 77.27
N ARG B 132 -15.70 -18.80 76.29
CA ARG B 132 -15.40 -17.69 75.40
C ARG B 132 -15.81 -17.94 73.97
N ILE B 133 -16.22 -19.17 73.65
CA ILE B 133 -16.62 -19.54 72.30
C ILE B 133 -17.97 -20.25 72.25
N GLY B 134 -18.88 -19.71 71.43
CA GLY B 134 -20.20 -20.29 71.28
C GLY B 134 -20.31 -21.16 70.04
N TYR B 135 -21.24 -22.11 70.04
CA TYR B 135 -21.45 -22.99 68.90
C TYR B 135 -22.90 -23.51 68.89
N VAL B 136 -23.38 -23.91 67.71
CA VAL B 136 -24.76 -24.43 67.57
C VAL B 136 -24.73 -25.89 67.11
N PRO B 137 -24.68 -26.83 68.07
CA PRO B 137 -24.63 -28.28 67.82
C PRO B 137 -25.76 -28.90 66.98
N THR B 138 -26.95 -28.31 67.00
CA THR B 138 -28.05 -28.87 66.24
C THR B 138 -28.20 -28.27 64.84
N SER B 139 -27.27 -27.38 64.49
CA SER B 139 -27.31 -26.71 63.20
C SER B 139 -26.76 -27.58 62.07
N GLY B 140 -27.34 -27.44 60.89
CA GLY B 140 -26.92 -28.21 59.74
C GLY B 140 -25.53 -27.82 59.27
N ALA B 141 -25.21 -26.54 59.38
CA ALA B 141 -23.90 -26.06 58.98
C ALA B 141 -22.84 -26.55 59.96
N PHE B 142 -23.23 -26.66 61.22
CA PHE B 142 -22.30 -27.17 62.23
C PHE B 142 -21.95 -28.61 61.84
N LEU B 143 -22.95 -29.38 61.43
CA LEU B 143 -22.72 -30.76 61.01
C LEU B 143 -21.85 -30.79 59.77
N GLU B 144 -22.08 -29.86 58.84
CA GLU B 144 -21.27 -29.77 57.63
C GLU B 144 -19.83 -29.48 58.01
N GLN B 145 -19.66 -28.71 59.09
CA GLN B 145 -18.33 -28.35 59.56
C GLN B 145 -17.59 -29.61 60.04
N ILE B 146 -18.32 -30.46 60.75
CA ILE B 146 -17.77 -31.71 61.26
C ILE B 146 -17.34 -32.59 60.09
N VAL B 147 -18.21 -32.69 59.10
CA VAL B 147 -17.95 -33.48 57.90
C VAL B 147 -16.64 -33.05 57.23
N ALA B 148 -16.42 -31.73 57.17
CA ALA B 148 -15.21 -31.19 56.55
C ALA B 148 -13.95 -31.53 57.35
N ILE B 149 -14.00 -31.40 58.67
CA ILE B 149 -12.83 -31.71 59.48
C ILE B 149 -12.42 -33.18 59.35
N VAL B 150 -13.40 -34.07 59.29
CA VAL B 150 -13.13 -35.49 59.13
C VAL B 150 -12.46 -35.76 57.78
N LYS B 151 -12.90 -35.04 56.74
CA LYS B 151 -12.35 -35.22 55.40
C LYS B 151 -11.01 -34.57 55.17
N LEU B 152 -10.76 -33.45 55.84
CA LEU B 152 -9.52 -32.72 55.66
C LEU B 152 -8.46 -33.08 56.70
N LYS B 153 -8.90 -33.60 57.84
CA LYS B 153 -7.99 -33.91 58.94
C LYS B 153 -8.15 -35.29 59.61
N GLY B 154 -9.06 -36.13 59.13
CA GLY B 154 -9.25 -37.44 59.73
C GLY B 154 -10.26 -37.41 60.86
N GLU B 155 -10.83 -38.56 61.21
CA GLU B 155 -11.83 -38.65 62.26
C GLU B 155 -11.35 -38.25 63.67
N ALA B 156 -10.11 -38.57 63.98
CA ALA B 156 -9.51 -38.26 65.28
C ALA B 156 -9.58 -36.76 65.57
N ALA B 157 -9.18 -35.96 64.59
CA ALA B 157 -9.21 -34.51 64.70
C ALA B 157 -10.62 -34.04 65.00
N ALA B 158 -11.60 -34.57 64.26
CA ALA B 158 -13.00 -34.19 64.47
C ALA B 158 -13.48 -34.47 65.90
N LEU B 159 -13.31 -35.70 66.35
CA LEU B 159 -13.75 -36.07 67.70
C LEU B 159 -13.05 -35.21 68.75
N LYS B 160 -11.75 -35.00 68.59
CA LYS B 160 -10.98 -34.19 69.53
C LYS B 160 -11.63 -32.82 69.69
N TRP B 161 -11.95 -32.21 68.55
CA TRP B 161 -12.59 -30.89 68.47
C TRP B 161 -13.97 -30.84 69.18
N LEU B 162 -14.84 -31.79 68.85
CA LEU B 162 -16.18 -31.87 69.43
C LEU B 162 -16.18 -32.12 70.93
N LYS B 163 -15.23 -32.92 71.41
CA LYS B 163 -15.16 -33.19 72.83
C LYS B 163 -14.52 -31.98 73.51
N GLY B 164 -13.77 -31.21 72.72
CA GLY B 164 -13.14 -30.00 73.20
C GLY B 164 -14.18 -28.90 73.33
N LEU B 165 -15.00 -28.73 72.29
CA LEU B 165 -16.07 -27.73 72.31
C LEU B 165 -17.11 -28.10 73.35
N LYS B 166 -17.37 -29.39 73.49
CA LYS B 166 -18.35 -29.84 74.48
C LYS B 166 -17.88 -29.48 75.88
N GLU B 167 -16.58 -29.38 76.08
CA GLU B 167 -16.02 -29.06 77.38
C GLU B 167 -15.76 -27.58 77.66
N TYR B 168 -15.27 -26.86 76.65
CA TYR B 168 -14.92 -25.44 76.83
C TYR B 168 -15.83 -24.42 76.15
N GLY B 169 -16.58 -24.86 75.13
CA GLY B 169 -17.46 -23.95 74.42
C GLY B 169 -18.83 -23.82 75.06
N LYS B 170 -19.68 -22.97 74.50
CA LYS B 170 -21.04 -22.77 75.01
C LYS B 170 -22.06 -23.07 73.92
N PRO B 171 -22.85 -24.14 74.10
CA PRO B 171 -23.85 -24.44 73.06
C PRO B 171 -24.98 -23.41 73.00
N TYR B 172 -25.51 -23.19 71.80
CA TYR B 172 -26.61 -22.25 71.61
C TYR B 172 -27.70 -22.94 70.83
N ALA B 173 -28.95 -22.59 71.10
CA ALA B 173 -30.08 -23.22 70.43
C ALA B 173 -30.10 -22.94 68.93
N LYS B 174 -29.82 -21.70 68.55
CA LYS B 174 -29.83 -21.32 67.14
C LYS B 174 -28.67 -20.40 66.79
N ASN B 175 -28.40 -20.28 65.49
CA ASN B 175 -27.33 -19.42 65.03
C ASN B 175 -27.64 -17.97 65.37
N SER B 176 -28.92 -17.62 65.30
CA SER B 176 -29.37 -16.27 65.59
C SER B 176 -29.14 -15.90 67.06
N VAL B 177 -29.35 -16.88 67.93
CA VAL B 177 -29.18 -16.68 69.36
C VAL B 177 -27.67 -16.51 69.63
N ALA B 178 -26.86 -17.36 69.00
CA ALA B 178 -25.41 -17.31 69.16
C ALA B 178 -24.88 -15.93 68.79
N LEU B 179 -25.36 -15.41 67.65
CA LEU B 179 -24.99 -14.11 67.13
C LEU B 179 -25.39 -12.99 68.08
N GLN B 180 -26.50 -13.17 68.78
CA GLN B 180 -26.95 -12.15 69.72
C GLN B 180 -26.16 -12.26 71.01
N ALA B 181 -25.77 -13.48 71.35
CA ALA B 181 -24.99 -13.72 72.56
C ALA B 181 -23.73 -12.88 72.49
N VAL B 182 -23.06 -12.92 71.34
CA VAL B 182 -21.83 -12.15 71.14
C VAL B 182 -22.14 -10.64 71.12
N GLU B 183 -23.19 -10.26 70.41
CA GLU B 183 -23.58 -8.86 70.32
C GLU B 183 -23.96 -8.27 71.70
N ASN B 184 -24.53 -9.09 72.59
CA ASN B 184 -24.91 -8.64 73.93
C ASN B 184 -23.72 -8.62 74.87
N GLY B 185 -22.59 -9.12 74.40
CA GLY B 185 -21.41 -9.13 75.24
C GLY B 185 -21.43 -10.27 76.23
N GLU B 186 -22.23 -11.30 75.93
CA GLU B 186 -22.33 -12.47 76.79
C GLU B 186 -21.14 -13.39 76.56
N ILE B 187 -20.78 -13.57 75.29
CA ILE B 187 -19.67 -14.43 74.95
C ILE B 187 -18.77 -13.71 73.93
N ASP B 188 -17.46 -13.91 74.06
CA ASP B 188 -16.49 -13.27 73.18
C ASP B 188 -16.67 -13.55 71.69
N ALA B 189 -16.89 -14.82 71.33
CA ALA B 189 -17.05 -15.19 69.92
C ALA B 189 -17.97 -16.40 69.73
N ALA B 190 -18.30 -16.69 68.48
CA ALA B 190 -19.16 -17.83 68.15
C ALA B 190 -18.93 -18.31 66.73
N LEU B 191 -19.15 -19.60 66.50
CA LEU B 191 -19.01 -20.25 65.20
C LEU B 191 -20.37 -20.18 64.52
N ILE B 192 -20.41 -19.54 63.36
CA ILE B 192 -21.67 -19.40 62.62
C ILE B 192 -21.49 -19.32 61.10
N ASN B 193 -22.61 -19.09 60.40
CA ASN B 193 -22.66 -18.94 58.94
C ASN B 193 -22.55 -17.44 58.73
N ASN B 194 -21.87 -17.02 57.67
CA ASN B 194 -21.63 -15.60 57.41
C ASN B 194 -22.80 -14.63 57.23
N TYR B 195 -23.76 -14.99 56.37
CA TYR B 195 -24.89 -14.11 56.09
C TYR B 195 -25.69 -13.66 57.32
N TYR B 196 -25.62 -14.41 58.41
CA TYR B 196 -26.36 -14.03 59.61
C TYR B 196 -25.92 -12.64 60.09
N TRP B 197 -24.61 -12.40 60.02
CA TRP B 197 -24.02 -11.13 60.44
C TRP B 197 -24.35 -10.03 59.44
N HIS B 198 -24.03 -10.30 58.19
CA HIS B 198 -24.26 -9.35 57.12
C HIS B 198 -25.69 -8.84 57.03
N ALA B 199 -26.65 -9.71 57.33
CA ALA B 199 -28.06 -9.33 57.30
C ALA B 199 -28.29 -8.39 58.47
N PHE B 200 -28.21 -8.93 59.68
CA PHE B 200 -28.40 -8.16 60.90
C PHE B 200 -27.79 -6.76 60.79
N ALA B 201 -26.51 -6.70 60.46
CA ALA B 201 -25.80 -5.43 60.32
C ALA B 201 -26.49 -4.52 59.31
N ARG B 202 -26.85 -5.07 58.15
CA ARG B 202 -27.52 -4.29 57.13
C ARG B 202 -28.84 -3.66 57.59
N GLU B 203 -29.63 -4.41 58.35
CA GLU B 203 -30.90 -3.88 58.86
C GLU B 203 -30.73 -2.78 59.90
N LYS B 204 -29.78 -2.97 60.81
CA LYS B 204 -29.49 -2.01 61.86
C LYS B 204 -28.61 -0.85 61.37
N GLY B 205 -27.67 -1.19 60.50
CA GLY B 205 -26.72 -0.22 60.00
C GLY B 205 -25.47 -0.73 60.67
N VAL B 206 -24.42 -1.01 59.90
CA VAL B 206 -23.20 -1.56 60.48
C VAL B 206 -22.57 -0.79 61.62
N GLN B 207 -22.68 0.53 61.58
CA GLN B 207 -22.07 1.36 62.59
C GLN B 207 -22.55 1.09 64.02
N ASN B 208 -23.74 0.49 64.14
CA ASN B 208 -24.35 0.23 65.44
C ASN B 208 -24.02 -1.13 66.08
N VAL B 209 -23.19 -1.93 65.41
CA VAL B 209 -22.85 -3.25 65.92
C VAL B 209 -21.38 -3.30 66.34
N HIS B 210 -21.09 -3.99 67.44
CA HIS B 210 -19.72 -4.11 67.94
C HIS B 210 -19.15 -5.47 67.62
N THR B 211 -19.87 -6.20 66.78
CA THR B 211 -19.50 -7.53 66.35
C THR B 211 -18.92 -7.47 64.93
N ARG B 212 -17.98 -8.37 64.62
CA ARG B 212 -17.36 -8.43 63.30
C ARG B 212 -17.05 -9.88 62.91
N LEU B 213 -16.80 -10.09 61.61
CA LEU B 213 -16.49 -11.44 61.14
C LEU B 213 -15.01 -11.73 60.97
N ASN B 214 -14.59 -12.87 61.52
CA ASN B 214 -13.22 -13.32 61.42
C ASN B 214 -13.18 -14.47 60.39
N PHE B 215 -12.22 -14.44 59.48
CA PHE B 215 -12.09 -15.51 58.47
C PHE B 215 -10.72 -16.18 58.64
N VAL B 216 -10.73 -17.48 58.93
CA VAL B 216 -9.48 -18.24 59.13
C VAL B 216 -8.68 -18.38 57.85
N ARG B 217 -9.37 -18.40 56.71
CA ARG B 217 -8.74 -18.53 55.40
C ARG B 217 -7.74 -19.69 55.29
N HIS B 218 -6.92 -19.60 54.26
CA HIS B 218 -5.89 -20.58 53.91
C HIS B 218 -6.18 -22.09 54.07
N ARG B 219 -7.28 -22.54 53.48
CA ARG B 219 -7.65 -23.95 53.48
C ARG B 219 -7.91 -24.62 54.83
N ASP B 220 -8.16 -23.84 55.88
CA ASP B 220 -8.43 -24.43 57.18
C ASP B 220 -9.85 -25.00 57.14
N PRO B 221 -10.15 -26.04 57.94
CA PRO B 221 -11.51 -26.59 57.93
C PRO B 221 -12.55 -25.50 58.21
N GLY B 222 -12.12 -24.49 58.96
CA GLY B 222 -12.98 -23.37 59.34
C GLY B 222 -13.26 -22.39 58.21
N ALA B 223 -12.56 -22.55 57.09
CA ALA B 223 -12.77 -21.68 55.92
C ALA B 223 -13.79 -22.31 54.98
N LEU B 224 -14.42 -23.40 55.43
CA LEU B 224 -15.42 -24.14 54.66
C LEU B 224 -16.48 -23.29 53.98
N VAL B 225 -16.67 -23.54 52.69
CA VAL B 225 -17.66 -22.85 51.88
C VAL B 225 -18.64 -23.89 51.32
N THR B 226 -19.92 -23.64 51.49
CA THR B 226 -20.96 -24.53 51.01
C THR B 226 -21.60 -23.84 49.80
N TYR B 227 -21.77 -24.58 48.71
CA TYR B 227 -22.31 -23.99 47.48
C TYR B 227 -23.74 -24.35 47.10
N SER B 228 -24.31 -23.48 46.25
CA SER B 228 -25.64 -23.66 45.73
C SER B 228 -25.49 -23.95 44.24
N GLY B 229 -26.56 -24.37 43.58
CA GLY B 229 -26.45 -24.67 42.17
C GLY B 229 -27.79 -24.93 41.53
N ALA B 230 -27.81 -25.04 40.21
CA ALA B 230 -29.06 -25.29 39.51
C ALA B 230 -28.83 -26.12 38.26
N ALA B 231 -29.90 -26.75 37.79
CA ALA B 231 -29.87 -27.58 36.59
C ALA B 231 -31.24 -27.52 35.93
N VAL B 232 -31.34 -28.07 34.71
CA VAL B 232 -32.61 -28.13 34.01
C VAL B 232 -32.96 -29.61 33.86
N LEU B 233 -34.19 -29.95 34.23
CA LEU B 233 -34.67 -31.32 34.18
C LEU B 233 -34.88 -31.85 32.75
N LYS B 234 -34.46 -33.09 32.52
CA LYS B 234 -34.61 -33.70 31.20
C LYS B 234 -36.10 -33.83 30.88
N SER B 235 -36.91 -33.92 31.92
CA SER B 235 -38.37 -34.07 31.80
C SER B 235 -39.09 -32.78 31.40
N SER B 236 -38.38 -31.67 31.39
CA SER B 236 -38.99 -30.38 31.06
C SER B 236 -39.47 -30.24 29.61
N GLN B 237 -40.71 -29.77 29.46
CA GLN B 237 -41.31 -29.55 28.15
C GLN B 237 -41.14 -28.08 27.79
N ASN B 238 -40.45 -27.35 28.67
CA ASN B 238 -40.15 -25.93 28.49
C ASN B 238 -38.63 -25.84 28.58
N LYS B 239 -37.96 -26.60 27.73
CA LYS B 239 -36.50 -26.66 27.70
C LYS B 239 -35.70 -25.42 27.31
N ASP B 240 -36.25 -24.60 26.42
CA ASP B 240 -35.52 -23.41 25.98
C ASP B 240 -35.49 -22.27 26.99
N GLU B 241 -36.57 -22.08 27.73
CA GLU B 241 -36.59 -21.01 28.71
C GLU B 241 -36.11 -21.50 30.07
N ALA B 242 -36.09 -22.83 30.25
CA ALA B 242 -35.60 -23.39 31.50
C ALA B 242 -34.11 -23.10 31.50
N LYS B 243 -33.49 -23.31 30.33
CA LYS B 243 -32.08 -23.04 30.16
C LYS B 243 -31.78 -21.55 30.35
N LYS B 244 -32.72 -20.71 29.92
CA LYS B 244 -32.55 -19.27 30.04
C LYS B 244 -32.44 -18.88 31.51
N PHE B 245 -33.40 -19.33 32.30
CA PHE B 245 -33.41 -19.05 33.72
C PHE B 245 -32.09 -19.48 34.37
N VAL B 246 -31.64 -20.69 34.07
CA VAL B 246 -30.39 -21.23 34.60
C VAL B 246 -29.19 -20.45 34.03
N ALA B 247 -29.29 -20.02 32.78
CA ALA B 247 -28.22 -19.24 32.18
C ALA B 247 -28.24 -17.87 32.87
N PHE B 248 -29.43 -17.50 33.33
CA PHE B 248 -29.68 -16.23 34.04
C PHE B 248 -29.05 -16.28 35.43
N LEU B 249 -29.40 -17.32 36.19
CA LEU B 249 -28.88 -17.49 37.53
C LEU B 249 -27.36 -17.40 37.57
N ALA B 250 -26.70 -17.95 36.55
CA ALA B 250 -25.24 -17.94 36.48
C ALA B 250 -24.67 -16.63 35.93
N GLY B 251 -25.49 -15.92 35.16
CA GLY B 251 -25.07 -14.65 34.57
C GLY B 251 -24.99 -13.48 35.54
N LYS B 252 -24.35 -12.40 35.11
CA LYS B 252 -24.15 -11.21 35.93
C LYS B 252 -25.42 -10.62 36.56
N GLU B 253 -26.45 -10.41 35.74
CA GLU B 253 -27.70 -9.86 36.23
C GLU B 253 -28.35 -10.75 37.27
N GLY B 254 -28.17 -12.06 37.10
CA GLY B 254 -28.72 -13.00 38.03
C GLY B 254 -27.95 -12.95 39.33
N GLN B 255 -26.62 -12.97 39.23
CA GLN B 255 -25.76 -12.91 40.39
C GLN B 255 -25.97 -11.58 41.12
N ARG B 256 -26.22 -10.52 40.36
CA ARG B 256 -26.48 -9.20 40.91
C ARG B 256 -27.86 -9.21 41.53
N ALA B 257 -28.82 -9.79 40.83
CA ALA B 257 -30.20 -9.88 41.30
C ALA B 257 -30.33 -11.01 42.31
N LEU B 258 -29.29 -11.20 43.11
CA LEU B 258 -29.27 -12.21 44.15
C LEU B 258 -28.37 -11.67 45.28
N THR B 259 -27.20 -11.18 44.89
CA THR B 259 -26.24 -10.60 45.82
C THR B 259 -26.73 -9.22 46.26
N ALA B 260 -28.01 -8.96 45.99
CA ALA B 260 -28.63 -7.71 46.35
C ALA B 260 -29.55 -7.92 47.54
N VAL B 261 -30.05 -9.14 47.67
CA VAL B 261 -30.97 -9.48 48.76
C VAL B 261 -30.39 -10.55 49.69
N ARG B 262 -29.49 -11.36 49.16
CA ARG B 262 -28.87 -12.45 49.92
C ARG B 262 -27.37 -12.22 50.13
N ALA B 263 -26.89 -12.58 51.32
CA ALA B 263 -25.47 -12.38 51.63
C ALA B 263 -24.56 -13.59 51.36
N GLU B 264 -24.74 -14.23 50.20
CA GLU B 264 -23.91 -15.36 49.79
C GLU B 264 -22.83 -14.84 48.84
N TYR B 265 -21.73 -15.58 48.68
CA TYR B 265 -20.67 -15.15 47.78
C TYR B 265 -20.96 -15.54 46.34
N PRO B 266 -20.88 -14.56 45.42
CA PRO B 266 -21.15 -14.84 44.00
C PRO B 266 -19.96 -15.60 43.39
N LEU B 267 -20.25 -16.57 42.54
CA LEU B 267 -19.19 -17.33 41.88
C LEU B 267 -18.82 -16.68 40.55
N ASN B 268 -19.72 -15.84 40.02
CA ASN B 268 -19.45 -15.13 38.78
C ASN B 268 -18.37 -14.11 39.19
N PRO B 269 -17.19 -14.16 38.56
CA PRO B 269 -16.08 -13.23 38.90
C PRO B 269 -16.36 -11.75 38.59
N HIS B 270 -17.37 -11.51 37.77
CA HIS B 270 -17.72 -10.16 37.35
C HIS B 270 -18.71 -9.45 38.28
N VAL B 271 -19.18 -10.14 39.31
CA VAL B 271 -20.14 -9.51 40.22
C VAL B 271 -19.52 -9.01 41.52
N VAL B 272 -20.05 -7.88 42.00
CA VAL B 272 -19.61 -7.26 43.24
C VAL B 272 -20.84 -7.22 44.15
N SER B 273 -20.72 -7.85 45.31
CA SER B 273 -21.81 -7.92 46.25
C SER B 273 -22.14 -6.56 46.87
N THR B 274 -23.41 -6.38 47.23
CA THR B 274 -23.86 -5.15 47.87
C THR B 274 -23.49 -5.24 49.35
N PHE B 275 -23.09 -6.44 49.79
CA PHE B 275 -22.67 -6.65 51.16
C PHE B 275 -21.15 -6.62 51.09
N ASN B 276 -20.48 -6.43 52.21
CA ASN B 276 -19.04 -6.40 52.13
C ASN B 276 -18.39 -7.77 52.12
N LEU B 277 -18.32 -8.32 50.93
CA LEU B 277 -17.72 -9.63 50.71
C LEU B 277 -16.51 -9.48 49.80
N GLU B 278 -15.40 -10.11 50.22
CA GLU B 278 -14.19 -10.11 49.42
C GLU B 278 -14.47 -11.10 48.30
N PRO B 279 -13.73 -11.01 47.17
CA PRO B 279 -14.02 -12.00 46.12
C PRO B 279 -13.84 -13.38 46.77
N ILE B 280 -14.79 -14.28 46.53
CA ILE B 280 -14.77 -15.61 47.13
C ILE B 280 -13.42 -16.33 47.08
N ALA B 281 -12.71 -16.16 45.96
CA ALA B 281 -11.41 -16.80 45.79
C ALA B 281 -10.43 -16.49 46.93
N LYS B 282 -10.67 -15.40 47.64
CA LYS B 282 -9.78 -15.00 48.73
C LYS B 282 -10.16 -15.48 50.11
N LEU B 283 -11.20 -16.30 50.20
CA LEU B 283 -11.60 -16.87 51.48
C LEU B 283 -10.65 -18.06 51.66
N GLU B 284 -9.98 -18.42 50.57
CA GLU B 284 -9.05 -19.54 50.54
C GLU B 284 -9.65 -20.75 51.22
N ALA B 285 -10.87 -21.07 50.80
CA ALA B 285 -11.58 -22.20 51.35
C ALA B 285 -10.91 -23.49 50.95
N PRO B 286 -10.98 -24.51 51.80
CA PRO B 286 -10.36 -25.79 51.48
C PRO B 286 -11.20 -26.47 50.40
N GLN B 287 -10.59 -27.40 49.67
CA GLN B 287 -11.34 -28.13 48.67
C GLN B 287 -11.86 -29.39 49.35
N VAL B 288 -13.17 -29.54 49.35
CA VAL B 288 -13.78 -30.70 50.01
C VAL B 288 -14.83 -31.29 49.07
N SER B 289 -14.94 -32.61 49.06
CA SER B 289 -15.90 -33.30 48.20
C SER B 289 -17.33 -33.16 48.71
N ALA B 290 -18.29 -33.43 47.83
CA ALA B 290 -19.70 -33.31 48.20
C ALA B 290 -20.04 -34.18 49.41
N THR B 291 -20.93 -33.68 50.25
CA THR B 291 -21.35 -34.41 51.44
C THR B 291 -22.40 -35.48 51.11
N THR B 292 -22.14 -36.70 51.54
CA THR B 292 -23.05 -37.83 51.32
C THR B 292 -23.86 -38.09 52.59
N VAL B 293 -24.89 -38.92 52.46
CA VAL B 293 -25.73 -39.26 53.60
C VAL B 293 -24.93 -40.03 54.65
N SER B 294 -24.00 -40.88 54.22
CA SER B 294 -23.22 -41.65 55.18
C SER B 294 -22.25 -40.74 55.95
N GLU B 295 -21.79 -39.68 55.30
CA GLU B 295 -20.87 -38.77 55.95
C GLU B 295 -21.60 -37.96 57.02
N LYS B 296 -22.88 -37.68 56.75
CA LYS B 296 -23.69 -36.94 57.70
C LYS B 296 -24.08 -37.88 58.84
N GLU B 297 -24.26 -39.16 58.50
CA GLU B 297 -24.59 -40.18 59.49
C GLU B 297 -23.37 -40.31 60.41
N HIS B 298 -22.19 -40.31 59.81
CA HIS B 298 -20.95 -40.42 60.57
C HIS B 298 -20.79 -39.19 61.50
N ALA B 299 -20.96 -37.99 60.93
CA ALA B 299 -20.84 -36.76 61.71
C ALA B 299 -21.79 -36.80 62.88
N THR B 300 -22.98 -37.33 62.64
CA THR B 300 -23.99 -37.44 63.68
C THR B 300 -23.53 -38.35 64.81
N ARG B 301 -22.85 -39.45 64.46
CA ARG B 301 -22.36 -40.37 65.48
C ARG B 301 -21.28 -39.70 66.32
N LEU B 302 -20.45 -38.88 65.67
CA LEU B 302 -19.41 -38.15 66.38
C LEU B 302 -20.06 -37.15 67.35
N LEU B 303 -21.13 -36.49 66.93
CA LEU B 303 -21.83 -35.58 67.82
C LEU B 303 -22.28 -36.34 69.08
N GLU B 304 -22.72 -37.58 68.88
CA GLU B 304 -23.15 -38.41 69.99
C GLU B 304 -21.99 -38.75 70.89
N GLN B 305 -20.88 -39.22 70.31
CA GLN B 305 -19.68 -39.56 71.07
C GLN B 305 -19.17 -38.38 71.89
N ALA B 306 -19.32 -37.19 71.32
CA ALA B 306 -18.84 -35.96 71.95
C ALA B 306 -19.71 -35.44 73.09
N GLY B 307 -20.88 -36.04 73.28
CA GLY B 307 -21.77 -35.62 74.35
C GLY B 307 -22.65 -34.43 73.99
N MET B 308 -22.71 -34.09 72.71
CA MET B 308 -23.52 -32.96 72.24
C MET B 308 -24.90 -33.43 71.82
N LYS B 309 -25.08 -34.73 71.90
CA LYS B 309 -26.33 -35.38 71.54
C LYS B 309 -26.32 -36.62 72.41
N ASP C 1 32.32 -16.02 -11.79
CA ASP C 1 33.07 -15.61 -10.57
C ASP C 1 33.69 -16.85 -9.89
N ILE C 2 34.12 -16.70 -8.65
CA ILE C 2 34.73 -17.80 -7.92
C ILE C 2 34.19 -17.94 -6.49
N THR C 3 34.03 -19.20 -6.03
CA THR C 3 33.54 -19.50 -4.67
C THR C 3 34.71 -20.05 -3.85
N VAL C 4 35.38 -19.16 -3.11
CA VAL C 4 36.56 -19.50 -2.32
C VAL C 4 36.32 -20.10 -0.93
N TYR C 5 37.03 -21.20 -0.64
CA TYR C 5 36.97 -21.88 0.66
C TYR C 5 38.07 -21.26 1.53
N ASN C 6 37.63 -20.52 2.55
CA ASN C 6 38.50 -19.75 3.44
C ASN C 6 38.78 -20.29 4.85
N GLY C 7 40.05 -20.43 5.16
CA GLY C 7 40.47 -20.88 6.47
C GLY C 7 41.19 -19.71 7.09
N GLN C 8 41.23 -18.61 6.34
CA GLN C 8 41.88 -17.38 6.78
C GLN C 8 40.91 -16.54 7.61
N HIS C 9 41.43 -15.61 8.40
CA HIS C 9 40.57 -14.77 9.22
C HIS C 9 39.55 -14.07 8.32
N LYS C 10 38.27 -14.13 8.70
CA LYS C 10 37.17 -13.52 7.94
C LYS C 10 37.56 -12.16 7.38
N GLU C 11 38.01 -11.29 8.28
CA GLU C 11 38.42 -9.93 7.93
C GLU C 11 39.49 -9.84 6.84
N ALA C 12 40.61 -10.52 7.05
CA ALA C 12 41.70 -10.52 6.08
C ALA C 12 41.23 -11.07 4.72
N ALA C 13 40.29 -12.02 4.76
CA ALA C 13 39.73 -12.63 3.56
C ALA C 13 38.91 -11.64 2.74
N GLN C 14 38.15 -10.78 3.42
CA GLN C 14 37.34 -9.77 2.74
C GLN C 14 38.27 -8.78 2.04
N ALA C 15 39.33 -8.42 2.74
CA ALA C 15 40.32 -7.47 2.24
C ALA C 15 40.92 -7.84 0.89
N VAL C 16 41.60 -9.00 0.82
CA VAL C 16 42.20 -9.41 -0.45
C VAL C 16 41.13 -9.60 -1.53
N ALA C 17 39.97 -10.08 -1.11
CA ALA C 17 38.84 -10.30 -2.01
C ALA C 17 38.48 -9.01 -2.72
N ASP C 18 37.96 -8.05 -1.96
CA ASP C 18 37.56 -6.77 -2.48
C ASP C 18 38.65 -6.14 -3.34
N ALA C 19 39.88 -6.12 -2.83
CA ALA C 19 40.98 -5.55 -3.59
C ALA C 19 41.06 -6.26 -4.95
N PHE C 20 40.73 -7.54 -4.94
CA PHE C 20 40.75 -8.38 -6.14
C PHE C 20 39.60 -7.99 -7.06
N THR C 21 38.39 -7.98 -6.49
CA THR C 21 37.17 -7.65 -7.21
C THR C 21 37.25 -6.31 -7.96
N ARG C 22 38.24 -5.49 -7.62
CA ARG C 22 38.43 -4.19 -8.26
C ARG C 22 39.23 -4.30 -9.55
N ALA C 23 40.53 -4.48 -9.39
CA ALA C 23 41.47 -4.58 -10.51
C ALA C 23 41.02 -5.47 -11.67
N THR C 24 40.38 -6.59 -11.34
CA THR C 24 39.91 -7.54 -12.35
C THR C 24 38.42 -7.37 -12.70
N GLY C 25 37.60 -7.23 -11.67
CA GLY C 25 36.17 -7.04 -11.88
C GLY C 25 35.33 -8.24 -11.46
N ILE C 26 35.98 -9.38 -11.26
CA ILE C 26 35.28 -10.59 -10.87
C ILE C 26 34.89 -10.59 -9.39
N LYS C 27 33.72 -11.14 -9.10
CA LYS C 27 33.21 -11.22 -7.72
C LYS C 27 33.79 -12.45 -7.03
N VAL C 28 33.52 -12.59 -5.73
CA VAL C 28 34.02 -13.73 -4.97
C VAL C 28 33.09 -14.12 -3.82
N LYS C 29 32.83 -15.41 -3.67
CA LYS C 29 31.98 -15.93 -2.60
C LYS C 29 32.87 -16.60 -1.55
N LEU C 30 32.53 -16.41 -0.27
CA LEU C 30 33.32 -16.98 0.81
C LEU C 30 32.67 -18.04 1.69
N ASN C 31 33.26 -19.23 1.64
CA ASN C 31 32.83 -20.34 2.47
C ASN C 31 33.88 -20.38 3.57
N SER C 32 33.63 -19.62 4.64
CA SER C 32 34.58 -19.52 5.74
C SER C 32 34.40 -20.56 6.83
N ALA C 33 35.55 -21.05 7.32
CA ALA C 33 35.63 -22.05 8.37
C ALA C 33 37.12 -22.33 8.60
N LYS C 34 37.42 -23.26 9.50
CA LYS C 34 38.81 -23.60 9.78
C LYS C 34 39.43 -24.41 8.65
N GLY C 35 40.67 -24.05 8.28
CA GLY C 35 41.36 -24.74 7.21
C GLY C 35 41.32 -26.26 7.31
N ASP C 36 41.33 -26.78 8.52
CA ASP C 36 41.29 -28.23 8.76
C ASP C 36 39.96 -28.85 8.32
N GLN C 37 38.86 -28.23 8.73
CA GLN C 37 37.53 -28.71 8.39
C GLN C 37 37.28 -28.65 6.88
N LEU C 38 37.54 -27.49 6.28
CA LEU C 38 37.33 -27.28 4.84
C LEU C 38 38.07 -28.29 3.95
N ALA C 39 39.21 -28.79 4.42
CA ALA C 39 39.97 -29.76 3.65
C ALA C 39 39.18 -31.06 3.57
N GLY C 40 38.50 -31.38 4.67
CA GLY C 40 37.70 -32.59 4.70
C GLY C 40 36.49 -32.44 3.80
N GLN C 41 35.86 -31.26 3.88
CA GLN C 41 34.70 -30.92 3.05
C GLN C 41 35.03 -31.15 1.57
N ILE C 42 36.22 -30.73 1.18
CA ILE C 42 36.67 -30.88 -0.19
C ILE C 42 36.77 -32.34 -0.62
N LYS C 43 37.32 -33.19 0.25
CA LYS C 43 37.45 -34.61 -0.06
C LYS C 43 36.12 -35.34 -0.06
N GLU C 44 35.17 -34.84 0.72
CA GLU C 44 33.84 -35.45 0.80
C GLU C 44 33.09 -35.29 -0.51
N GLU C 45 33.03 -34.06 -1.01
CA GLU C 45 32.34 -33.77 -2.27
C GLU C 45 33.12 -34.36 -3.44
N GLY C 46 34.37 -34.72 -3.17
CA GLY C 46 35.25 -35.31 -4.18
C GLY C 46 34.98 -34.93 -5.61
N SER C 47 34.25 -35.79 -6.32
CA SER C 47 33.88 -35.58 -7.72
C SER C 47 33.93 -34.10 -8.08
N ARG C 48 33.03 -33.32 -7.48
CA ARG C 48 32.97 -31.90 -7.73
C ARG C 48 32.63 -31.12 -6.46
N SER C 49 33.52 -30.19 -6.12
CA SER C 49 33.37 -29.33 -4.95
C SER C 49 33.13 -27.92 -5.47
N PRO C 50 32.17 -27.18 -4.85
CA PRO C 50 31.83 -25.81 -5.23
C PRO C 50 33.05 -24.86 -5.24
N ALA C 51 34.01 -25.14 -4.36
CA ALA C 51 35.22 -24.33 -4.25
C ALA C 51 36.03 -24.24 -5.55
N ASP C 52 36.47 -23.02 -5.85
CA ASP C 52 37.29 -22.77 -7.02
C ASP C 52 38.69 -22.56 -6.48
N VAL C 53 38.74 -21.94 -5.30
CA VAL C 53 39.99 -21.65 -4.63
C VAL C 53 39.92 -22.01 -3.15
N PHE C 54 41.04 -22.49 -2.63
CA PHE C 54 41.14 -22.81 -1.21
C PHE C 54 42.27 -21.94 -0.72
N TYR C 55 41.89 -20.98 0.13
CA TYR C 55 42.79 -20.02 0.75
C TYR C 55 42.83 -20.42 2.22
N SER C 56 43.92 -21.03 2.66
CA SER C 56 43.99 -21.47 4.05
C SER C 56 45.07 -20.84 4.92
N GLU C 57 44.89 -21.01 6.22
CA GLU C 57 45.81 -20.50 7.22
C GLU C 57 46.83 -21.59 7.57
N GLN C 58 46.50 -22.83 7.17
CA GLN C 58 47.38 -23.97 7.43
C GLN C 58 47.82 -24.70 6.17
N ILE C 59 49.14 -24.71 5.94
CA ILE C 59 49.70 -25.37 4.77
C ILE C 59 49.45 -26.88 4.79
N PRO C 60 49.53 -27.53 5.97
CA PRO C 60 49.27 -28.97 5.96
C PRO C 60 47.89 -29.32 5.37
N ALA C 61 46.91 -28.44 5.60
CA ALA C 61 45.56 -28.66 5.05
C ALA C 61 45.66 -28.71 3.53
N LEU C 62 46.57 -27.88 3.01
CA LEU C 62 46.81 -27.81 1.57
C LEU C 62 47.55 -29.06 1.09
N ALA C 63 48.55 -29.50 1.85
CA ALA C 63 49.31 -30.70 1.50
C ALA C 63 48.37 -31.90 1.47
N THR C 64 47.36 -31.90 2.33
CA THR C 64 46.40 -32.99 2.37
C THR C 64 45.73 -33.13 1.00
N LEU C 65 45.22 -32.01 0.49
CA LEU C 65 44.55 -31.98 -0.80
C LEU C 65 45.52 -32.28 -1.95
N SER C 66 46.77 -31.84 -1.78
CA SER C 66 47.80 -32.08 -2.79
C SER C 66 48.17 -33.55 -2.84
N ALA C 67 48.20 -34.19 -1.68
CA ALA C 67 48.54 -35.60 -1.60
C ALA C 67 47.48 -36.40 -2.36
N ALA C 68 46.25 -35.89 -2.37
CA ALA C 68 45.16 -36.56 -3.05
C ALA C 68 45.09 -36.15 -4.51
N ASN C 69 45.88 -35.14 -4.88
CA ASN C 69 45.91 -34.63 -6.26
C ASN C 69 44.59 -33.96 -6.67
N LEU C 70 44.06 -33.18 -5.74
CA LEU C 70 42.83 -32.45 -5.96
C LEU C 70 43.15 -30.99 -6.26
N LEU C 71 44.44 -30.70 -6.40
CA LEU C 71 44.87 -29.35 -6.68
C LEU C 71 45.39 -29.18 -8.10
N GLU C 72 45.01 -28.05 -8.71
CA GLU C 72 45.42 -27.73 -10.07
C GLU C 72 46.78 -27.04 -10.07
N PRO C 73 47.79 -27.66 -10.71
CA PRO C 73 49.14 -27.09 -10.76
C PRO C 73 49.17 -25.60 -11.17
N LEU C 74 49.97 -24.83 -10.44
CA LEU C 74 50.07 -23.39 -10.66
C LEU C 74 51.26 -23.00 -11.52
N PRO C 75 51.09 -21.94 -12.35
CA PRO C 75 52.19 -21.49 -13.21
C PRO C 75 53.45 -21.14 -12.42
N ALA C 76 54.53 -20.83 -13.12
CA ALA C 76 55.79 -20.46 -12.49
C ALA C 76 55.77 -18.98 -12.07
N SER C 77 55.03 -18.19 -12.83
CA SER C 77 54.89 -16.76 -12.57
C SER C 77 54.18 -16.47 -11.26
N THR C 78 53.32 -17.40 -10.84
CA THR C 78 52.55 -17.27 -9.60
C THR C 78 53.38 -17.63 -8.37
N ILE C 79 53.97 -18.82 -8.40
CA ILE C 79 54.76 -19.33 -7.31
C ILE C 79 56.05 -18.54 -7.03
N ASN C 80 56.69 -18.03 -8.08
CA ASN C 80 57.93 -17.26 -7.93
C ASN C 80 57.79 -15.92 -7.25
N GLU C 81 56.60 -15.31 -7.35
CA GLU C 81 56.35 -14.00 -6.74
C GLU C 81 56.63 -13.95 -5.24
N THR C 82 56.39 -15.06 -4.55
CA THR C 82 56.61 -15.13 -3.11
C THR C 82 57.74 -16.08 -2.72
N ARG C 83 58.51 -16.50 -3.70
CA ARG C 83 59.62 -17.41 -3.47
C ARG C 83 60.74 -16.78 -2.60
N GLY C 84 61.08 -17.47 -1.52
CA GLY C 84 62.12 -17.02 -0.62
C GLY C 84 62.94 -18.20 -0.11
N LYS C 85 64.12 -17.91 0.41
CA LYS C 85 65.01 -18.96 0.92
C LYS C 85 64.39 -19.96 1.91
N GLY C 86 63.47 -19.50 2.76
CA GLY C 86 62.85 -20.41 3.71
C GLY C 86 61.37 -20.63 3.46
N VAL C 87 60.85 -19.97 2.43
CA VAL C 87 59.44 -20.06 2.07
C VAL C 87 59.04 -21.46 1.57
N PRO C 88 57.93 -22.00 2.10
CA PRO C 88 57.43 -23.33 1.71
C PRO C 88 57.17 -23.45 0.20
N VAL C 89 57.64 -24.53 -0.39
CA VAL C 89 57.45 -24.79 -1.83
C VAL C 89 56.80 -26.15 -2.09
N ALA C 90 55.68 -26.13 -2.80
CA ALA C 90 54.93 -27.34 -3.13
C ALA C 90 55.68 -28.15 -4.17
N ALA C 91 56.10 -29.36 -3.79
CA ALA C 91 56.83 -30.23 -4.70
C ALA C 91 56.11 -30.45 -6.03
N LYS C 92 54.77 -30.53 -6.00
CA LYS C 92 54.00 -30.75 -7.21
C LYS C 92 53.67 -29.43 -7.90
N LYS C 93 53.83 -28.33 -7.16
CA LYS C 93 53.55 -27.01 -7.70
C LYS C 93 52.04 -26.82 -7.80
N ASP C 94 51.31 -27.25 -6.77
CA ASP C 94 49.86 -27.12 -6.77
C ASP C 94 49.27 -26.21 -5.68
N TRP C 95 50.13 -25.44 -5.02
CA TRP C 95 49.73 -24.45 -4.02
C TRP C 95 50.86 -23.44 -3.87
N VAL C 96 50.55 -22.27 -3.31
CA VAL C 96 51.54 -21.22 -3.13
C VAL C 96 51.42 -20.61 -1.75
N ALA C 97 52.55 -20.45 -1.06
CA ALA C 97 52.59 -19.85 0.27
C ALA C 97 52.36 -18.35 0.04
N LEU C 98 51.61 -17.72 0.93
CA LEU C 98 51.26 -16.32 0.77
C LEU C 98 51.75 -15.36 1.85
N SER C 99 51.74 -15.81 3.10
CA SER C 99 52.16 -14.97 4.21
C SER C 99 52.63 -15.81 5.39
N GLY C 100 53.04 -15.15 6.46
CA GLY C 100 53.50 -15.87 7.63
C GLY C 100 53.15 -15.19 8.94
N ARG C 101 53.02 -16.00 10.00
CA ARG C 101 52.74 -15.53 11.35
C ARG C 101 53.95 -15.92 12.18
N SER C 102 54.34 -15.07 13.12
CA SER C 102 55.52 -15.34 13.92
C SER C 102 55.32 -15.47 15.42
N ARG C 103 56.06 -16.40 16.00
CA ARG C 103 56.04 -16.61 17.44
C ARG C 103 56.91 -15.47 18.02
N VAL C 104 56.50 -14.90 19.15
CA VAL C 104 57.27 -13.81 19.77
C VAL C 104 57.08 -13.79 21.28
N VAL C 105 57.89 -12.97 21.93
CA VAL C 105 57.80 -12.79 23.36
C VAL C 105 57.41 -11.34 23.53
N VAL C 106 56.24 -11.10 24.10
CA VAL C 106 55.76 -9.74 24.36
C VAL C 106 56.15 -9.42 25.78
N TYR C 107 56.80 -8.28 26.01
CA TYR C 107 57.23 -7.94 27.35
C TYR C 107 56.83 -6.55 27.85
N ASP C 108 56.95 -6.38 29.15
CA ASP C 108 56.62 -5.15 29.86
C ASP C 108 57.81 -4.19 29.83
N THR C 109 57.77 -3.20 28.93
CA THR C 109 58.87 -2.24 28.83
C THR C 109 58.95 -1.30 30.02
N ARG C 110 58.01 -1.40 30.95
CA ARG C 110 58.01 -0.56 32.14
C ARG C 110 59.06 -1.11 33.08
N LYS C 111 59.51 -2.33 32.80
CA LYS C 111 60.51 -2.98 33.63
C LYS C 111 61.63 -3.69 32.87
N LEU C 112 61.36 -4.12 31.64
CA LEU C 112 62.38 -4.83 30.88
C LEU C 112 62.78 -4.15 29.59
N SER C 113 63.96 -4.54 29.12
CA SER C 113 64.52 -4.03 27.87
C SER C 113 64.78 -5.23 26.98
N GLU C 114 64.91 -4.99 25.68
CA GLU C 114 65.18 -6.05 24.70
C GLU C 114 66.60 -6.52 24.96
N LYS C 115 66.96 -6.59 26.23
CA LYS C 115 68.29 -6.99 26.67
C LYS C 115 68.15 -8.08 27.72
N ASP C 116 67.10 -7.95 28.53
CA ASP C 116 66.81 -8.90 29.60
C ASP C 116 66.27 -10.21 29.03
N LEU C 117 65.52 -10.09 27.94
CA LEU C 117 64.92 -11.24 27.29
C LEU C 117 65.96 -12.28 26.84
N GLU C 118 65.53 -13.54 26.79
CA GLU C 118 66.42 -14.64 26.40
C GLU C 118 66.75 -14.63 24.90
N LYS C 119 67.91 -15.19 24.56
CA LYS C 119 68.37 -15.26 23.17
C LYS C 119 67.75 -16.47 22.48
N SER C 120 67.19 -17.36 23.30
CA SER C 120 66.51 -18.58 22.84
C SER C 120 65.25 -18.70 23.70
N VAL C 121 64.19 -19.25 23.13
CA VAL C 121 62.95 -19.40 23.86
C VAL C 121 62.96 -20.60 24.81
N LEU C 122 63.92 -21.50 24.62
CA LEU C 122 64.00 -22.69 25.46
C LEU C 122 64.49 -22.35 26.88
N ASN C 123 65.17 -21.21 27.00
CA ASN C 123 65.70 -20.77 28.28
C ASN C 123 64.68 -20.10 29.21
N TYR C 124 63.42 -20.07 28.79
CA TYR C 124 62.35 -19.47 29.57
C TYR C 124 61.79 -20.49 30.57
N ALA C 125 62.05 -21.77 30.31
CA ALA C 125 61.57 -22.84 31.18
C ALA C 125 62.61 -23.11 32.26
N THR C 126 63.05 -22.06 32.93
CA THR C 126 64.06 -22.19 33.97
C THR C 126 63.68 -21.41 35.24
N PRO C 127 64.49 -21.54 36.31
CA PRO C 127 64.26 -20.85 37.59
C PRO C 127 64.26 -19.31 37.51
N LYS C 128 64.99 -18.76 36.54
CA LYS C 128 65.07 -17.30 36.35
C LYS C 128 63.75 -16.66 35.94
N TRP C 129 62.87 -17.43 35.31
CA TRP C 129 61.60 -16.91 34.86
C TRP C 129 60.40 -17.35 35.69
N LYS C 130 60.67 -17.86 36.88
CA LYS C 130 59.60 -18.29 37.77
C LYS C 130 58.65 -17.11 37.98
N ASN C 131 57.37 -17.34 37.69
CA ASN C 131 56.30 -16.36 37.80
C ASN C 131 56.49 -15.15 36.89
N ARG C 132 57.42 -15.24 35.94
CA ARG C 132 57.71 -14.13 35.02
C ARG C 132 57.45 -14.38 33.52
N ILE C 133 57.06 -15.59 33.15
CA ILE C 133 56.77 -15.88 31.75
C ILE C 133 55.44 -16.63 31.63
N GLY C 134 54.59 -16.15 30.73
CA GLY C 134 53.31 -16.78 30.52
C GLY C 134 53.22 -17.55 29.21
N TYR C 135 52.30 -18.50 29.16
CA TYR C 135 52.12 -19.29 27.96
C TYR C 135 50.66 -19.73 27.90
N VAL C 136 50.20 -20.05 26.70
CA VAL C 136 48.82 -20.47 26.46
C VAL C 136 48.88 -21.92 26.01
N PRO C 137 48.84 -22.86 26.98
CA PRO C 137 48.91 -24.31 26.74
C PRO C 137 47.85 -24.88 25.80
N THR C 138 46.68 -24.27 25.76
CA THR C 138 45.62 -24.75 24.88
C THR C 138 45.75 -24.21 23.45
N SER C 139 46.52 -23.13 23.29
CA SER C 139 46.71 -22.50 21.99
C SER C 139 47.24 -23.43 20.87
N GLY C 140 46.71 -23.25 19.67
CA GLY C 140 47.14 -24.04 18.54
C GLY C 140 48.58 -23.71 18.17
N ALA C 141 48.91 -22.41 18.20
CA ALA C 141 50.25 -21.97 17.88
C ALA C 141 51.25 -22.47 18.92
N PHE C 142 50.80 -22.65 20.16
CA PHE C 142 51.69 -23.17 21.19
C PHE C 142 52.11 -24.59 20.80
N LEU C 143 51.12 -25.38 20.41
CA LEU C 143 51.34 -26.77 19.98
C LEU C 143 52.27 -26.78 18.78
N GLU C 144 52.16 -25.77 17.92
CA GLU C 144 53.00 -25.69 16.73
C GLU C 144 54.46 -25.40 17.13
N GLN C 145 54.64 -24.66 18.22
CA GLN C 145 55.98 -24.34 18.72
C GLN C 145 56.64 -25.63 19.25
N ILE C 146 55.84 -26.48 19.90
CA ILE C 146 56.33 -27.77 20.43
C ILE C 146 56.82 -28.60 19.23
N VAL C 147 55.93 -28.78 18.24
CA VAL C 147 56.23 -29.51 17.01
C VAL C 147 57.55 -29.08 16.37
N ALA C 148 57.88 -27.78 16.48
CA ALA C 148 59.11 -27.26 15.90
C ALA C 148 60.34 -27.63 16.70
N ILE C 149 60.25 -27.52 18.02
CA ILE C 149 61.38 -27.86 18.87
C ILE C 149 61.70 -29.36 18.76
N VAL C 150 60.67 -30.18 18.54
CA VAL C 150 60.88 -31.61 18.40
C VAL C 150 61.67 -31.88 17.10
N LYS C 151 61.35 -31.15 16.05
CA LYS C 151 62.04 -31.33 14.76
C LYS C 151 63.42 -30.70 14.75
N LEU C 152 63.59 -29.64 15.55
CA LEU C 152 64.86 -28.93 15.62
C LEU C 152 65.74 -29.36 16.80
N LYS C 153 65.12 -29.86 17.87
CA LYS C 153 65.90 -30.23 19.04
C LYS C 153 65.76 -31.65 19.60
N GLY C 154 64.67 -32.34 19.29
CA GLY C 154 64.47 -33.70 19.79
C GLY C 154 63.33 -33.75 20.78
N GLU C 155 62.74 -34.93 20.97
CA GLU C 155 61.61 -35.07 21.90
C GLU C 155 61.94 -34.66 23.32
N ALA C 156 63.13 -35.03 23.79
CA ALA C 156 63.55 -34.69 25.16
C ALA C 156 63.58 -33.18 25.37
N ALA C 157 64.21 -32.47 24.43
CA ALA C 157 64.30 -31.00 24.49
C ALA C 157 62.92 -30.39 24.59
N ALA C 158 61.99 -30.86 23.77
CA ALA C 158 60.62 -30.33 23.81
C ALA C 158 59.91 -30.71 25.10
N LEU C 159 60.32 -31.83 25.71
CA LEU C 159 59.69 -32.28 26.96
C LEU C 159 60.24 -31.51 28.17
N LYS C 160 61.56 -31.32 28.19
CA LYS C 160 62.22 -30.59 29.25
C LYS C 160 61.62 -29.19 29.32
N TRP C 161 61.51 -28.56 28.14
CA TRP C 161 60.96 -27.22 28.02
C TRP C 161 59.55 -27.12 28.58
N LEU C 162 58.71 -28.09 28.24
CA LEU C 162 57.33 -28.09 28.73
C LEU C 162 57.26 -28.29 30.25
N LYS C 163 58.02 -29.23 30.78
CA LYS C 163 58.02 -29.46 32.22
C LYS C 163 58.61 -28.27 32.97
N GLY C 164 59.47 -27.52 32.28
CA GLY C 164 60.07 -26.33 32.88
C GLY C 164 59.06 -25.18 32.95
N LEU C 165 58.33 -24.95 31.87
CA LEU C 165 57.31 -23.91 31.83
C LEU C 165 56.19 -24.23 32.81
N LYS C 166 55.78 -25.50 32.84
CA LYS C 166 54.72 -25.92 33.74
C LYS C 166 55.11 -25.63 35.20
N GLU C 167 56.41 -25.66 35.47
CA GLU C 167 56.87 -25.42 36.83
C GLU C 167 57.16 -23.97 37.14
N TYR C 168 57.67 -23.25 36.16
CA TYR C 168 58.01 -21.84 36.38
C TYR C 168 57.09 -20.83 35.73
N GLY C 169 56.51 -21.18 34.59
CA GLY C 169 55.62 -20.26 33.92
C GLY C 169 54.25 -20.19 34.53
N LYS C 170 53.35 -19.48 33.85
CA LYS C 170 51.97 -19.34 34.29
C LYS C 170 51.08 -19.49 33.07
N PRO C 171 50.17 -20.47 33.12
CA PRO C 171 49.22 -20.78 32.05
C PRO C 171 48.14 -19.71 31.90
N TYR C 172 47.77 -19.42 30.67
CA TYR C 172 46.72 -18.44 30.38
C TYR C 172 45.71 -19.04 29.43
N ALA C 173 44.44 -18.82 29.73
CA ALA C 173 43.32 -19.34 28.94
C ALA C 173 43.46 -19.09 27.44
N LYS C 174 43.85 -17.88 27.06
CA LYS C 174 44.02 -17.56 25.64
C LYS C 174 45.07 -16.48 25.41
N ASN C 175 45.50 -16.34 24.16
CA ASN C 175 46.52 -15.35 23.82
C ASN C 175 46.09 -13.96 24.22
N SER C 176 44.81 -13.64 24.03
CA SER C 176 44.28 -12.32 24.38
C SER C 176 44.46 -12.01 25.87
N VAL C 177 44.30 -13.05 26.70
CA VAL C 177 44.44 -12.90 28.15
C VAL C 177 45.90 -12.73 28.58
N ALA C 178 46.81 -13.47 27.95
CA ALA C 178 48.22 -13.39 28.27
C ALA C 178 48.78 -12.02 27.93
N LEU C 179 48.38 -11.48 26.77
CA LEU C 179 48.85 -10.16 26.36
C LEU C 179 48.41 -9.09 27.37
N GLN C 180 47.15 -9.15 27.80
CA GLN C 180 46.63 -8.18 28.77
C GLN C 180 47.24 -8.34 30.17
N ALA C 181 47.73 -9.53 30.48
CA ALA C 181 48.36 -9.73 31.77
C ALA C 181 49.66 -8.91 31.76
N VAL C 182 50.45 -9.06 30.69
CA VAL C 182 51.70 -8.33 30.56
C VAL C 182 51.39 -6.83 30.44
N GLU C 183 50.43 -6.51 29.58
CA GLU C 183 50.02 -5.12 29.35
C GLU C 183 49.51 -4.41 30.61
N ASN C 184 49.06 -5.16 31.62
CA ASN C 184 48.57 -4.56 32.85
C ASN C 184 49.55 -4.69 34.00
N GLY C 185 50.74 -5.22 33.70
CA GLY C 185 51.78 -5.36 34.70
C GLY C 185 51.67 -6.55 35.64
N GLU C 186 50.90 -7.56 35.24
CA GLU C 186 50.71 -8.76 36.03
C GLU C 186 51.88 -9.75 35.91
N ILE C 187 52.64 -9.64 34.83
CA ILE C 187 53.77 -10.54 34.57
C ILE C 187 54.72 -9.93 33.51
N ASP C 188 56.02 -10.18 33.66
CA ASP C 188 57.07 -9.66 32.79
C ASP C 188 56.90 -9.87 31.27
N ALA C 189 56.70 -11.12 30.88
CA ALA C 189 56.54 -11.48 29.47
C ALA C 189 55.63 -12.66 29.23
N ALA C 190 55.31 -12.89 27.96
CA ALA C 190 54.44 -13.98 27.54
C ALA C 190 54.79 -14.40 26.12
N LEU C 191 54.57 -15.68 25.83
CA LEU C 191 54.85 -16.23 24.51
C LEU C 191 53.51 -16.26 23.78
N ILE C 192 53.43 -15.58 22.64
CA ILE C 192 52.21 -15.51 21.82
C ILE C 192 52.59 -15.37 20.35
N ASN C 193 51.60 -15.02 19.52
CA ASN C 193 51.83 -14.78 18.09
C ASN C 193 51.88 -13.24 17.91
N ASN C 194 52.75 -12.79 17.01
CA ASN C 194 52.94 -11.36 16.76
C ASN C 194 51.61 -10.54 16.59
N TYR C 195 50.84 -10.77 15.54
CA TYR C 195 49.57 -10.09 15.27
C TYR C 195 48.72 -9.58 16.49
N TYR C 196 48.79 -10.20 17.68
CA TYR C 196 47.99 -9.70 18.84
C TYR C 196 48.49 -8.34 19.27
N TRP C 197 49.69 -8.04 18.95
CA TRP C 197 50.25 -6.84 19.42
C TRP C 197 50.11 -5.75 18.45
N HIS C 198 50.29 -6.19 17.27
CA HIS C 198 50.13 -5.25 16.28
C HIS C 198 48.69 -4.78 16.25
N ALA C 199 47.77 -5.71 16.42
CA ALA C 199 46.36 -5.37 16.34
C ALA C 199 45.95 -4.49 17.51
N PHE C 200 46.42 -4.85 18.70
CA PHE C 200 46.11 -4.10 19.93
C PHE C 200 46.65 -2.68 19.90
N ALA C 201 47.92 -2.56 19.52
CA ALA C 201 48.60 -1.26 19.43
C ALA C 201 47.95 -0.36 18.38
N ARG C 202 47.57 -0.94 17.24
CA ARG C 202 46.94 -0.12 16.21
C ARG C 202 45.64 0.46 16.74
N GLU C 203 44.81 -0.38 17.33
CA GLU C 203 43.53 0.06 17.90
C GLU C 203 43.69 1.18 18.95
N LYS C 204 44.64 1.00 19.87
CA LYS C 204 44.88 1.95 20.96
C LYS C 204 45.90 3.08 20.71
N GLY C 205 46.83 2.89 19.79
CA GLY C 205 47.85 3.90 19.57
C GLY C 205 49.07 3.40 20.32
N VAL C 206 50.13 3.05 19.60
CA VAL C 206 51.33 2.48 20.24
C VAL C 206 51.84 3.26 21.44
N GLN C 207 51.70 4.57 21.39
CA GLN C 207 52.15 5.44 22.45
C GLN C 207 51.33 5.25 23.73
N ASN C 208 50.20 4.53 23.64
CA ASN C 208 49.36 4.29 24.81
C ASN C 208 49.57 2.91 25.45
N VAL C 209 50.36 2.05 24.78
CA VAL C 209 50.62 0.70 25.28
C VAL C 209 52.05 0.60 25.82
N HIS C 210 52.22 -0.18 26.89
CA HIS C 210 53.53 -0.33 27.53
C HIS C 210 54.27 -1.62 27.18
N THR C 211 53.62 -2.43 26.35
CA THR C 211 54.17 -3.70 25.89
C THR C 211 54.96 -3.56 24.57
N ARG C 212 55.87 -4.48 24.33
CA ARG C 212 56.63 -4.49 23.08
C ARG C 212 56.93 -5.92 22.67
N LEU C 213 57.16 -6.14 21.38
CA LEU C 213 57.48 -7.46 20.88
C LEU C 213 58.98 -7.73 20.79
N ASN C 214 59.35 -8.98 21.07
CA ASN C 214 60.73 -9.40 20.97
C ASN C 214 60.78 -10.59 20.05
N PHE C 215 61.73 -10.56 19.13
CA PHE C 215 61.93 -11.66 18.19
C PHE C 215 63.30 -12.27 18.47
N VAL C 216 63.33 -13.57 18.79
CA VAL C 216 64.57 -14.29 19.08
C VAL C 216 65.49 -14.39 17.86
N ARG C 217 64.90 -14.63 16.70
CA ARG C 217 65.66 -14.75 15.48
C ARG C 217 66.73 -15.85 15.48
N HIS C 218 67.72 -15.69 14.60
CA HIS C 218 68.83 -16.62 14.38
C HIS C 218 68.42 -18.10 14.41
N ARG C 219 67.48 -18.42 13.52
CA ARG C 219 66.93 -19.76 13.33
C ARG C 219 66.53 -20.44 14.62
N ASP C 220 66.36 -19.66 15.69
CA ASP C 220 65.96 -20.26 16.95
C ASP C 220 64.54 -20.81 16.82
N PRO C 221 64.23 -21.92 17.51
CA PRO C 221 62.89 -22.50 17.43
C PRO C 221 61.80 -21.49 17.78
N GLY C 222 62.14 -20.51 18.61
CA GLY C 222 61.18 -19.49 19.01
C GLY C 222 60.99 -18.42 17.95
N ALA C 223 61.69 -18.56 16.84
CA ALA C 223 61.60 -17.63 15.72
C ALA C 223 60.64 -18.24 14.70
N LEU C 224 60.00 -19.34 15.10
CA LEU C 224 59.07 -20.05 14.25
C LEU C 224 58.04 -19.17 13.55
N VAL C 225 57.92 -19.38 12.24
CA VAL C 225 56.95 -18.68 11.40
C VAL C 225 56.03 -19.75 10.82
N THR C 226 54.73 -19.54 10.96
CA THR C 226 53.75 -20.47 10.43
C THR C 226 53.22 -19.78 9.19
N TYR C 227 53.16 -20.51 8.09
CA TYR C 227 52.72 -19.94 6.83
C TYR C 227 51.32 -20.31 6.40
N SER C 228 50.75 -19.44 5.57
CA SER C 228 49.41 -19.65 5.01
C SER C 228 49.60 -19.78 3.49
N GLY C 229 48.64 -20.38 2.80
CA GLY C 229 48.78 -20.52 1.36
C GLY C 229 47.47 -20.59 0.61
N ALA C 230 47.53 -20.91 -0.68
CA ALA C 230 46.33 -20.99 -1.48
C ALA C 230 46.50 -21.92 -2.66
N ALA C 231 45.38 -22.38 -3.20
CA ALA C 231 45.40 -23.29 -4.34
C ALA C 231 44.10 -23.26 -5.12
N VAL C 232 44.18 -23.82 -6.32
CA VAL C 232 43.03 -23.90 -7.21
C VAL C 232 42.63 -25.37 -7.27
N LEU C 233 41.39 -25.69 -6.94
CA LEU C 233 40.93 -27.07 -6.98
C LEU C 233 40.95 -27.56 -8.42
N LYS C 234 41.11 -28.86 -8.60
CA LYS C 234 41.12 -29.43 -9.95
C LYS C 234 39.74 -29.21 -10.56
N SER C 235 38.70 -29.34 -9.74
CA SER C 235 37.31 -29.18 -10.17
C SER C 235 36.70 -27.86 -9.71
N SER C 236 37.13 -26.76 -10.31
CA SER C 236 36.62 -25.44 -9.95
C SER C 236 35.66 -24.88 -11.00
N GLN C 237 35.82 -25.32 -12.25
CA GLN C 237 35.02 -24.87 -13.38
C GLN C 237 35.56 -23.54 -13.88
N ASN C 238 35.68 -22.60 -12.94
CA ASN C 238 36.20 -21.26 -13.22
C ASN C 238 37.69 -21.21 -12.90
N LYS C 239 38.41 -22.25 -13.35
CA LYS C 239 39.84 -22.41 -13.12
C LYS C 239 40.76 -21.29 -13.63
N ASP C 240 40.32 -20.56 -14.67
CA ASP C 240 41.15 -19.48 -15.20
C ASP C 240 41.08 -18.26 -14.31
N GLU C 241 39.92 -18.05 -13.70
CA GLU C 241 39.70 -16.94 -12.78
C GLU C 241 40.30 -17.32 -11.43
N ALA C 242 39.94 -18.51 -10.94
CA ALA C 242 40.46 -19.00 -9.67
C ALA C 242 41.98 -18.88 -9.69
N LYS C 243 42.57 -19.06 -10.87
CA LYS C 243 44.02 -18.96 -11.04
C LYS C 243 44.53 -17.52 -10.96
N LYS C 244 43.78 -16.59 -11.55
CA LYS C 244 44.15 -15.19 -11.52
C LYS C 244 44.10 -14.72 -10.07
N PHE C 245 43.04 -15.13 -9.38
CA PHE C 245 42.83 -14.80 -7.98
C PHE C 245 44.05 -15.15 -7.14
N VAL C 246 44.54 -16.39 -7.25
CA VAL C 246 45.72 -16.79 -6.49
C VAL C 246 46.94 -16.02 -6.99
N ALA C 247 46.97 -15.74 -8.30
CA ALA C 247 48.06 -14.98 -8.89
C ALA C 247 48.03 -13.58 -8.27
N PHE C 248 46.86 -13.20 -7.78
CA PHE C 248 46.66 -11.90 -7.14
C PHE C 248 47.13 -11.96 -5.68
N LEU C 249 46.66 -12.96 -4.95
CA LEU C 249 47.01 -13.16 -3.54
C LEU C 249 48.52 -13.16 -3.33
N ALA C 250 49.25 -13.65 -4.35
CA ALA C 250 50.70 -13.71 -4.30
C ALA C 250 51.31 -12.47 -4.94
N GLY C 251 50.45 -11.71 -5.63
CA GLY C 251 50.89 -10.49 -6.30
C GLY C 251 51.02 -9.29 -5.37
N LYS C 252 51.83 -8.32 -5.79
CA LYS C 252 52.07 -7.10 -5.01
C LYS C 252 50.79 -6.38 -4.61
N GLU C 253 49.81 -6.33 -5.50
CA GLU C 253 48.54 -5.68 -5.21
C GLU C 253 47.79 -6.44 -4.11
N GLY C 254 47.72 -7.76 -4.23
CA GLY C 254 47.05 -8.58 -3.25
C GLY C 254 47.74 -8.62 -1.90
N GLN C 255 49.07 -8.75 -1.91
CA GLN C 255 49.86 -8.77 -0.69
C GLN C 255 49.53 -7.52 0.12
N ARG C 256 49.46 -6.40 -0.58
CA ARG C 256 49.17 -5.11 0.02
C ARG C 256 47.80 -5.06 0.69
N ALA C 257 46.76 -5.50 -0.02
CA ALA C 257 45.40 -5.51 0.50
C ALA C 257 45.32 -6.27 1.82
N LEU C 258 46.09 -7.34 1.91
CA LEU C 258 46.16 -8.14 3.12
C LEU C 258 47.07 -7.42 4.11
N THR C 259 48.20 -6.93 3.60
CA THR C 259 49.19 -6.21 4.39
C THR C 259 48.63 -4.92 5.01
N ALA C 260 47.42 -4.54 4.59
CA ALA C 260 46.78 -3.32 5.07
C ALA C 260 45.82 -3.53 6.24
N VAL C 261 45.30 -4.75 6.38
CA VAL C 261 44.33 -5.03 7.43
C VAL C 261 44.74 -6.12 8.44
N ARG C 262 45.71 -6.97 8.07
CA ARG C 262 46.18 -8.04 8.95
C ARG C 262 47.70 -8.03 9.10
N ALA C 263 48.17 -8.16 10.33
CA ALA C 263 49.61 -8.13 10.63
C ALA C 263 50.40 -9.42 10.33
N GLU C 264 50.31 -9.90 9.08
CA GLU C 264 51.05 -11.10 8.69
C GLU C 264 52.20 -10.71 7.76
N TYR C 265 53.34 -11.40 7.88
CA TYR C 265 54.50 -11.10 7.06
C TYR C 265 54.33 -11.42 5.58
N PRO C 266 54.41 -10.39 4.72
CA PRO C 266 54.27 -10.54 3.27
C PRO C 266 55.37 -11.41 2.70
N LEU C 267 55.03 -12.35 1.82
CA LEU C 267 56.06 -13.21 1.23
C LEU C 267 56.68 -12.57 -0.02
N ASN C 268 55.97 -11.59 -0.58
CA ASN C 268 56.46 -10.86 -1.73
C ASN C 268 57.43 -9.77 -1.23
N PRO C 269 58.72 -9.87 -1.59
CA PRO C 269 59.79 -8.95 -1.20
C PRO C 269 59.74 -7.48 -1.68
N HIS C 270 58.69 -7.11 -2.40
CA HIS C 270 58.53 -5.74 -2.87
C HIS C 270 57.44 -5.03 -2.07
N VAL C 271 56.80 -5.81 -1.20
CA VAL C 271 55.71 -5.30 -0.36
C VAL C 271 56.21 -4.80 0.99
N VAL C 272 55.64 -3.68 1.41
CA VAL C 272 55.95 -3.07 2.70
C VAL C 272 54.64 -3.16 3.48
N SER C 273 54.67 -3.79 4.64
CA SER C 273 53.47 -3.92 5.45
C SER C 273 53.00 -2.59 6.06
N THR C 274 51.70 -2.50 6.36
CA THR C 274 51.11 -1.31 6.97
C THR C 274 51.42 -1.36 8.47
N PHE C 275 51.88 -2.53 8.92
CA PHE C 275 52.25 -2.73 10.31
C PHE C 275 53.78 -2.66 10.41
N ASN C 276 54.28 -2.51 11.62
CA ASN C 276 55.72 -2.44 11.79
C ASN C 276 56.38 -3.83 11.81
N LEU C 277 56.31 -4.48 10.65
CA LEU C 277 56.85 -5.80 10.40
C LEU C 277 58.08 -5.66 9.51
N GLU C 278 59.21 -6.19 9.96
CA GLU C 278 60.44 -6.10 9.17
C GLU C 278 60.38 -7.13 8.02
N PRO C 279 61.41 -7.13 7.15
CA PRO C 279 61.39 -8.11 6.05
C PRO C 279 61.33 -9.50 6.66
N ILE C 280 60.40 -10.33 6.20
CA ILE C 280 60.30 -11.67 6.79
C ILE C 280 61.66 -12.36 6.88
N ALA C 281 62.41 -12.32 5.78
CA ALA C 281 63.73 -12.94 5.74
C ALA C 281 64.55 -12.54 6.96
N LYS C 282 64.42 -11.28 7.37
CA LYS C 282 65.18 -10.78 8.52
C LYS C 282 64.82 -11.40 9.87
N LEU C 283 63.67 -12.07 9.95
CA LEU C 283 63.27 -12.71 11.20
C LEU C 283 64.23 -13.82 11.54
N GLU C 284 64.81 -14.43 10.50
CA GLU C 284 65.74 -15.53 10.68
C GLU C 284 64.97 -16.69 11.27
N ALA C 285 63.80 -16.94 10.71
CA ALA C 285 62.98 -18.03 11.19
C ALA C 285 63.67 -19.33 10.76
N PRO C 286 63.54 -20.38 11.58
CA PRO C 286 64.18 -21.64 11.20
C PRO C 286 63.34 -22.33 10.15
N GLN C 287 63.94 -23.26 9.42
CA GLN C 287 63.20 -24.01 8.41
C GLN C 287 62.67 -25.27 9.09
N VAL C 288 61.36 -25.46 9.01
CA VAL C 288 60.71 -26.61 9.61
C VAL C 288 59.65 -27.12 8.62
N SER C 289 59.63 -28.43 8.41
CA SER C 289 58.68 -29.05 7.48
C SER C 289 57.24 -28.85 7.95
N ALA C 290 56.29 -29.19 7.07
CA ALA C 290 54.88 -29.05 7.40
C ALA C 290 54.52 -29.95 8.56
N THR C 291 53.50 -29.56 9.32
CA THR C 291 53.06 -30.35 10.45
C THR C 291 52.15 -31.47 9.98
N THR C 292 52.23 -32.61 10.66
CA THR C 292 51.40 -33.76 10.33
C THR C 292 50.52 -34.13 11.51
N VAL C 293 49.63 -35.09 11.28
CA VAL C 293 48.71 -35.60 12.30
C VAL C 293 49.48 -36.18 13.49
N SER C 294 50.44 -37.05 13.19
CA SER C 294 51.24 -37.68 14.24
C SER C 294 52.11 -36.66 14.94
N GLU C 295 52.44 -35.59 14.24
CA GLU C 295 53.26 -34.54 14.82
C GLU C 295 52.41 -33.76 15.85
N LYS C 296 51.13 -33.55 15.56
CA LYS C 296 50.24 -32.84 16.49
C LYS C 296 49.81 -33.79 17.62
N GLU C 297 49.67 -35.07 17.27
CA GLU C 297 49.29 -36.07 18.25
C GLU C 297 50.45 -36.20 19.24
N HIS C 298 51.67 -36.25 18.68
CA HIS C 298 52.92 -36.37 19.45
C HIS C 298 53.08 -35.21 20.42
N ALA C 299 52.90 -33.98 19.93
CA ALA C 299 53.03 -32.79 20.77
C ALA C 299 51.93 -32.76 21.82
N THR C 300 50.80 -33.37 21.49
CA THR C 300 49.67 -33.43 22.41
C THR C 300 50.02 -34.34 23.56
N ARG C 301 50.53 -35.53 23.25
CA ARG C 301 50.89 -36.50 24.27
C ARG C 301 51.96 -35.89 25.18
N LEU C 302 52.84 -35.07 24.60
CA LEU C 302 53.89 -34.39 25.36
C LEU C 302 53.25 -33.34 26.28
N LEU C 303 52.14 -32.77 25.82
CA LEU C 303 51.41 -31.75 26.57
C LEU C 303 50.81 -32.42 27.82
N GLU C 304 50.62 -33.74 27.74
CA GLU C 304 50.06 -34.52 28.82
C GLU C 304 51.16 -35.01 29.75
N GLN C 305 52.32 -35.35 29.20
CA GLN C 305 53.44 -35.81 30.02
C GLN C 305 53.97 -34.71 30.92
N ALA C 306 53.74 -33.46 30.50
CA ALA C 306 54.21 -32.30 31.24
C ALA C 306 53.19 -31.80 32.26
N GLY C 307 51.95 -32.25 32.12
CA GLY C 307 50.90 -31.84 33.05
C GLY C 307 50.01 -30.69 32.60
N MET C 308 50.28 -30.17 31.41
CA MET C 308 49.52 -29.04 30.86
C MET C 308 48.30 -29.49 30.05
N LYS C 309 48.51 -29.62 28.73
CA LYS C 309 47.49 -30.05 27.75
C LYS C 309 46.34 -29.05 27.54
N ASP D 1 59.67 18.81 -46.37
CA ASP D 1 60.07 19.12 -44.98
C ASP D 1 59.33 20.36 -44.47
N ILE D 2 58.35 20.14 -43.58
CA ILE D 2 57.60 21.25 -43.02
C ILE D 2 57.75 21.22 -41.51
N THR D 3 57.50 22.36 -40.87
CA THR D 3 57.60 22.47 -39.41
C THR D 3 56.22 22.73 -38.82
N VAL D 4 55.80 21.82 -37.94
CA VAL D 4 54.48 21.89 -37.32
C VAL D 4 54.47 22.17 -35.82
N TYR D 5 54.13 23.40 -35.43
CA TYR D 5 54.03 23.76 -34.01
C TYR D 5 52.82 22.98 -33.50
N ASN D 6 53.09 22.02 -32.62
CA ASN D 6 52.05 21.13 -32.13
C ASN D 6 51.54 21.33 -30.70
N GLY D 7 50.24 21.56 -30.58
CA GLY D 7 49.62 21.75 -29.29
C GLY D 7 48.84 20.50 -28.89
N GLN D 8 48.70 19.56 -29.83
CA GLN D 8 47.98 18.31 -29.59
C GLN D 8 48.87 17.35 -28.79
N HIS D 9 48.30 16.20 -28.43
CA HIS D 9 49.05 15.21 -27.68
C HIS D 9 50.20 14.73 -28.57
N LYS D 10 51.32 14.36 -27.96
CA LYS D 10 52.49 13.89 -28.69
C LYS D 10 52.18 12.75 -29.66
N GLU D 11 51.61 11.68 -29.12
CA GLU D 11 51.26 10.48 -29.89
C GLU D 11 50.48 10.78 -31.17
N ALA D 12 49.30 11.37 -31.03
CA ALA D 12 48.45 11.72 -32.18
C ALA D 12 49.23 12.53 -33.22
N ALA D 13 49.99 13.52 -32.77
CA ALA D 13 50.77 14.35 -33.67
C ALA D 13 51.75 13.51 -34.50
N GLN D 14 52.50 12.63 -33.83
CA GLN D 14 53.46 11.74 -34.48
C GLN D 14 52.72 10.81 -35.45
N ALA D 15 51.59 10.29 -35.01
CA ALA D 15 50.78 9.38 -35.82
C ALA D 15 50.32 9.96 -37.15
N VAL D 16 49.77 11.17 -37.11
CA VAL D 16 49.28 11.82 -38.31
C VAL D 16 50.44 12.37 -39.15
N ALA D 17 51.51 12.81 -38.47
CA ALA D 17 52.67 13.34 -39.17
C ALA D 17 53.29 12.23 -40.02
N ASP D 18 53.54 11.08 -39.41
CA ASP D 18 54.13 9.95 -40.12
C ASP D 18 53.21 9.47 -41.24
N ALA D 19 51.92 9.38 -40.96
CA ALA D 19 50.96 8.94 -41.95
C ALA D 19 50.97 9.91 -43.14
N PHE D 20 51.53 11.10 -42.93
CA PHE D 20 51.63 12.12 -43.96
C PHE D 20 52.87 11.89 -44.82
N THR D 21 54.01 11.72 -44.15
CA THR D 21 55.28 11.50 -44.83
C THR D 21 55.27 10.23 -45.68
N ARG D 22 54.47 9.25 -45.29
CA ARG D 22 54.37 7.99 -46.03
C ARG D 22 53.50 8.17 -47.28
N ALA D 23 52.44 8.96 -47.14
CA ALA D 23 51.52 9.20 -48.25
C ALA D 23 52.01 10.25 -49.24
N THR D 24 52.85 11.17 -48.79
CA THR D 24 53.36 12.25 -49.64
C THR D 24 54.89 12.31 -49.77
N GLY D 25 55.61 11.85 -48.75
CA GLY D 25 57.05 11.87 -48.81
C GLY D 25 57.61 13.13 -48.20
N ILE D 26 56.70 14.02 -47.82
CA ILE D 26 57.08 15.28 -47.20
C ILE D 26 57.36 14.98 -45.72
N LYS D 27 58.54 15.36 -45.26
CA LYS D 27 58.95 15.15 -43.88
C LYS D 27 58.17 16.10 -42.98
N VAL D 28 58.16 15.85 -41.67
CA VAL D 28 57.43 16.70 -40.73
C VAL D 28 58.12 16.85 -39.37
N LYS D 29 58.70 18.03 -39.13
CA LYS D 29 59.38 18.32 -37.86
C LYS D 29 58.34 18.88 -36.88
N LEU D 30 58.08 18.14 -35.80
CA LEU D 30 57.09 18.56 -34.81
C LEU D 30 57.68 19.23 -33.58
N ASN D 31 57.23 20.45 -33.31
CA ASN D 31 57.67 21.20 -32.14
C ASN D 31 56.48 21.18 -31.19
N SER D 32 56.54 20.31 -30.19
CA SER D 32 55.44 20.18 -29.22
C SER D 32 55.55 21.12 -28.02
N ALA D 33 54.38 21.55 -27.55
CA ALA D 33 54.27 22.45 -26.41
C ALA D 33 52.81 22.78 -26.16
N LYS D 34 52.54 23.58 -25.13
CA LYS D 34 51.18 23.98 -24.82
C LYS D 34 50.64 24.81 -25.99
N GLY D 35 49.38 24.59 -26.34
CA GLY D 35 48.77 25.31 -27.44
C GLY D 35 48.90 26.83 -27.33
N ASP D 36 48.52 27.37 -26.17
CA ASP D 36 48.59 28.81 -25.95
C ASP D 36 50.00 29.37 -25.94
N GLN D 37 50.96 28.62 -25.40
CA GLN D 37 52.33 29.11 -25.36
C GLN D 37 52.95 29.12 -26.77
N LEU D 38 52.53 28.18 -27.61
CA LEU D 38 53.02 28.11 -28.98
C LEU D 38 52.47 29.26 -29.82
N ALA D 39 51.22 29.62 -29.54
CA ALA D 39 50.54 30.71 -30.26
C ALA D 39 51.23 32.04 -29.95
N GLY D 40 51.61 32.21 -28.68
CA GLY D 40 52.28 33.44 -28.30
C GLY D 40 53.63 33.49 -28.97
N GLN D 41 54.24 32.30 -29.13
CA GLN D 41 55.54 32.19 -29.75
C GLN D 41 55.46 32.64 -31.19
N ILE D 42 54.40 32.25 -31.88
CA ILE D 42 54.25 32.66 -33.27
C ILE D 42 54.05 34.17 -33.37
N LYS D 43 53.38 34.73 -32.35
CA LYS D 43 53.14 36.16 -32.28
C LYS D 43 54.49 36.87 -32.14
N GLU D 44 55.25 36.46 -31.12
CA GLU D 44 56.58 37.03 -30.86
C GLU D 44 57.40 36.98 -32.15
N GLU D 45 57.49 35.78 -32.73
CA GLU D 45 58.26 35.55 -33.96
C GLU D 45 57.70 36.28 -35.19
N GLY D 46 56.38 36.53 -35.20
CA GLY D 46 55.78 37.22 -36.33
C GLY D 46 56.07 36.48 -37.62
N SER D 47 56.49 37.21 -38.65
CA SER D 47 56.81 36.58 -39.94
C SER D 47 58.27 36.11 -39.96
N ARG D 48 58.82 35.93 -38.76
CA ARG D 48 60.18 35.46 -38.59
C ARG D 48 60.06 34.07 -37.97
N SER D 49 58.82 33.65 -37.74
CA SER D 49 58.51 32.35 -37.15
C SER D 49 58.80 31.13 -38.00
N PRO D 50 59.62 30.21 -37.48
CA PRO D 50 60.00 28.99 -38.19
C PRO D 50 58.88 27.94 -38.18
N ALA D 51 57.64 28.42 -38.29
CA ALA D 51 56.47 27.54 -38.29
C ALA D 51 55.77 27.56 -39.63
N ASP D 52 55.43 26.36 -40.12
CA ASP D 52 54.73 26.22 -41.40
C ASP D 52 53.26 25.99 -41.13
N VAL D 53 52.97 25.21 -40.09
CA VAL D 53 51.58 24.95 -39.72
C VAL D 53 51.43 24.87 -38.20
N PHE D 54 50.27 25.30 -37.71
CA PHE D 54 50.00 25.25 -36.27
C PHE D 54 48.88 24.23 -36.04
N TYR D 55 49.22 23.17 -35.33
CA TYR D 55 48.31 22.06 -35.04
C TYR D 55 47.83 22.23 -33.61
N SER D 56 46.69 22.89 -33.45
CA SER D 56 46.19 23.14 -32.10
C SER D 56 45.12 22.20 -31.57
N GLU D 57 45.20 21.92 -30.28
CA GLU D 57 44.23 21.06 -29.62
C GLU D 57 43.05 21.90 -29.13
N GLN D 58 43.15 23.22 -29.33
CA GLN D 58 42.11 24.17 -28.93
C GLN D 58 41.91 25.23 -30.00
N ILE D 59 40.67 25.58 -30.29
CA ILE D 59 40.41 26.60 -31.31
C ILE D 59 40.80 28.02 -30.87
N PRO D 60 40.63 28.37 -29.58
CA PRO D 60 41.00 29.72 -29.14
C PRO D 60 42.40 30.15 -29.53
N ALA D 61 43.36 29.23 -29.47
CA ALA D 61 44.74 29.55 -29.83
C ALA D 61 44.78 29.94 -31.30
N LEU D 62 43.96 29.28 -32.09
CA LEU D 62 43.88 29.55 -33.52
C LEU D 62 43.19 30.88 -33.75
N ALA D 63 42.11 31.12 -33.00
CA ALA D 63 41.35 32.36 -33.12
C ALA D 63 42.26 33.56 -32.87
N THR D 64 43.14 33.43 -31.89
CA THR D 64 44.08 34.49 -31.56
C THR D 64 44.92 34.85 -32.78
N LEU D 65 45.55 33.83 -33.37
CA LEU D 65 46.41 34.03 -34.54
C LEU D 65 45.66 34.58 -35.75
N SER D 66 44.40 34.18 -35.89
CA SER D 66 43.57 34.65 -37.00
C SER D 66 43.37 36.15 -36.86
N ALA D 67 42.93 36.56 -35.69
CA ALA D 67 42.66 37.96 -35.38
C ALA D 67 43.92 38.80 -35.64
N ALA D 68 45.08 38.17 -35.48
CA ALA D 68 46.36 38.84 -35.70
C ALA D 68 46.82 38.77 -37.16
N ASN D 69 45.96 38.27 -38.04
CA ASN D 69 46.26 38.17 -39.46
C ASN D 69 47.59 37.46 -39.76
N LEU D 70 47.89 36.41 -39.00
CA LEU D 70 49.14 35.68 -39.18
C LEU D 70 48.96 34.31 -39.84
N LEU D 71 47.72 33.98 -40.19
CA LEU D 71 47.41 32.70 -40.82
C LEU D 71 47.02 32.85 -42.29
N GLU D 72 47.32 31.81 -43.07
CA GLU D 72 47.03 31.79 -44.50
C GLU D 72 45.62 31.28 -44.81
N PRO D 73 44.96 31.91 -45.79
CA PRO D 73 43.60 31.47 -46.13
C PRO D 73 43.71 30.04 -46.68
N LEU D 74 42.74 29.21 -46.36
CA LEU D 74 42.78 27.83 -46.81
C LEU D 74 41.79 27.48 -47.91
N PRO D 75 42.21 26.62 -48.86
CA PRO D 75 41.36 26.21 -49.98
C PRO D 75 39.97 25.82 -49.50
N ALA D 76 38.95 26.22 -50.26
CA ALA D 76 37.58 25.90 -49.91
C ALA D 76 37.45 24.38 -49.81
N SER D 77 38.13 23.68 -50.71
CA SER D 77 38.13 22.22 -50.78
C SER D 77 38.64 21.56 -49.49
N THR D 78 39.51 22.24 -48.76
CA THR D 78 40.05 21.70 -47.50
C THR D 78 39.02 21.89 -46.37
N ILE D 79 38.43 23.07 -46.32
CA ILE D 79 37.43 23.39 -45.30
C ILE D 79 36.14 22.59 -45.51
N ASN D 80 35.88 22.20 -46.75
CA ASN D 80 34.67 21.44 -47.09
C ASN D 80 34.71 20.04 -46.51
N GLU D 81 35.92 19.54 -46.30
CA GLU D 81 36.10 18.20 -45.79
C GLU D 81 35.51 17.96 -44.40
N THR D 82 35.79 18.85 -43.46
CA THR D 82 35.30 18.69 -42.11
C THR D 82 34.14 19.62 -41.77
N ARG D 83 33.51 20.16 -42.81
CA ARG D 83 32.38 21.07 -42.65
C ARG D 83 31.15 20.33 -42.13
N GLY D 84 30.43 20.95 -41.21
CA GLY D 84 29.24 20.32 -40.66
C GLY D 84 28.48 21.28 -39.76
N LYS D 85 27.17 21.08 -39.62
CA LYS D 85 26.39 21.97 -38.77
C LYS D 85 26.85 21.75 -37.33
N GLY D 86 27.38 22.81 -36.72
CA GLY D 86 27.86 22.71 -35.35
C GLY D 86 29.38 22.67 -35.31
N VAL D 87 30.00 22.40 -36.44
CA VAL D 87 31.46 22.34 -36.52
C VAL D 87 32.00 23.75 -36.75
N PRO D 88 32.83 24.24 -35.81
CA PRO D 88 33.46 25.58 -35.86
C PRO D 88 34.00 25.99 -37.23
N VAL D 89 33.51 27.13 -37.73
CA VAL D 89 33.96 27.65 -39.02
C VAL D 89 34.81 28.89 -38.81
N ALA D 90 35.95 28.95 -39.50
CA ALA D 90 36.86 30.08 -39.40
C ALA D 90 36.33 31.28 -40.18
N ALA D 91 36.36 32.45 -39.53
CA ALA D 91 35.90 33.69 -40.14
C ALA D 91 36.60 33.99 -41.46
N LYS D 92 37.90 34.28 -41.37
CA LYS D 92 38.68 34.62 -42.55
C LYS D 92 39.17 33.38 -43.29
N LYS D 93 38.46 32.26 -43.13
CA LYS D 93 38.81 30.98 -43.76
C LYS D 93 40.30 30.70 -43.61
N ASP D 94 40.84 30.90 -42.42
CA ASP D 94 42.26 30.68 -42.20
C ASP D 94 42.64 29.53 -41.27
N TRP D 95 41.64 28.73 -40.88
CA TRP D 95 41.88 27.54 -40.06
C TRP D 95 40.76 26.54 -40.29
N VAL D 96 41.07 25.28 -40.02
CA VAL D 96 40.12 24.19 -40.20
C VAL D 96 40.03 23.33 -38.95
N ALA D 97 38.80 22.95 -38.60
CA ALA D 97 38.52 22.09 -37.46
C ALA D 97 38.80 20.66 -37.94
N LEU D 98 39.30 19.80 -37.04
CA LEU D 98 39.65 18.44 -37.45
C LEU D 98 39.09 17.32 -36.60
N SER D 99 39.11 17.52 -35.28
CA SER D 99 38.62 16.51 -34.35
C SER D 99 37.84 17.16 -33.22
N GLY D 100 37.35 16.33 -32.31
CA GLY D 100 36.58 16.84 -31.18
C GLY D 100 36.65 15.92 -29.98
N ARG D 101 36.56 16.54 -28.79
CA ARG D 101 36.58 15.87 -27.49
C ARG D 101 35.21 16.08 -26.88
N SER D 102 34.67 15.06 -26.25
CA SER D 102 33.34 15.15 -25.68
C SER D 102 33.27 14.98 -24.16
N ARG D 103 32.42 15.78 -23.54
CA ARG D 103 32.16 15.65 -22.12
C ARG D 103 31.33 14.37 -22.03
N VAL D 104 31.53 13.59 -20.98
CA VAL D 104 30.79 12.34 -20.85
C VAL D 104 30.59 11.95 -19.39
N VAL D 105 29.64 11.04 -19.16
CA VAL D 105 29.37 10.54 -17.83
C VAL D 105 29.74 9.06 -17.82
N VAL D 106 30.81 8.72 -17.11
CA VAL D 106 31.23 7.33 -17.01
C VAL D 106 30.52 6.74 -15.79
N TYR D 107 29.85 5.60 -15.96
CA TYR D 107 29.14 4.99 -14.85
C TYR D 107 29.46 3.50 -14.65
N ASP D 108 29.19 3.01 -13.44
CA ASP D 108 29.43 1.62 -13.10
C ASP D 108 28.22 0.79 -13.49
N THR D 109 28.38 -0.07 -14.49
CA THR D 109 27.29 -0.92 -14.97
C THR D 109 26.73 -1.80 -13.85
N ARG D 110 27.61 -2.23 -12.94
CA ARG D 110 27.23 -3.07 -11.81
C ARG D 110 26.21 -2.42 -10.90
N LYS D 111 26.03 -1.11 -11.03
CA LYS D 111 25.05 -0.38 -10.20
C LYS D 111 24.13 0.51 -11.01
N LEU D 112 24.47 0.75 -12.27
CA LEU D 112 23.64 1.62 -13.10
C LEU D 112 23.42 1.13 -14.52
N SER D 113 22.35 1.64 -15.10
CA SER D 113 21.98 1.34 -16.48
C SER D 113 21.75 2.70 -17.15
N GLU D 114 22.00 2.75 -18.46
CA GLU D 114 21.85 3.99 -19.22
C GLU D 114 20.60 4.77 -18.83
N LYS D 115 19.53 4.04 -18.60
CA LYS D 115 18.23 4.60 -18.23
C LYS D 115 18.23 5.28 -16.86
N ASP D 116 19.18 4.92 -16.01
CA ASP D 116 19.26 5.49 -14.66
C ASP D 116 20.05 6.81 -14.61
N LEU D 117 20.70 7.16 -15.71
CA LEU D 117 21.48 8.40 -15.77
C LEU D 117 20.63 9.57 -16.22
N GLU D 118 20.82 10.71 -15.57
CA GLU D 118 20.07 11.93 -15.84
C GLU D 118 20.04 12.31 -17.32
N LYS D 119 18.94 12.95 -17.73
CA LYS D 119 18.76 13.40 -19.11
C LYS D 119 19.49 14.71 -19.38
N SER D 120 19.95 15.37 -18.31
CA SER D 120 20.69 16.63 -18.43
C SER D 120 21.78 16.67 -17.37
N VAL D 121 22.99 17.02 -17.78
CA VAL D 121 24.13 17.09 -16.87
C VAL D 121 23.84 18.05 -15.71
N LEU D 122 22.92 18.98 -15.93
CA LEU D 122 22.55 19.93 -14.90
C LEU D 122 21.88 19.26 -13.72
N ASN D 123 21.23 18.12 -13.98
CA ASN D 123 20.51 17.36 -12.95
C ASN D 123 21.33 16.59 -11.92
N TYR D 124 22.64 16.48 -12.15
CA TYR D 124 23.50 15.77 -11.22
C TYR D 124 23.75 16.54 -9.93
N ALA D 125 23.54 17.86 -9.99
CA ALA D 125 23.72 18.73 -8.83
C ALA D 125 22.46 18.66 -7.96
N THR D 126 22.19 17.49 -7.39
CA THR D 126 21.01 17.30 -6.56
C THR D 126 21.22 16.25 -5.46
N PRO D 127 20.37 16.26 -4.42
CA PRO D 127 20.47 15.29 -3.31
C PRO D 127 20.39 13.85 -3.78
N LYS D 128 19.78 13.64 -4.95
CA LYS D 128 19.63 12.31 -5.52
C LYS D 128 21.01 11.67 -5.73
N TRP D 129 21.95 12.47 -6.21
CA TRP D 129 23.30 12.00 -6.49
C TRP D 129 24.33 12.21 -5.38
N LYS D 130 23.84 12.46 -4.17
CA LYS D 130 24.73 12.64 -3.03
C LYS D 130 25.73 11.49 -2.96
N ASN D 131 27.01 11.82 -3.11
CA ASN D 131 28.09 10.83 -3.08
C ASN D 131 27.97 9.76 -4.16
N ARG D 132 27.22 10.07 -5.20
CA ARG D 132 26.99 9.16 -6.32
C ARG D 132 27.63 9.70 -7.59
N ILE D 133 28.10 10.94 -7.54
CA ILE D 133 28.70 11.55 -8.72
C ILE D 133 30.04 12.21 -8.44
N GLY D 134 31.01 11.94 -9.31
CA GLY D 134 32.33 12.51 -9.14
C GLY D 134 32.61 13.59 -10.17
N TYR D 135 33.51 14.51 -9.85
CA TYR D 135 33.88 15.58 -10.75
C TYR D 135 35.30 16.04 -10.43
N VAL D 136 35.99 16.58 -11.42
CA VAL D 136 37.36 17.03 -11.26
C VAL D 136 37.37 18.55 -11.39
N PRO D 137 37.27 19.25 -10.25
CA PRO D 137 37.24 20.73 -10.19
C PRO D 137 38.47 21.49 -10.69
N THR D 138 39.64 20.85 -10.70
CA THR D 138 40.86 21.52 -11.16
C THR D 138 41.10 21.30 -12.65
N SER D 139 40.33 20.39 -13.24
CA SER D 139 40.43 20.03 -14.66
C SER D 139 40.08 21.14 -15.66
N GLY D 140 40.87 21.21 -16.74
CA GLY D 140 40.62 22.22 -17.76
C GLY D 140 39.29 22.02 -18.46
N ALA D 141 38.94 20.77 -18.71
CA ALA D 141 37.68 20.41 -19.36
C ALA D 141 36.49 20.74 -18.47
N PHE D 142 36.65 20.57 -17.16
CA PHE D 142 35.57 20.90 -16.24
C PHE D 142 35.29 22.39 -16.31
N LEU D 143 36.34 23.20 -16.45
CA LEU D 143 36.19 24.66 -16.56
C LEU D 143 35.46 24.98 -17.85
N GLU D 144 35.78 24.26 -18.92
CA GLU D 144 35.12 24.48 -20.20
C GLU D 144 33.63 24.14 -20.07
N GLN D 145 33.31 23.15 -19.25
CA GLN D 145 31.92 22.74 -19.03
C GLN D 145 31.14 23.88 -18.38
N ILE D 146 31.80 24.56 -17.46
CA ILE D 146 31.19 25.69 -16.76
C ILE D 146 30.93 26.81 -17.78
N VAL D 147 31.97 27.16 -18.53
CA VAL D 147 31.88 28.19 -19.56
C VAL D 147 30.72 27.95 -20.52
N ALA D 148 30.49 26.69 -20.87
CA ALA D 148 29.40 26.35 -21.79
C ALA D 148 28.04 26.50 -21.12
N ILE D 149 27.94 26.07 -19.86
CA ILE D 149 26.67 26.17 -19.15
C ILE D 149 26.29 27.63 -19.01
N VAL D 150 27.30 28.49 -18.83
CA VAL D 150 27.05 29.92 -18.71
C VAL D 150 26.53 30.47 -20.03
N LYS D 151 27.16 30.08 -21.12
CA LYS D 151 26.76 30.51 -22.47
C LYS D 151 25.42 29.95 -22.92
N LEU D 152 25.13 28.72 -22.51
CA LEU D 152 23.89 28.06 -22.89
C LEU D 152 22.72 28.24 -21.94
N LYS D 153 22.99 28.48 -20.66
CA LYS D 153 21.91 28.61 -19.69
C LYS D 153 21.93 29.86 -18.82
N GLY D 154 23.05 30.58 -18.82
CA GLY D 154 23.13 31.78 -18.00
C GLY D 154 23.94 31.52 -16.76
N GLU D 155 24.48 32.58 -16.16
CA GLU D 155 25.30 32.46 -14.96
C GLU D 155 24.59 31.80 -13.78
N ALA D 156 23.31 32.11 -13.58
CA ALA D 156 22.57 31.52 -12.46
C ALA D 156 22.61 29.99 -12.50
N ALA D 157 22.30 29.41 -13.67
CA ALA D 157 22.32 27.96 -13.83
C ALA D 157 23.71 27.34 -13.57
N ALA D 158 24.77 28.01 -14.05
CA ALA D 158 26.13 27.52 -13.83
C ALA D 158 26.48 27.53 -12.33
N LEU D 159 26.14 28.60 -11.64
CA LEU D 159 26.42 28.69 -10.20
C LEU D 159 25.51 27.71 -9.44
N LYS D 160 24.30 27.54 -9.93
CA LYS D 160 23.33 26.63 -9.33
C LYS D 160 23.94 25.21 -9.33
N TRP D 161 24.48 24.84 -10.48
CA TRP D 161 25.13 23.55 -10.70
C TRP D 161 26.39 23.34 -9.85
N LEU D 162 27.29 24.33 -9.83
CA LEU D 162 28.53 24.22 -9.07
C LEU D 162 28.29 24.12 -7.58
N LYS D 163 27.30 24.88 -7.10
CA LYS D 163 26.97 24.84 -5.68
C LYS D 163 26.41 23.46 -5.33
N GLY D 164 25.59 22.91 -6.22
CA GLY D 164 25.03 21.58 -6.00
C GLY D 164 26.06 20.48 -6.06
N LEU D 165 26.98 20.51 -7.02
CA LEU D 165 28.02 19.49 -7.11
C LEU D 165 28.91 19.55 -5.87
N LYS D 166 29.19 20.76 -5.40
CA LYS D 166 30.03 20.96 -4.22
C LYS D 166 29.40 20.34 -2.98
N GLU D 167 28.08 20.50 -2.84
CA GLU D 167 27.37 19.96 -1.68
C GLU D 167 27.05 18.47 -1.75
N TYR D 168 26.77 17.97 -2.95
CA TYR D 168 26.42 16.57 -3.10
C TYR D 168 27.41 15.67 -3.82
N GLY D 169 28.21 16.24 -4.71
CA GLY D 169 29.15 15.42 -5.46
C GLY D 169 30.45 15.20 -4.74
N LYS D 170 31.30 14.35 -5.30
CA LYS D 170 32.59 14.07 -4.72
C LYS D 170 33.66 14.49 -5.71
N PRO D 171 34.62 15.32 -5.27
CA PRO D 171 35.72 15.81 -6.10
C PRO D 171 36.90 14.87 -6.15
N TYR D 172 37.57 14.83 -7.29
CA TYR D 172 38.75 13.99 -7.48
C TYR D 172 39.88 14.87 -7.99
N ALA D 173 41.12 14.45 -7.74
CA ALA D 173 42.30 15.21 -8.15
C ALA D 173 42.51 15.27 -9.66
N LYS D 174 42.18 14.19 -10.34
CA LYS D 174 42.34 14.12 -11.78
C LYS D 174 41.32 13.20 -12.45
N ASN D 175 41.13 13.36 -13.75
CA ASN D 175 40.16 12.53 -14.47
C ASN D 175 40.44 11.05 -14.31
N SER D 176 41.71 10.67 -14.49
CA SER D 176 42.12 9.28 -14.36
C SER D 176 41.70 8.69 -13.01
N VAL D 177 41.94 9.44 -11.94
CA VAL D 177 41.58 8.98 -10.59
C VAL D 177 40.06 8.86 -10.41
N ALA D 178 39.31 9.74 -11.07
CA ALA D 178 37.86 9.73 -11.00
C ALA D 178 37.33 8.51 -11.74
N LEU D 179 37.93 8.22 -12.89
CA LEU D 179 37.55 7.07 -13.69
C LEU D 179 37.83 5.78 -12.92
N GLN D 180 39.00 5.70 -12.28
CA GLN D 180 39.36 4.51 -11.53
C GLN D 180 38.44 4.33 -10.31
N ALA D 181 37.99 5.44 -9.74
CA ALA D 181 37.09 5.34 -8.60
C ALA D 181 35.80 4.65 -9.04
N VAL D 182 35.29 5.01 -10.22
CA VAL D 182 34.07 4.40 -10.76
C VAL D 182 34.32 2.94 -11.14
N GLU D 183 35.54 2.64 -11.58
CA GLU D 183 35.89 1.27 -11.95
C GLU D 183 35.99 0.42 -10.68
N ASN D 184 36.58 1.00 -9.62
CA ASN D 184 36.74 0.30 -8.35
C ASN D 184 35.45 0.24 -7.54
N GLY D 185 34.35 0.64 -8.16
CA GLY D 185 33.09 0.62 -7.45
C GLY D 185 33.10 1.56 -6.26
N GLU D 186 33.96 2.57 -6.29
CA GLU D 186 34.04 3.54 -5.21
C GLU D 186 32.92 4.58 -5.31
N ILE D 187 32.47 4.86 -6.53
CA ILE D 187 31.40 5.83 -6.76
C ILE D 187 30.59 5.45 -8.02
N ASP D 188 29.30 5.75 -8.01
CA ASP D 188 28.41 5.41 -9.12
C ASP D 188 28.75 5.97 -10.51
N ALA D 189 29.02 7.27 -10.57
CA ALA D 189 29.31 7.93 -11.85
C ALA D 189 30.27 9.09 -11.68
N ALA D 190 30.78 9.59 -12.80
CA ALA D 190 31.70 10.72 -12.78
C ALA D 190 31.69 11.46 -14.11
N LEU D 191 31.95 12.76 -14.03
CA LEU D 191 32.00 13.66 -15.18
C LEU D 191 33.47 13.68 -15.64
N ILE D 192 33.71 13.29 -16.88
CA ILE D 192 35.07 13.26 -17.40
C ILE D 192 35.06 13.52 -18.89
N ASN D 193 36.17 13.20 -19.54
CA ASN D 193 36.28 13.35 -20.99
C ASN D 193 36.24 11.94 -21.56
N ASN D 194 35.53 11.78 -22.67
CA ASN D 194 35.33 10.48 -23.32
C ASN D 194 36.56 9.62 -23.56
N TYR D 195 37.64 10.23 -24.04
CA TYR D 195 38.86 9.50 -24.37
C TYR D 195 39.56 8.77 -23.24
N TYR D 196 39.37 9.20 -22.00
CA TYR D 196 40.01 8.52 -20.90
C TYR D 196 39.48 7.08 -20.86
N TRP D 197 38.16 6.94 -20.95
CA TRP D 197 37.54 5.63 -20.91
C TRP D 197 37.98 4.80 -22.12
N HIS D 198 38.02 5.43 -23.28
CA HIS D 198 38.41 4.72 -24.51
C HIS D 198 39.85 4.21 -24.49
N ALA D 199 40.74 5.03 -23.94
CA ALA D 199 42.13 4.63 -23.85
C ALA D 199 42.27 3.49 -22.83
N PHE D 200 41.61 3.62 -21.69
CA PHE D 200 41.70 2.59 -20.64
C PHE D 200 41.16 1.24 -21.06
N ALA D 201 40.08 1.23 -21.84
CA ALA D 201 39.52 -0.02 -22.29
C ALA D 201 40.40 -0.65 -23.37
N ARG D 202 40.97 0.17 -24.24
CA ARG D 202 41.81 -0.36 -25.31
C ARG D 202 43.07 -1.03 -24.80
N GLU D 203 43.59 -0.55 -23.68
CA GLU D 203 44.82 -1.12 -23.13
C GLU D 203 44.59 -2.34 -22.24
N LYS D 204 43.39 -2.42 -21.66
CA LYS D 204 43.02 -3.51 -20.76
C LYS D 204 42.10 -4.56 -21.35
N GLY D 205 41.30 -4.15 -22.34
CA GLY D 205 40.34 -5.05 -22.96
C GLY D 205 38.97 -4.75 -22.37
N VAL D 206 38.08 -4.19 -23.18
CA VAL D 206 36.74 -3.81 -22.72
C VAL D 206 36.00 -4.91 -21.96
N GLN D 207 36.32 -6.16 -22.27
CA GLN D 207 35.66 -7.28 -21.64
C GLN D 207 35.95 -7.36 -20.15
N ASN D 208 37.03 -6.71 -19.72
CA ASN D 208 37.41 -6.72 -18.32
C ASN D 208 36.97 -5.50 -17.50
N VAL D 209 36.40 -4.52 -18.17
CA VAL D 209 35.94 -3.30 -17.51
C VAL D 209 34.42 -3.29 -17.34
N HIS D 210 33.94 -2.71 -16.24
CA HIS D 210 32.51 -2.64 -15.93
C HIS D 210 31.96 -1.23 -15.92
N THR D 211 32.80 -0.29 -16.32
CA THR D 211 32.41 1.11 -16.34
C THR D 211 32.06 1.41 -17.80
N ARG D 212 31.11 2.32 -18.03
CA ARG D 212 30.76 2.67 -19.40
C ARG D 212 30.39 4.12 -19.55
N LEU D 213 30.41 4.60 -20.80
CA LEU D 213 30.12 5.99 -21.11
C LEU D 213 28.68 6.26 -21.49
N ASN D 214 28.17 7.38 -20.98
CA ASN D 214 26.82 7.84 -21.24
C ASN D 214 26.92 9.23 -21.89
N PHE D 215 26.11 9.45 -22.93
CA PHE D 215 26.10 10.73 -23.63
C PHE D 215 24.69 11.30 -23.54
N VAL D 216 24.54 12.47 -22.93
CA VAL D 216 23.21 13.07 -22.79
C VAL D 216 22.57 13.50 -24.11
N ARG D 217 23.39 13.85 -25.10
CA ARG D 217 22.90 14.29 -26.41
C ARG D 217 21.87 15.41 -26.21
N HIS D 218 20.92 15.51 -27.13
CA HIS D 218 19.85 16.52 -27.06
C HIS D 218 20.34 17.96 -26.91
N ARG D 219 21.51 18.27 -27.47
CA ARG D 219 22.08 19.62 -27.39
C ARG D 219 22.21 20.13 -25.94
N ASP D 220 22.25 19.21 -24.96
CA ASP D 220 22.36 19.57 -23.55
C ASP D 220 23.77 20.12 -23.31
N PRO D 221 23.96 20.96 -22.26
CA PRO D 221 25.30 21.49 -22.02
C PRO D 221 26.29 20.35 -21.78
N GLY D 222 25.78 19.23 -21.29
CA GLY D 222 26.61 18.07 -21.00
C GLY D 222 27.07 17.30 -22.22
N ALA D 223 26.56 17.70 -23.38
CA ALA D 223 26.92 17.08 -24.66
C ALA D 223 28.03 17.90 -25.29
N LEU D 224 28.56 18.84 -24.50
CA LEU D 224 29.63 19.73 -24.93
C LEU D 224 30.77 19.05 -25.65
N VAL D 225 31.04 19.53 -26.87
CA VAL D 225 32.13 19.03 -27.69
C VAL D 225 33.13 20.18 -27.86
N THR D 226 34.41 19.88 -27.62
CA THR D 226 35.49 20.85 -27.76
C THR D 226 36.31 20.38 -28.96
N TYR D 227 36.53 21.26 -29.91
CA TYR D 227 37.25 20.90 -31.13
C TYR D 227 38.72 21.31 -31.26
N SER D 228 39.42 20.59 -32.13
CA SER D 228 40.83 20.85 -32.45
C SER D 228 40.88 21.25 -33.92
N GLY D 229 41.99 21.83 -34.35
CA GLY D 229 42.11 22.23 -35.74
C GLY D 229 43.54 22.63 -36.07
N ALA D 230 43.74 23.14 -37.27
CA ALA D 230 45.07 23.56 -37.66
C ALA D 230 44.96 24.65 -38.71
N ALA D 231 46.09 25.31 -38.94
CA ALA D 231 46.16 26.39 -39.90
C ALA D 231 47.58 26.51 -40.45
N VAL D 232 47.72 27.20 -41.58
CA VAL D 232 49.01 27.44 -42.18
C VAL D 232 49.33 28.91 -41.83
N LEU D 233 50.62 29.22 -41.62
CA LEU D 233 51.05 30.57 -41.29
C LEU D 233 51.42 31.38 -42.52
N LYS D 234 51.05 32.67 -42.52
CA LYS D 234 51.36 33.57 -43.63
C LYS D 234 52.86 33.68 -43.88
N SER D 235 53.65 33.44 -42.83
CA SER D 235 55.11 33.51 -42.92
C SER D 235 55.77 32.23 -43.48
N SER D 236 55.01 31.14 -43.48
CA SER D 236 55.48 29.84 -43.94
C SER D 236 56.25 29.84 -45.27
N GLN D 237 57.50 29.41 -45.19
CA GLN D 237 58.34 29.33 -46.38
C GLN D 237 57.92 28.16 -47.28
N ASN D 238 57.13 27.24 -46.72
CA ASN D 238 56.67 26.06 -47.46
C ASN D 238 55.15 25.93 -47.43
N LYS D 239 54.45 27.01 -47.73
CA LYS D 239 52.99 26.99 -47.71
C LYS D 239 52.45 25.98 -48.71
N ASP D 240 53.31 25.55 -49.61
CA ASP D 240 52.96 24.59 -50.65
C ASP D 240 52.55 23.26 -50.01
N GLU D 241 53.43 22.76 -49.14
CA GLU D 241 53.21 21.50 -48.42
C GLU D 241 52.40 21.74 -47.15
N ALA D 242 52.63 22.90 -46.52
CA ALA D 242 51.93 23.24 -45.31
C ALA D 242 50.44 23.07 -45.56
N LYS D 243 50.01 23.44 -46.76
CA LYS D 243 48.61 23.34 -47.15
C LYS D 243 48.21 21.90 -47.47
N LYS D 244 49.17 21.12 -47.97
CA LYS D 244 48.93 19.71 -48.30
C LYS D 244 48.74 18.94 -47.00
N PHE D 245 49.55 19.31 -46.01
CA PHE D 245 49.48 18.70 -44.69
C PHE D 245 48.13 19.01 -44.08
N VAL D 246 47.73 20.27 -44.14
CA VAL D 246 46.43 20.70 -43.61
C VAL D 246 45.32 20.03 -44.42
N ALA D 247 45.59 19.82 -45.72
CA ALA D 247 44.61 19.18 -46.58
C ALA D 247 44.49 17.71 -46.15
N PHE D 248 45.63 17.14 -45.78
CA PHE D 248 45.73 15.75 -45.31
C PHE D 248 44.94 15.53 -44.02
N LEU D 249 45.21 16.38 -43.03
CA LEU D 249 44.57 16.30 -41.73
C LEU D 249 43.05 16.38 -41.78
N ALA D 250 42.52 17.08 -42.78
CA ALA D 250 41.08 17.22 -42.92
C ALA D 250 40.49 16.14 -43.86
N GLY D 251 41.34 15.57 -44.70
CA GLY D 251 40.88 14.55 -45.63
C GLY D 251 41.04 13.11 -45.17
N LYS D 252 40.06 12.30 -45.57
CA LYS D 252 39.98 10.86 -45.28
C LYS D 252 41.22 10.13 -44.73
N GLU D 253 42.33 10.14 -45.46
CA GLU D 253 43.56 9.45 -45.05
C GLU D 253 44.22 9.98 -43.78
N GLY D 254 44.11 11.28 -43.53
CA GLY D 254 44.73 11.87 -42.34
C GLY D 254 43.79 11.84 -41.14
N GLN D 255 42.50 11.86 -41.43
CA GLN D 255 41.47 11.80 -40.41
C GLN D 255 41.44 10.38 -39.85
N ARG D 256 41.92 9.46 -40.68
CA ARG D 256 41.98 8.06 -40.33
C ARG D 256 43.25 7.76 -39.52
N ALA D 257 44.35 8.41 -39.88
CA ALA D 257 45.62 8.21 -39.17
C ALA D 257 45.49 8.68 -37.73
N LEU D 258 44.73 9.76 -37.53
CA LEU D 258 44.53 10.31 -36.20
C LEU D 258 43.60 9.46 -35.34
N THR D 259 42.45 9.07 -35.91
CA THR D 259 41.47 8.29 -35.17
C THR D 259 41.88 6.83 -34.97
N ALA D 260 43.16 6.55 -35.24
CA ALA D 260 43.69 5.21 -35.07
C ALA D 260 44.53 5.18 -33.80
N VAL D 261 44.94 6.36 -33.34
CA VAL D 261 45.75 6.49 -32.13
C VAL D 261 45.12 7.30 -30.99
N ARG D 262 44.32 8.31 -31.32
CA ARG D 262 43.67 9.10 -30.27
C ARG D 262 42.17 8.91 -30.36
N ALA D 263 41.51 8.82 -29.20
CA ALA D 263 40.07 8.59 -29.14
C ALA D 263 39.13 9.80 -29.20
N GLU D 264 39.33 10.69 -30.16
CA GLU D 264 38.43 11.83 -30.30
C GLU D 264 37.72 11.66 -31.64
N TYR D 265 36.54 12.28 -31.76
CA TYR D 265 35.71 12.18 -32.96
C TYR D 265 36.19 12.78 -34.26
N PRO D 266 35.96 12.08 -35.37
CA PRO D 266 36.36 12.53 -36.70
C PRO D 266 35.32 13.53 -37.19
N LEU D 267 35.77 14.60 -37.86
CA LEU D 267 34.86 15.60 -38.40
C LEU D 267 34.53 15.33 -39.87
N ASN D 268 35.37 14.53 -40.51
CA ASN D 268 35.16 14.14 -41.91
C ASN D 268 34.20 12.94 -41.90
N PRO D 269 32.96 13.11 -42.43
CA PRO D 269 31.94 12.06 -42.48
C PRO D 269 32.30 10.76 -43.17
N HIS D 270 33.47 10.69 -43.78
CA HIS D 270 33.89 9.48 -44.47
C HIS D 270 34.77 8.57 -43.62
N VAL D 271 35.13 9.05 -42.43
CA VAL D 271 35.98 8.31 -41.52
C VAL D 271 35.25 7.59 -40.37
N VAL D 272 35.59 6.31 -40.17
CA VAL D 272 35.03 5.53 -39.09
C VAL D 272 36.18 5.35 -38.08
N SER D 273 35.94 5.68 -36.83
CA SER D 273 36.98 5.57 -35.80
C SER D 273 37.35 4.14 -35.43
N THR D 274 38.60 3.94 -35.00
CA THR D 274 39.06 2.63 -34.59
C THR D 274 38.54 2.37 -33.17
N PHE D 275 38.05 3.42 -32.54
CA PHE D 275 37.48 3.33 -31.20
C PHE D 275 35.98 3.28 -31.46
N ASN D 276 35.18 2.82 -30.49
CA ASN D 276 33.74 2.75 -30.72
C ASN D 276 33.00 4.07 -30.54
N LEU D 277 33.20 4.95 -31.52
CA LEU D 277 32.59 6.26 -31.52
C LEU D 277 31.56 6.36 -32.65
N GLU D 278 30.41 6.94 -32.35
CA GLU D 278 29.42 7.12 -33.39
C GLU D 278 29.78 8.41 -34.10
N PRO D 279 29.14 8.71 -35.24
CA PRO D 279 29.48 9.96 -35.94
C PRO D 279 29.15 11.12 -35.00
N ILE D 280 29.96 12.17 -35.04
CA ILE D 280 29.74 13.34 -34.15
C ILE D 280 28.32 13.87 -34.17
N ALA D 281 27.73 13.94 -35.36
CA ALA D 281 26.37 14.47 -35.48
C ALA D 281 25.40 13.75 -34.55
N LYS D 282 25.71 12.49 -34.22
CA LYS D 282 24.86 11.68 -33.36
C LYS D 282 24.92 12.07 -31.88
N LEU D 283 25.98 12.78 -31.50
CA LEU D 283 26.14 13.24 -30.12
C LEU D 283 25.21 14.41 -29.80
N GLU D 284 24.76 15.09 -30.85
CA GLU D 284 23.87 16.23 -30.72
C GLU D 284 24.46 17.26 -29.76
N ALA D 285 25.68 17.68 -30.09
CA ALA D 285 26.41 18.66 -29.29
C ALA D 285 25.79 20.05 -29.39
N PRO D 286 25.88 20.83 -28.30
CA PRO D 286 25.32 22.19 -28.27
C PRO D 286 26.33 23.17 -28.87
N GLN D 287 25.92 23.96 -29.85
CA GLN D 287 26.87 24.91 -30.42
C GLN D 287 27.22 25.98 -29.40
N VAL D 288 28.51 26.19 -29.23
CA VAL D 288 29.00 27.19 -28.31
C VAL D 288 30.12 27.92 -29.00
N SER D 289 30.28 29.20 -28.67
CA SER D 289 31.32 30.01 -29.27
C SER D 289 32.67 29.63 -28.66
N ALA D 290 33.75 30.03 -29.34
CA ALA D 290 35.09 29.73 -28.84
C ALA D 290 35.23 30.29 -27.43
N THR D 291 35.97 29.59 -26.58
CA THR D 291 36.17 30.06 -25.21
C THR D 291 37.22 31.17 -25.19
N THR D 292 36.90 32.25 -24.48
CA THR D 292 37.79 33.40 -24.37
C THR D 292 38.48 33.39 -23.02
N VAL D 293 39.47 34.25 -22.86
CA VAL D 293 40.20 34.35 -21.62
C VAL D 293 39.30 34.92 -20.52
N SER D 294 38.43 35.84 -20.87
CA SER D 294 37.52 36.41 -19.89
C SER D 294 36.48 35.38 -19.43
N GLU D 295 36.07 34.52 -20.36
CA GLU D 295 35.10 33.48 -20.03
C GLU D 295 35.72 32.54 -18.99
N LYS D 296 37.03 32.28 -19.14
CA LYS D 296 37.76 31.43 -18.20
C LYS D 296 37.87 32.10 -16.84
N GLU D 297 38.16 33.41 -16.82
CA GLU D 297 38.27 34.11 -15.54
C GLU D 297 36.90 34.16 -14.85
N HIS D 298 35.85 34.40 -15.62
CA HIS D 298 34.50 34.42 -15.06
C HIS D 298 34.19 33.02 -14.51
N ALA D 299 34.50 31.99 -15.29
CA ALA D 299 34.24 30.61 -14.88
C ALA D 299 34.98 30.30 -13.58
N THR D 300 36.24 30.73 -13.50
CA THR D 300 37.08 30.51 -12.32
C THR D 300 36.52 31.25 -11.10
N ARG D 301 35.96 32.44 -11.33
CA ARG D 301 35.36 33.20 -10.24
C ARG D 301 34.19 32.38 -9.69
N LEU D 302 33.41 31.79 -10.59
CA LEU D 302 32.27 30.96 -10.18
C LEU D 302 32.77 29.76 -9.38
N LEU D 303 33.97 29.26 -9.70
CA LEU D 303 34.55 28.13 -8.96
C LEU D 303 34.74 28.52 -7.51
N GLU D 304 35.37 29.68 -7.29
CA GLU D 304 35.61 30.18 -5.95
C GLU D 304 34.30 30.47 -5.24
N GLN D 305 33.31 30.97 -5.99
CA GLN D 305 31.98 31.26 -5.41
C GLN D 305 31.30 29.97 -4.96
N ALA D 306 31.58 28.87 -5.66
CA ALA D 306 30.98 27.59 -5.30
C ALA D 306 31.85 26.92 -4.24
N GLY D 307 32.93 27.59 -3.85
CA GLY D 307 33.82 27.07 -2.85
C GLY D 307 34.65 25.87 -3.30
N MET D 308 34.76 25.69 -4.62
CA MET D 308 35.53 24.58 -5.16
C MET D 308 36.98 24.97 -5.33
N LYS D 309 37.30 26.21 -5.01
CA LYS D 309 38.67 26.70 -5.11
C LYS D 309 38.99 27.61 -3.93
N ASP E 1 58.89 11.03 37.18
CA ASP E 1 58.64 10.65 38.60
C ASP E 1 57.92 11.81 39.29
N ILE E 2 57.17 11.50 40.34
CA ILE E 2 56.45 12.53 41.07
C ILE E 2 56.54 12.33 42.57
N THR E 3 56.38 13.42 43.31
CA THR E 3 56.41 13.36 44.76
C THR E 3 55.00 13.69 45.25
N VAL E 4 54.44 12.78 46.02
CA VAL E 4 53.10 12.96 46.56
C VAL E 4 53.14 13.21 48.05
N TYR E 5 52.64 14.38 48.45
CA TYR E 5 52.54 14.74 49.87
C TYR E 5 51.34 13.94 50.36
N ASN E 6 51.61 12.93 51.17
CA ASN E 6 50.57 12.05 51.67
C ASN E 6 50.04 12.31 53.07
N GLY E 7 48.77 12.68 53.15
CA GLY E 7 48.13 12.92 54.43
C GLY E 7 47.34 11.69 54.83
N GLN E 8 47.18 10.76 53.91
CA GLN E 8 46.44 9.53 54.21
C GLN E 8 47.31 8.45 54.86
N HIS E 9 46.68 7.39 55.33
CA HIS E 9 47.42 6.31 55.98
C HIS E 9 48.47 5.76 54.99
N LYS E 10 49.70 5.64 55.48
CA LYS E 10 50.85 5.17 54.69
C LYS E 10 50.58 3.90 53.88
N GLU E 11 49.90 2.94 54.48
CA GLU E 11 49.59 1.68 53.82
C GLU E 11 48.67 1.91 52.61
N ALA E 12 47.70 2.80 52.78
CA ALA E 12 46.75 3.14 51.73
C ALA E 12 47.46 3.80 50.56
N ALA E 13 48.26 4.82 50.88
CA ALA E 13 48.99 5.54 49.85
C ALA E 13 49.99 4.64 49.13
N GLN E 14 50.59 3.71 49.86
CA GLN E 14 51.56 2.78 49.26
C GLN E 14 50.90 1.86 48.23
N ALA E 15 49.75 1.29 48.59
CA ALA E 15 49.02 0.38 47.69
C ALA E 15 48.68 1.08 46.37
N VAL E 16 48.18 2.30 46.46
CA VAL E 16 47.82 3.08 45.29
C VAL E 16 49.04 3.56 44.49
N ALA E 17 50.12 3.93 45.18
CA ALA E 17 51.32 4.41 44.50
C ALA E 17 51.99 3.23 43.77
N ASP E 18 52.13 2.11 44.47
CA ASP E 18 52.74 0.94 43.84
C ASP E 18 51.88 0.49 42.65
N ALA E 19 50.57 0.53 42.82
CA ALA E 19 49.66 0.15 41.74
C ALA E 19 49.86 1.07 40.54
N PHE E 20 49.99 2.36 40.81
CA PHE E 20 50.19 3.38 39.78
C PHE E 20 51.47 3.13 39.01
N THR E 21 52.53 2.85 39.75
CA THR E 21 53.83 2.59 39.15
C THR E 21 53.78 1.32 38.29
N ARG E 22 52.96 0.35 38.65
CA ARG E 22 52.85 -0.87 37.84
C ARG E 22 52.15 -0.61 36.51
N ALA E 23 51.12 0.23 36.56
CA ALA E 23 50.34 0.56 35.38
C ALA E 23 51.00 1.58 34.45
N THR E 24 51.81 2.46 35.01
CA THR E 24 52.43 3.52 34.23
C THR E 24 53.96 3.49 34.14
N GLY E 25 54.60 2.95 35.16
CA GLY E 25 56.07 2.93 35.19
C GLY E 25 56.60 4.18 35.87
N ILE E 26 55.66 5.06 36.25
CA ILE E 26 56.00 6.32 36.91
C ILE E 26 56.25 6.09 38.40
N LYS E 27 57.41 6.52 38.89
CA LYS E 27 57.71 6.36 40.31
C LYS E 27 57.03 7.44 41.14
N VAL E 28 56.83 7.13 42.41
CA VAL E 28 56.18 8.07 43.32
C VAL E 28 56.99 8.10 44.61
N LYS E 29 57.27 9.29 45.12
CA LYS E 29 57.97 9.44 46.38
C LYS E 29 56.85 9.82 47.34
N LEU E 30 56.78 9.16 48.49
CA LEU E 30 55.74 9.50 49.44
C LEU E 30 56.28 10.26 50.63
N ASN E 31 55.79 11.48 50.79
CA ASN E 31 56.17 12.34 51.90
C ASN E 31 54.92 12.29 52.77
N SER E 32 54.92 11.39 53.75
CA SER E 32 53.76 11.21 54.61
C SER E 32 53.81 11.90 55.97
N ALA E 33 52.69 12.52 56.33
CA ALA E 33 52.57 13.22 57.61
C ALA E 33 51.11 13.61 57.76
N LYS E 34 50.80 14.40 58.77
CA LYS E 34 49.43 14.84 58.96
C LYS E 34 49.06 15.80 57.84
N GLY E 35 47.98 15.49 57.13
CA GLY E 35 47.51 16.30 56.01
C GLY E 35 47.48 17.80 56.20
N ASP E 36 47.57 18.25 57.46
CA ASP E 36 47.56 19.69 57.76
C ASP E 36 48.96 20.25 57.72
N GLN E 37 49.90 19.54 58.33
CA GLN E 37 51.29 19.98 58.34
C GLN E 37 51.85 19.89 56.92
N LEU E 38 51.15 19.15 56.07
CA LEU E 38 51.56 18.99 54.69
C LEU E 38 51.00 20.17 53.90
N ALA E 39 49.79 20.59 54.25
CA ALA E 39 49.15 21.74 53.60
C ALA E 39 49.87 22.95 54.15
N GLY E 40 50.39 22.81 55.37
CA GLY E 40 51.13 23.88 55.99
C GLY E 40 52.43 24.10 55.25
N GLN E 41 53.14 23.02 54.93
CA GLN E 41 54.38 23.13 54.19
C GLN E 41 54.11 23.75 52.83
N ILE E 42 53.31 23.08 52.03
CA ILE E 42 52.98 23.55 50.70
C ILE E 42 52.99 25.09 50.63
N LYS E 43 52.36 25.73 51.61
CA LYS E 43 52.30 27.19 51.65
C LYS E 43 53.61 27.85 52.11
N GLU E 44 54.31 27.22 53.05
CA GLU E 44 55.56 27.76 53.56
C GLU E 44 56.68 27.73 52.53
N GLU E 45 56.74 26.64 51.74
CA GLU E 45 57.77 26.53 50.71
C GLU E 45 57.36 27.31 49.46
N GLY E 46 56.37 28.18 49.63
CA GLY E 46 55.87 29.01 48.55
C GLY E 46 55.49 28.27 47.28
N SER E 47 56.13 28.67 46.18
CA SER E 47 55.88 28.07 44.88
C SER E 47 57.01 27.15 44.45
N ARG E 48 57.94 26.89 45.36
CA ARG E 48 59.08 26.03 45.09
C ARG E 48 58.83 24.61 45.59
N SER E 49 57.73 24.43 46.30
CA SER E 49 57.35 23.12 46.84
C SER E 49 57.66 22.00 45.86
N PRO E 50 58.21 20.88 46.36
CA PRO E 50 58.55 19.72 45.51
C PRO E 50 57.29 18.90 45.26
N ALA E 51 56.26 19.18 46.05
CA ALA E 51 54.98 18.49 45.96
C ALA E 51 54.32 18.60 44.59
N ASP E 52 53.97 17.44 44.01
CA ASP E 52 53.29 17.39 42.72
C ASP E 52 51.81 17.18 42.98
N VAL E 53 51.53 16.29 43.94
CA VAL E 53 50.16 15.94 44.32
C VAL E 53 49.93 16.03 45.83
N PHE E 54 48.70 16.36 46.22
CA PHE E 54 48.35 16.41 47.63
C PHE E 54 47.25 15.36 47.81
N TYR E 55 47.58 14.28 48.51
CA TYR E 55 46.66 13.16 48.76
C TYR E 55 46.29 13.22 50.23
N SER E 56 45.14 13.80 50.53
CA SER E 56 44.76 13.95 51.92
C SER E 56 43.52 13.22 52.39
N GLU E 57 43.50 12.93 53.68
CA GLU E 57 42.40 12.23 54.33
C GLU E 57 41.30 13.23 54.68
N GLN E 58 41.65 14.52 54.64
CA GLN E 58 40.71 15.59 54.98
C GLN E 58 40.42 16.54 53.81
N ILE E 59 39.15 16.76 53.52
CA ILE E 59 38.78 17.67 52.45
C ILE E 59 39.20 19.11 52.84
N PRO E 60 38.97 19.52 54.10
CA PRO E 60 39.34 20.86 54.56
C PRO E 60 40.75 21.31 54.16
N ALA E 61 41.72 20.40 54.26
CA ALA E 61 43.10 20.70 53.90
C ALA E 61 43.14 21.10 52.42
N LEU E 62 42.41 20.37 51.59
CA LEU E 62 42.36 20.67 50.16
C LEU E 62 41.65 22.01 49.94
N ALA E 63 40.57 22.24 50.71
CA ALA E 63 39.78 23.47 50.60
C ALA E 63 40.62 24.68 50.95
N THR E 64 41.49 24.53 51.94
CA THR E 64 42.36 25.61 52.37
C THR E 64 43.32 25.98 51.24
N LEU E 65 43.92 24.96 50.64
CA LEU E 65 44.88 25.18 49.57
C LEU E 65 44.20 25.68 48.31
N SER E 66 42.90 25.40 48.21
CA SER E 66 42.11 25.83 47.07
C SER E 66 41.83 27.33 47.18
N ALA E 67 41.53 27.77 48.39
CA ALA E 67 41.25 29.18 48.64
C ALA E 67 42.51 29.98 48.29
N ALA E 68 43.67 29.40 48.60
CA ALA E 68 44.96 30.03 48.34
C ALA E 68 45.43 29.89 46.87
N ASN E 69 44.57 29.38 45.99
CA ASN E 69 44.91 29.22 44.57
C ASN E 69 46.21 28.46 44.31
N LEU E 70 46.43 27.38 45.06
CA LEU E 70 47.64 26.59 44.92
C LEU E 70 47.40 25.27 44.19
N LEU E 71 46.14 24.97 43.91
CA LEU E 71 45.76 23.74 43.22
C LEU E 71 45.43 23.98 41.74
N GLU E 72 45.77 23.00 40.91
CA GLU E 72 45.51 23.09 39.47
C GLU E 72 44.18 22.41 39.17
N PRO E 73 43.34 23.05 38.33
CA PRO E 73 42.03 22.50 37.95
C PRO E 73 42.13 21.16 37.21
N LEU E 74 41.16 20.27 37.43
CA LEU E 74 41.17 18.95 36.83
C LEU E 74 40.13 18.77 35.74
N PRO E 75 40.44 17.95 34.71
CA PRO E 75 39.46 17.75 33.64
C PRO E 75 38.16 17.13 34.19
N ALA E 76 37.05 17.35 33.50
CA ALA E 76 35.76 16.82 33.95
C ALA E 76 35.81 15.33 34.20
N SER E 77 36.41 14.60 33.26
CA SER E 77 36.53 13.14 33.33
C SER E 77 36.99 12.63 34.70
N THR E 78 38.09 13.19 35.21
CA THR E 78 38.62 12.79 36.51
C THR E 78 37.62 13.06 37.61
N ILE E 79 36.88 14.16 37.49
CA ILE E 79 35.92 14.48 38.52
C ILE E 79 34.64 13.67 38.37
N ASN E 80 34.28 13.36 37.12
CA ASN E 80 33.07 12.60 36.87
C ASN E 80 33.14 11.18 37.42
N GLU E 81 34.34 10.63 37.48
CA GLU E 81 34.53 9.26 37.97
C GLU E 81 33.99 8.97 39.36
N THR E 82 34.05 9.96 40.24
CA THR E 82 33.56 9.79 41.61
C THR E 82 32.39 10.71 41.88
N ARG E 83 31.94 11.41 40.83
CA ARG E 83 30.84 12.37 40.92
C ARG E 83 29.48 11.76 41.23
N GLY E 84 29.19 11.61 42.52
CA GLY E 84 27.94 11.03 42.94
C GLY E 84 27.13 12.01 43.77
N LYS E 85 25.91 11.62 44.13
CA LYS E 85 25.01 12.46 44.92
C LYS E 85 25.48 12.51 46.36
N GLY E 86 25.58 13.71 46.91
CA GLY E 86 26.05 13.88 48.27
C GLY E 86 27.55 13.97 48.33
N VAL E 87 28.21 13.46 47.29
CA VAL E 87 29.67 13.49 47.22
C VAL E 87 30.14 14.93 47.09
N PRO E 88 31.18 15.31 47.85
CA PRO E 88 31.74 16.67 47.81
C PRO E 88 32.36 17.02 46.46
N VAL E 89 32.02 18.20 45.95
CA VAL E 89 32.54 18.70 44.67
C VAL E 89 33.27 20.02 44.89
N ALA E 90 34.42 20.18 44.24
CA ALA E 90 35.19 21.41 44.37
C ALA E 90 34.58 22.49 43.48
N ALA E 91 34.21 23.62 44.08
CA ALA E 91 33.61 24.72 43.32
C ALA E 91 34.53 25.14 42.18
N LYS E 92 35.83 25.10 42.45
CA LYS E 92 36.84 25.47 41.48
C LYS E 92 37.38 24.27 40.69
N LYS E 93 36.75 23.11 40.87
CA LYS E 93 37.14 21.88 40.16
C LYS E 93 38.65 21.63 40.23
N ASP E 94 39.24 21.89 41.40
CA ASP E 94 40.68 21.74 41.59
C ASP E 94 41.10 20.64 42.57
N TRP E 95 40.15 19.78 42.92
CA TRP E 95 40.40 18.63 43.78
C TRP E 95 39.27 17.65 43.55
N VAL E 96 39.54 16.37 43.84
CA VAL E 96 38.54 15.33 43.64
C VAL E 96 38.40 14.49 44.89
N ALA E 97 37.16 14.15 45.22
CA ALA E 97 36.87 13.31 46.38
C ALA E 97 37.19 11.89 45.93
N LEU E 98 37.67 11.02 46.84
CA LEU E 98 38.05 9.66 46.44
C LEU E 98 37.48 8.47 47.25
N SER E 99 37.26 8.66 48.55
CA SER E 99 36.75 7.59 49.40
C SER E 99 36.13 8.13 50.67
N GLY E 100 35.32 7.30 51.33
CA GLY E 100 34.68 7.75 52.55
C GLY E 100 34.83 6.82 53.75
N ARG E 101 34.71 7.39 54.93
CA ARG E 101 34.81 6.67 56.19
C ARG E 101 33.48 6.94 56.88
N SER E 102 32.93 5.92 57.53
CA SER E 102 31.63 6.03 58.18
C SER E 102 31.64 5.90 59.68
N ARG E 103 30.75 6.66 60.32
CA ARG E 103 30.55 6.60 61.76
C ARG E 103 29.68 5.36 61.90
N VAL E 104 29.91 4.56 62.93
CA VAL E 104 29.13 3.33 63.13
C VAL E 104 28.95 2.99 64.61
N VAL E 105 28.03 2.07 64.86
CA VAL E 105 27.84 1.61 66.22
C VAL E 105 28.28 0.16 66.19
N VAL E 106 29.34 -0.15 66.94
CA VAL E 106 29.79 -1.53 67.02
C VAL E 106 29.07 -2.09 68.27
N TYR E 107 28.47 -3.27 68.14
CA TYR E 107 27.76 -3.84 69.27
C TYR E 107 28.05 -5.33 69.54
N ASP E 108 27.75 -5.75 70.77
CA ASP E 108 27.94 -7.12 71.20
C ASP E 108 26.79 -8.00 70.68
N THR E 109 27.09 -8.93 69.77
CA THR E 109 26.04 -9.79 69.22
C THR E 109 25.63 -10.91 70.16
N ARG E 110 26.43 -11.13 71.21
CA ARG E 110 26.14 -12.14 72.21
C ARG E 110 24.96 -11.65 73.03
N LYS E 111 24.78 -10.33 73.07
CA LYS E 111 23.72 -9.70 73.85
C LYS E 111 22.66 -8.92 73.05
N LEU E 112 23.07 -8.12 72.08
CA LEU E 112 22.13 -7.33 71.28
C LEU E 112 21.94 -7.85 69.87
N SER E 113 20.87 -7.37 69.24
CA SER E 113 20.55 -7.71 67.86
C SER E 113 20.25 -6.38 67.20
N GLU E 114 20.41 -6.31 65.88
CA GLU E 114 20.16 -5.07 65.14
C GLU E 114 18.88 -4.32 65.55
N LYS E 115 17.96 -5.02 66.21
CA LYS E 115 16.68 -4.43 66.63
C LYS E 115 16.69 -3.77 68.01
N ASP E 116 17.74 -4.01 68.80
CA ASP E 116 17.82 -3.40 70.12
C ASP E 116 18.56 -2.07 70.02
N LEU E 117 19.16 -1.82 68.86
CA LEU E 117 19.91 -0.60 68.65
C LEU E 117 18.98 0.55 68.26
N GLU E 118 19.51 1.78 68.30
CA GLU E 118 18.74 2.98 67.99
C GLU E 118 18.67 3.37 66.51
N LYS E 119 17.59 4.04 66.15
CA LYS E 119 17.38 4.50 64.77
C LYS E 119 17.92 5.92 64.57
N SER E 120 18.61 6.41 65.60
CA SER E 120 19.24 7.73 65.59
C SER E 120 20.32 7.71 66.67
N VAL E 121 21.52 8.18 66.31
CA VAL E 121 22.62 8.24 67.24
C VAL E 121 22.30 9.15 68.43
N LEU E 122 21.36 10.08 68.24
CA LEU E 122 21.00 11.01 69.31
C LEU E 122 20.37 10.33 70.53
N ASN E 123 19.77 9.17 70.30
CA ASN E 123 19.11 8.45 71.38
C ASN E 123 19.95 7.59 72.31
N TYR E 124 21.27 7.64 72.16
CA TYR E 124 22.14 6.88 73.06
C TYR E 124 22.50 7.71 74.29
N ALA E 125 22.22 9.02 74.19
CA ALA E 125 22.46 9.97 75.28
C ALA E 125 21.22 9.99 76.19
N THR E 126 20.66 8.81 76.41
CA THR E 126 19.46 8.67 77.22
C THR E 126 19.68 7.62 78.31
N PRO E 127 18.90 7.68 79.40
CA PRO E 127 18.97 6.76 80.54
C PRO E 127 18.98 5.28 80.14
N LYS E 128 18.37 4.97 79.00
CA LYS E 128 18.29 3.60 78.49
C LYS E 128 19.66 2.98 78.16
N TRP E 129 20.63 3.81 77.80
CA TRP E 129 21.94 3.29 77.48
C TRP E 129 22.96 3.63 78.54
N LYS E 130 22.47 3.71 79.78
CA LYS E 130 23.27 3.97 80.95
C LYS E 130 24.28 2.83 81.08
N ASN E 131 25.57 3.20 81.07
CA ASN E 131 26.69 2.27 81.17
C ASN E 131 26.74 1.24 80.02
N ARG E 132 25.90 1.43 79.01
CA ARG E 132 25.81 0.53 77.87
C ARG E 132 26.31 1.08 76.52
N ILE E 133 26.70 2.34 76.49
CA ILE E 133 27.20 2.94 75.25
C ILE E 133 28.54 3.64 75.49
N GLY E 134 29.54 3.24 74.71
CA GLY E 134 30.85 3.83 74.86
C GLY E 134 31.16 4.82 73.76
N TYR E 135 32.06 5.75 74.05
CA TYR E 135 32.47 6.76 73.09
C TYR E 135 33.92 7.18 73.38
N VAL E 136 34.54 7.82 72.40
CA VAL E 136 35.94 8.27 72.51
C VAL E 136 35.93 9.78 72.38
N PRO E 137 35.76 10.49 73.51
CA PRO E 137 35.73 11.95 73.53
C PRO E 137 36.94 12.69 72.94
N THR E 138 38.10 12.06 72.95
CA THR E 138 39.32 12.68 72.42
C THR E 138 39.63 12.42 70.96
N SER E 139 38.83 11.61 70.27
CA SER E 139 39.08 11.29 68.85
C SER E 139 38.66 12.40 67.86
N GLY E 140 39.34 12.45 66.72
CA GLY E 140 39.03 13.46 65.72
C GLY E 140 37.70 13.22 65.04
N ALA E 141 37.35 11.95 64.91
CA ALA E 141 36.09 11.57 64.27
C ALA E 141 34.89 11.87 65.18
N PHE E 142 35.11 11.89 66.48
CA PHE E 142 34.04 12.21 67.43
C PHE E 142 33.75 13.70 67.30
N LEU E 143 34.83 14.48 67.20
CA LEU E 143 34.68 15.92 67.05
C LEU E 143 33.91 16.20 65.76
N GLU E 144 34.25 15.45 64.70
CA GLU E 144 33.57 15.61 63.42
C GLU E 144 32.09 15.27 63.50
N GLN E 145 31.76 14.29 64.33
CA GLN E 145 30.39 13.88 64.53
C GLN E 145 29.64 15.02 65.22
N ILE E 146 30.28 15.63 66.21
CA ILE E 146 29.68 16.76 66.94
C ILE E 146 29.41 17.86 65.94
N VAL E 147 30.42 18.16 65.12
CA VAL E 147 30.29 19.17 64.10
C VAL E 147 29.06 18.88 63.25
N ALA E 148 28.88 17.61 62.87
CA ALA E 148 27.74 17.21 62.03
C ALA E 148 26.39 17.45 62.73
N ILE E 149 26.30 17.12 64.01
CA ILE E 149 25.06 17.30 64.73
C ILE E 149 24.68 18.79 64.77
N VAL E 150 25.67 19.65 65.01
CA VAL E 150 25.44 21.08 65.05
C VAL E 150 24.93 21.57 63.69
N LYS E 151 25.48 21.01 62.61
CA LYS E 151 25.08 21.40 61.26
C LYS E 151 23.73 20.91 60.81
N LEU E 152 23.35 19.72 61.25
CA LEU E 152 22.08 19.14 60.87
C LEU E 152 20.94 19.42 61.82
N LYS E 153 21.25 19.55 63.11
CA LYS E 153 20.23 19.76 64.14
C LYS E 153 20.32 21.00 65.02
N GLY E 154 21.40 21.76 64.92
CA GLY E 154 21.54 22.95 65.76
C GLY E 154 22.43 22.67 66.96
N GLU E 155 23.03 23.71 67.53
CA GLU E 155 23.94 23.52 68.66
C GLU E 155 23.27 23.02 69.94
N ALA E 156 21.99 23.34 70.13
CA ALA E 156 21.29 22.91 71.35
C ALA E 156 21.28 21.39 71.44
N ALA E 157 20.98 20.74 70.31
CA ALA E 157 20.89 19.28 70.24
C ALA E 157 22.25 18.63 70.42
N ALA E 158 23.29 19.23 69.84
CA ALA E 158 24.65 18.69 69.96
C ALA E 158 25.13 18.72 71.41
N LEU E 159 24.78 19.79 72.12
CA LEU E 159 25.18 19.93 73.51
C LEU E 159 24.36 18.96 74.34
N LYS E 160 23.07 18.87 74.00
CA LYS E 160 22.15 17.97 74.69
C LYS E 160 22.70 16.54 74.58
N TRP E 161 23.04 16.14 73.36
CA TRP E 161 23.59 14.82 73.10
C TRP E 161 24.85 14.57 73.95
N LEU E 162 25.82 15.48 73.86
CA LEU E 162 27.08 15.39 74.62
C LEU E 162 26.86 15.36 76.13
N LYS E 163 25.89 16.13 76.60
CA LYS E 163 25.54 16.19 78.02
C LYS E 163 25.03 14.81 78.45
N GLY E 164 24.29 14.18 77.54
CA GLY E 164 23.74 12.87 77.80
C GLY E 164 24.77 11.75 77.82
N LEU E 165 25.73 11.81 76.90
CA LEU E 165 26.78 10.80 76.85
C LEU E 165 27.66 10.90 78.10
N LYS E 166 27.87 12.13 78.56
CA LYS E 166 28.69 12.34 79.76
C LYS E 166 28.00 11.64 80.94
N GLU E 167 26.70 11.91 81.09
CA GLU E 167 25.93 11.35 82.18
C GLU E 167 25.76 9.83 82.12
N TYR E 168 25.53 9.32 80.93
CA TYR E 168 25.25 7.90 80.76
C TYR E 168 26.30 6.96 80.15
N GLY E 169 27.05 7.45 79.17
CA GLY E 169 28.02 6.58 78.52
C GLY E 169 29.34 6.36 79.22
N LYS E 170 30.18 5.51 78.62
CA LYS E 170 31.51 5.21 79.14
C LYS E 170 32.52 5.74 78.13
N PRO E 171 33.42 6.63 78.58
CA PRO E 171 34.44 7.20 77.68
C PRO E 171 35.66 6.29 77.61
N TYR E 172 36.24 6.22 76.43
CA TYR E 172 37.42 5.39 76.21
C TYR E 172 38.53 6.24 75.63
N ALA E 173 39.77 5.88 75.95
CA ALA E 173 40.94 6.61 75.49
C ALA E 173 41.19 6.52 74.00
N LYS E 174 40.86 5.38 73.40
CA LYS E 174 41.08 5.19 71.97
C LYS E 174 39.95 4.43 71.30
N ASN E 175 39.85 4.56 69.98
CA ASN E 175 38.82 3.85 69.24
C ASN E 175 39.03 2.35 69.40
N SER E 176 40.30 1.94 69.42
CA SER E 176 40.65 0.52 69.54
C SER E 176 40.28 -0.03 70.90
N VAL E 177 40.34 0.82 71.92
CA VAL E 177 40.00 0.40 73.27
C VAL E 177 38.49 0.21 73.40
N ALA E 178 37.71 1.09 72.76
CA ALA E 178 36.25 0.99 72.81
C ALA E 178 35.81 -0.29 72.12
N LEU E 179 36.31 -0.52 70.91
CA LEU E 179 35.99 -1.72 70.17
C LEU E 179 36.35 -2.96 71.01
N GLN E 180 37.54 -2.95 71.58
CA GLN E 180 37.98 -4.08 72.39
C GLN E 180 37.10 -4.25 73.63
N ALA E 181 36.56 -3.14 74.13
CA ALA E 181 35.70 -3.18 75.31
C ALA E 181 34.44 -3.96 74.97
N VAL E 182 33.87 -3.67 73.79
CA VAL E 182 32.67 -4.34 73.34
C VAL E 182 32.96 -5.80 72.99
N GLU E 183 34.04 -6.02 72.25
CA GLU E 183 34.43 -7.37 71.85
C GLU E 183 34.66 -8.25 73.08
N ASN E 184 35.22 -7.66 74.12
CA ASN E 184 35.49 -8.40 75.35
C ASN E 184 34.32 -8.43 76.34
N GLY E 185 33.14 -8.02 75.88
CA GLY E 185 31.97 -8.05 76.72
C GLY E 185 31.92 -7.11 77.92
N GLU E 186 32.65 -6.00 77.84
CA GLU E 186 32.69 -5.01 78.93
C GLU E 186 31.59 -3.96 78.75
N ILE E 187 31.18 -3.76 77.50
CA ILE E 187 30.15 -2.78 77.18
C ILE E 187 29.35 -3.21 75.96
N ASP E 188 28.04 -3.02 76.02
CA ASP E 188 27.12 -3.39 74.93
C ASP E 188 27.50 -2.85 73.56
N ALA E 189 27.72 -1.54 73.48
CA ALA E 189 28.04 -0.91 72.21
C ALA E 189 28.99 0.26 72.37
N ALA E 190 29.51 0.73 71.24
CA ALA E 190 30.40 1.89 71.25
C ALA E 190 30.29 2.60 69.92
N LEU E 191 30.50 3.92 69.94
CA LEU E 191 30.45 4.70 68.71
C LEU E 191 31.87 4.77 68.21
N ILE E 192 32.13 4.24 67.01
CA ILE E 192 33.47 4.23 66.40
C ILE E 192 33.38 4.42 64.88
N ASN E 193 34.53 4.36 64.21
CA ASN E 193 34.57 4.49 62.75
C ASN E 193 34.57 3.07 62.18
N ASN E 194 33.87 2.86 61.08
CA ASN E 194 33.73 1.55 60.46
C ASN E 194 34.97 0.70 60.23
N TYR E 195 36.02 1.31 59.70
CA TYR E 195 37.22 0.58 59.37
C TYR E 195 37.91 -0.12 60.55
N TYR E 196 37.69 0.37 61.77
CA TYR E 196 38.33 -0.30 62.91
C TYR E 196 37.83 -1.74 63.02
N TRP E 197 36.53 -1.94 62.84
CA TRP E 197 35.96 -3.27 62.92
C TRP E 197 36.37 -4.14 61.73
N HIS E 198 36.25 -3.58 60.52
CA HIS E 198 36.61 -4.30 59.31
C HIS E 198 38.02 -4.87 59.34
N ALA E 199 38.99 -4.05 59.71
CA ALA E 199 40.38 -4.48 59.77
C ALA E 199 40.67 -5.58 60.80
N PHE E 200 40.03 -5.47 61.96
CA PHE E 200 40.23 -6.45 63.03
C PHE E 200 39.56 -7.78 62.68
N ALA E 201 38.41 -7.70 62.00
CA ALA E 201 37.68 -8.89 61.56
C ALA E 201 38.50 -9.64 60.53
N ARG E 202 39.07 -8.91 59.57
CA ARG E 202 39.89 -9.53 58.53
C ARG E 202 41.13 -10.21 59.12
N GLU E 203 41.66 -9.62 60.19
CA GLU E 203 42.84 -10.13 60.86
C GLU E 203 42.52 -11.33 61.75
N LYS E 204 41.37 -11.28 62.42
CA LYS E 204 40.94 -12.34 63.33
C LYS E 204 40.14 -13.46 62.67
N GLY E 205 39.34 -13.11 61.67
CA GLY E 205 38.49 -14.10 61.02
C GLY E 205 37.15 -13.81 61.68
N VAL E 206 36.22 -13.22 60.91
CA VAL E 206 34.91 -12.83 61.43
C VAL E 206 34.15 -13.88 62.25
N GLN E 207 34.48 -15.15 62.04
CA GLN E 207 33.81 -16.24 62.75
C GLN E 207 34.28 -16.32 64.21
N ASN E 208 35.33 -15.57 64.54
CA ASN E 208 35.88 -15.54 65.89
C ASN E 208 35.50 -14.23 66.56
N VAL E 209 34.90 -13.34 65.77
CA VAL E 209 34.47 -12.02 66.20
C VAL E 209 33.04 -12.07 66.73
N HIS E 210 32.79 -11.42 67.88
CA HIS E 210 31.47 -11.40 68.49
C HIS E 210 30.74 -10.08 68.28
N THR E 211 31.45 -9.08 67.79
CA THR E 211 30.85 -7.77 67.54
C THR E 211 30.45 -7.63 66.09
N ARG E 212 29.49 -6.75 65.85
CA ARG E 212 29.02 -6.48 64.50
C ARG E 212 28.76 -4.98 64.40
N LEU E 213 28.72 -4.47 63.16
CA LEU E 213 28.46 -3.05 62.92
C LEU E 213 27.00 -2.75 62.63
N ASN E 214 26.57 -1.58 63.07
CA ASN E 214 25.21 -1.14 62.82
C ASN E 214 25.29 0.22 62.12
N PHE E 215 24.47 0.40 61.10
CA PHE E 215 24.43 1.65 60.36
C PHE E 215 23.01 2.19 60.51
N VAL E 216 22.90 3.42 61.02
CA VAL E 216 21.59 4.03 61.22
C VAL E 216 20.97 4.61 59.97
N ARG E 217 21.81 4.91 58.97
CA ARG E 217 21.34 5.45 57.70
C ARG E 217 20.28 6.55 57.89
N HIS E 218 19.39 6.65 56.91
CA HIS E 218 18.27 7.61 56.88
C HIS E 218 18.67 9.07 57.05
N ARG E 219 19.89 9.39 56.63
CA ARG E 219 20.40 10.75 56.74
C ARG E 219 20.50 11.23 58.18
N ASP E 220 20.65 10.30 59.11
CA ASP E 220 20.78 10.64 60.51
C ASP E 220 22.21 11.18 60.71
N PRO E 221 22.42 12.07 61.69
CA PRO E 221 23.78 12.59 61.90
C PRO E 221 24.75 11.45 62.26
N GLY E 222 24.19 10.32 62.71
CA GLY E 222 24.99 9.15 63.07
C GLY E 222 25.44 8.35 61.86
N ALA E 223 24.91 8.68 60.70
CA ALA E 223 25.29 7.99 59.48
C ALA E 223 26.35 8.81 58.75
N LEU E 224 27.02 9.69 59.49
CA LEU E 224 28.06 10.58 58.96
C LEU E 224 29.23 9.91 58.22
N VAL E 225 29.51 10.43 57.01
CA VAL E 225 30.62 9.97 56.20
C VAL E 225 31.57 11.14 56.01
N THR E 226 32.86 10.87 56.21
CA THR E 226 33.94 11.85 56.08
C THR E 226 34.72 11.46 54.82
N TYR E 227 35.06 12.43 53.98
CA TYR E 227 35.74 12.10 52.74
C TYR E 227 37.21 12.44 52.59
N SER E 228 37.86 11.70 51.69
CA SER E 228 39.26 11.86 51.34
C SER E 228 39.29 12.37 49.90
N GLY E 229 40.42 12.92 49.48
CA GLY E 229 40.53 13.40 48.12
C GLY E 229 41.95 13.77 47.78
N ALA E 230 42.13 14.28 46.56
CA ALA E 230 43.47 14.66 46.10
C ALA E 230 43.41 15.83 45.13
N ALA E 231 44.58 16.43 44.90
CA ALA E 231 44.72 17.56 44.01
C ALA E 231 46.15 17.67 43.51
N VAL E 232 46.30 18.38 42.39
CA VAL E 232 47.61 18.61 41.80
C VAL E 232 47.89 20.07 42.13
N LEU E 233 49.11 20.37 42.56
CA LEU E 233 49.48 21.73 42.90
C LEU E 233 49.93 22.51 41.66
N LYS E 234 49.34 23.68 41.44
CA LYS E 234 49.70 24.50 40.28
C LYS E 234 51.19 24.69 40.14
N SER E 235 51.92 24.53 41.25
CA SER E 235 53.37 24.70 41.30
C SER E 235 54.16 23.53 40.72
N SER E 236 53.47 22.42 40.46
CA SER E 236 54.09 21.21 39.93
C SER E 236 54.86 21.39 38.61
N GLN E 237 55.93 20.62 38.48
CA GLN E 237 56.79 20.63 37.29
C GLN E 237 56.53 19.38 36.46
N ASN E 238 55.77 18.47 37.06
CA ASN E 238 55.40 17.21 36.43
C ASN E 238 53.87 17.11 36.43
N LYS E 239 53.22 18.18 35.99
CA LYS E 239 51.76 18.25 35.95
C LYS E 239 51.05 17.15 35.20
N ASP E 240 51.61 16.72 34.06
CA ASP E 240 50.98 15.67 33.29
C ASP E 240 51.05 14.37 34.08
N GLU E 241 52.20 14.09 34.69
CA GLU E 241 52.32 12.88 35.50
C GLU E 241 51.43 13.03 36.73
N ALA E 242 51.51 14.20 37.35
CA ALA E 242 50.71 14.49 38.53
C ALA E 242 49.24 14.25 38.22
N LYS E 243 48.74 14.84 37.14
CA LYS E 243 47.34 14.67 36.73
C LYS E 243 47.00 13.21 36.41
N LYS E 244 47.96 12.47 35.84
CA LYS E 244 47.76 11.05 35.52
C LYS E 244 47.51 10.30 36.83
N PHE E 245 48.29 10.66 37.85
CA PHE E 245 48.18 10.05 39.15
C PHE E 245 46.81 10.34 39.79
N VAL E 246 46.36 11.59 39.76
CA VAL E 246 45.07 11.88 40.37
C VAL E 246 43.95 11.26 39.56
N ALA E 247 44.13 11.12 38.25
CA ALA E 247 43.11 10.49 37.42
C ALA E 247 43.06 9.00 37.79
N PHE E 248 44.24 8.42 37.99
CA PHE E 248 44.35 7.00 38.36
C PHE E 248 43.58 6.76 39.66
N LEU E 249 43.80 7.64 40.63
CA LEU E 249 43.17 7.53 41.95
C LEU E 249 41.66 7.46 41.90
N ALA E 250 41.08 8.25 41.01
CA ALA E 250 39.64 8.31 40.86
C ALA E 250 39.13 7.18 39.95
N GLY E 251 40.06 6.56 39.21
CA GLY E 251 39.71 5.48 38.29
C GLY E 251 39.45 4.14 38.96
N LYS E 252 38.73 3.26 38.27
CA LYS E 252 38.39 1.94 38.78
C LYS E 252 39.57 1.17 39.37
N GLU E 253 40.67 1.13 38.64
CA GLU E 253 41.81 0.38 39.11
C GLU E 253 42.55 1.01 40.29
N GLY E 254 42.50 2.33 40.40
CA GLY E 254 43.14 2.98 41.52
C GLY E 254 42.23 2.84 42.73
N GLN E 255 40.93 2.88 42.47
CA GLN E 255 39.93 2.73 43.50
C GLN E 255 39.96 1.31 44.05
N ARG E 256 40.33 0.36 43.19
CA ARG E 256 40.42 -1.05 43.54
C ARG E 256 41.68 -1.36 44.36
N ALA E 257 42.78 -0.67 44.07
CA ALA E 257 44.02 -0.87 44.79
C ALA E 257 43.85 -0.45 46.26
N LEU E 258 43.15 0.65 46.47
CA LEU E 258 42.89 1.18 47.82
C LEU E 258 41.92 0.26 48.54
N THR E 259 40.85 -0.09 47.83
CA THR E 259 39.76 -0.95 48.30
C THR E 259 40.20 -2.37 48.72
N ALA E 260 41.41 -2.77 48.34
CA ALA E 260 41.91 -4.10 48.67
C ALA E 260 42.71 -4.14 49.96
N VAL E 261 42.96 -2.98 50.54
CA VAL E 261 43.78 -2.89 51.73
C VAL E 261 43.15 -2.06 52.88
N ARG E 262 42.38 -1.02 52.53
CA ARG E 262 41.74 -0.19 53.54
C ARG E 262 40.22 -0.21 53.43
N ALA E 263 39.58 -0.35 54.59
CA ALA E 263 38.13 -0.41 54.67
C ALA E 263 37.43 0.94 54.45
N GLU E 264 37.74 1.58 53.32
CA GLU E 264 37.14 2.87 52.99
C GLU E 264 36.12 2.64 51.88
N TYR E 265 35.07 3.46 51.83
CA TYR E 265 34.05 3.30 50.78
C TYR E 265 34.51 3.97 49.50
N PRO E 266 34.62 3.19 48.41
CA PRO E 266 35.06 3.81 47.16
C PRO E 266 33.96 4.72 46.59
N LEU E 267 34.38 5.79 45.94
CA LEU E 267 33.43 6.72 45.34
C LEU E 267 33.12 6.36 43.89
N ASN E 268 34.00 5.58 43.28
CA ASN E 268 33.78 5.16 41.91
C ASN E 268 32.76 4.02 41.96
N PRO E 269 31.63 4.18 41.26
CA PRO E 269 30.51 3.22 41.19
C PRO E 269 30.80 1.84 40.62
N HIS E 270 31.95 1.68 39.97
CA HIS E 270 32.30 0.40 39.37
C HIS E 270 33.25 -0.40 40.25
N VAL E 271 33.37 0.01 41.51
CA VAL E 271 34.28 -0.68 42.40
C VAL E 271 33.59 -1.40 43.53
N VAL E 272 33.96 -2.67 43.70
CA VAL E 272 33.43 -3.49 44.77
C VAL E 272 34.56 -3.70 45.78
N SER E 273 34.34 -3.24 47.00
CA SER E 273 35.32 -3.35 48.06
C SER E 273 35.71 -4.78 48.46
N THR E 274 36.97 -4.98 48.84
CA THR E 274 37.43 -6.29 49.29
C THR E 274 36.86 -6.57 50.69
N PHE E 275 36.34 -5.53 51.33
CA PHE E 275 35.71 -5.64 52.65
C PHE E 275 34.21 -5.67 52.41
N ASN E 276 33.44 -6.10 53.41
CA ASN E 276 31.99 -6.14 53.26
C ASN E 276 31.35 -4.78 53.43
N LEU E 277 31.56 -3.92 52.44
CA LEU E 277 31.01 -2.58 52.45
C LEU E 277 29.95 -2.48 51.38
N GLU E 278 28.76 -2.04 51.78
CA GLU E 278 27.66 -1.87 50.84
C GLU E 278 27.96 -0.61 50.01
N PRO E 279 27.40 -0.51 48.79
CA PRO E 279 27.67 0.68 47.99
C PRO E 279 27.47 1.95 48.83
N ILE E 280 28.41 2.88 48.76
CA ILE E 280 28.34 4.11 49.54
C ILE E 280 26.93 4.72 49.52
N ALA E 281 26.26 4.66 48.36
CA ALA E 281 24.92 5.20 48.19
C ALA E 281 23.91 4.63 49.18
N LYS E 282 24.09 3.35 49.52
CA LYS E 282 23.20 2.66 50.44
C LYS E 282 23.33 3.12 51.90
N LEU E 283 24.40 3.83 52.23
CA LEU E 283 24.61 4.32 53.59
C LEU E 283 23.65 5.44 53.96
N GLU E 284 23.13 6.12 52.94
CA GLU E 284 22.21 7.24 53.12
C GLU E 284 22.81 8.23 54.09
N ALA E 285 24.05 8.58 53.80
CA ALA E 285 24.78 9.53 54.61
C ALA E 285 24.19 10.92 54.47
N PRO E 286 24.10 11.65 55.58
CA PRO E 286 23.55 13.00 55.49
C PRO E 286 24.50 13.85 54.65
N GLN E 287 24.00 14.94 54.13
CA GLN E 287 24.83 15.83 53.34
C GLN E 287 25.34 16.88 54.32
N VAL E 288 26.65 17.10 54.32
CA VAL E 288 27.24 18.09 55.20
C VAL E 288 28.37 18.80 54.46
N SER E 289 28.74 19.97 54.96
CA SER E 289 29.83 20.75 54.35
C SER E 289 31.13 20.42 55.06
N ALA E 290 32.24 20.80 54.45
CA ALA E 290 33.54 20.53 55.04
C ALA E 290 33.70 21.32 56.34
N THR E 291 34.23 20.65 57.35
CA THR E 291 34.46 21.30 58.63
C THR E 291 35.51 22.40 58.54
N THR E 292 35.25 23.52 59.21
CA THR E 292 36.18 24.65 59.24
C THR E 292 36.81 24.71 60.62
N VAL E 293 37.86 25.52 60.74
CA VAL E 293 38.55 25.68 62.00
C VAL E 293 37.58 26.14 63.10
N SER E 294 36.69 27.08 62.76
CA SER E 294 35.71 27.60 63.72
C SER E 294 34.72 26.55 64.20
N GLU E 295 34.32 25.66 63.30
CA GLU E 295 33.40 24.60 63.66
C GLU E 295 34.04 23.66 64.69
N LYS E 296 35.34 23.39 64.53
CA LYS E 296 36.08 22.55 65.48
C LYS E 296 36.26 23.29 66.78
N GLU E 297 36.40 24.61 66.66
CA GLU E 297 36.56 25.50 67.79
C GLU E 297 35.27 25.42 68.61
N HIS E 298 34.15 25.50 67.89
CA HIS E 298 32.83 25.43 68.49
C HIS E 298 32.59 24.09 69.15
N ALA E 299 32.92 23.00 68.45
CA ALA E 299 32.72 21.67 68.99
C ALA E 299 33.57 21.42 70.24
N THR E 300 34.81 21.90 70.23
CA THR E 300 35.72 21.72 71.34
C THR E 300 35.21 22.37 72.60
N ARG E 301 34.61 23.54 72.44
CA ARG E 301 34.07 24.25 73.58
C ARG E 301 32.85 23.47 74.06
N LEU E 302 32.12 22.88 73.12
CA LEU E 302 30.97 22.06 73.50
C LEU E 302 31.45 20.82 74.26
N LEU E 303 32.68 20.38 73.99
CA LEU E 303 33.25 19.24 74.71
C LEU E 303 33.59 19.69 76.12
N GLU E 304 34.19 20.86 76.21
CA GLU E 304 34.57 21.45 77.49
C GLU E 304 33.33 21.59 78.34
N GLN E 305 32.33 22.26 77.78
CA GLN E 305 31.07 22.52 78.46
C GLN E 305 30.25 21.33 78.92
N ALA E 306 30.40 20.18 78.26
CA ALA E 306 29.65 19.00 78.65
C ALA E 306 30.42 18.21 79.70
N GLY E 307 31.61 18.70 80.05
CA GLY E 307 32.42 18.04 81.06
C GLY E 307 33.35 16.96 80.54
N MET E 308 33.38 16.81 79.21
CA MET E 308 34.24 15.81 78.61
C MET E 308 35.63 16.37 78.47
N LYS E 309 35.70 17.70 78.37
CA LYS E 309 36.95 18.43 78.23
C LYS E 309 36.97 19.63 79.22
N ASP F 1 -13.39 16.07 -6.62
CA ASP F 1 -13.85 15.56 -5.28
C ASP F 1 -14.40 16.71 -4.44
N ILE F 2 -15.20 16.38 -3.44
CA ILE F 2 -15.78 17.43 -2.62
C ILE F 2 -15.60 17.25 -1.12
N THR F 3 -15.83 18.34 -0.40
CA THR F 3 -15.73 18.36 1.06
C THR F 3 -17.15 18.62 1.52
N VAL F 4 -17.59 17.86 2.52
CA VAL F 4 -18.94 18.02 3.03
C VAL F 4 -18.99 18.29 4.53
N TYR F 5 -19.51 19.46 4.90
CA TYR F 5 -19.69 19.81 6.30
C TYR F 5 -20.90 19.02 6.72
N ASN F 6 -20.65 18.00 7.54
CA ASN F 6 -21.68 17.10 7.97
C ASN F 6 -22.18 17.25 9.40
N GLY F 7 -23.46 17.58 9.52
CA GLY F 7 -24.07 17.70 10.83
C GLY F 7 -24.92 16.46 11.07
N GLN F 8 -24.90 15.55 10.10
CA GLN F 8 -25.64 14.30 10.18
C GLN F 8 -24.74 13.25 10.85
N HIS F 9 -25.33 12.33 11.63
CA HIS F 9 -24.52 11.30 12.29
C HIS F 9 -23.56 10.67 11.27
N LYS F 10 -22.30 10.53 11.66
CA LYS F 10 -21.27 9.96 10.77
C LYS F 10 -21.71 8.63 10.15
N GLU F 11 -22.63 7.93 10.83
CA GLU F 11 -23.17 6.67 10.36
C GLU F 11 -23.80 6.87 8.98
N ALA F 12 -24.80 7.75 8.94
CA ALA F 12 -25.53 8.07 7.72
C ALA F 12 -24.67 8.79 6.68
N ALA F 13 -23.92 9.79 7.13
CA ALA F 13 -23.05 10.56 6.23
C ALA F 13 -22.07 9.68 5.48
N GLN F 14 -21.42 8.77 6.18
CA GLN F 14 -20.43 7.90 5.55
C GLN F 14 -21.04 7.01 4.47
N ALA F 15 -22.08 6.27 4.82
CA ALA F 15 -22.76 5.37 3.88
C ALA F 15 -23.14 6.14 2.62
N VAL F 16 -23.85 7.25 2.81
CA VAL F 16 -24.25 8.10 1.71
C VAL F 16 -23.03 8.55 0.91
N ALA F 17 -21.95 8.88 1.62
CA ALA F 17 -20.71 9.32 0.97
C ALA F 17 -20.12 8.18 0.15
N ASP F 18 -19.99 7.01 0.77
CA ASP F 18 -19.46 5.82 0.11
C ASP F 18 -20.26 5.51 -1.14
N ALA F 19 -21.58 5.48 -0.99
CA ALA F 19 -22.49 5.20 -2.10
C ALA F 19 -22.22 6.12 -3.30
N PHE F 20 -22.03 7.40 -3.00
CA PHE F 20 -21.75 8.39 -4.03
C PHE F 20 -20.40 8.16 -4.72
N THR F 21 -19.44 7.62 -3.99
CA THR F 21 -18.13 7.39 -4.57
C THR F 21 -18.15 6.18 -5.50
N ARG F 22 -18.94 5.18 -5.12
CA ARG F 22 -19.06 3.96 -5.91
C ARG F 22 -19.82 4.28 -7.18
N ALA F 23 -20.74 5.22 -7.09
CA ALA F 23 -21.58 5.63 -8.20
C ALA F 23 -20.97 6.59 -9.21
N THR F 24 -20.07 7.45 -8.76
CA THR F 24 -19.49 8.47 -9.64
C THR F 24 -17.97 8.48 -9.70
N GLY F 25 -17.33 7.90 -8.69
CA GLY F 25 -15.87 7.90 -8.65
C GLY F 25 -15.35 9.10 -7.88
N ILE F 26 -16.25 10.04 -7.59
CA ILE F 26 -15.91 11.27 -6.86
C ILE F 26 -15.77 11.00 -5.36
N LYS F 27 -14.58 11.23 -4.82
CA LYS F 27 -14.36 10.99 -3.40
C LYS F 27 -14.95 12.17 -2.60
N VAL F 28 -15.22 11.92 -1.33
CA VAL F 28 -15.83 12.92 -0.44
C VAL F 28 -15.16 12.97 0.93
N LYS F 29 -14.68 14.14 1.32
CA LYS F 29 -14.04 14.30 2.62
C LYS F 29 -15.07 14.85 3.58
N LEU F 30 -15.24 14.17 4.72
CA LEU F 30 -16.23 14.61 5.69
C LEU F 30 -15.62 15.42 6.83
N ASN F 31 -16.27 16.53 7.13
CA ASN F 31 -15.87 17.38 8.24
C ASN F 31 -17.10 17.38 9.13
N SER F 32 -17.25 16.30 9.91
CA SER F 32 -18.40 16.13 10.79
C SER F 32 -18.35 16.83 12.14
N ALA F 33 -19.44 17.52 12.46
CA ALA F 33 -19.61 18.24 13.73
C ALA F 33 -21.10 18.56 13.84
N LYS F 34 -21.48 19.46 14.74
CA LYS F 34 -22.90 19.81 14.89
C LYS F 34 -23.34 20.84 13.85
N GLY F 35 -24.50 20.57 13.24
CA GLY F 35 -25.05 21.44 12.21
C GLY F 35 -24.92 22.95 12.43
N ASP F 36 -25.36 23.43 13.59
CA ASP F 36 -25.28 24.85 13.88
C ASP F 36 -23.84 25.32 14.09
N GLN F 37 -22.96 24.37 14.40
CA GLN F 37 -21.55 24.66 14.60
C GLN F 37 -20.86 24.81 13.24
N LEU F 38 -21.15 23.89 12.32
CA LEU F 38 -20.56 23.95 10.99
C LEU F 38 -21.08 25.19 10.26
N ALA F 39 -22.35 25.50 10.48
CA ALA F 39 -23.00 26.64 9.86
C ALA F 39 -22.30 27.95 10.24
N GLY F 40 -22.00 28.10 11.53
CA GLY F 40 -21.32 29.28 12.02
C GLY F 40 -19.87 29.30 11.59
N GLN F 41 -19.38 28.15 11.13
CA GLN F 41 -18.00 28.07 10.66
C GLN F 41 -18.00 28.50 9.20
N ILE F 42 -19.09 28.18 8.51
CA ILE F 42 -19.24 28.52 7.10
C ILE F 42 -19.30 30.03 6.94
N LYS F 43 -20.07 30.69 7.81
CA LYS F 43 -20.20 32.14 7.76
C LYS F 43 -18.84 32.79 7.93
N GLU F 44 -18.11 32.35 8.97
CA GLU F 44 -16.78 32.87 9.28
C GLU F 44 -15.78 32.70 8.16
N GLU F 45 -15.55 31.47 7.74
CA GLU F 45 -14.62 31.20 6.66
C GLU F 45 -15.00 32.09 5.48
N GLY F 46 -16.30 32.26 5.29
CA GLY F 46 -16.80 33.09 4.21
C GLY F 46 -16.26 32.69 2.85
N SER F 47 -16.10 33.70 1.99
CA SER F 47 -15.60 33.52 0.63
C SER F 47 -14.53 32.43 0.46
N ARG F 48 -13.78 32.14 1.52
CA ARG F 48 -12.74 31.12 1.46
C ARG F 48 -13.08 29.96 2.40
N SER F 49 -14.24 29.35 2.16
CA SER F 49 -14.68 28.20 2.97
C SER F 49 -14.46 26.92 2.18
N PRO F 50 -13.78 25.95 2.79
CA PRO F 50 -13.49 24.65 2.15
C PRO F 50 -14.73 23.80 1.84
N ALA F 51 -15.87 24.19 2.41
CA ALA F 51 -17.12 23.46 2.23
C ALA F 51 -17.80 23.65 0.88
N ASP F 52 -18.20 22.54 0.26
CA ASP F 52 -18.89 22.56 -1.02
C ASP F 52 -20.36 22.24 -0.78
N VAL F 53 -20.63 21.43 0.23
CA VAL F 53 -21.99 21.02 0.57
C VAL F 53 -22.18 20.94 2.08
N PHE F 54 -23.37 21.32 2.53
CA PHE F 54 -23.69 21.23 3.95
C PHE F 54 -24.83 20.22 4.08
N TYR F 55 -24.52 19.13 4.76
CA TYR F 55 -25.45 18.05 5.00
C TYR F 55 -25.86 18.32 6.44
N SER F 56 -27.12 18.66 6.64
CA SER F 56 -27.59 19.02 7.97
C SER F 56 -28.67 18.13 8.57
N GLU F 57 -28.60 17.97 9.88
CA GLU F 57 -29.56 17.16 10.61
C GLU F 57 -30.75 18.03 10.97
N GLN F 58 -30.66 19.33 10.65
CA GLN F 58 -31.75 20.26 10.96
C GLN F 58 -31.94 21.25 9.81
N ILE F 59 -33.17 21.73 9.64
CA ILE F 59 -33.46 22.70 8.60
C ILE F 59 -33.10 24.10 9.11
N PRO F 60 -33.29 24.37 10.43
CA PRO F 60 -32.93 25.69 10.94
C PRO F 60 -31.48 26.13 10.59
N ALA F 61 -30.56 25.18 10.50
CA ALA F 61 -29.17 25.50 10.15
C ALA F 61 -29.09 25.93 8.69
N LEU F 62 -29.83 25.23 7.83
CA LEU F 62 -29.88 25.56 6.41
C LEU F 62 -30.58 26.91 6.21
N ALA F 63 -31.58 27.19 7.06
CA ALA F 63 -32.33 28.44 6.97
C ALA F 63 -31.44 29.65 7.24
N THR F 64 -30.52 29.49 8.18
CA THR F 64 -29.61 30.56 8.54
C THR F 64 -28.69 30.90 7.37
N LEU F 65 -28.03 29.88 6.84
CA LEU F 65 -27.11 30.05 5.72
C LEU F 65 -27.80 30.63 4.50
N SER F 66 -29.09 30.32 4.37
CA SER F 66 -29.88 30.83 3.26
C SER F 66 -30.14 32.33 3.48
N ALA F 67 -30.53 32.65 4.72
CA ALA F 67 -30.83 34.02 5.13
C ALA F 67 -29.61 34.90 4.91
N ALA F 68 -28.44 34.32 5.13
CA ALA F 68 -27.16 34.99 4.94
C ALA F 68 -26.74 34.87 3.45
N ASN F 69 -27.68 34.49 2.60
CA ASN F 69 -27.45 34.34 1.17
C ASN F 69 -26.18 33.58 0.77
N LEU F 70 -25.86 32.52 1.52
CA LEU F 70 -24.65 31.73 1.25
C LEU F 70 -24.85 30.39 0.54
N LEU F 71 -26.10 30.08 0.18
CA LEU F 71 -26.42 28.82 -0.48
C LEU F 71 -26.69 29.01 -1.97
N GLU F 72 -26.29 28.00 -2.76
CA GLU F 72 -26.47 28.03 -4.21
C GLU F 72 -27.85 27.49 -4.60
N PRO F 73 -28.54 28.15 -5.56
CA PRO F 73 -29.85 27.63 -5.92
C PRO F 73 -29.75 26.25 -6.56
N LEU F 74 -30.71 25.39 -6.22
CA LEU F 74 -30.74 24.02 -6.73
C LEU F 74 -31.77 23.85 -7.84
N PRO F 75 -31.48 22.96 -8.81
CA PRO F 75 -32.42 22.72 -9.92
C PRO F 75 -33.73 22.08 -9.47
N ALA F 76 -34.83 22.44 -10.14
CA ALA F 76 -36.13 21.90 -9.80
C ALA F 76 -36.09 20.37 -9.71
N SER F 77 -35.28 19.76 -10.56
CA SER F 77 -35.15 18.30 -10.59
C SER F 77 -34.79 17.71 -9.24
N THR F 78 -33.83 18.32 -8.58
CA THR F 78 -33.38 17.86 -7.26
C THR F 78 -34.43 18.08 -6.18
N ILE F 79 -34.96 19.29 -6.12
CA ILE F 79 -35.96 19.61 -5.11
C ILE F 79 -37.23 18.79 -5.31
N ASN F 80 -37.59 18.53 -6.56
CA ASN F 80 -38.80 17.78 -6.82
C ASN F 80 -38.71 16.31 -6.42
N GLU F 81 -37.49 15.82 -6.22
CA GLU F 81 -37.28 14.43 -5.85
C GLU F 81 -37.92 14.07 -4.53
N THR F 82 -37.94 15.01 -3.58
CA THR F 82 -38.54 14.76 -2.28
C THR F 82 -39.78 15.61 -2.05
N ARG F 83 -40.23 16.31 -3.10
CA ARG F 83 -41.42 17.14 -2.97
C ARG F 83 -42.56 16.23 -2.56
N GLY F 84 -43.41 16.72 -1.66
CA GLY F 84 -44.51 15.92 -1.22
C GLY F 84 -45.30 16.52 -0.09
N LYS F 85 -46.24 15.74 0.42
CA LYS F 85 -47.13 16.09 1.53
C LYS F 85 -46.82 17.44 2.16
N GLY F 86 -46.36 17.43 3.40
CA GLY F 86 -46.03 18.66 4.10
C GLY F 86 -44.54 18.77 4.31
N VAL F 87 -43.79 18.32 3.32
CA VAL F 87 -42.33 18.35 3.35
C VAL F 87 -41.84 19.79 3.28
N PRO F 88 -40.86 20.17 4.13
CA PRO F 88 -40.30 21.53 4.15
C PRO F 88 -39.86 21.97 2.75
N VAL F 89 -40.20 23.21 2.38
CA VAL F 89 -39.85 23.74 1.07
C VAL F 89 -39.09 25.07 1.16
N ALA F 90 -37.94 25.14 0.50
CA ALA F 90 -37.12 26.34 0.53
C ALA F 90 -37.64 27.47 -0.37
N ALA F 91 -37.87 28.63 0.24
CA ALA F 91 -38.36 29.79 -0.49
C ALA F 91 -37.41 30.15 -1.64
N LYS F 92 -36.12 30.18 -1.35
CA LYS F 92 -35.10 30.53 -2.35
C LYS F 92 -34.61 29.32 -3.17
N LYS F 93 -35.19 28.14 -2.93
CA LYS F 93 -34.80 26.92 -3.65
C LYS F 93 -33.31 26.66 -3.52
N ASP F 94 -32.76 26.93 -2.33
CA ASP F 94 -31.34 26.76 -2.09
C ASP F 94 -30.93 25.59 -1.18
N TRP F 95 -31.92 24.81 -0.77
CA TRP F 95 -31.71 23.61 0.04
C TRP F 95 -32.87 22.68 -0.23
N VAL F 96 -32.73 21.43 0.20
CA VAL F 96 -33.78 20.45 -0.04
C VAL F 96 -33.88 19.51 1.18
N ALA F 97 -35.11 19.19 1.55
CA ALA F 97 -35.37 18.27 2.67
C ALA F 97 -35.05 16.87 2.19
N LEU F 98 -34.41 16.07 3.04
CA LEU F 98 -34.01 14.71 2.67
C LEU F 98 -34.70 13.55 3.40
N SER F 99 -34.89 13.69 4.70
CA SER F 99 -35.49 12.63 5.49
C SER F 99 -36.06 13.19 6.77
N GLY F 100 -36.76 12.36 7.54
CA GLY F 100 -37.34 12.82 8.78
C GLY F 100 -37.18 11.85 9.92
N ARG F 101 -37.35 12.37 11.13
CA ARG F 101 -37.26 11.59 12.36
C ARG F 101 -38.54 11.91 13.11
N SER F 102 -39.20 10.87 13.63
CA SER F 102 -40.47 11.07 14.33
C SER F 102 -40.55 10.76 15.82
N ARG F 103 -41.31 11.59 16.54
CA ARG F 103 -41.53 11.38 17.96
C ARG F 103 -42.46 10.17 18.03
N VAL F 104 -42.22 9.30 19.00
CA VAL F 104 -43.03 8.11 19.18
C VAL F 104 -43.18 7.76 20.64
N VAL F 105 -44.16 6.94 20.94
CA VAL F 105 -44.34 6.49 22.31
C VAL F 105 -43.94 5.02 22.27
N VAL F 106 -42.87 4.67 22.98
CA VAL F 106 -42.43 3.29 23.05
C VAL F 106 -43.07 2.72 24.32
N TYR F 107 -43.66 1.54 24.22
CA TYR F 107 -44.30 0.97 25.38
C TYR F 107 -44.01 -0.51 25.55
N ASP F 108 -44.22 -0.99 26.77
CA ASP F 108 -43.99 -2.39 27.11
C ASP F 108 -45.23 -3.22 26.74
N THR F 109 -45.07 -4.11 25.77
CA THR F 109 -46.16 -4.97 25.31
C THR F 109 -46.63 -5.97 26.38
N ARG F 110 -45.84 -6.14 27.43
CA ARG F 110 -46.19 -7.05 28.52
C ARG F 110 -47.27 -6.38 29.37
N LYS F 111 -47.06 -5.09 29.66
CA LYS F 111 -47.99 -4.32 30.47
C LYS F 111 -48.95 -3.45 29.65
N LEU F 112 -48.86 -3.52 28.32
CA LEU F 112 -49.75 -2.71 27.49
C LEU F 112 -50.12 -3.23 26.10
N SER F 113 -51.09 -2.54 25.49
CA SER F 113 -51.59 -2.86 24.16
C SER F 113 -51.75 -1.56 23.37
N GLU F 114 -51.78 -1.65 22.05
CA GLU F 114 -51.93 -0.47 21.20
C GLU F 114 -53.18 0.32 21.55
N LYS F 115 -54.34 -0.34 21.53
CA LYS F 115 -55.58 0.34 21.89
C LYS F 115 -55.39 0.74 23.35
N ASP F 116 -56.20 1.68 23.83
CA ASP F 116 -56.13 2.21 25.20
C ASP F 116 -54.94 3.16 25.41
N LEU F 117 -54.00 3.17 24.46
CA LEU F 117 -52.86 4.09 24.51
C LEU F 117 -53.49 5.39 24.04
N GLU F 118 -52.93 6.53 24.43
CA GLU F 118 -53.52 7.82 24.06
C GLU F 118 -53.55 8.21 22.57
N LYS F 119 -54.67 8.82 22.17
CA LYS F 119 -54.88 9.29 20.80
C LYS F 119 -54.12 10.59 20.54
N SER F 120 -53.86 11.34 21.62
CA SER F 120 -53.13 12.59 21.59
C SER F 120 -52.09 12.56 22.72
N VAL F 121 -50.90 13.08 22.46
CA VAL F 121 -49.83 13.08 23.45
C VAL F 121 -50.13 14.00 24.64
N LEU F 122 -51.00 14.98 24.44
CA LEU F 122 -51.35 15.88 25.53
C LEU F 122 -52.09 15.13 26.64
N ASN F 123 -52.74 14.04 26.25
CA ASN F 123 -53.51 13.20 27.16
C ASN F 123 -52.68 12.36 28.12
N TYR F 124 -51.36 12.42 28.00
CA TYR F 124 -50.50 11.65 28.91
C TYR F 124 -50.30 12.41 30.21
N ALA F 125 -50.41 13.73 30.15
CA ALA F 125 -50.25 14.57 31.34
C ALA F 125 -51.48 14.48 32.24
N THR F 126 -51.79 13.28 32.72
CA THR F 126 -52.96 13.06 33.57
C THR F 126 -52.69 12.02 34.66
N PRO F 127 -53.48 12.03 35.75
CA PRO F 127 -53.32 11.09 36.85
C PRO F 127 -53.37 9.64 36.37
N LYS F 128 -54.16 9.40 35.33
CA LYS F 128 -54.32 8.08 34.74
C LYS F 128 -52.97 7.47 34.36
N TRP F 129 -52.00 8.33 34.06
CA TRP F 129 -50.67 7.89 33.68
C TRP F 129 -49.64 8.09 34.79
N LYS F 130 -50.12 8.31 36.00
CA LYS F 130 -49.23 8.50 37.14
C LYS F 130 -48.22 7.34 37.20
N ASN F 131 -46.94 7.67 37.05
CA ASN F 131 -45.82 6.70 37.06
C ASN F 131 -45.83 5.68 35.91
N ARG F 132 -46.61 5.94 34.87
CA ARG F 132 -46.68 5.03 33.73
C ARG F 132 -46.10 5.63 32.49
N ILE F 133 -45.96 6.95 32.46
CA ILE F 133 -45.42 7.61 31.28
C ILE F 133 -44.07 8.29 31.59
N GLY F 134 -43.04 7.93 30.82
CA GLY F 134 -41.72 8.51 31.03
C GLY F 134 -41.37 9.56 30.00
N TYR F 135 -40.38 10.39 30.29
CA TYR F 135 -39.94 11.45 29.37
C TYR F 135 -38.50 11.88 29.62
N VAL F 136 -37.96 12.72 28.74
CA VAL F 136 -36.59 13.21 28.82
C VAL F 136 -36.57 14.75 28.70
N PRO F 137 -36.83 15.47 29.81
CA PRO F 137 -36.86 16.93 29.81
C PRO F 137 -35.61 17.67 29.33
N THR F 138 -34.47 16.98 29.28
CA THR F 138 -33.22 17.60 28.83
C THR F 138 -32.90 17.32 27.37
N SER F 139 -33.74 16.51 26.73
CA SER F 139 -33.55 16.16 25.32
C SER F 139 -33.88 17.28 24.33
N GLY F 140 -33.16 17.34 23.22
CA GLY F 140 -33.43 18.34 22.21
C GLY F 140 -34.77 18.09 21.54
N ALA F 141 -35.06 16.82 21.28
CA ALA F 141 -36.31 16.45 20.64
C ALA F 141 -37.51 16.78 21.54
N PHE F 142 -37.29 16.75 22.86
CA PHE F 142 -38.34 17.06 23.83
C PHE F 142 -38.64 18.55 23.76
N LEU F 143 -37.58 19.33 23.61
CA LEU F 143 -37.72 20.77 23.50
C LEU F 143 -38.46 21.08 22.20
N GLU F 144 -38.17 20.32 21.15
CA GLU F 144 -38.85 20.54 19.87
C GLU F 144 -40.31 20.11 19.97
N GLN F 145 -40.59 19.19 20.88
CA GLN F 145 -41.96 18.73 21.08
C GLN F 145 -42.75 19.88 21.72
N ILE F 146 -42.15 20.52 22.69
CA ILE F 146 -42.78 21.66 23.37
C ILE F 146 -43.09 22.73 22.32
N VAL F 147 -42.07 23.14 21.59
CA VAL F 147 -42.17 24.12 20.51
C VAL F 147 -43.36 23.84 19.59
N ALA F 148 -43.51 22.59 19.15
CA ALA F 148 -44.60 22.21 18.25
C ALA F 148 -45.97 22.40 18.88
N ILE F 149 -46.11 21.99 20.14
CA ILE F 149 -47.36 22.13 20.86
C ILE F 149 -47.75 23.58 21.00
N VAL F 150 -46.76 24.44 21.20
CA VAL F 150 -47.00 25.88 21.31
C VAL F 150 -47.49 26.39 19.95
N LYS F 151 -46.85 25.94 18.88
CA LYS F 151 -47.22 26.36 17.53
C LYS F 151 -48.54 25.82 17.04
N LEU F 152 -48.87 24.61 17.47
CA LEU F 152 -50.10 23.94 17.04
C LEU F 152 -51.28 24.13 17.97
N LYS F 153 -50.99 24.27 19.26
CA LYS F 153 -52.05 24.38 20.26
C LYS F 153 -52.10 25.67 21.10
N GLY F 154 -51.02 26.44 21.08
CA GLY F 154 -50.97 27.66 21.87
C GLY F 154 -50.13 27.44 23.11
N GLU F 155 -49.60 28.51 23.68
CA GLU F 155 -48.75 28.36 24.85
C GLU F 155 -49.42 27.75 26.07
N ALA F 156 -50.72 27.99 26.24
CA ALA F 156 -51.45 27.47 27.40
C ALA F 156 -51.51 25.95 27.39
N ALA F 157 -51.74 25.39 26.20
CA ALA F 157 -51.82 23.94 26.05
C ALA F 157 -50.49 23.33 26.45
N ALA F 158 -49.42 23.99 26.02
CA ALA F 158 -48.06 23.56 26.30
C ALA F 158 -47.74 23.53 27.79
N LEU F 159 -47.98 24.62 28.49
CA LEU F 159 -47.68 24.66 29.92
C LEU F 159 -48.51 23.66 30.73
N LYS F 160 -49.74 23.42 30.29
CA LYS F 160 -50.60 22.45 30.99
C LYS F 160 -49.97 21.07 30.84
N TRP F 161 -49.56 20.75 29.62
CA TRP F 161 -48.94 19.46 29.29
C TRP F 161 -47.69 19.22 30.14
N LEU F 162 -46.83 20.23 30.22
CA LEU F 162 -45.59 20.15 31.00
C LEU F 162 -45.78 20.06 32.51
N LYS F 163 -46.76 20.79 33.06
CA LYS F 163 -47.02 20.74 34.48
C LYS F 163 -47.62 19.37 34.78
N GLY F 164 -48.38 18.87 33.82
CA GLY F 164 -48.98 17.55 33.95
C GLY F 164 -47.93 16.46 33.95
N LEU F 165 -46.95 16.57 33.04
CA LEU F 165 -45.87 15.58 32.95
C LEU F 165 -45.01 15.57 34.20
N LYS F 166 -44.63 16.76 34.68
CA LYS F 166 -43.82 16.89 35.88
C LYS F 166 -44.44 16.19 37.09
N GLU F 167 -45.75 16.37 37.26
CA GLU F 167 -46.46 15.80 38.39
C GLU F 167 -46.83 14.33 38.33
N TYR F 168 -47.16 13.83 37.13
CA TYR F 168 -47.58 12.43 36.97
C TYR F 168 -46.57 11.50 36.30
N GLY F 169 -45.71 12.05 35.45
CA GLY F 169 -44.75 11.22 34.76
C GLY F 169 -43.41 11.10 35.45
N LYS F 170 -42.56 10.23 34.91
CA LYS F 170 -41.22 10.01 35.44
C LYS F 170 -40.17 10.52 34.46
N PRO F 171 -39.27 11.40 34.91
CA PRO F 171 -38.24 11.91 34.01
C PRO F 171 -37.02 10.98 33.91
N TYR F 172 -36.41 10.93 32.73
CA TYR F 172 -35.22 10.12 32.51
C TYR F 172 -34.12 11.00 31.97
N ALA F 173 -32.89 10.69 32.35
CA ALA F 173 -31.74 11.48 31.94
C ALA F 173 -31.49 11.53 30.43
N LYS F 174 -31.78 10.44 29.72
CA LYS F 174 -31.60 10.43 28.27
C LYS F 174 -32.55 9.42 27.62
N ASN F 175 -32.69 9.52 26.30
CA ASN F 175 -33.59 8.64 25.56
C ASN F 175 -33.23 7.16 25.73
N SER F 176 -31.93 6.87 25.74
CA SER F 176 -31.44 5.50 25.87
C SER F 176 -31.87 4.87 27.19
N VAL F 177 -31.90 5.69 28.24
CA VAL F 177 -32.29 5.26 29.58
C VAL F 177 -33.81 5.11 29.74
N ALA F 178 -34.56 6.01 29.11
CA ALA F 178 -36.00 5.95 29.18
C ALA F 178 -36.41 4.65 28.53
N LEU F 179 -35.84 4.39 27.35
CA LEU F 179 -36.12 3.18 26.60
C LEU F 179 -35.83 1.92 27.40
N GLN F 180 -34.62 1.79 27.92
CA GLN F 180 -34.26 0.60 28.71
C GLN F 180 -35.19 0.43 29.91
N ALA F 181 -35.77 1.51 30.41
CA ALA F 181 -36.68 1.41 31.54
C ALA F 181 -37.97 0.72 31.11
N VAL F 182 -38.40 0.95 29.86
CA VAL F 182 -39.62 0.30 29.38
C VAL F 182 -39.33 -1.16 29.03
N GLU F 183 -38.12 -1.44 28.57
CA GLU F 183 -37.67 -2.79 28.21
C GLU F 183 -37.47 -3.62 29.47
N ASN F 184 -37.32 -2.95 30.61
CA ASN F 184 -37.15 -3.64 31.89
C ASN F 184 -38.50 -3.73 32.60
N GLY F 185 -39.55 -3.25 31.94
CA GLY F 185 -40.87 -3.27 32.51
C GLY F 185 -40.90 -2.50 33.81
N GLU F 186 -40.13 -1.43 33.90
CA GLU F 186 -40.07 -0.60 35.10
C GLU F 186 -41.05 0.54 34.96
N ILE F 187 -41.47 0.79 33.73
CA ILE F 187 -42.44 1.82 33.41
C ILE F 187 -43.15 1.38 32.12
N ASP F 188 -44.47 1.56 32.10
CA ASP F 188 -45.30 1.15 30.96
C ASP F 188 -45.03 1.77 29.59
N ALA F 189 -44.81 3.08 29.55
CA ALA F 189 -44.56 3.77 28.28
C ALA F 189 -43.65 4.99 28.46
N ALA F 190 -43.05 5.45 27.37
CA ALA F 190 -42.17 6.61 27.38
C ALA F 190 -42.24 7.41 26.08
N LEU F 191 -41.89 8.69 26.16
CA LEU F 191 -41.88 9.61 25.02
C LEU F 191 -40.44 9.67 24.54
N ILE F 192 -40.20 9.27 23.30
CA ILE F 192 -38.84 9.22 22.74
C ILE F 192 -38.87 9.38 21.20
N ASN F 193 -37.69 9.29 20.58
CA ASN F 193 -37.54 9.38 19.13
C ASN F 193 -37.59 7.96 18.57
N ASN F 194 -38.21 7.79 17.40
CA ASN F 194 -38.35 6.46 16.81
C ASN F 194 -37.09 5.63 16.56
N TYR F 195 -36.08 6.25 15.94
CA TYR F 195 -34.85 5.55 15.59
C TYR F 195 -34.08 4.89 16.75
N TYR F 196 -34.47 5.17 17.99
CA TYR F 196 -33.81 4.54 19.14
C TYR F 196 -34.30 3.11 19.25
N TRP F 197 -35.62 2.94 19.13
CA TRP F 197 -36.20 1.62 19.19
C TRP F 197 -35.64 0.79 18.03
N HIS F 198 -35.87 1.28 16.81
CA HIS F 198 -35.39 0.56 15.64
C HIS F 198 -33.95 0.08 15.72
N ALA F 199 -33.04 0.96 16.14
CA ALA F 199 -31.62 0.63 16.28
C ALA F 199 -31.38 -0.46 17.32
N PHE F 200 -32.20 -0.48 18.36
CA PHE F 200 -32.08 -1.47 19.42
C PHE F 200 -32.56 -2.82 18.90
N ALA F 201 -33.77 -2.82 18.34
CA ALA F 201 -34.39 -4.00 17.80
C ALA F 201 -33.52 -4.64 16.70
N ARG F 202 -32.77 -3.82 15.96
CA ARG F 202 -31.93 -4.39 14.91
C ARG F 202 -30.79 -5.22 15.48
N GLU F 203 -30.08 -4.65 16.45
CA GLU F 203 -28.94 -5.32 17.10
C GLU F 203 -29.33 -6.49 18.00
N LYS F 204 -30.43 -6.33 18.74
CA LYS F 204 -30.89 -7.37 19.65
C LYS F 204 -31.73 -8.46 19.00
N GLY F 205 -32.48 -8.10 17.97
CA GLY F 205 -33.37 -9.05 17.32
C GLY F 205 -34.72 -8.74 17.95
N VAL F 206 -35.64 -8.21 17.15
CA VAL F 206 -36.96 -7.83 17.65
C VAL F 206 -37.68 -8.87 18.51
N GLN F 207 -37.38 -10.15 18.33
CA GLN F 207 -38.03 -11.20 19.11
C GLN F 207 -37.58 -11.17 20.58
N ASN F 208 -36.47 -10.48 20.83
CA ASN F 208 -35.91 -10.37 22.18
C ASN F 208 -36.22 -8.98 22.77
N VAL F 209 -37.08 -8.25 22.08
CA VAL F 209 -37.50 -6.91 22.48
C VAL F 209 -38.98 -6.99 22.86
N HIS F 210 -39.32 -6.46 24.04
CA HIS F 210 -40.68 -6.48 24.56
C HIS F 210 -41.47 -5.20 24.27
N THR F 211 -40.77 -4.15 23.85
CA THR F 211 -41.44 -2.89 23.54
C THR F 211 -41.79 -2.74 22.08
N ARG F 212 -42.75 -1.88 21.79
CA ARG F 212 -43.19 -1.63 20.41
C ARG F 212 -43.53 -0.14 20.31
N LEU F 213 -43.51 0.40 19.10
CA LEU F 213 -43.79 1.82 18.93
C LEU F 213 -45.24 2.18 18.64
N ASN F 214 -45.66 3.32 19.18
CA ASN F 214 -47.00 3.83 18.98
C ASN F 214 -46.91 5.17 18.28
N PHE F 215 -47.62 5.29 17.16
CA PHE F 215 -47.66 6.52 16.39
C PHE F 215 -49.08 7.05 16.54
N VAL F 216 -49.20 8.27 17.05
CA VAL F 216 -50.52 8.87 17.25
C VAL F 216 -51.18 9.42 15.98
N ARG F 217 -50.37 9.83 15.01
CA ARG F 217 -50.87 10.37 13.74
C ARG F 217 -51.91 11.48 13.95
N HIS F 218 -52.76 11.67 12.93
CA HIS F 218 -53.83 12.65 12.96
C HIS F 218 -53.36 14.09 13.17
N ARG F 219 -52.18 14.40 12.65
CA ARG F 219 -51.62 15.74 12.77
C ARG F 219 -51.46 16.15 14.25
N ASP F 220 -51.49 15.17 15.14
CA ASP F 220 -51.35 15.45 16.57
C ASP F 220 -49.95 16.01 16.82
N PRO F 221 -49.77 16.80 17.88
CA PRO F 221 -48.43 17.33 18.14
C PRO F 221 -47.42 16.21 18.42
N GLY F 222 -47.92 15.05 18.86
CA GLY F 222 -47.03 13.92 19.15
C GLY F 222 -46.63 13.16 17.90
N ALA F 223 -47.12 13.61 16.75
CA ALA F 223 -46.79 12.98 15.48
C ALA F 223 -45.71 13.81 14.80
N LEU F 224 -45.09 14.70 15.57
CA LEU F 224 -44.03 15.60 15.09
C LEU F 224 -42.85 14.95 14.38
N VAL F 225 -42.58 15.42 13.17
CA VAL F 225 -41.46 14.91 12.40
C VAL F 225 -40.52 16.09 12.17
N THR F 226 -39.24 15.86 12.40
CA THR F 226 -38.21 16.87 12.22
C THR F 226 -37.35 16.39 11.04
N TYR F 227 -37.08 17.30 10.12
CA TYR F 227 -36.35 16.97 8.91
C TYR F 227 -34.87 17.30 8.79
N SER F 228 -34.22 16.57 7.88
CA SER F 228 -32.81 16.74 7.54
C SER F 228 -32.75 17.36 6.15
N GLY F 229 -31.61 17.94 5.79
CA GLY F 229 -31.50 18.55 4.48
C GLY F 229 -30.08 18.79 4.02
N ALA F 230 -29.95 19.15 2.74
CA ALA F 230 -28.63 19.41 2.17
C ALA F 230 -28.65 20.67 1.30
N ALA F 231 -27.48 21.28 1.15
CA ALA F 231 -27.36 22.49 0.36
C ALA F 231 -25.94 22.62 -0.16
N VAL F 232 -25.80 23.33 -1.27
CA VAL F 232 -24.52 23.59 -1.90
C VAL F 232 -24.20 25.04 -1.57
N LEU F 233 -22.93 25.33 -1.32
CA LEU F 233 -22.50 26.69 -0.99
C LEU F 233 -22.19 27.49 -2.27
N LYS F 234 -22.41 28.81 -2.20
CA LYS F 234 -22.14 29.69 -3.33
C LYS F 234 -20.64 29.84 -3.55
N SER F 235 -19.89 29.58 -2.47
CA SER F 235 -18.44 29.67 -2.46
C SER F 235 -17.74 28.39 -2.88
N SER F 236 -18.51 27.42 -3.37
CA SER F 236 -17.94 26.14 -3.79
C SER F 236 -17.19 26.20 -5.12
N GLN F 237 -15.94 25.75 -5.09
CA GLN F 237 -15.12 25.74 -6.29
C GLN F 237 -15.43 24.43 -7.03
N ASN F 238 -16.36 23.64 -6.50
CA ASN F 238 -16.73 22.35 -7.07
C ASN F 238 -18.26 22.18 -7.13
N LYS F 239 -18.95 23.18 -7.65
CA LYS F 239 -20.41 23.15 -7.73
C LYS F 239 -21.02 22.05 -8.59
N ASP F 240 -20.32 21.69 -9.66
CA ASP F 240 -20.80 20.65 -10.56
C ASP F 240 -21.01 19.39 -9.74
N GLU F 241 -19.95 18.98 -9.04
CA GLU F 241 -19.98 17.79 -8.19
C GLU F 241 -20.79 18.00 -6.91
N ALA F 242 -20.83 19.24 -6.44
CA ALA F 242 -21.59 19.58 -5.23
C ALA F 242 -23.07 19.35 -5.55
N LYS F 243 -23.49 19.80 -6.73
CA LYS F 243 -24.87 19.60 -7.18
C LYS F 243 -25.17 18.11 -7.40
N LYS F 244 -24.17 17.38 -7.90
CA LYS F 244 -24.31 15.95 -8.13
C LYS F 244 -24.57 15.25 -6.81
N PHE F 245 -23.88 15.72 -5.77
CA PHE F 245 -24.03 15.11 -4.47
C PHE F 245 -25.45 15.32 -3.91
N VAL F 246 -25.95 16.55 -3.89
CA VAL F 246 -27.29 16.78 -3.36
C VAL F 246 -28.34 16.04 -4.21
N ALA F 247 -28.19 16.10 -5.53
CA ALA F 247 -29.11 15.40 -6.41
C ALA F 247 -29.10 13.91 -6.04
N PHE F 248 -27.91 13.40 -5.76
CA PHE F 248 -27.73 12.00 -5.36
C PHE F 248 -28.47 11.74 -4.06
N LEU F 249 -28.25 12.63 -3.09
CA LEU F 249 -28.84 12.52 -1.77
C LEU F 249 -30.35 12.42 -1.81
N ALA F 250 -30.97 13.23 -2.67
CA ALA F 250 -32.43 13.27 -2.81
C ALA F 250 -33.00 12.17 -3.70
N GLY F 251 -32.13 11.56 -4.50
CA GLY F 251 -32.55 10.50 -5.41
C GLY F 251 -32.68 9.11 -4.78
N LYS F 252 -33.37 8.23 -5.49
CA LYS F 252 -33.62 6.85 -5.03
C LYS F 252 -32.40 6.11 -4.50
N GLU F 253 -31.29 6.15 -5.23
CA GLU F 253 -30.11 5.44 -4.76
C GLU F 253 -29.50 6.05 -3.51
N GLY F 254 -29.37 7.37 -3.48
CA GLY F 254 -28.81 8.02 -2.32
C GLY F 254 -29.69 7.82 -1.09
N GLN F 255 -31.00 7.81 -1.32
CA GLN F 255 -31.97 7.64 -0.25
C GLN F 255 -31.93 6.21 0.32
N ARG F 256 -31.69 5.24 -0.55
CA ARG F 256 -31.62 3.85 -0.12
C ARG F 256 -30.36 3.58 0.65
N ALA F 257 -29.25 4.21 0.26
CA ALA F 257 -27.99 4.03 0.96
C ALA F 257 -28.10 4.57 2.38
N LEU F 258 -28.97 5.56 2.57
CA LEU F 258 -29.20 6.17 3.87
C LEU F 258 -30.05 5.29 4.78
N THR F 259 -31.18 4.84 4.22
CA THR F 259 -32.14 4.02 4.94
C THR F 259 -31.75 2.55 5.13
N ALA F 260 -30.53 2.23 4.73
CA ALA F 260 -29.98 0.89 4.91
C ALA F 260 -29.27 0.89 6.27
N VAL F 261 -28.95 2.09 6.75
CA VAL F 261 -28.23 2.24 8.02
C VAL F 261 -28.94 3.07 9.10
N ARG F 262 -29.71 4.09 8.68
CA ARG F 262 -30.39 4.95 9.64
C ARG F 262 -31.90 4.82 9.58
N ALA F 263 -32.51 4.75 10.76
CA ALA F 263 -33.95 4.60 10.87
C ALA F 263 -34.74 5.91 10.67
N GLU F 264 -34.40 6.65 9.62
CA GLU F 264 -35.08 7.89 9.27
C GLU F 264 -36.06 7.61 8.14
N TYR F 265 -37.16 8.35 8.09
CA TYR F 265 -38.14 8.16 7.02
C TYR F 265 -37.62 8.86 5.77
N PRO F 266 -37.44 8.10 4.67
CA PRO F 266 -36.96 8.72 3.42
C PRO F 266 -38.04 9.66 2.93
N LEU F 267 -37.67 10.72 2.24
CA LEU F 267 -38.67 11.63 1.71
C LEU F 267 -38.94 11.31 0.24
N ASN F 268 -38.02 10.54 -0.36
CA ASN F 268 -38.17 10.12 -1.75
C ASN F 268 -39.23 9.00 -1.71
N PRO F 269 -40.35 9.17 -2.44
CA PRO F 269 -41.44 8.19 -2.46
C PRO F 269 -41.15 6.80 -3.04
N HIS F 270 -40.10 6.70 -3.85
CA HIS F 270 -39.72 5.46 -4.50
C HIS F 270 -38.78 4.58 -3.68
N VAL F 271 -38.57 4.96 -2.42
CA VAL F 271 -37.69 4.22 -1.54
C VAL F 271 -38.37 3.47 -0.41
N VAL F 272 -37.98 2.21 -0.21
CA VAL F 272 -38.50 1.37 0.86
C VAL F 272 -37.35 1.19 1.86
N SER F 273 -37.58 1.53 3.11
CA SER F 273 -36.54 1.42 4.12
C SER F 273 -36.29 -0.03 4.50
N THR F 274 -35.11 -0.30 5.06
CA THR F 274 -34.71 -1.63 5.52
C THR F 274 -35.18 -1.79 6.96
N PHE F 275 -35.80 -0.73 7.47
CA PHE F 275 -36.38 -0.71 8.82
C PHE F 275 -37.87 -0.75 8.58
N ASN F 276 -38.64 -1.18 9.56
CA ASN F 276 -40.08 -1.26 9.37
C ASN F 276 -40.79 0.06 9.51
N LEU F 277 -40.43 1.00 8.64
CA LEU F 277 -41.02 2.33 8.64
C LEU F 277 -42.13 2.41 7.62
N GLU F 278 -43.28 2.94 8.02
CA GLU F 278 -44.38 3.08 7.08
C GLU F 278 -44.05 4.28 6.17
N PRO F 279 -44.84 4.48 5.10
CA PRO F 279 -44.56 5.63 4.22
C PRO F 279 -44.74 6.90 5.06
N ILE F 280 -43.80 7.83 4.96
CA ILE F 280 -43.83 9.07 5.74
C ILE F 280 -45.19 9.77 5.69
N ALA F 281 -45.83 9.76 4.54
CA ALA F 281 -47.13 10.41 4.42
C ALA F 281 -48.11 9.76 5.41
N LYS F 282 -47.91 8.48 5.72
CA LYS F 282 -48.78 7.74 6.63
C LYS F 282 -48.71 8.14 8.10
N LEU F 283 -47.64 8.82 8.48
CA LEU F 283 -47.43 9.26 9.86
C LEU F 283 -48.38 10.41 10.22
N GLU F 284 -48.94 11.04 9.20
CA GLU F 284 -49.85 12.17 9.36
C GLU F 284 -49.25 13.18 10.31
N ALA F 285 -47.99 13.53 10.06
CA ALA F 285 -47.31 14.49 10.90
C ALA F 285 -47.98 15.85 10.74
N PRO F 286 -47.94 16.67 11.80
CA PRO F 286 -48.56 17.99 11.72
C PRO F 286 -47.67 18.90 10.89
N GLN F 287 -48.26 19.95 10.35
CA GLN F 287 -47.51 20.90 9.55
C GLN F 287 -47.03 21.99 10.53
N VAL F 288 -45.72 22.03 10.76
CA VAL F 288 -45.12 23.02 11.65
C VAL F 288 -43.92 23.71 10.98
N SER F 289 -43.74 24.99 11.29
CA SER F 289 -42.65 25.78 10.74
C SER F 289 -41.34 25.45 11.44
N ALA F 290 -40.24 25.79 10.79
CA ALA F 290 -38.91 25.54 11.34
C ALA F 290 -38.73 26.26 12.67
N THR F 291 -38.03 25.61 13.59
CA THR F 291 -37.76 26.16 14.91
C THR F 291 -36.73 27.29 14.92
N THR F 292 -37.05 28.38 15.61
CA THR F 292 -36.17 29.54 15.72
C THR F 292 -35.51 29.58 17.12
N VAL F 293 -34.45 30.38 17.26
CA VAL F 293 -33.75 30.48 18.55
C VAL F 293 -34.66 30.95 19.67
N SER F 294 -35.49 31.94 19.36
CA SER F 294 -36.42 32.50 20.34
C SER F 294 -37.50 31.49 20.76
N GLU F 295 -37.98 30.67 19.83
CA GLU F 295 -38.98 29.67 20.20
C GLU F 295 -38.37 28.66 21.17
N LYS F 296 -37.07 28.36 21.00
CA LYS F 296 -36.39 27.43 21.90
C LYS F 296 -36.24 28.09 23.26
N GLU F 297 -35.97 29.39 23.25
CA GLU F 297 -35.83 30.17 24.48
C GLU F 297 -37.18 30.11 25.20
N HIS F 298 -38.23 30.37 24.44
CA HIS F 298 -39.59 30.35 24.95
C HIS F 298 -39.94 29.01 25.58
N ALA F 299 -39.49 27.94 24.92
CA ALA F 299 -39.75 26.58 25.39
C ALA F 299 -38.96 26.30 26.68
N THR F 300 -37.70 26.74 26.71
CA THR F 300 -36.88 26.53 27.88
C THR F 300 -37.51 27.23 29.08
N ARG F 301 -38.12 28.38 28.83
CA ARG F 301 -38.78 29.11 29.92
C ARG F 301 -39.97 28.33 30.42
N LEU F 302 -40.68 27.69 29.50
CA LEU F 302 -41.84 26.87 29.90
C LEU F 302 -41.33 25.71 30.77
N LEU F 303 -40.21 25.11 30.38
CA LEU F 303 -39.60 24.01 31.16
C LEU F 303 -39.42 24.40 32.62
N GLU F 304 -38.95 25.62 32.84
CA GLU F 304 -38.71 26.19 34.17
C GLU F 304 -40.01 26.43 34.94
N GLN F 305 -41.03 26.94 34.26
CA GLN F 305 -42.32 27.19 34.91
C GLN F 305 -42.98 25.87 35.29
N ALA F 306 -42.73 24.84 34.50
CA ALA F 306 -43.31 23.52 34.76
C ALA F 306 -42.54 22.78 35.84
N GLY F 307 -41.38 23.33 36.20
CA GLY F 307 -40.55 22.73 37.24
C GLY F 307 -39.54 21.72 36.72
N MET F 308 -39.46 21.57 35.41
CA MET F 308 -38.54 20.62 34.80
C MET F 308 -37.21 21.26 34.49
N LYS F 309 -36.88 22.28 35.25
CA LYS F 309 -35.62 22.99 35.08
C LYS F 309 -35.51 23.99 36.23
N ASP G 1 -18.80 0.40 34.82
CA ASP G 1 -17.69 1.13 34.14
C ASP G 1 -17.12 0.34 32.98
N ILE G 2 -15.84 0.58 32.70
CA ILE G 2 -15.13 -0.12 31.64
C ILE G 2 -13.65 -0.23 32.00
N THR G 3 -13.32 -1.25 32.79
CA THR G 3 -11.95 -1.51 33.21
C THR G 3 -11.04 -1.61 31.99
N VAL G 4 -9.97 -0.83 31.99
CA VAL G 4 -9.06 -0.81 30.86
C VAL G 4 -7.64 -1.27 31.21
N TYR G 5 -7.15 -2.23 30.45
CA TYR G 5 -5.79 -2.74 30.61
C TYR G 5 -4.98 -1.82 29.69
N ASN G 6 -4.28 -0.88 30.32
CA ASN G 6 -3.49 0.12 29.64
C ASN G 6 -2.01 -0.22 29.50
N GLY G 7 -1.54 -0.19 28.26
CA GLY G 7 -0.15 -0.44 27.97
C GLY G 7 0.44 0.88 27.54
N GLN G 8 -0.45 1.75 27.05
CA GLN G 8 -0.07 3.07 26.58
C GLN G 8 0.57 3.95 27.65
N HIS G 9 0.53 5.26 27.42
CA HIS G 9 1.09 6.25 28.35
C HIS G 9 0.08 6.47 29.47
N LYS G 10 0.43 6.03 30.67
CA LYS G 10 -0.47 6.19 31.83
C LYS G 10 -1.04 7.60 31.88
N GLU G 11 -0.25 8.55 31.41
CA GLU G 11 -0.61 9.96 31.41
C GLU G 11 -1.55 10.29 30.25
N ALA G 12 -1.31 9.65 29.10
CA ALA G 12 -2.13 9.87 27.91
C ALA G 12 -3.44 9.10 28.00
N ALA G 13 -3.38 7.96 28.68
CA ALA G 13 -4.57 7.14 28.89
C ALA G 13 -5.50 7.98 29.74
N GLN G 14 -4.93 8.62 30.77
CA GLN G 14 -5.68 9.49 31.68
C GLN G 14 -6.40 10.57 30.88
N ALA G 15 -5.71 11.11 29.88
CA ALA G 15 -6.26 12.16 29.04
C ALA G 15 -7.43 11.64 28.18
N VAL G 16 -7.21 10.52 27.50
CA VAL G 16 -8.25 9.95 26.66
C VAL G 16 -9.33 9.27 27.48
N ALA G 17 -8.97 8.80 28.68
CA ALA G 17 -9.92 8.14 29.55
C ALA G 17 -10.94 9.16 30.05
N ASP G 18 -10.44 10.29 30.54
CA ASP G 18 -11.29 11.34 31.06
C ASP G 18 -11.93 12.17 29.94
N ALA G 19 -11.28 12.21 28.78
CA ALA G 19 -11.81 12.93 27.63
C ALA G 19 -13.01 12.14 27.13
N PHE G 20 -13.18 10.96 27.70
CA PHE G 20 -14.27 10.07 27.35
C PHE G 20 -15.36 10.17 28.40
N THR G 21 -14.97 9.96 29.66
CA THR G 21 -15.89 10.01 30.79
C THR G 21 -16.52 11.40 30.89
N ARG G 22 -16.19 12.25 29.92
CA ARG G 22 -16.70 13.61 29.86
C ARG G 22 -17.76 13.70 28.77
N ALA G 23 -17.45 13.18 27.59
CA ALA G 23 -18.38 13.19 26.47
C ALA G 23 -19.46 12.12 26.66
N THR G 24 -19.27 11.28 27.68
CA THR G 24 -20.22 10.22 27.99
C THR G 24 -20.54 10.20 29.48
N GLY G 25 -19.50 10.08 30.31
CA GLY G 25 -19.68 10.02 31.74
C GLY G 25 -19.26 8.66 32.26
N ILE G 26 -19.13 7.72 31.32
CA ILE G 26 -18.73 6.35 31.61
C ILE G 26 -17.33 6.35 32.24
N LYS G 27 -17.26 6.00 33.52
CA LYS G 27 -15.99 5.95 34.24
C LYS G 27 -15.06 4.90 33.63
N VAL G 28 -13.77 5.03 33.89
CA VAL G 28 -12.78 4.09 33.37
C VAL G 28 -11.67 3.76 34.36
N LYS G 29 -11.59 2.49 34.72
CA LYS G 29 -10.57 2.00 35.64
C LYS G 29 -9.39 1.56 34.79
N LEU G 30 -8.24 2.19 34.97
CA LEU G 30 -7.05 1.82 34.17
C LEU G 30 -6.06 0.93 34.91
N ASN G 31 -5.79 -0.25 34.36
CA ASN G 31 -4.83 -1.19 34.92
C ASN G 31 -3.61 -1.08 34.02
N SER G 32 -2.51 -0.55 34.55
CA SER G 32 -1.30 -0.34 33.75
C SER G 32 -0.16 -1.33 33.95
N ALA G 33 0.57 -1.56 32.85
CA ALA G 33 1.73 -2.46 32.79
C ALA G 33 2.15 -2.53 31.33
N LYS G 34 3.12 -3.38 31.00
CA LYS G 34 3.57 -3.53 29.61
C LYS G 34 2.53 -4.34 28.83
N GLY G 35 2.24 -3.91 27.60
CA GLY G 35 1.26 -4.59 26.75
C GLY G 35 1.35 -6.11 26.70
N ASP G 36 2.52 -6.64 26.40
CA ASP G 36 2.72 -8.08 26.31
C ASP G 36 2.64 -8.75 27.69
N GLN G 37 2.54 -7.92 28.72
CA GLN G 37 2.41 -8.41 30.09
C GLN G 37 0.90 -8.41 30.35
N LEU G 38 0.24 -7.36 29.84
CA LEU G 38 -1.21 -7.24 29.97
C LEU G 38 -1.81 -8.41 29.20
N ALA G 39 -1.41 -8.54 27.95
CA ALA G 39 -1.88 -9.63 27.09
C ALA G 39 -1.77 -10.94 27.85
N GLY G 40 -0.56 -11.28 28.29
CA GLY G 40 -0.34 -12.49 29.03
C GLY G 40 -1.32 -12.68 30.20
N GLN G 41 -1.58 -11.59 30.92
CA GLN G 41 -2.51 -11.66 32.04
C GLN G 41 -3.92 -12.00 31.57
N ILE G 42 -4.30 -11.46 30.41
CA ILE G 42 -5.62 -11.71 29.85
C ILE G 42 -5.80 -13.16 29.42
N LYS G 43 -4.75 -13.75 28.84
CA LYS G 43 -4.80 -15.13 28.38
C LYS G 43 -5.11 -16.05 29.55
N GLU G 44 -4.35 -15.87 30.63
CA GLU G 44 -4.52 -16.65 31.84
C GLU G 44 -5.96 -16.60 32.36
N GLU G 45 -6.39 -15.39 32.70
CA GLU G 45 -7.74 -15.15 33.23
C GLU G 45 -8.85 -15.73 32.36
N GLY G 46 -8.69 -15.58 31.04
CA GLY G 46 -9.68 -16.08 30.11
C GLY G 46 -10.96 -15.27 30.13
N SER G 47 -12.10 -15.94 30.00
CA SER G 47 -13.38 -15.25 30.02
C SER G 47 -13.83 -15.04 31.48
N ARG G 48 -12.92 -14.46 32.25
CA ARG G 48 -13.12 -14.16 33.67
C ARG G 48 -12.34 -12.89 34.00
N SER G 49 -11.63 -12.36 33.00
CA SER G 49 -10.84 -11.15 33.16
C SER G 49 -11.79 -9.96 33.30
N PRO G 50 -11.45 -9.00 34.19
CA PRO G 50 -12.28 -7.82 34.41
C PRO G 50 -12.07 -6.73 33.35
N ALA G 51 -11.16 -6.98 32.41
CA ALA G 51 -10.84 -6.04 31.35
C ALA G 51 -11.86 -6.04 30.22
N ASP G 52 -12.30 -4.85 29.84
CA ASP G 52 -13.28 -4.68 28.76
C ASP G 52 -12.55 -4.30 27.47
N VAL G 53 -11.52 -3.47 27.62
CA VAL G 53 -10.72 -2.99 26.50
C VAL G 53 -9.21 -3.06 26.79
N PHE G 54 -8.44 -3.35 25.74
CA PHE G 54 -6.99 -3.41 25.84
C PHE G 54 -6.37 -2.30 24.98
N TYR G 55 -5.76 -1.32 25.65
CA TYR G 55 -5.12 -0.20 24.98
C TYR G 55 -3.63 -0.56 24.98
N SER G 56 -3.17 -1.09 23.84
CA SER G 56 -1.79 -1.53 23.73
C SER G 56 -0.87 -0.60 23.01
N GLU G 57 0.36 -0.54 23.50
CA GLU G 57 1.41 0.27 22.94
C GLU G 57 2.16 -0.66 21.98
N GLN G 58 1.63 -1.86 21.82
CA GLN G 58 2.20 -2.91 20.96
C GLN G 58 1.13 -3.66 20.14
N ILE G 59 1.36 -3.80 18.84
CA ILE G 59 0.44 -4.53 17.99
C ILE G 59 0.63 -6.05 18.20
N PRO G 60 1.88 -6.49 18.44
CA PRO G 60 2.13 -7.92 18.66
C PRO G 60 1.29 -8.47 19.82
N ALA G 61 1.11 -7.65 20.85
CA ALA G 61 0.33 -8.04 22.02
C ALA G 61 -1.13 -8.25 21.65
N LEU G 62 -1.60 -7.45 20.69
CA LEU G 62 -2.99 -7.52 20.22
C LEU G 62 -3.19 -8.67 19.22
N ALA G 63 -2.10 -9.03 18.54
CA ALA G 63 -2.15 -10.11 17.56
C ALA G 63 -2.17 -11.46 18.26
N THR G 64 -1.38 -11.58 19.33
CA THR G 64 -1.33 -12.83 20.09
C THR G 64 -2.72 -13.09 20.68
N LEU G 65 -3.32 -12.04 21.24
CA LEU G 65 -4.66 -12.13 21.82
C LEU G 65 -5.68 -12.36 20.70
N SER G 66 -5.48 -11.72 19.55
CA SER G 66 -6.40 -11.92 18.43
C SER G 66 -6.22 -13.34 17.93
N ALA G 67 -4.97 -13.78 17.85
CA ALA G 67 -4.64 -15.12 17.40
C ALA G 67 -5.43 -16.14 18.21
N ALA G 68 -5.60 -15.81 19.49
CA ALA G 68 -6.34 -16.65 20.44
C ALA G 68 -7.82 -16.29 20.44
N ASN G 69 -8.17 -15.34 19.56
CA ASN G 69 -9.54 -14.84 19.40
C ASN G 69 -10.19 -14.40 20.70
N LEU G 70 -9.36 -13.94 21.63
CA LEU G 70 -9.81 -13.45 22.93
C LEU G 70 -10.26 -12.02 22.68
N LEU G 71 -10.36 -11.64 21.41
CA LEU G 71 -10.78 -10.31 21.04
C LEU G 71 -12.10 -10.28 20.27
N GLU G 72 -12.91 -9.28 20.57
CA GLU G 72 -14.20 -9.11 19.92
C GLU G 72 -13.95 -8.35 18.62
N PRO G 73 -14.73 -8.64 17.56
CA PRO G 73 -14.59 -7.98 16.26
C PRO G 73 -15.05 -6.51 16.22
N LEU G 74 -14.22 -5.64 15.66
CA LEU G 74 -14.54 -4.20 15.58
C LEU G 74 -15.26 -3.82 14.29
N PRO G 75 -16.21 -2.87 14.38
CA PRO G 75 -16.98 -2.41 13.23
C PRO G 75 -16.15 -1.55 12.27
N ALA G 76 -16.37 -1.72 10.97
CA ALA G 76 -15.65 -0.96 9.95
C ALA G 76 -15.81 0.53 10.25
N SER G 77 -16.85 0.84 11.02
CA SER G 77 -17.14 2.22 11.44
C SER G 77 -16.03 2.74 12.36
N THR G 78 -15.29 1.81 12.96
CA THR G 78 -14.20 2.14 13.87
C THR G 78 -12.85 1.95 13.19
N ILE G 79 -12.70 0.87 12.46
CA ILE G 79 -11.45 0.57 11.77
C ILE G 79 -11.10 1.63 10.73
N ASN G 80 -12.10 2.09 9.98
CA ASN G 80 -11.84 3.10 8.95
C ASN G 80 -11.55 4.50 9.51
N GLU G 81 -11.51 4.61 10.84
CA GLU G 81 -11.24 5.90 11.49
C GLU G 81 -9.74 6.20 11.61
N THR G 82 -8.92 5.27 11.13
CA THR G 82 -7.46 5.41 11.16
C THR G 82 -6.86 4.65 9.98
N ARG G 83 -7.73 4.10 9.15
CA ARG G 83 -7.31 3.34 7.96
C ARG G 83 -6.30 4.21 7.22
N GLY G 84 -5.03 3.81 7.24
CA GLY G 84 -4.01 4.59 6.56
C GLY G 84 -3.04 3.81 5.70
N LYS G 85 -2.26 4.53 4.91
CA LYS G 85 -1.28 3.95 4.01
C LYS G 85 -0.10 3.36 4.78
N GLY G 86 -0.06 2.03 4.91
CA GLY G 86 1.01 1.38 5.62
C GLY G 86 0.77 1.20 7.11
N VAL G 87 -0.46 1.45 7.54
CA VAL G 87 -0.86 1.32 8.94
C VAL G 87 -1.28 -0.13 9.20
N PRO G 88 -0.92 -0.67 10.39
CA PRO G 88 -1.27 -2.05 10.75
C PRO G 88 -2.76 -2.32 10.54
N VAL G 89 -3.06 -3.44 9.90
CA VAL G 89 -4.46 -3.81 9.64
C VAL G 89 -4.78 -5.19 10.20
N ALA G 90 -5.86 -5.28 10.97
CA ALA G 90 -6.26 -6.55 11.56
C ALA G 90 -6.94 -7.48 10.54
N ALA G 91 -6.37 -8.67 10.36
CA ALA G 91 -6.89 -9.66 9.43
C ALA G 91 -8.17 -10.29 9.98
N LYS G 92 -8.38 -10.10 11.28
CA LYS G 92 -9.54 -10.60 11.99
C LYS G 92 -10.32 -9.40 12.50
N LYS G 93 -9.73 -8.22 12.31
CA LYS G 93 -10.28 -6.94 12.72
C LYS G 93 -10.85 -6.84 14.14
N ASP G 94 -10.16 -7.49 15.09
CA ASP G 94 -10.57 -7.48 16.48
C ASP G 94 -9.78 -6.43 17.25
N TRP G 95 -9.07 -5.58 16.51
CA TRP G 95 -8.29 -4.49 17.07
C TRP G 95 -8.09 -3.43 15.99
N VAL G 96 -7.64 -2.25 16.40
CA VAL G 96 -7.43 -1.15 15.48
C VAL G 96 -6.23 -0.32 15.90
N ALA G 97 -5.45 0.12 14.92
CA ALA G 97 -4.25 0.94 15.14
C ALA G 97 -4.69 2.37 15.47
N LEU G 98 -3.99 3.00 16.40
CA LEU G 98 -4.35 4.34 16.82
C LEU G 98 -3.30 5.42 16.61
N SER G 99 -2.10 5.20 17.14
CA SER G 99 -1.04 6.17 16.99
C SER G 99 0.29 5.52 16.66
N GLY G 100 1.32 6.34 16.53
CA GLY G 100 2.64 5.82 16.21
C GLY G 100 3.75 6.66 16.81
N ARG G 101 4.83 5.97 17.18
CA ARG G 101 6.03 6.58 17.75
C ARG G 101 7.08 6.44 16.66
N SER G 102 8.02 7.38 16.59
CA SER G 102 9.05 7.33 15.56
C SER G 102 10.47 7.19 16.11
N ARG G 103 11.32 6.52 15.35
CA ARG G 103 12.72 6.39 15.72
C ARG G 103 13.30 7.71 15.20
N VAL G 104 14.05 8.41 16.03
CA VAL G 104 14.61 9.68 15.60
C VAL G 104 16.06 9.81 16.01
N VAL G 105 16.71 10.84 15.49
CA VAL G 105 18.08 11.13 15.82
C VAL G 105 18.04 12.53 16.40
N VAL G 106 18.34 12.65 17.69
CA VAL G 106 18.37 13.96 18.34
C VAL G 106 19.82 14.43 18.28
N TYR G 107 20.04 15.67 17.86
CA TYR G 107 21.39 16.19 17.74
C TYR G 107 21.56 17.58 18.38
N ASP G 108 22.81 17.88 18.75
CA ASP G 108 23.16 19.15 19.36
C ASP G 108 23.38 20.19 18.26
N THR G 109 22.46 21.15 18.17
CA THR G 109 22.53 22.19 17.15
C THR G 109 23.74 23.14 17.30
N ARG G 110 24.57 22.86 18.29
CA ARG G 110 25.77 23.66 18.52
C ARG G 110 26.90 22.94 17.80
N LYS G 111 26.72 21.65 17.57
CA LYS G 111 27.71 20.84 16.90
C LYS G 111 27.29 20.36 15.51
N LEU G 112 26.08 19.81 15.42
CA LEU G 112 25.57 19.31 14.14
C LEU G 112 24.32 20.03 13.68
N SER G 113 24.13 20.10 12.38
CA SER G 113 22.95 20.74 11.80
C SER G 113 22.21 19.70 10.96
N GLU G 114 20.92 19.93 10.74
CA GLU G 114 20.08 19.01 9.98
C GLU G 114 20.79 18.58 8.70
N LYS G 115 21.61 19.47 8.17
CA LYS G 115 22.36 19.24 6.95
C LYS G 115 23.46 18.17 7.11
N ASP G 116 23.92 17.98 8.34
CA ASP G 116 24.98 17.03 8.63
C ASP G 116 24.60 15.61 9.03
N LEU G 117 23.32 15.37 9.30
CA LEU G 117 22.92 14.02 9.69
C LEU G 117 22.84 13.08 8.49
N GLU G 118 23.16 11.82 8.73
CA GLU G 118 23.16 10.78 7.70
C GLU G 118 21.78 10.53 7.08
N LYS G 119 21.75 10.20 5.80
CA LYS G 119 20.51 9.94 5.11
C LYS G 119 20.05 8.51 5.32
N SER G 120 20.75 7.83 6.23
CA SER G 120 20.46 6.45 6.62
C SER G 120 21.15 6.13 7.95
N VAL G 121 20.43 5.42 8.81
CA VAL G 121 20.93 5.06 10.13
C VAL G 121 22.05 4.03 10.12
N LEU G 122 22.20 3.33 9.00
CA LEU G 122 23.24 2.32 8.91
C LEU G 122 24.62 2.96 8.82
N ASN G 123 24.64 4.22 8.38
CA ASN G 123 25.87 4.97 8.22
C ASN G 123 26.49 5.46 9.52
N TYR G 124 25.76 5.33 10.62
CA TYR G 124 26.27 5.75 11.92
C TYR G 124 27.29 4.76 12.48
N ALA G 125 27.40 3.60 11.84
CA ALA G 125 28.35 2.57 12.25
C ALA G 125 29.62 2.70 11.41
N THR G 126 30.30 3.84 11.56
CA THR G 126 31.56 4.11 10.85
C THR G 126 32.40 5.02 11.74
N PRO G 127 33.73 5.03 11.54
CA PRO G 127 34.58 5.90 12.37
C PRO G 127 34.07 7.34 12.46
N LYS G 128 33.56 7.86 11.35
CA LYS G 128 33.01 9.22 11.27
C LYS G 128 32.22 9.60 12.52
N TRP G 129 31.59 8.60 13.14
CA TRP G 129 30.78 8.85 14.31
C TRP G 129 31.38 8.26 15.59
N LYS G 130 32.70 8.10 15.57
CA LYS G 130 33.46 7.58 16.71
C LYS G 130 33.15 8.53 17.87
N ASN G 131 32.56 8.00 18.93
CA ASN G 131 32.19 8.79 20.11
C ASN G 131 31.30 10.00 19.79
N ARG G 132 30.65 9.99 18.63
CA ARG G 132 29.77 11.08 18.25
C ARG G 132 28.29 10.68 18.24
N ILE G 133 28.02 9.39 18.14
CA ILE G 133 26.64 8.89 18.12
C ILE G 133 26.33 7.99 19.33
N GLY G 134 25.21 8.25 19.98
CA GLY G 134 24.82 7.48 21.14
C GLY G 134 23.58 6.62 20.94
N TYR G 135 23.56 5.48 21.63
CA TYR G 135 22.44 4.55 21.55
C TYR G 135 22.19 3.86 22.89
N VAL G 136 21.02 3.25 23.01
CA VAL G 136 20.65 2.53 24.23
C VAL G 136 20.44 1.06 23.82
N PRO G 137 21.51 0.25 23.89
CA PRO G 137 21.47 -1.17 23.53
C PRO G 137 20.52 -2.04 24.33
N THR G 138 19.96 -1.48 25.40
CA THR G 138 19.03 -2.23 26.25
C THR G 138 17.56 -1.86 26.02
N SER G 139 17.33 -0.93 25.10
CA SER G 139 15.98 -0.47 24.79
C SER G 139 15.24 -1.40 23.84
N GLY G 140 13.92 -1.50 24.03
CA GLY G 140 13.10 -2.34 23.18
C GLY G 140 12.95 -1.69 21.82
N ALA G 141 12.92 -0.36 21.80
CA ALA G 141 12.82 0.36 20.53
C ALA G 141 14.10 0.10 19.76
N PHE G 142 15.22 0.01 20.47
CA PHE G 142 16.51 -0.25 19.82
C PHE G 142 16.48 -1.66 19.25
N LEU G 143 15.75 -2.56 19.92
CA LEU G 143 15.63 -3.94 19.49
C LEU G 143 14.72 -3.99 18.26
N GLU G 144 13.64 -3.22 18.34
CA GLU G 144 12.68 -3.12 17.26
C GLU G 144 13.35 -2.53 16.05
N GLN G 145 14.43 -1.80 16.27
CA GLN G 145 15.17 -1.19 15.17
C GLN G 145 15.99 -2.25 14.43
N ILE G 146 16.62 -3.14 15.20
CA ILE G 146 17.42 -4.22 14.64
C ILE G 146 16.49 -5.16 13.85
N VAL G 147 15.29 -5.36 14.38
CA VAL G 147 14.28 -6.23 13.75
C VAL G 147 13.85 -5.73 12.36
N ALA G 148 13.74 -4.41 12.22
CA ALA G 148 13.34 -3.82 10.94
C ALA G 148 14.50 -3.86 9.93
N ILE G 149 15.71 -3.80 10.44
CA ILE G 149 16.87 -3.83 9.56
C ILE G 149 16.99 -5.25 9.03
N VAL G 150 16.68 -6.22 9.88
CA VAL G 150 16.73 -7.63 9.46
C VAL G 150 15.63 -7.89 8.41
N LYS G 151 14.42 -7.40 8.65
CA LYS G 151 13.34 -7.62 7.69
C LYS G 151 13.58 -6.82 6.41
N LEU G 152 13.92 -5.55 6.55
CA LEU G 152 14.16 -4.69 5.41
C LEU G 152 15.48 -4.97 4.70
N LYS G 153 16.54 -5.21 5.48
CA LYS G 153 17.87 -5.42 4.92
C LYS G 153 18.53 -6.80 4.97
N GLY G 154 18.07 -7.68 5.85
CA GLY G 154 18.69 -8.99 5.97
C GLY G 154 19.64 -9.03 7.15
N GLU G 155 19.89 -10.22 7.70
CA GLU G 155 20.76 -10.40 8.87
C GLU G 155 22.13 -9.71 8.80
N ALA G 156 22.83 -9.86 7.67
CA ALA G 156 24.15 -9.27 7.48
C ALA G 156 24.16 -7.79 7.83
N ALA G 157 23.37 -7.02 7.08
CA ALA G 157 23.26 -5.58 7.29
C ALA G 157 23.11 -5.22 8.76
N ALA G 158 22.22 -5.94 9.45
CA ALA G 158 21.94 -5.72 10.87
C ALA G 158 23.17 -5.92 11.75
N LEU G 159 23.95 -6.95 11.45
CA LEU G 159 25.17 -7.25 12.21
C LEU G 159 26.28 -6.24 11.88
N LYS G 160 26.38 -5.85 10.60
CA LYS G 160 27.38 -4.89 10.17
C LYS G 160 27.05 -3.56 10.82
N TRP G 161 25.79 -3.40 11.20
CA TRP G 161 25.34 -2.18 11.86
C TRP G 161 25.64 -2.21 13.36
N LEU G 162 25.28 -3.32 14.03
CA LEU G 162 25.51 -3.47 15.47
C LEU G 162 26.98 -3.64 15.84
N LYS G 163 27.76 -4.23 14.94
CA LYS G 163 29.18 -4.39 15.19
C LYS G 163 29.81 -3.01 15.11
N GLY G 164 29.39 -2.23 14.11
CA GLY G 164 29.90 -0.89 13.93
C GLY G 164 29.51 0.09 15.03
N LEU G 165 28.34 -0.09 15.64
CA LEU G 165 27.92 0.80 16.72
C LEU G 165 28.69 0.47 17.98
N LYS G 166 28.96 -0.81 18.20
CA LYS G 166 29.69 -1.22 19.38
C LYS G 166 31.16 -0.82 19.32
N GLU G 167 31.65 -0.57 18.11
CA GLU G 167 33.06 -0.20 17.92
C GLU G 167 33.38 1.27 18.14
N TYR G 168 32.58 2.18 17.58
CA TYR G 168 32.82 3.61 17.76
C TYR G 168 31.60 4.35 18.27
N GLY G 169 30.67 3.61 18.86
CA GLY G 169 29.48 4.23 19.41
C GLY G 169 29.59 4.23 20.91
N LYS G 170 28.69 4.95 21.57
CA LYS G 170 28.70 5.05 23.02
C LYS G 170 27.32 4.71 23.58
N PRO G 171 27.22 3.62 24.36
CA PRO G 171 25.95 3.17 24.96
C PRO G 171 25.49 4.07 26.10
N TYR G 172 24.20 4.04 26.35
CA TYR G 172 23.59 4.82 27.42
C TYR G 172 22.60 3.91 28.12
N ALA G 173 22.35 4.16 29.41
CA ALA G 173 21.43 3.35 30.19
C ALA G 173 19.99 3.47 29.72
N LYS G 174 19.49 4.70 29.67
CA LYS G 174 18.12 4.95 29.25
C LYS G 174 18.10 5.93 28.10
N ASN G 175 16.92 6.13 27.50
CA ASN G 175 16.77 7.08 26.40
C ASN G 175 16.89 8.48 26.97
N SER G 176 16.20 8.71 28.09
CA SER G 176 16.22 10.00 28.77
C SER G 176 17.64 10.44 29.17
N VAL G 177 18.50 9.46 29.47
CA VAL G 177 19.87 9.73 29.86
C VAL G 177 20.65 10.16 28.62
N ALA G 178 20.45 9.44 27.53
CA ALA G 178 21.11 9.71 26.26
C ALA G 178 20.70 11.09 25.75
N LEU G 179 19.42 11.41 25.94
CA LEU G 179 18.84 12.69 25.53
C LEU G 179 19.54 13.86 26.24
N GLN G 180 19.80 13.70 27.54
CA GLN G 180 20.46 14.73 28.31
C GLN G 180 21.95 14.81 28.00
N ALA G 181 22.52 13.70 27.55
CA ALA G 181 23.92 13.66 27.19
C ALA G 181 24.15 14.57 25.96
N VAL G 182 23.22 14.51 25.01
CA VAL G 182 23.31 15.32 23.78
C VAL G 182 22.97 16.77 24.09
N GLU G 183 21.92 16.96 24.89
CA GLU G 183 21.47 18.29 25.28
C GLU G 183 22.55 19.06 26.06
N ASN G 184 23.39 18.33 26.79
CA ASN G 184 24.46 18.95 27.58
C ASN G 184 25.80 19.07 26.86
N GLY G 185 25.92 18.42 25.71
CA GLY G 185 27.16 18.50 24.95
C GLY G 185 28.03 17.25 24.98
N GLU G 186 27.75 16.33 25.91
CA GLU G 186 28.52 15.10 26.03
C GLU G 186 28.76 14.40 24.69
N ILE G 187 27.78 14.48 23.80
CA ILE G 187 27.90 13.84 22.49
C ILE G 187 27.02 14.55 21.44
N ASP G 188 27.51 14.57 20.21
CA ASP G 188 26.82 15.23 19.10
C ASP G 188 25.38 14.80 18.83
N ALA G 189 25.13 13.49 18.80
CA ALA G 189 23.79 12.97 18.52
C ALA G 189 23.51 11.66 19.24
N ALA G 190 22.26 11.19 19.15
CA ALA G 190 21.84 9.96 19.79
C ALA G 190 20.59 9.39 19.13
N LEU G 191 20.43 8.07 19.18
CA LEU G 191 19.27 7.39 18.61
C LEU G 191 18.27 7.17 19.75
N ILE G 192 17.07 7.72 19.60
CA ILE G 192 16.01 7.59 20.61
C ILE G 192 14.64 7.64 19.93
N ASN G 193 13.59 7.75 20.75
CA ASN G 193 12.22 7.86 20.24
C ASN G 193 11.81 9.34 20.29
N ASN G 194 11.02 9.77 19.30
CA ASN G 194 10.57 11.16 19.19
C ASN G 194 9.93 11.84 20.42
N TYR G 195 8.91 11.22 21.01
CA TYR G 195 8.20 11.79 22.15
C TYR G 195 9.06 12.23 23.33
N TYR G 196 10.23 11.60 23.49
CA TYR G 196 11.12 11.98 24.58
C TYR G 196 11.48 13.45 24.44
N TRP G 197 11.93 13.81 23.24
CA TRP G 197 12.33 15.17 22.95
C TRP G 197 11.16 16.14 22.99
N HIS G 198 10.06 15.78 22.32
CA HIS G 198 8.88 16.63 22.26
C HIS G 198 8.32 17.06 23.62
N ALA G 199 8.50 16.21 24.63
CA ALA G 199 8.02 16.50 25.98
C ALA G 199 8.99 17.45 26.67
N PHE G 200 10.27 17.18 26.48
CA PHE G 200 11.33 17.99 27.06
C PHE G 200 11.20 19.45 26.64
N ALA G 201 11.14 19.68 25.33
CA ALA G 201 11.03 21.02 24.75
C ALA G 201 9.77 21.77 25.17
N ARG G 202 8.61 21.10 25.15
CA ARG G 202 7.37 21.75 25.55
C ARG G 202 7.43 22.25 26.98
N GLU G 203 8.09 21.47 27.85
CA GLU G 203 8.22 21.84 29.25
C GLU G 203 9.26 22.94 29.46
N LYS G 204 10.44 22.75 28.87
CA LYS G 204 11.53 23.69 28.99
C LYS G 204 11.40 24.97 28.16
N GLY G 205 10.61 24.91 27.08
CA GLY G 205 10.48 26.06 26.20
C GLY G 205 11.50 25.87 25.11
N VAL G 206 11.07 25.27 24.00
CA VAL G 206 11.94 24.97 22.85
C VAL G 206 13.04 25.98 22.51
N GLN G 207 12.89 27.22 22.95
CA GLN G 207 13.90 28.23 22.68
C GLN G 207 15.05 28.05 23.65
N ASN G 208 14.80 27.30 24.72
CA ASN G 208 15.81 27.04 25.75
C ASN G 208 16.36 25.62 25.68
N VAL G 209 16.39 25.07 24.47
CA VAL G 209 16.87 23.72 24.24
C VAL G 209 17.87 23.73 23.10
N HIS G 210 18.99 23.01 23.26
CA HIS G 210 20.02 22.99 22.24
C HIS G 210 19.95 21.83 21.25
N THR G 211 19.09 20.85 21.54
CA THR G 211 18.94 19.69 20.67
C THR G 211 17.68 19.77 19.81
N ARG G 212 17.78 19.27 18.58
CA ARG G 212 16.66 19.24 17.66
C ARG G 212 16.53 17.79 17.20
N LEU G 213 15.44 17.48 16.49
CA LEU G 213 15.22 16.13 16.01
C LEU G 213 15.44 16.01 14.50
N ASN G 214 16.00 14.88 14.07
CA ASN G 214 16.24 14.63 12.66
C ASN G 214 15.48 13.38 12.22
N PHE G 215 14.82 13.47 11.06
CA PHE G 215 14.04 12.35 10.53
C PHE G 215 14.65 11.90 9.20
N VAL G 216 15.11 10.66 9.12
CA VAL G 216 15.74 10.13 7.90
C VAL G 216 14.82 9.93 6.70
N ARG G 217 13.56 9.57 6.92
CA ARG G 217 12.59 9.37 5.84
C ARG G 217 13.05 8.35 4.78
N HIS G 218 12.47 8.48 3.57
CA HIS G 218 12.77 7.64 2.42
C HIS G 218 12.60 6.13 2.64
N ARG G 219 11.73 5.75 3.56
CA ARG G 219 11.49 4.33 3.89
C ARG G 219 12.74 3.68 4.46
N ASP G 220 13.65 4.51 5.00
CA ASP G 220 14.91 4.04 5.59
C ASP G 220 14.58 3.29 6.88
N PRO G 221 15.40 2.27 7.24
CA PRO G 221 15.19 1.48 8.47
C PRO G 221 15.12 2.38 9.70
N GLY G 222 15.77 3.54 9.62
CA GLY G 222 15.78 4.49 10.73
C GLY G 222 14.53 5.37 10.80
N ALA G 223 13.63 5.20 9.84
CA ALA G 223 12.39 5.97 9.79
C ALA G 223 11.28 5.13 10.40
N LEU G 224 11.67 4.01 10.99
CA LEU G 224 10.76 3.07 11.61
C LEU G 224 9.77 3.75 12.55
N VAL G 225 8.51 3.36 12.42
CA VAL G 225 7.44 3.88 13.26
C VAL G 225 6.73 2.69 13.87
N THR G 226 6.50 2.75 15.17
CA THR G 226 5.81 1.67 15.87
C THR G 226 4.41 2.15 16.22
N TYR G 227 3.42 1.30 15.98
CA TYR G 227 2.04 1.64 16.23
C TYR G 227 1.41 1.13 17.52
N SER G 228 0.42 1.90 17.98
CA SER G 228 -0.36 1.58 19.17
C SER G 228 -1.75 1.21 18.66
N GLY G 229 -2.50 0.47 19.45
CA GLY G 229 -3.83 0.06 19.02
C GLY G 229 -4.71 -0.35 20.17
N ALA G 230 -6.00 -0.55 19.90
CA ALA G 230 -6.93 -0.95 20.95
C ALA G 230 -7.79 -2.12 20.50
N ALA G 231 -8.29 -2.86 21.49
CA ALA G 231 -9.13 -4.02 21.21
C ALA G 231 -10.10 -4.24 22.36
N VAL G 232 -11.23 -4.89 22.07
CA VAL G 232 -12.23 -5.20 23.09
C VAL G 232 -12.24 -6.71 23.32
N LEU G 233 -12.08 -7.11 24.58
CA LEU G 233 -12.07 -8.51 24.93
C LEU G 233 -13.41 -9.19 24.67
N LYS G 234 -13.35 -10.48 24.33
CA LYS G 234 -14.53 -11.31 24.08
C LYS G 234 -15.35 -11.47 25.37
N SER G 235 -14.62 -11.52 26.49
CA SER G 235 -15.20 -11.68 27.83
C SER G 235 -15.71 -10.37 28.44
N SER G 236 -15.76 -9.31 27.65
CA SER G 236 -16.22 -8.03 28.15
C SER G 236 -17.69 -8.11 28.54
N GLN G 237 -18.01 -7.61 29.74
CA GLN G 237 -19.39 -7.60 30.22
C GLN G 237 -20.06 -6.27 29.91
N ASN G 238 -19.26 -5.38 29.32
CA ASN G 238 -19.70 -4.05 28.89
C ASN G 238 -19.04 -3.90 27.53
N LYS G 239 -19.53 -4.65 26.54
CA LYS G 239 -18.96 -4.62 25.20
C LYS G 239 -19.36 -3.37 24.42
N ASP G 240 -20.55 -2.83 24.71
CA ASP G 240 -21.00 -1.64 24.01
C ASP G 240 -20.28 -0.40 24.57
N GLU G 241 -19.91 -0.46 25.84
CA GLU G 241 -19.18 0.63 26.49
C GLU G 241 -17.70 0.33 26.29
N ALA G 242 -17.41 -0.76 25.57
CA ALA G 242 -16.05 -1.18 25.27
C ALA G 242 -15.80 -0.91 23.79
N LYS G 243 -16.84 -1.10 22.99
CA LYS G 243 -16.78 -0.86 21.54
C LYS G 243 -16.77 0.64 21.26
N LYS G 244 -17.52 1.37 22.07
CA LYS G 244 -17.63 2.83 21.94
C LYS G 244 -16.33 3.51 22.38
N PHE G 245 -15.78 3.07 23.53
CA PHE G 245 -14.55 3.65 24.04
C PHE G 245 -13.39 3.42 23.08
N VAL G 246 -13.54 2.44 22.19
CA VAL G 246 -12.50 2.16 21.20
C VAL G 246 -12.85 2.95 19.93
N ALA G 247 -14.13 3.22 19.74
CA ALA G 247 -14.58 4.00 18.60
C ALA G 247 -14.22 5.44 18.91
N PHE G 248 -14.14 5.75 20.20
CA PHE G 248 -13.79 7.08 20.69
C PHE G 248 -12.31 7.39 20.42
N LEU G 249 -11.43 6.48 20.88
CA LEU G 249 -10.00 6.62 20.72
C LEU G 249 -9.53 6.76 19.26
N ALA G 250 -10.29 6.21 18.32
CA ALA G 250 -9.89 6.26 16.91
C ALA G 250 -10.50 7.46 16.18
N GLY G 251 -11.42 8.16 16.85
CA GLY G 251 -12.07 9.29 16.24
C GLY G 251 -11.47 10.67 16.45
N LYS G 252 -12.22 11.67 15.99
CA LYS G 252 -11.84 13.08 16.06
C LYS G 252 -11.45 13.63 17.43
N GLU G 253 -12.31 13.44 18.43
CA GLU G 253 -12.03 13.95 19.78
C GLU G 253 -11.06 13.07 20.58
N GLY G 254 -11.23 11.75 20.47
CA GLY G 254 -10.37 10.85 21.20
C GLY G 254 -8.93 10.94 20.76
N GLN G 255 -8.75 11.25 19.48
CA GLN G 255 -7.42 11.38 18.89
C GLN G 255 -6.81 12.72 19.33
N ARG G 256 -7.62 13.77 19.32
CA ARG G 256 -7.14 15.08 19.73
C ARG G 256 -6.85 15.13 21.22
N ALA G 257 -7.57 14.34 22.00
CA ALA G 257 -7.38 14.30 23.44
C ALA G 257 -5.99 13.74 23.76
N LEU G 258 -5.58 12.76 22.97
CA LEU G 258 -4.28 12.10 23.11
C LEU G 258 -3.08 12.93 22.61
N THR G 259 -3.20 13.46 21.40
CA THR G 259 -2.14 14.25 20.79
C THR G 259 -1.91 15.62 21.45
N ALA G 260 -2.87 16.06 22.25
CA ALA G 260 -2.75 17.33 22.95
C ALA G 260 -1.95 17.12 24.24
N VAL G 261 -1.60 15.87 24.53
CA VAL G 261 -0.86 15.52 25.74
C VAL G 261 0.41 14.68 25.50
N ARG G 262 0.36 13.76 24.56
CA ARG G 262 1.53 12.92 24.25
C ARG G 262 1.91 13.17 22.80
N ALA G 263 3.20 13.21 22.54
CA ALA G 263 3.68 13.47 21.19
C ALA G 263 3.58 12.33 20.18
N GLU G 264 2.47 11.59 20.19
CA GLU G 264 2.31 10.51 19.24
C GLU G 264 1.68 11.06 17.96
N TYR G 265 1.95 10.40 16.83
CA TYR G 265 1.39 10.85 15.57
C TYR G 265 0.00 10.25 15.40
N PRO G 266 -1.02 11.12 15.25
CA PRO G 266 -2.42 10.73 15.06
C PRO G 266 -2.54 9.87 13.80
N LEU G 267 -3.44 8.88 13.81
CA LEU G 267 -3.62 8.07 12.63
C LEU G 267 -4.86 8.53 11.88
N ASN G 268 -5.70 9.31 12.57
CA ASN G 268 -6.91 9.87 11.95
C ASN G 268 -6.45 11.07 11.12
N PRO G 269 -6.64 11.01 9.79
CA PRO G 269 -6.27 12.02 8.78
C PRO G 269 -6.72 13.46 9.00
N HIS G 270 -7.53 13.70 10.02
CA HIS G 270 -8.01 15.06 10.32
C HIS G 270 -7.19 15.70 11.43
N VAL G 271 -7.18 15.03 12.58
CA VAL G 271 -6.48 15.49 13.77
C VAL G 271 -5.10 16.15 13.56
N VAL G 272 -4.84 17.18 14.35
CA VAL G 272 -3.59 17.92 14.30
C VAL G 272 -2.94 17.93 15.68
N SER G 273 -1.75 17.34 15.78
CA SER G 273 -1.03 17.27 17.04
C SER G 273 -0.81 18.67 17.62
N THR G 274 -0.62 18.72 18.93
CA THR G 274 -0.40 19.97 19.65
C THR G 274 1.09 20.30 19.55
N PHE G 275 1.89 19.28 19.20
CA PHE G 275 3.34 19.40 19.03
C PHE G 275 3.68 19.54 17.55
N ASN G 276 4.96 19.76 17.25
CA ASN G 276 5.41 19.93 15.86
C ASN G 276 5.53 18.64 15.04
N LEU G 277 4.52 17.77 15.12
CA LEU G 277 4.54 16.51 14.39
C LEU G 277 3.86 16.65 13.04
N GLU G 278 4.59 16.50 11.95
CA GLU G 278 3.97 16.61 10.64
C GLU G 278 3.12 15.38 10.39
N PRO G 279 2.31 15.39 9.30
CA PRO G 279 1.48 14.22 9.02
C PRO G 279 2.33 12.95 9.09
N ILE G 280 1.79 11.92 9.75
CA ILE G 280 2.50 10.66 9.89
C ILE G 280 2.93 10.11 8.53
N ALA G 281 2.21 10.50 7.48
CA ALA G 281 2.53 10.03 6.14
C ALA G 281 3.75 10.76 5.55
N LYS G 282 4.11 11.89 6.15
CA LYS G 282 5.26 12.66 5.68
C LYS G 282 6.57 12.02 6.14
N LEU G 283 6.48 11.16 7.15
CA LEU G 283 7.65 10.47 7.69
C LEU G 283 8.21 9.44 6.70
N GLU G 284 7.38 9.00 5.76
CA GLU G 284 7.80 8.01 4.78
C GLU G 284 8.42 6.85 5.53
N ALA G 285 7.64 6.29 6.47
CA ALA G 285 8.10 5.19 7.29
C ALA G 285 8.16 3.88 6.51
N PRO G 286 9.20 3.08 6.73
CA PRO G 286 9.31 1.82 5.99
C PRO G 286 8.14 0.90 6.35
N GLN G 287 7.78 -0.01 5.45
CA GLN G 287 6.70 -0.93 5.73
C GLN G 287 7.22 -2.26 6.23
N VAL G 288 7.05 -2.53 7.52
CA VAL G 288 7.51 -3.77 8.12
C VAL G 288 6.37 -4.52 8.79
N SER G 289 6.36 -5.84 8.61
CA SER G 289 5.33 -6.68 9.19
C SER G 289 5.41 -6.70 10.72
N ALA G 290 4.51 -7.44 11.34
CA ALA G 290 4.45 -7.52 12.79
C ALA G 290 5.71 -8.17 13.40
N THR G 291 6.13 -7.64 14.53
CA THR G 291 7.31 -8.14 15.24
C THR G 291 6.96 -9.36 16.09
N THR G 292 7.47 -10.53 15.71
CA THR G 292 7.21 -11.75 16.47
C THR G 292 8.27 -11.99 17.53
N VAL G 293 7.99 -12.93 18.44
CA VAL G 293 8.90 -13.24 19.52
C VAL G 293 10.17 -13.94 19.06
N SER G 294 10.08 -14.63 17.92
CA SER G 294 11.22 -15.35 17.35
C SER G 294 12.15 -14.32 16.72
N GLU G 295 11.55 -13.26 16.20
CA GLU G 295 12.31 -12.18 15.57
C GLU G 295 13.07 -11.39 16.63
N LYS G 296 12.52 -11.29 17.84
CA LYS G 296 13.21 -10.59 18.91
C LYS G 296 14.36 -11.45 19.38
N GLU G 297 14.10 -12.75 19.50
CA GLU G 297 15.11 -13.71 19.93
C GLU G 297 16.26 -13.58 18.93
N HIS G 298 15.92 -13.60 17.65
CA HIS G 298 16.90 -13.47 16.58
C HIS G 298 17.69 -12.16 16.77
N ALA G 299 16.98 -11.08 17.09
CA ALA G 299 17.61 -9.78 17.30
C ALA G 299 18.60 -9.80 18.48
N THR G 300 18.21 -10.45 19.57
CA THR G 300 19.06 -10.55 20.76
C THR G 300 20.37 -11.30 20.50
N ARG G 301 20.29 -12.38 19.70
CA ARG G 301 21.48 -13.16 19.36
C ARG G 301 22.47 -12.28 18.60
N LEU G 302 21.99 -11.58 17.57
CA LEU G 302 22.84 -10.69 16.79
C LEU G 302 23.34 -9.64 17.78
N LEU G 303 22.48 -9.34 18.75
CA LEU G 303 22.75 -8.36 19.81
C LEU G 303 23.87 -8.91 20.71
N GLU G 304 24.07 -10.22 20.65
CA GLU G 304 25.12 -10.86 21.43
C GLU G 304 26.35 -10.93 20.54
N GLN G 305 26.13 -11.32 19.30
CA GLN G 305 27.19 -11.42 18.31
C GLN G 305 27.90 -10.08 18.20
N ALA G 306 27.12 -9.01 18.25
CA ALA G 306 27.65 -7.66 18.14
C ALA G 306 28.54 -7.33 19.33
N GLY G 307 28.52 -8.19 20.34
CA GLY G 307 29.34 -7.97 21.51
C GLY G 307 28.80 -6.89 22.42
N MET G 308 27.48 -6.71 22.39
CA MET G 308 26.83 -5.73 23.24
C MET G 308 26.24 -6.45 24.44
N LYS G 309 25.74 -7.65 24.19
CA LYS G 309 25.15 -8.48 25.24
C LYS G 309 26.07 -9.65 25.56
N ASP H 1 -15.49 9.98 -52.62
CA ASP H 1 -14.19 10.46 -52.05
C ASP H 1 -13.07 9.55 -52.56
N ILE H 2 -13.06 9.35 -53.88
CA ILE H 2 -12.07 8.51 -54.57
C ILE H 2 -10.68 8.57 -53.90
N THR H 3 -10.21 7.42 -53.40
CA THR H 3 -8.90 7.33 -52.76
C THR H 3 -7.82 6.87 -53.76
N VAL H 4 -6.81 7.72 -53.96
CA VAL H 4 -5.74 7.44 -54.92
C VAL H 4 -4.38 7.10 -54.30
N TYR H 5 -3.67 6.17 -54.94
CA TYR H 5 -2.32 5.79 -54.49
C TYR H 5 -1.42 6.66 -55.34
N ASN H 6 -0.61 7.48 -54.69
CA ASN H 6 0.26 8.40 -55.40
C ASN H 6 1.74 8.07 -55.35
N GLY H 7 2.34 7.97 -56.54
CA GLY H 7 3.76 7.70 -56.67
C GLY H 7 4.46 8.98 -57.06
N GLN H 8 3.65 10.03 -57.30
CA GLN H 8 4.13 11.35 -57.68
C GLN H 8 4.46 12.17 -56.44
N HIS H 9 4.91 13.41 -56.61
CA HIS H 9 5.24 14.26 -55.48
C HIS H 9 3.99 14.79 -54.78
N LYS H 10 4.03 14.78 -53.44
CA LYS H 10 2.92 15.24 -52.59
C LYS H 10 2.30 16.55 -53.06
N GLU H 11 3.10 17.60 -53.12
CA GLU H 11 2.61 18.90 -53.54
C GLU H 11 1.98 18.84 -54.93
N ALA H 12 2.64 18.18 -55.87
CA ALA H 12 2.11 18.05 -57.24
C ALA H 12 0.77 17.34 -57.28
N ALA H 13 0.69 16.17 -56.64
CA ALA H 13 -0.54 15.39 -56.60
C ALA H 13 -1.59 16.14 -55.78
N GLN H 14 -1.12 16.88 -54.78
CA GLN H 14 -1.99 17.66 -53.90
C GLN H 14 -2.58 18.84 -54.68
N ALA H 15 -1.85 19.26 -55.71
CA ALA H 15 -2.29 20.38 -56.56
C ALA H 15 -3.45 19.93 -57.42
N VAL H 16 -3.27 18.81 -58.10
CA VAL H 16 -4.28 18.25 -58.98
C VAL H 16 -5.46 17.70 -58.18
N ALA H 17 -5.18 17.19 -56.98
CA ALA H 17 -6.22 16.62 -56.12
C ALA H 17 -7.15 17.76 -55.68
N ASP H 18 -6.56 18.82 -55.15
CA ASP H 18 -7.30 20.00 -54.70
C ASP H 18 -8.02 20.65 -55.89
N ALA H 19 -7.35 20.72 -57.03
CA ALA H 19 -7.92 21.31 -58.23
C ALA H 19 -9.08 20.46 -58.76
N PHE H 20 -9.13 19.21 -58.29
CA PHE H 20 -10.19 18.27 -58.69
C PHE H 20 -11.35 18.39 -57.70
N THR H 21 -10.99 18.38 -56.43
CA THR H 21 -11.95 18.48 -55.34
C THR H 21 -12.72 19.79 -55.47
N ARG H 22 -12.30 20.64 -56.39
CA ARG H 22 -12.95 21.92 -56.61
C ARG H 22 -13.80 21.97 -57.88
N ALA H 23 -13.42 21.19 -58.89
CA ALA H 23 -14.15 21.18 -60.15
C ALA H 23 -15.33 20.19 -60.19
N THR H 24 -15.33 19.19 -59.32
CA THR H 24 -16.42 18.21 -59.29
C THR H 24 -17.04 18.03 -57.91
N GLY H 25 -16.35 18.51 -56.87
CA GLY H 25 -16.85 18.37 -55.52
C GLY H 25 -16.36 17.07 -54.88
N ILE H 26 -15.82 16.18 -55.72
CA ILE H 26 -15.31 14.90 -55.26
C ILE H 26 -13.99 15.08 -54.52
N LYS H 27 -13.86 14.48 -53.34
CA LYS H 27 -12.64 14.60 -52.57
C LYS H 27 -11.69 13.47 -52.96
N VAL H 28 -10.50 13.44 -52.35
CA VAL H 28 -9.53 12.42 -52.67
C VAL H 28 -8.62 12.08 -51.50
N LYS H 29 -8.45 10.79 -51.23
CA LYS H 29 -7.60 10.35 -50.13
C LYS H 29 -6.19 10.12 -50.67
N LEU H 30 -5.19 10.37 -49.83
CA LEU H 30 -3.80 10.23 -50.24
C LEU H 30 -2.95 9.27 -49.40
N ASN H 31 -2.15 8.49 -50.12
CA ASN H 31 -1.19 7.55 -49.54
C ASN H 31 -0.09 7.49 -50.61
N SER H 32 0.98 8.22 -50.36
CA SER H 32 2.09 8.31 -51.29
C SER H 32 3.21 7.35 -50.93
N ALA H 33 3.86 6.82 -51.96
CA ALA H 33 4.97 5.90 -51.80
C ALA H 33 5.52 5.56 -53.18
N LYS H 34 6.68 4.89 -53.20
CA LYS H 34 7.31 4.51 -54.46
C LYS H 34 6.32 3.74 -55.33
N GLY H 35 6.27 4.10 -56.61
CA GLY H 35 5.37 3.44 -57.54
C GLY H 35 5.45 1.93 -57.51
N ASP H 36 6.65 1.40 -57.23
CA ASP H 36 6.88 -0.04 -57.17
C ASP H 36 6.17 -0.72 -56.00
N GLN H 37 6.44 -0.23 -54.80
CA GLN H 37 5.84 -0.77 -53.58
C GLN H 37 4.33 -0.51 -53.52
N LEU H 38 3.89 0.57 -54.17
CA LEU H 38 2.46 0.88 -54.19
C LEU H 38 1.81 -0.04 -55.21
N ALA H 39 2.59 -0.50 -56.19
CA ALA H 39 2.08 -1.40 -57.21
C ALA H 39 2.04 -2.78 -56.60
N GLY H 40 3.05 -3.09 -55.78
CA GLY H 40 3.13 -4.37 -55.13
C GLY H 40 2.21 -4.45 -53.93
N GLN H 41 1.76 -3.29 -53.46
CA GLN H 41 0.85 -3.23 -52.32
C GLN H 41 -0.57 -3.45 -52.82
N ILE H 42 -0.80 -3.11 -54.09
CA ILE H 42 -2.11 -3.28 -54.71
C ILE H 42 -2.29 -4.78 -54.94
N LYS H 43 -1.18 -5.46 -55.21
CA LYS H 43 -1.20 -6.89 -55.47
C LYS H 43 -1.45 -7.70 -54.20
N GLU H 44 -0.84 -7.29 -53.09
CA GLU H 44 -0.97 -7.97 -51.80
C GLU H 44 -2.31 -7.74 -51.14
N GLU H 45 -3.22 -7.05 -51.83
CA GLU H 45 -4.54 -6.77 -51.28
C GLU H 45 -5.65 -7.29 -52.19
N GLY H 46 -5.68 -6.78 -53.41
CA GLY H 46 -6.68 -7.20 -54.38
C GLY H 46 -8.05 -6.64 -54.10
N SER H 47 -8.92 -7.47 -53.52
CA SER H 47 -10.28 -7.08 -53.19
C SER H 47 -10.31 -6.08 -52.02
N ARG H 48 -9.36 -6.26 -51.11
CA ARG H 48 -9.29 -5.42 -49.92
C ARG H 48 -8.56 -4.10 -50.14
N SER H 49 -8.01 -3.90 -51.33
CA SER H 49 -7.30 -2.67 -51.64
C SER H 49 -8.27 -1.49 -51.69
N PRO H 50 -8.10 -0.53 -50.75
CA PRO H 50 -8.97 0.65 -50.69
C PRO H 50 -8.75 1.63 -51.83
N ALA H 51 -7.64 1.47 -52.55
CA ALA H 51 -7.31 2.38 -53.65
C ALA H 51 -8.30 2.29 -54.82
N ASP H 52 -8.37 3.37 -55.59
CA ASP H 52 -9.25 3.46 -56.76
C ASP H 52 -8.46 3.89 -57.98
N VAL H 53 -7.42 4.68 -57.73
CA VAL H 53 -6.57 5.20 -58.80
C VAL H 53 -5.09 5.08 -58.41
N PHE H 54 -4.26 4.65 -59.37
CA PHE H 54 -2.83 4.53 -59.15
C PHE H 54 -2.14 5.60 -59.98
N TYR H 55 -1.71 6.65 -59.31
CA TYR H 55 -1.03 7.77 -59.95
C TYR H 55 0.45 7.49 -59.72
N SER H 56 1.08 6.80 -60.66
CA SER H 56 2.49 6.45 -60.51
C SER H 56 3.41 7.25 -61.41
N GLU H 57 4.62 7.47 -60.91
CA GLU H 57 5.66 8.21 -61.61
C GLU H 57 6.48 7.22 -62.44
N GLN H 58 6.03 5.96 -62.45
CA GLN H 58 6.70 4.89 -63.19
C GLN H 58 5.70 4.24 -64.13
N ILE H 59 6.10 4.03 -65.38
CA ILE H 59 5.23 3.39 -66.35
C ILE H 59 5.26 1.87 -66.17
N PRO H 60 6.43 1.30 -65.79
CA PRO H 60 6.50 -0.15 -65.59
C PRO H 60 5.80 -0.60 -64.30
N ALA H 61 5.41 0.37 -63.47
CA ALA H 61 4.68 0.08 -62.24
C ALA H 61 3.22 -0.08 -62.67
N LEU H 62 2.84 0.67 -63.70
CA LEU H 62 1.50 0.58 -64.27
C LEU H 62 1.44 -0.68 -65.12
N ALA H 63 2.51 -0.90 -65.87
CA ALA H 63 2.62 -2.05 -66.76
C ALA H 63 2.52 -3.36 -65.98
N THR H 64 3.14 -3.41 -64.81
CA THR H 64 3.12 -4.61 -63.98
C THR H 64 1.71 -4.89 -63.45
N LEU H 65 0.88 -3.85 -63.36
CA LEU H 65 -0.49 -4.01 -62.89
C LEU H 65 -1.36 -4.36 -64.09
N SER H 66 -0.88 -4.02 -65.28
CA SER H 66 -1.61 -4.32 -66.51
C SER H 66 -1.18 -5.70 -67.01
N ALA H 67 -0.17 -6.26 -66.34
CA ALA H 67 0.34 -7.58 -66.68
C ALA H 67 -0.57 -8.62 -66.02
N ALA H 68 -0.94 -8.33 -64.78
CA ALA H 68 -1.82 -9.20 -64.00
C ALA H 68 -3.25 -8.73 -64.17
N ASN H 69 -3.47 -7.94 -65.23
CA ASN H 69 -4.77 -7.39 -65.57
C ASN H 69 -5.60 -7.00 -64.35
N LEU H 70 -5.02 -6.17 -63.49
CA LEU H 70 -5.68 -5.70 -62.28
C LEU H 70 -6.23 -4.30 -62.47
N LEU H 71 -5.96 -3.70 -63.62
CA LEU H 71 -6.40 -2.34 -63.90
C LEU H 71 -7.61 -2.19 -64.83
N GLU H 72 -8.49 -1.26 -64.47
CA GLU H 72 -9.69 -0.96 -65.25
C GLU H 72 -9.27 -0.19 -66.50
N PRO H 73 -9.73 -0.63 -67.69
CA PRO H 73 -9.43 0.01 -68.98
C PRO H 73 -10.09 1.37 -69.19
N LEU H 74 -9.31 2.34 -69.67
CA LEU H 74 -9.78 3.71 -69.90
C LEU H 74 -10.29 3.92 -71.33
N PRO H 75 -11.15 4.93 -71.53
CA PRO H 75 -11.75 5.30 -72.82
C PRO H 75 -10.71 5.90 -73.77
N ALA H 76 -11.04 6.00 -75.05
CA ALA H 76 -10.11 6.60 -76.01
C ALA H 76 -10.11 8.10 -75.69
N SER H 77 -11.14 8.52 -74.96
CA SER H 77 -11.29 9.91 -74.55
C SER H 77 -10.17 10.33 -73.60
N THR H 78 -10.11 9.65 -72.45
CA THR H 78 -9.10 9.94 -71.44
C THR H 78 -7.70 9.72 -72.00
N ILE H 79 -7.59 8.77 -72.93
CA ILE H 79 -6.31 8.44 -73.55
C ILE H 79 -5.88 9.41 -74.63
N ASN H 80 -6.76 9.70 -75.57
CA ASN H 80 -6.42 10.59 -76.67
C ASN H 80 -6.05 12.01 -76.28
N GLU H 81 -6.09 12.29 -74.97
CA GLU H 81 -5.74 13.62 -74.46
C GLU H 81 -4.24 13.88 -74.60
N THR H 82 -3.46 12.98 -74.00
CA THR H 82 -2.01 13.08 -74.01
C THR H 82 -1.43 12.32 -75.19
N ARG H 83 -2.18 12.28 -76.28
CA ARG H 83 -1.73 11.58 -77.48
C ARG H 83 -0.67 12.35 -78.27
N GLY H 84 0.59 12.08 -77.95
CA GLY H 84 1.69 12.74 -78.63
C GLY H 84 2.62 11.73 -79.28
N LYS H 85 3.50 12.24 -80.14
CA LYS H 85 4.46 11.38 -80.84
C LYS H 85 5.55 10.87 -79.91
N GLY H 86 5.59 9.55 -79.73
CA GLY H 86 6.60 8.97 -78.86
C GLY H 86 6.18 8.95 -77.39
N VAL H 87 4.89 9.17 -77.15
CA VAL H 87 4.37 9.15 -75.79
C VAL H 87 3.92 7.73 -75.47
N PRO H 88 4.21 7.26 -74.25
CA PRO H 88 3.81 5.91 -73.86
C PRO H 88 2.31 5.67 -73.95
N VAL H 89 1.93 4.72 -74.82
CA VAL H 89 0.54 4.35 -75.02
C VAL H 89 0.39 2.92 -74.49
N ALA H 90 -0.63 2.68 -73.68
CA ALA H 90 -0.86 1.36 -73.11
C ALA H 90 -1.27 0.34 -74.19
N ALA H 91 -1.05 -0.94 -73.88
CA ALA H 91 -1.41 -2.00 -74.81
C ALA H 91 -2.83 -2.47 -74.53
N LYS H 92 -3.21 -2.51 -73.25
CA LYS H 92 -4.56 -2.93 -72.89
C LYS H 92 -5.39 -1.71 -72.48
N LYS H 93 -4.81 -0.53 -72.67
CA LYS H 93 -5.47 0.74 -72.39
C LYS H 93 -5.94 0.93 -70.95
N ASP H 94 -5.19 0.42 -69.98
CA ASP H 94 -5.56 0.54 -68.57
C ASP H 94 -4.94 1.74 -67.88
N TRP H 95 -4.10 2.47 -68.60
CA TRP H 95 -3.47 3.66 -68.05
C TRP H 95 -3.17 4.67 -69.13
N VAL H 96 -2.93 5.90 -68.72
CA VAL H 96 -2.61 6.98 -69.65
C VAL H 96 -1.38 7.73 -69.15
N ALA H 97 -0.46 8.04 -70.06
CA ALA H 97 0.76 8.77 -69.73
C ALA H 97 0.34 10.22 -69.54
N LEU H 98 0.87 10.87 -68.51
CA LEU H 98 0.49 12.25 -68.21
C LEU H 98 1.54 13.32 -68.42
N SER H 99 2.78 13.07 -68.01
CA SER H 99 3.82 14.08 -68.18
C SER H 99 5.21 13.45 -68.22
N GLY H 100 6.22 14.30 -68.44
CA GLY H 100 7.59 13.83 -68.51
C GLY H 100 8.59 14.57 -67.63
N ARG H 101 9.67 13.88 -67.27
CA ARG H 101 10.73 14.44 -66.45
C ARG H 101 11.97 14.18 -67.29
N SER H 102 12.94 15.09 -67.23
CA SER H 102 14.11 14.95 -68.07
C SER H 102 15.46 14.96 -67.41
N ARG H 103 16.41 14.30 -68.07
CA ARG H 103 17.79 14.26 -67.62
C ARG H 103 18.39 15.57 -68.13
N VAL H 104 19.16 16.23 -67.27
CA VAL H 104 19.80 17.48 -67.65
C VAL H 104 21.20 17.52 -67.09
N VAL H 105 21.96 18.49 -67.57
CA VAL H 105 23.31 18.72 -67.10
C VAL H 105 23.23 20.10 -66.49
N VAL H 106 23.42 20.20 -65.18
CA VAL H 106 23.39 21.51 -64.54
C VAL H 106 24.84 21.96 -64.44
N TYR H 107 25.10 23.22 -64.72
CA TYR H 107 26.46 23.74 -64.66
C TYR H 107 26.59 25.12 -64.02
N ASP H 108 27.78 25.38 -63.48
CA ASP H 108 28.07 26.66 -62.89
C ASP H 108 28.33 27.61 -64.05
N THR H 109 27.54 28.67 -64.17
CA THR H 109 27.72 29.62 -65.26
C THR H 109 29.02 30.41 -65.11
N ARG H 110 29.47 30.58 -63.87
CA ARG H 110 30.71 31.30 -63.62
C ARG H 110 31.96 30.57 -64.11
N LYS H 111 31.82 29.29 -64.44
CA LYS H 111 32.95 28.49 -64.91
C LYS H 111 32.73 27.86 -66.29
N LEU H 112 31.49 27.90 -66.76
CA LEU H 112 31.13 27.31 -68.04
C LEU H 112 30.12 28.11 -68.84
N SER H 113 30.07 27.84 -70.13
CA SER H 113 29.16 28.48 -71.06
C SER H 113 28.51 27.34 -71.85
N GLU H 114 27.33 27.58 -72.39
CA GLU H 114 26.63 26.55 -73.16
C GLU H 114 27.51 26.03 -74.31
N LYS H 115 28.53 26.80 -74.69
CA LYS H 115 29.43 26.39 -75.79
C LYS H 115 30.56 25.47 -75.33
N ASP H 116 30.72 25.31 -74.02
CA ASP H 116 31.78 24.48 -73.47
C ASP H 116 31.25 23.11 -73.09
N LEU H 117 29.96 22.92 -73.29
CA LEU H 117 29.29 21.67 -72.95
C LEU H 117 29.39 20.62 -74.06
N GLU H 118 29.20 19.35 -73.68
CA GLU H 118 29.27 18.24 -74.62
C GLU H 118 27.94 18.04 -75.35
N LYS H 119 28.04 17.74 -76.64
CA LYS H 119 26.87 17.50 -77.46
C LYS H 119 26.25 16.13 -77.11
N SER H 120 26.95 15.37 -76.26
CA SER H 120 26.51 14.04 -75.81
C SER H 120 26.99 13.74 -74.39
N VAL H 121 26.10 13.21 -73.56
CA VAL H 121 26.44 12.89 -72.17
C VAL H 121 27.42 11.73 -72.06
N LEU H 122 27.60 10.98 -73.13
CA LEU H 122 28.52 9.86 -73.11
C LEU H 122 29.92 10.44 -72.99
N ASN H 123 30.13 11.59 -73.64
CA ASN H 123 31.43 12.27 -73.64
C ASN H 123 31.90 12.72 -72.26
N TYR H 124 30.98 12.89 -71.31
CA TYR H 124 31.38 13.32 -69.98
C TYR H 124 32.33 12.34 -69.27
N ALA H 125 32.27 11.08 -69.67
CA ALA H 125 33.11 10.02 -69.09
C ALA H 125 34.53 10.02 -69.67
N THR H 126 35.10 11.21 -69.78
CA THR H 126 36.44 11.37 -70.35
C THR H 126 37.35 12.15 -69.41
N PRO H 127 38.67 12.09 -69.63
CA PRO H 127 39.64 12.82 -68.79
C PRO H 127 39.47 14.33 -68.82
N LYS H 128 38.89 14.85 -69.90
CA LYS H 128 38.66 16.28 -70.02
C LYS H 128 37.83 16.77 -68.83
N TRP H 129 36.94 15.92 -68.34
CA TRP H 129 36.07 16.26 -67.22
C TRP H 129 36.53 15.73 -65.87
N LYS H 130 37.81 15.46 -65.73
CA LYS H 130 38.35 14.98 -64.47
C LYS H 130 38.05 16.05 -63.42
N ASN H 131 37.37 15.66 -62.35
CA ASN H 131 37.01 16.57 -61.28
C ASN H 131 36.16 17.73 -61.78
N ARG H 132 35.30 17.49 -62.77
CA ARG H 132 34.48 18.57 -63.29
C ARG H 132 33.04 18.21 -63.58
N ILE H 133 32.71 16.92 -63.45
CA ILE H 133 31.34 16.44 -63.69
C ILE H 133 30.90 15.48 -62.59
N GLY H 134 29.83 15.85 -61.88
CA GLY H 134 29.32 15.01 -60.83
C GLY H 134 28.15 14.14 -61.28
N TYR H 135 27.93 13.03 -60.56
CA TYR H 135 26.83 12.13 -60.87
C TYR H 135 26.34 11.47 -59.59
N VAL H 136 25.19 10.81 -59.64
CA VAL H 136 24.64 10.14 -58.47
C VAL H 136 24.37 8.67 -58.76
N PRO H 137 25.33 7.80 -58.41
CA PRO H 137 25.20 6.35 -58.64
C PRO H 137 24.00 5.67 -58.00
N THR H 138 23.59 6.13 -56.82
CA THR H 138 22.44 5.55 -56.13
C THR H 138 21.11 6.06 -56.69
N SER H 139 21.20 7.04 -57.58
CA SER H 139 20.03 7.66 -58.20
C SER H 139 19.23 6.70 -59.07
N GLY H 140 17.94 6.62 -58.83
CA GLY H 140 17.11 5.77 -59.65
C GLY H 140 17.14 6.28 -61.08
N ALA H 141 17.16 7.61 -61.19
CA ALA H 141 17.20 8.29 -62.48
C ALA H 141 18.49 7.92 -63.21
N PHE H 142 19.59 7.86 -62.45
CA PHE H 142 20.88 7.50 -63.01
C PHE H 142 20.79 6.10 -63.63
N LEU H 143 20.26 5.14 -62.86
CA LEU H 143 20.10 3.78 -63.34
C LEU H 143 19.24 3.76 -64.60
N GLU H 144 18.25 4.64 -64.64
CA GLU H 144 17.38 4.73 -65.80
C GLU H 144 18.21 5.15 -67.00
N GLN H 145 19.12 6.08 -66.76
CA GLN H 145 20.02 6.59 -67.79
C GLN H 145 20.88 5.47 -68.37
N ILE H 146 21.41 4.63 -67.50
CA ILE H 146 22.23 3.49 -67.91
C ILE H 146 21.38 2.61 -68.82
N VAL H 147 20.21 2.21 -68.31
CA VAL H 147 19.27 1.37 -69.03
C VAL H 147 19.04 1.88 -70.45
N ALA H 148 18.88 3.19 -70.57
CA ALA H 148 18.64 3.81 -71.86
C ALA H 148 19.85 3.73 -72.80
N ILE H 149 21.06 3.88 -72.27
CA ILE H 149 22.25 3.83 -73.10
C ILE H 149 22.48 2.41 -73.64
N VAL H 150 22.14 1.41 -72.86
CA VAL H 150 22.29 0.02 -73.30
C VAL H 150 21.34 -0.24 -74.47
N LYS H 151 20.10 0.22 -74.33
CA LYS H 151 19.10 0.06 -75.38
C LYS H 151 19.47 0.80 -76.65
N LEU H 152 19.90 2.05 -76.48
CA LEU H 152 20.26 2.90 -77.60
C LEU H 152 21.64 2.64 -78.19
N LYS H 153 22.60 2.25 -77.36
CA LYS H 153 23.96 2.03 -77.85
C LYS H 153 24.61 0.68 -77.60
N GLY H 154 23.88 -0.24 -76.97
CA GLY H 154 24.47 -1.54 -76.67
C GLY H 154 25.17 -1.48 -75.33
N GLU H 155 25.42 -2.63 -74.71
CA GLU H 155 26.07 -2.67 -73.39
C GLU H 155 27.47 -2.07 -73.35
N ALA H 156 28.24 -2.30 -74.43
CA ALA H 156 29.61 -1.80 -74.52
C ALA H 156 29.72 -0.33 -74.16
N ALA H 157 28.89 0.49 -74.82
CA ALA H 157 28.89 1.95 -74.57
C ALA H 157 28.47 2.29 -73.15
N ALA H 158 27.50 1.53 -72.63
CA ALA H 158 27.00 1.75 -71.28
C ALA H 158 28.08 1.52 -70.22
N LEU H 159 28.82 0.43 -70.34
CA LEU H 159 29.87 0.14 -69.36
C LEU H 159 31.08 1.04 -69.58
N LYS H 160 31.33 1.41 -70.83
CA LYS H 160 32.45 2.30 -71.11
C LYS H 160 32.16 3.57 -70.33
N TRP H 161 30.98 4.14 -70.56
CA TRP H 161 30.52 5.37 -69.93
C TRP H 161 30.61 5.30 -68.41
N LEU H 162 30.19 4.17 -67.84
CA LEU H 162 30.22 4.01 -66.39
C LEU H 162 31.64 3.98 -65.83
N LYS H 163 32.54 3.28 -66.51
CA LYS H 163 33.92 3.18 -66.07
C LYS H 163 34.61 4.53 -66.17
N GLY H 164 34.30 5.26 -67.23
CA GLY H 164 34.87 6.58 -67.45
C GLY H 164 34.37 7.58 -66.45
N LEU H 165 33.18 7.34 -65.89
CA LEU H 165 32.61 8.24 -64.89
C LEU H 165 33.23 7.89 -63.54
N LYS H 166 33.28 6.60 -63.24
CA LYS H 166 33.85 6.10 -62.00
C LYS H 166 35.22 6.75 -61.81
N GLU H 167 36.05 6.68 -62.84
CA GLU H 167 37.38 7.26 -62.79
C GLU H 167 37.38 8.78 -62.66
N TYR H 168 37.04 9.45 -63.76
CA TYR H 168 37.07 10.91 -63.85
C TYR H 168 35.94 11.70 -63.19
N GLY H 169 34.93 11.03 -62.66
CA GLY H 169 33.83 11.75 -62.05
C GLY H 169 33.77 11.77 -60.53
N LYS H 170 32.96 12.68 -59.98
CA LYS H 170 32.79 12.79 -58.54
C LYS H 170 31.33 12.47 -58.17
N PRO H 171 31.12 11.36 -57.44
CA PRO H 171 29.78 10.94 -57.03
C PRO H 171 29.23 11.67 -55.80
N TYR H 172 27.90 11.84 -55.79
CA TYR H 172 27.19 12.50 -54.69
C TYR H 172 26.09 11.55 -54.22
N ALA H 173 25.66 11.70 -52.97
CA ALA H 173 24.63 10.84 -52.41
C ALA H 173 23.24 11.14 -52.96
N LYS H 174 22.99 12.43 -53.20
CA LYS H 174 21.71 12.86 -53.72
C LYS H 174 21.82 13.92 -54.81
N ASN H 175 20.72 14.18 -55.49
CA ASN H 175 20.69 15.17 -56.55
C ASN H 175 20.71 16.56 -55.91
N SER H 176 20.14 16.65 -54.71
CA SER H 176 20.06 17.90 -53.95
C SER H 176 21.45 18.38 -53.56
N VAL H 177 22.32 17.45 -53.16
CA VAL H 177 23.69 17.80 -52.80
C VAL H 177 24.49 18.13 -54.07
N ALA H 178 24.33 17.30 -55.10
CA ALA H 178 25.02 17.50 -56.37
C ALA H 178 24.72 18.88 -56.93
N LEU H 179 23.47 19.31 -56.79
CA LEU H 179 23.04 20.60 -57.28
C LEU H 179 23.78 21.71 -56.55
N GLN H 180 23.80 21.66 -55.22
CA GLN H 180 24.47 22.72 -54.48
C GLN H 180 25.99 22.71 -54.58
N ALA H 181 26.58 21.56 -54.89
CA ALA H 181 28.03 21.49 -55.04
C ALA H 181 28.37 22.38 -56.23
N VAL H 182 27.57 22.24 -57.29
CA VAL H 182 27.73 23.03 -58.50
C VAL H 182 27.43 24.49 -58.18
N GLU H 183 26.29 24.69 -57.52
CA GLU H 183 25.86 26.03 -57.13
C GLU H 183 26.88 26.78 -56.28
N ASN H 184 27.61 26.03 -55.46
CA ASN H 184 28.62 26.57 -54.56
C ASN H 184 29.99 26.77 -55.21
N GLY H 185 30.24 26.07 -56.31
CA GLY H 185 31.52 26.19 -56.98
C GLY H 185 32.45 25.06 -56.59
N GLU H 186 31.86 23.93 -56.20
CA GLU H 186 32.64 22.77 -55.80
C GLU H 186 33.02 21.95 -57.02
N ILE H 187 32.13 21.94 -58.01
CA ILE H 187 32.37 21.22 -59.25
C ILE H 187 31.64 21.91 -60.40
N ASP H 188 32.24 21.88 -61.59
CA ASP H 188 31.68 22.52 -62.78
C ASP H 188 30.27 22.11 -63.19
N ALA H 189 29.93 20.84 -63.01
CA ALA H 189 28.61 20.37 -63.41
C ALA H 189 28.28 19.00 -62.85
N ALA H 190 27.04 18.58 -63.05
CA ALA H 190 26.59 17.30 -62.59
C ALA H 190 25.45 16.86 -63.48
N LEU H 191 25.17 15.55 -63.44
CA LEU H 191 24.09 14.96 -64.21
C LEU H 191 22.93 14.76 -63.23
N ILE H 192 21.81 15.43 -63.48
CA ILE H 192 20.66 15.31 -62.60
C ILE H 192 19.35 15.38 -63.37
N ASN H 193 18.23 15.52 -62.65
CA ASN H 193 16.90 15.62 -63.27
C ASN H 193 16.54 17.09 -63.32
N ASN H 194 15.83 17.50 -64.37
CA ASN H 194 15.50 18.91 -64.54
C ASN H 194 14.75 19.63 -63.43
N TYR H 195 13.64 19.06 -62.96
CA TYR H 195 12.82 19.70 -61.94
C TYR H 195 13.56 20.21 -60.71
N TYR H 196 14.60 19.49 -60.30
CA TYR H 196 15.41 19.92 -59.14
C TYR H 196 15.82 21.38 -59.27
N TRP H 197 16.27 21.75 -60.45
CA TRP H 197 16.70 23.11 -60.70
C TRP H 197 15.55 24.12 -60.72
N HIS H 198 14.55 23.89 -61.58
CA HIS H 198 13.43 24.82 -61.66
C HIS H 198 12.79 25.12 -60.29
N ALA H 199 12.79 24.11 -59.42
CA ALA H 199 12.24 24.25 -58.07
C ALA H 199 13.08 25.22 -57.25
N PHE H 200 14.39 25.06 -57.34
CA PHE H 200 15.38 25.89 -56.64
C PHE H 200 15.41 27.31 -57.23
N ALA H 201 15.29 27.41 -58.55
CA ALA H 201 15.31 28.70 -59.23
C ALA H 201 14.06 29.52 -58.95
N ARG H 202 12.88 28.90 -59.03
CA ARG H 202 11.65 29.60 -58.74
C ARG H 202 11.63 30.00 -57.26
N GLU H 203 12.32 29.21 -56.45
CA GLU H 203 12.44 29.42 -55.02
C GLU H 203 13.27 30.66 -54.68
N LYS H 204 14.50 30.69 -55.18
CA LYS H 204 15.42 31.81 -54.92
C LYS H 204 15.24 32.95 -55.93
N GLY H 205 14.60 32.65 -57.05
CA GLY H 205 14.44 33.64 -58.10
C GLY H 205 15.67 33.46 -58.95
N VAL H 206 15.48 33.13 -60.23
CA VAL H 206 16.60 32.87 -61.13
C VAL H 206 17.77 33.84 -61.13
N GLN H 207 17.53 35.12 -60.88
CA GLN H 207 18.61 36.09 -60.90
C GLN H 207 19.62 35.86 -59.77
N ASN H 208 19.17 35.14 -58.74
CA ASN H 208 20.00 34.85 -57.59
C ASN H 208 20.60 33.44 -57.60
N VAL H 209 20.56 32.79 -58.76
CA VAL H 209 21.10 31.44 -58.91
C VAL H 209 22.26 31.46 -59.91
N HIS H 210 23.35 30.75 -59.56
CA HIS H 210 24.54 30.72 -60.40
C HIS H 210 24.58 29.61 -61.44
N THR H 211 23.69 28.64 -61.30
CA THR H 211 23.64 27.52 -62.23
C THR H 211 22.57 27.67 -63.31
N ARG H 212 22.77 26.97 -64.42
CA ARG H 212 21.83 26.97 -65.53
C ARG H 212 21.73 25.54 -66.09
N LEU H 213 20.66 25.24 -66.80
CA LEU H 213 20.49 23.89 -67.36
C LEU H 213 20.86 23.73 -68.83
N ASN H 214 21.43 22.56 -69.13
CA ASN H 214 21.83 22.20 -70.47
C ASN H 214 21.06 20.93 -70.90
N PHE H 215 20.39 21.00 -72.04
CA PHE H 215 19.64 19.87 -72.59
C PHE H 215 20.34 19.42 -73.88
N VAL H 216 20.92 18.23 -73.87
CA VAL H 216 21.64 17.71 -75.03
C VAL H 216 20.80 17.52 -76.29
N ARG H 217 19.53 17.12 -76.12
CA ARG H 217 18.64 16.89 -77.27
C ARG H 217 19.26 15.94 -78.31
N HIS H 218 18.92 16.15 -79.59
CA HIS H 218 19.39 15.35 -80.72
C HIS H 218 19.10 13.86 -80.59
N ARG H 219 18.18 13.48 -79.70
CA ARG H 219 17.84 12.08 -79.47
C ARG H 219 18.96 11.35 -78.72
N ASP H 220 19.90 12.12 -78.19
CA ASP H 220 21.03 11.55 -77.45
C ASP H 220 20.53 10.87 -76.18
N PRO H 221 21.31 9.89 -75.66
CA PRO H 221 20.95 9.18 -74.43
C PRO H 221 20.73 10.14 -73.25
N GLY H 222 21.40 11.29 -73.30
CA GLY H 222 21.27 12.29 -72.25
C GLY H 222 20.02 13.13 -72.32
N ALA H 223 19.25 12.99 -73.40
CA ALA H 223 18.01 13.74 -73.59
C ALA H 223 16.82 12.94 -73.05
N LEU H 224 17.12 11.80 -72.45
CA LEU H 224 16.14 10.89 -71.87
C LEU H 224 15.06 11.51 -71.01
N VAL H 225 13.81 11.39 -71.45
CA VAL H 225 12.64 11.89 -70.73
C VAL H 225 11.85 10.69 -70.26
N THR H 226 11.56 10.60 -68.97
CA THR H 226 10.79 9.48 -68.45
C THR H 226 9.40 10.01 -68.18
N TYR H 227 8.38 9.17 -68.33
CA TYR H 227 7.01 9.61 -68.13
C TYR H 227 6.29 9.07 -66.92
N SER H 228 5.18 9.73 -66.62
CA SER H 228 4.31 9.35 -65.52
C SER H 228 2.97 8.99 -66.12
N GLY H 229 2.16 8.28 -65.34
CA GLY H 229 0.86 7.86 -65.84
C GLY H 229 -0.07 7.59 -64.68
N ALA H 230 -1.34 7.39 -64.99
CA ALA H 230 -2.35 7.11 -63.98
C ALA H 230 -3.28 6.04 -64.51
N ALA H 231 -3.86 5.27 -63.60
CA ALA H 231 -4.77 4.18 -63.99
C ALA H 231 -5.83 3.97 -62.92
N VAL H 232 -6.89 3.26 -63.27
CA VAL H 232 -7.96 2.98 -62.31
C VAL H 232 -7.98 1.49 -61.93
N LEU H 233 -7.95 1.20 -60.64
CA LEU H 233 -7.98 -0.17 -60.16
C LEU H 233 -9.34 -0.82 -60.41
N LYS H 234 -9.32 -2.11 -60.76
CA LYS H 234 -10.56 -2.83 -61.00
C LYS H 234 -11.23 -3.17 -59.67
N SER H 235 -10.52 -2.91 -58.57
CA SER H 235 -11.03 -3.17 -57.23
C SER H 235 -11.69 -1.91 -56.66
N SER H 236 -11.68 -0.84 -57.44
CA SER H 236 -12.25 0.44 -57.05
C SER H 236 -13.72 0.33 -56.67
N GLN H 237 -14.08 0.93 -55.54
CA GLN H 237 -15.44 0.92 -55.06
C GLN H 237 -16.15 2.18 -55.57
N ASN H 238 -15.40 3.00 -56.30
CA ASN H 238 -15.90 4.24 -56.89
C ASN H 238 -15.23 4.39 -58.25
N LYS H 239 -15.31 3.34 -59.07
CA LYS H 239 -14.68 3.33 -60.40
C LYS H 239 -15.02 4.53 -61.27
N ASP H 240 -16.30 4.69 -61.60
CA ASP H 240 -16.74 5.80 -62.45
C ASP H 240 -16.31 7.16 -61.89
N GLU H 241 -16.24 7.26 -60.56
CA GLU H 241 -15.83 8.49 -59.89
C GLU H 241 -14.31 8.64 -60.04
N ALA H 242 -13.63 7.51 -60.14
CA ALA H 242 -12.19 7.47 -60.30
C ALA H 242 -11.83 7.64 -61.78
N LYS H 243 -12.75 7.26 -62.66
CA LYS H 243 -12.56 7.38 -64.11
C LYS H 243 -12.56 8.87 -64.42
N LYS H 244 -13.28 9.61 -63.60
CA LYS H 244 -13.42 11.05 -63.71
C LYS H 244 -12.07 11.72 -63.40
N PHE H 245 -11.53 11.41 -62.22
CA PHE H 245 -10.25 11.96 -61.78
C PHE H 245 -9.12 11.74 -62.79
N VAL H 246 -9.04 10.51 -63.31
CA VAL H 246 -8.01 10.16 -64.27
C VAL H 246 -8.22 10.88 -65.62
N ALA H 247 -9.46 10.99 -66.05
CA ALA H 247 -9.75 11.66 -67.31
C ALA H 247 -9.33 13.12 -67.17
N PHE H 248 -9.39 13.59 -65.93
CA PHE H 248 -9.04 14.95 -65.53
C PHE H 248 -7.54 15.25 -65.64
N LEU H 249 -6.72 14.28 -65.24
CA LEU H 249 -5.28 14.43 -65.31
C LEU H 249 -4.79 14.66 -66.74
N ALA H 250 -5.44 13.99 -67.69
CA ALA H 250 -5.08 14.08 -69.09
C ALA H 250 -5.64 15.33 -69.78
N GLY H 251 -6.56 16.01 -69.09
CA GLY H 251 -7.18 17.20 -69.65
C GLY H 251 -6.46 18.52 -69.42
N LYS H 252 -6.94 19.57 -70.08
CA LYS H 252 -6.35 20.90 -69.97
C LYS H 252 -6.34 21.39 -68.52
N GLU H 253 -7.48 21.33 -67.85
CA GLU H 253 -7.60 21.78 -66.46
C GLU H 253 -6.64 21.06 -65.51
N GLY H 254 -6.52 19.74 -65.68
CA GLY H 254 -5.66 18.96 -64.82
C GLY H 254 -4.18 19.12 -65.13
N GLN H 255 -3.89 19.32 -66.40
CA GLN H 255 -2.52 19.51 -66.86
C GLN H 255 -2.00 20.88 -66.43
N ARG H 256 -2.90 21.85 -66.32
CA ARG H 256 -2.49 23.17 -65.92
C ARG H 256 -2.27 23.22 -64.42
N ALA H 257 -2.93 22.30 -63.71
CA ALA H 257 -2.81 22.22 -62.25
C ALA H 257 -1.45 21.66 -61.82
N LEU H 258 -0.90 20.75 -62.61
CA LEU H 258 0.40 20.17 -62.27
C LEU H 258 1.56 21.07 -62.68
N THR H 259 1.50 21.60 -63.90
CA THR H 259 2.56 22.46 -64.43
C THR H 259 2.65 23.81 -63.74
N ALA H 260 1.74 24.05 -62.81
CA ALA H 260 1.70 25.30 -62.05
C ALA H 260 2.50 25.12 -60.77
N VAL H 261 2.65 23.86 -60.36
CA VAL H 261 3.35 23.52 -59.13
C VAL H 261 4.61 22.65 -59.33
N ARG H 262 4.66 21.88 -60.41
CA ARG H 262 5.83 21.03 -60.65
C ARG H 262 6.40 21.22 -62.06
N ALA H 263 7.73 21.29 -62.15
CA ALA H 263 8.42 21.50 -63.42
C ALA H 263 8.47 20.22 -64.28
N GLU H 264 7.29 19.67 -64.56
CA GLU H 264 7.16 18.47 -65.36
C GLU H 264 6.69 18.93 -66.74
N TYR H 265 7.06 18.20 -67.79
CA TYR H 265 6.63 18.56 -69.14
C TYR H 265 5.23 17.99 -69.40
N PRO H 266 4.25 18.86 -69.69
CA PRO H 266 2.87 18.44 -69.96
C PRO H 266 2.76 17.60 -71.23
N LEU H 267 1.95 16.55 -71.18
CA LEU H 267 1.77 15.73 -72.36
C LEU H 267 0.56 16.19 -73.18
N ASN H 268 -0.10 17.25 -72.70
CA ASN H 268 -1.24 17.86 -73.39
C ASN H 268 -0.66 19.11 -74.05
N PRO H 269 -0.66 19.18 -75.39
CA PRO H 269 -0.13 20.29 -76.20
C PRO H 269 -0.76 21.67 -75.99
N HIS H 270 -1.89 21.73 -75.32
CA HIS H 270 -2.58 22.99 -75.08
C HIS H 270 -2.01 23.71 -73.87
N VAL H 271 -1.44 22.93 -72.96
CA VAL H 271 -0.85 23.43 -71.72
C VAL H 271 0.47 24.19 -71.89
N VAL H 272 0.59 25.26 -71.12
CA VAL H 272 1.79 26.09 -71.11
C VAL H 272 2.27 26.09 -69.67
N SER H 273 3.45 25.51 -69.43
CA SER H 273 4.04 25.44 -68.10
C SER H 273 4.22 26.83 -67.48
N THR H 274 4.28 26.90 -66.16
CA THR H 274 4.52 28.19 -65.50
C THR H 274 6.03 28.30 -65.33
N PHE H 275 6.73 27.20 -65.64
CA PHE H 275 8.19 27.14 -65.57
C PHE H 275 8.76 27.31 -66.98
N ASN H 276 10.06 27.60 -67.08
CA ASN H 276 10.67 27.78 -68.39
C ASN H 276 10.96 26.46 -69.09
N LEU H 277 9.89 25.76 -69.45
CA LEU H 277 10.02 24.46 -70.11
C LEU H 277 9.60 24.50 -71.57
N GLU H 278 10.46 24.01 -72.45
CA GLU H 278 10.17 23.97 -73.89
C GLU H 278 9.08 22.96 -74.12
N PRO H 279 8.43 23.00 -75.31
CA PRO H 279 7.39 22.00 -75.57
C PRO H 279 8.14 20.67 -75.54
N ILE H 280 7.49 19.60 -75.05
CA ILE H 280 8.16 18.30 -74.97
C ILE H 280 8.83 17.87 -76.27
N ALA H 281 8.20 18.16 -77.40
CA ALA H 281 8.73 17.81 -78.71
C ALA H 281 10.14 18.34 -78.94
N LYS H 282 10.35 19.63 -78.68
CA LYS H 282 11.63 20.29 -78.86
C LYS H 282 12.79 19.62 -78.14
N LEU H 283 12.47 18.78 -77.17
CA LEU H 283 13.48 18.06 -76.39
C LEU H 283 14.23 17.02 -77.20
N GLU H 284 13.59 16.58 -78.29
CA GLU H 284 14.18 15.56 -79.16
C GLU H 284 14.71 14.44 -78.28
N ALA H 285 13.85 13.94 -77.40
CA ALA H 285 14.24 12.87 -76.50
C ALA H 285 14.30 11.56 -77.26
N PRO H 286 15.23 10.68 -76.89
CA PRO H 286 15.34 9.40 -77.58
C PRO H 286 14.12 8.51 -77.30
N GLN H 287 13.69 7.74 -78.29
CA GLN H 287 12.55 6.85 -78.08
C GLN H 287 13.06 5.51 -77.54
N VAL H 288 12.53 5.10 -76.39
CA VAL H 288 12.92 3.83 -75.77
C VAL H 288 11.71 3.21 -75.05
N SER H 289 11.74 1.89 -74.90
CA SER H 289 10.67 1.17 -74.23
C SER H 289 10.79 1.36 -72.72
N ALA H 290 9.76 0.95 -71.98
CA ALA H 290 9.81 1.10 -70.53
C ALA H 290 10.77 0.07 -69.95
N THR H 291 11.52 0.46 -68.94
CA THR H 291 12.49 -0.43 -68.34
C THR H 291 11.80 -1.63 -67.66
N THR H 292 12.46 -2.78 -67.72
CA THR H 292 11.92 -4.00 -67.13
C THR H 292 12.72 -4.38 -65.89
N VAL H 293 12.28 -5.44 -65.22
CA VAL H 293 12.97 -5.91 -64.03
C VAL H 293 14.39 -6.31 -64.44
N SER H 294 14.48 -7.09 -65.51
CA SER H 294 15.75 -7.57 -66.04
C SER H 294 16.71 -6.46 -66.51
N GLU H 295 16.17 -5.46 -67.21
CA GLU H 295 16.99 -4.37 -67.71
C GLU H 295 17.58 -3.57 -66.55
N LYS H 296 16.87 -3.50 -65.43
CA LYS H 296 17.39 -2.81 -64.25
C LYS H 296 18.37 -3.75 -63.56
N GLU H 297 18.12 -5.05 -63.65
CA GLU H 297 19.01 -6.08 -63.07
C GLU H 297 20.32 -6.03 -63.87
N HIS H 298 20.19 -5.80 -65.16
CA HIS H 298 21.34 -5.70 -66.05
C HIS H 298 22.13 -4.42 -65.78
N ALA H 299 21.44 -3.28 -65.79
CA ALA H 299 22.08 -1.98 -65.54
C ALA H 299 22.77 -1.95 -64.18
N THR H 300 22.24 -2.72 -63.23
CA THR H 300 22.79 -2.82 -61.88
C THR H 300 24.10 -3.59 -61.94
N ARG H 301 24.14 -4.64 -62.77
CA ARG H 301 25.34 -5.46 -62.93
C ARG H 301 26.47 -4.64 -63.56
N LEU H 302 26.09 -3.67 -64.41
CA LEU H 302 27.09 -2.83 -65.05
C LEU H 302 27.64 -1.82 -64.05
N LEU H 303 26.81 -1.41 -63.08
CA LEU H 303 27.28 -0.48 -62.07
C LEU H 303 28.43 -1.16 -61.34
N GLU H 304 28.16 -2.34 -60.79
CA GLU H 304 29.16 -3.13 -60.09
C GLU H 304 30.41 -3.28 -60.96
N GLN H 305 30.21 -3.68 -62.22
CA GLN H 305 31.28 -3.86 -63.19
C GLN H 305 32.10 -2.58 -63.42
N ALA H 306 31.53 -1.44 -63.04
CA ALA H 306 32.22 -0.16 -63.22
C ALA H 306 32.86 0.26 -61.90
N GLY H 307 32.44 -0.40 -60.83
CA GLY H 307 32.94 -0.11 -59.51
C GLY H 307 31.92 0.65 -58.69
N MET H 308 31.18 1.53 -59.35
CA MET H 308 30.16 2.38 -58.74
C MET H 308 29.27 1.67 -57.72
N LYS H 309 29.22 0.35 -57.79
CA LYS H 309 28.44 -0.44 -56.86
C LYS H 309 29.13 -1.77 -56.64
N ASP I 1 -37.31 -4.82 -11.76
CA ASP I 1 -38.75 -4.78 -11.34
C ASP I 1 -39.46 -3.53 -11.83
N ILE I 2 -40.69 -3.71 -12.27
CA ILE I 2 -41.50 -2.60 -12.75
C ILE I 2 -42.96 -2.76 -12.32
N THR I 3 -43.67 -1.64 -12.29
CA THR I 3 -45.07 -1.61 -11.92
C THR I 3 -45.87 -1.18 -13.15
N VAL I 4 -46.82 -2.02 -13.55
CA VAL I 4 -47.63 -1.71 -14.70
C VAL I 4 -49.05 -1.35 -14.31
N TYR I 5 -49.46 -0.12 -14.62
CA TYR I 5 -50.83 0.30 -14.37
C TYR I 5 -51.55 -0.35 -15.57
N ASN I 6 -52.36 -1.34 -15.25
CA ASN I 6 -53.06 -2.15 -16.24
C ASN I 6 -54.53 -1.81 -16.51
N GLY I 7 -54.82 -1.44 -17.75
CA GLY I 7 -56.18 -1.12 -18.13
C GLY I 7 -56.77 -2.31 -18.88
N GLN I 8 -55.88 -3.13 -19.45
CA GLN I 8 -56.31 -4.29 -20.21
C GLN I 8 -56.65 -5.48 -19.31
N HIS I 9 -57.53 -6.35 -19.80
CA HIS I 9 -57.99 -7.55 -19.10
C HIS I 9 -56.90 -8.19 -18.22
N LYS I 10 -57.18 -8.35 -16.93
CA LYS I 10 -56.25 -8.94 -15.97
C LYS I 10 -55.52 -10.20 -16.41
N GLU I 11 -56.25 -11.16 -16.96
CA GLU I 11 -55.63 -12.41 -17.41
C GLU I 11 -54.77 -12.18 -18.65
N ALA I 12 -55.06 -11.08 -19.36
CA ALA I 12 -54.30 -10.74 -20.56
C ALA I 12 -52.97 -10.10 -20.15
N ALA I 13 -53.03 -9.24 -19.14
CA ALA I 13 -51.86 -8.57 -18.62
C ALA I 13 -50.94 -9.54 -17.85
N GLN I 14 -51.52 -10.52 -17.17
CA GLN I 14 -50.73 -11.50 -16.44
C GLN I 14 -49.96 -12.37 -17.42
N ALA I 15 -50.56 -12.59 -18.59
CA ALA I 15 -49.97 -13.43 -19.64
C ALA I 15 -48.72 -12.85 -20.30
N VAL I 16 -48.71 -11.56 -20.60
CA VAL I 16 -47.52 -10.97 -21.22
C VAL I 16 -46.49 -10.64 -20.15
N ALA I 17 -46.97 -10.51 -18.90
CA ALA I 17 -46.11 -10.20 -17.78
C ALA I 17 -45.29 -11.42 -17.39
N ASP I 18 -45.97 -12.55 -17.22
CA ASP I 18 -45.31 -13.81 -16.86
C ASP I 18 -44.41 -14.22 -18.00
N ALA I 19 -44.85 -13.94 -19.22
CA ALA I 19 -44.09 -14.27 -20.40
C ALA I 19 -42.86 -13.37 -20.48
N PHE I 20 -43.05 -12.08 -20.18
CA PHE I 20 -41.93 -11.13 -20.18
C PHE I 20 -40.92 -11.55 -19.10
N THR I 21 -41.41 -11.89 -17.92
CA THR I 21 -40.54 -12.30 -16.83
C THR I 21 -39.75 -13.55 -17.25
N ARG I 22 -40.45 -14.61 -17.64
CA ARG I 22 -39.80 -15.84 -18.07
C ARG I 22 -39.14 -15.67 -19.42
N ALA I 23 -38.06 -14.89 -19.44
CA ALA I 23 -37.34 -14.63 -20.68
C ALA I 23 -36.29 -13.59 -20.37
N THR I 24 -36.70 -12.57 -19.62
CA THR I 24 -35.81 -11.46 -19.25
C THR I 24 -35.29 -11.58 -17.83
N GLY I 25 -36.21 -11.80 -16.90
CA GLY I 25 -35.84 -11.91 -15.50
C GLY I 25 -36.45 -10.75 -14.74
N ILE I 26 -37.07 -9.84 -15.48
CA ILE I 26 -37.71 -8.66 -14.91
C ILE I 26 -39.10 -8.99 -14.39
N LYS I 27 -39.29 -8.82 -13.09
CA LYS I 27 -40.57 -9.09 -12.45
C LYS I 27 -41.53 -7.94 -12.74
N VAL I 28 -42.83 -8.24 -12.79
CA VAL I 28 -43.83 -7.22 -13.05
C VAL I 28 -44.97 -7.25 -12.03
N LYS I 29 -45.35 -6.06 -11.56
CA LYS I 29 -46.44 -5.91 -10.60
C LYS I 29 -47.51 -5.05 -11.24
N LEU I 30 -48.68 -5.62 -11.50
CA LEU I 30 -49.75 -4.85 -12.12
C LEU I 30 -50.79 -4.31 -11.14
N ASN I 31 -51.30 -3.13 -11.47
CA ASN I 31 -52.33 -2.43 -10.71
C ASN I 31 -53.45 -2.23 -11.72
N SER I 32 -54.49 -3.06 -11.59
CA SER I 32 -55.62 -3.03 -12.51
C SER I 32 -56.79 -2.15 -12.15
N ALA I 33 -57.22 -1.34 -13.12
CA ALA I 33 -58.34 -0.42 -13.00
C ALA I 33 -58.63 0.01 -14.44
N LYS I 34 -59.84 0.49 -14.73
CA LYS I 34 -60.13 0.90 -16.10
C LYS I 34 -59.13 1.97 -16.53
N GLY I 35 -58.76 1.96 -17.81
CA GLY I 35 -57.79 2.92 -18.33
C GLY I 35 -57.98 4.34 -17.83
N ASP I 36 -59.12 4.94 -18.17
CA ASP I 36 -59.43 6.31 -17.78
C ASP I 36 -59.20 6.66 -16.31
N GLN I 37 -59.36 5.69 -15.41
CA GLN I 37 -59.13 5.91 -13.98
C GLN I 37 -57.63 6.00 -13.70
N LEU I 38 -56.88 5.11 -14.34
CA LEU I 38 -55.44 5.08 -14.18
C LEU I 38 -54.84 6.38 -14.68
N ALA I 39 -55.44 6.91 -15.73
CA ALA I 39 -54.99 8.18 -16.30
C ALA I 39 -55.14 9.25 -15.22
N GLY I 40 -56.27 9.22 -14.51
CA GLY I 40 -56.51 10.19 -13.46
C GLY I 40 -55.52 10.03 -12.33
N GLN I 41 -55.24 8.78 -11.97
CA GLN I 41 -54.29 8.49 -10.90
C GLN I 41 -52.92 9.00 -11.34
N ILE I 42 -52.47 8.60 -12.53
CA ILE I 42 -51.18 9.03 -13.07
C ILE I 42 -51.00 10.54 -13.08
N LYS I 43 -52.05 11.28 -13.43
CA LYS I 43 -51.97 12.76 -13.42
C LYS I 43 -51.86 13.28 -11.99
N GLU I 44 -52.64 12.68 -11.10
CA GLU I 44 -52.65 13.02 -9.68
C GLU I 44 -51.30 12.74 -9.03
N GLU I 45 -50.78 11.53 -9.22
CA GLU I 45 -49.50 11.14 -8.64
C GLU I 45 -48.33 11.90 -9.25
N GLY I 46 -48.41 12.17 -10.55
CA GLY I 46 -47.34 12.89 -11.21
C GLY I 46 -45.98 12.23 -11.06
N SER I 47 -45.01 12.99 -10.55
CA SER I 47 -43.65 12.50 -10.32
C SER I 47 -43.53 11.45 -9.21
N ARG I 48 -44.48 11.44 -8.29
CA ARG I 48 -44.48 10.49 -7.20
C ARG I 48 -45.14 9.17 -7.61
N SER I 49 -45.69 9.15 -8.82
CA SER I 49 -46.36 7.95 -9.35
C SER I 49 -45.41 6.75 -9.41
N PRO I 50 -45.78 5.65 -8.72
CA PRO I 50 -45.00 4.40 -8.66
C PRO I 50 -45.05 3.60 -9.96
N ALA I 51 -45.80 4.11 -10.93
CA ALA I 51 -45.98 3.47 -12.23
C ALA I 51 -44.80 3.67 -13.18
N ASP I 52 -44.44 2.58 -13.87
CA ASP I 52 -43.37 2.60 -14.86
C ASP I 52 -43.97 2.53 -16.26
N VAL I 53 -45.02 1.75 -16.38
CA VAL I 53 -45.69 1.52 -17.65
C VAL I 53 -47.20 1.63 -17.52
N PHE I 54 -47.83 2.09 -18.59
CA PHE I 54 -49.28 2.23 -18.67
C PHE I 54 -49.75 1.38 -19.87
N TYR I 55 -50.50 0.32 -19.55
CA TYR I 55 -51.04 -0.60 -20.53
C TYR I 55 -52.54 -0.31 -20.52
N SER I 56 -53.02 0.43 -21.54
CA SER I 56 -54.43 0.82 -21.61
C SER I 56 -55.27 0.24 -22.74
N GLU I 57 -56.54 0.00 -22.45
CA GLU I 57 -57.49 -0.53 -23.41
C GLU I 57 -58.09 0.61 -24.24
N GLN I 58 -57.73 1.84 -23.87
CA GLN I 58 -58.21 3.03 -24.55
C GLN I 58 -57.03 3.90 -24.98
N ILE I 59 -57.05 4.35 -26.23
CA ILE I 59 -56.00 5.21 -26.73
C ILE I 59 -56.17 6.64 -26.22
N PRO I 60 -57.43 7.07 -25.95
CA PRO I 60 -57.60 8.44 -25.45
C PRO I 60 -57.06 8.66 -24.03
N ALA I 61 -56.85 7.58 -23.28
CA ALA I 61 -56.29 7.70 -21.92
C ALA I 61 -54.80 7.99 -22.09
N LEU I 62 -54.21 7.39 -23.11
CA LEU I 62 -52.80 7.57 -23.45
C LEU I 62 -52.63 8.96 -24.06
N ALA I 63 -53.59 9.37 -24.88
CA ALA I 63 -53.56 10.67 -25.54
C ALA I 63 -53.56 11.84 -24.57
N THR I 64 -54.37 11.74 -23.51
CA THR I 64 -54.45 12.81 -22.51
C THR I 64 -53.18 12.86 -21.65
N LEU I 65 -52.56 11.69 -21.48
CA LEU I 65 -51.30 11.60 -20.71
C LEU I 65 -50.15 12.09 -21.56
N SER I 66 -50.36 12.14 -22.87
CA SER I 66 -49.33 12.64 -23.79
C SER I 66 -49.49 14.15 -23.83
N ALA I 67 -50.73 14.62 -23.97
CA ALA I 67 -51.04 16.05 -24.00
C ALA I 67 -50.53 16.72 -22.72
N ALA I 68 -50.55 15.98 -21.61
CA ALA I 68 -50.06 16.48 -20.31
C ALA I 68 -48.55 16.23 -20.23
N ASN I 69 -48.03 15.69 -21.34
CA ASN I 69 -46.61 15.39 -21.51
C ASN I 69 -45.97 14.57 -20.39
N LEU I 70 -46.68 13.55 -19.92
CA LEU I 70 -46.18 12.68 -18.87
C LEU I 70 -45.57 11.42 -19.46
N LEU I 71 -45.76 11.26 -20.76
CA LEU I 71 -45.27 10.09 -21.48
C LEU I 71 -43.86 10.19 -22.07
N GLU I 72 -43.12 9.10 -21.90
CA GLU I 72 -41.76 9.01 -22.40
C GLU I 72 -41.74 8.61 -23.88
N PRO I 73 -40.96 9.34 -24.70
CA PRO I 73 -40.89 9.00 -26.13
C PRO I 73 -40.36 7.57 -26.31
N LEU I 74 -40.87 6.87 -27.32
CA LEU I 74 -40.48 5.51 -27.62
C LEU I 74 -39.77 5.46 -28.98
N PRO I 75 -38.78 4.56 -29.12
CA PRO I 75 -38.00 4.40 -30.36
C PRO I 75 -38.83 3.83 -31.51
N ALA I 76 -38.60 4.34 -32.72
CA ALA I 76 -39.33 3.86 -33.89
C ALA I 76 -39.20 2.34 -33.89
N SER I 77 -38.09 1.86 -33.35
CA SER I 77 -37.82 0.43 -33.25
C SER I 77 -39.05 -0.30 -32.68
N THR I 78 -39.66 0.29 -31.67
CA THR I 78 -40.84 -0.27 -31.02
C THR I 78 -42.12 0.02 -31.80
N ILE I 79 -42.24 1.25 -32.30
CA ILE I 79 -43.44 1.64 -33.03
C ILE I 79 -43.67 0.98 -34.41
N ASN I 80 -42.67 0.94 -35.27
CA ASN I 80 -42.89 0.35 -36.59
C ASN I 80 -43.27 -1.13 -36.52
N GLU I 81 -43.18 -1.70 -35.32
CA GLU I 81 -43.52 -3.10 -35.09
C GLU I 81 -45.02 -3.41 -35.32
N THR I 82 -45.88 -2.46 -34.93
CA THR I 82 -47.32 -2.65 -35.05
C THR I 82 -48.02 -1.59 -35.90
N ARG I 83 -47.27 -0.67 -36.50
CA ARG I 83 -47.91 0.37 -37.30
C ARG I 83 -48.35 -0.09 -38.69
N GLY I 84 -49.55 -0.62 -38.75
CA GLY I 84 -50.10 -1.06 -40.02
C GLY I 84 -51.12 -0.03 -40.48
N LYS I 85 -51.75 -0.27 -41.62
CA LYS I 85 -52.76 0.64 -42.14
C LYS I 85 -53.93 0.65 -41.16
N GLY I 86 -54.45 1.84 -40.86
CA GLY I 86 -55.59 1.94 -39.95
C GLY I 86 -55.25 1.87 -38.48
N VAL I 87 -54.00 1.57 -38.15
CA VAL I 87 -53.56 1.49 -36.76
C VAL I 87 -53.12 2.86 -36.26
N PRO I 88 -53.60 3.26 -35.07
CA PRO I 88 -53.26 4.56 -34.48
C PRO I 88 -51.76 4.76 -34.24
N VAL I 89 -51.32 6.01 -34.42
CA VAL I 89 -49.92 6.36 -34.22
C VAL I 89 -49.81 7.62 -33.39
N ALA I 90 -49.09 7.54 -32.28
CA ALA I 90 -48.91 8.70 -31.42
C ALA I 90 -48.21 9.79 -32.23
N ALA I 91 -48.65 11.04 -32.06
CA ALA I 91 -48.03 12.14 -32.79
C ALA I 91 -46.68 12.46 -32.14
N LYS I 92 -46.62 12.32 -30.81
CA LYS I 92 -45.40 12.58 -30.05
C LYS I 92 -44.55 11.31 -29.85
N LYS I 93 -44.99 10.20 -30.44
CA LYS I 93 -44.25 8.95 -30.36
C LYS I 93 -44.07 8.50 -28.92
N ASP I 94 -44.96 8.96 -28.04
CA ASP I 94 -44.90 8.61 -26.62
C ASP I 94 -45.67 7.36 -26.23
N TRP I 95 -46.33 6.73 -27.21
CA TRP I 95 -47.08 5.49 -26.98
C TRP I 95 -47.16 4.69 -28.27
N VAL I 96 -47.60 3.45 -28.16
CA VAL I 96 -47.71 2.58 -29.33
C VAL I 96 -48.99 1.74 -29.29
N ALA I 97 -49.61 1.56 -30.46
CA ALA I 97 -50.83 0.76 -30.57
C ALA I 97 -50.39 -0.68 -30.54
N LEU I 98 -51.13 -1.52 -29.80
CA LEU I 98 -50.78 -2.94 -29.65
C LEU I 98 -51.73 -3.99 -30.21
N SER I 99 -53.02 -3.87 -29.92
CA SER I 99 -54.00 -4.84 -30.40
C SER I 99 -55.37 -4.22 -30.68
N GLY I 100 -56.29 -5.03 -31.20
CA GLY I 100 -57.61 -4.52 -31.51
C GLY I 100 -58.78 -5.40 -31.08
N ARG I 101 -59.91 -4.76 -30.80
CA ARG I 101 -61.14 -5.45 -30.40
C ARG I 101 -62.18 -4.98 -31.40
N SER I 102 -63.08 -5.88 -31.81
CA SER I 102 -64.08 -5.53 -32.81
C SER I 102 -65.53 -5.68 -32.41
N ARG I 103 -66.37 -4.80 -32.93
CA ARG I 103 -67.80 -4.88 -32.68
C ARG I 103 -68.26 -6.07 -33.53
N VAL I 104 -69.31 -6.77 -33.10
CA VAL I 104 -69.83 -7.90 -33.87
C VAL I 104 -71.29 -8.07 -33.56
N VAL I 105 -71.93 -8.94 -34.34
CA VAL I 105 -73.33 -9.27 -34.12
C VAL I 105 -73.30 -10.76 -33.84
N VAL I 106 -73.63 -11.14 -32.60
CA VAL I 106 -73.68 -12.55 -32.24
C VAL I 106 -75.10 -12.99 -32.50
N TYR I 107 -75.28 -14.23 -32.94
CA TYR I 107 -76.62 -14.70 -33.23
C TYR I 107 -76.80 -16.18 -32.97
N ASP I 108 -78.07 -16.56 -32.77
CA ASP I 108 -78.46 -17.93 -32.51
C ASP I 108 -78.59 -18.64 -33.87
N THR I 109 -77.69 -19.58 -34.11
CA THR I 109 -77.67 -20.32 -35.37
C THR I 109 -78.89 -21.22 -35.59
N ARG I 110 -79.82 -21.22 -34.63
CA ARG I 110 -81.03 -22.03 -34.73
C ARG I 110 -82.19 -21.22 -35.33
N LYS I 111 -82.20 -19.92 -35.06
CA LYS I 111 -83.25 -19.05 -35.55
C LYS I 111 -82.93 -18.42 -36.89
N LEU I 112 -81.64 -18.23 -37.16
CA LEU I 112 -81.23 -17.63 -38.42
C LEU I 112 -79.78 -17.90 -38.76
N SER I 113 -79.33 -17.34 -39.89
CA SER I 113 -77.96 -17.52 -40.34
C SER I 113 -77.39 -16.24 -40.95
N GLU I 114 -76.16 -16.31 -41.44
CA GLU I 114 -75.46 -15.19 -42.06
C GLU I 114 -76.34 -14.43 -43.06
N LYS I 115 -77.10 -15.20 -43.84
CA LYS I 115 -78.01 -14.66 -44.87
C LYS I 115 -79.18 -13.85 -44.32
N ASP I 116 -79.51 -14.06 -43.04
CA ASP I 116 -80.61 -13.36 -42.40
C ASP I 116 -80.11 -12.18 -41.58
N LEU I 117 -78.85 -11.83 -41.80
CA LEU I 117 -78.23 -10.72 -41.07
C LEU I 117 -78.10 -9.51 -41.99
N GLU I 118 -77.97 -8.34 -41.36
CA GLU I 118 -77.87 -7.09 -42.10
C GLU I 118 -76.45 -6.78 -42.56
N LYS I 119 -76.33 -6.16 -43.74
CA LYS I 119 -75.03 -5.80 -44.28
C LYS I 119 -74.52 -4.55 -43.57
N SER I 120 -75.40 -3.88 -42.84
CA SER I 120 -75.05 -2.67 -42.09
C SER I 120 -75.57 -2.76 -40.66
N VAL I 121 -74.83 -2.18 -39.73
CA VAL I 121 -75.26 -2.22 -38.34
C VAL I 121 -76.45 -1.27 -38.20
N LEU I 122 -76.51 -0.28 -39.07
CA LEU I 122 -77.58 0.70 -39.03
C LEU I 122 -78.95 0.10 -39.29
N ASN I 123 -79.00 -1.04 -39.97
CA ASN I 123 -80.25 -1.70 -40.33
C ASN I 123 -80.97 -2.47 -39.22
N TYR I 124 -80.31 -2.68 -38.08
CA TYR I 124 -80.95 -3.40 -36.97
C TYR I 124 -81.87 -2.46 -36.19
N ALA I 125 -81.89 -1.19 -36.60
CA ALA I 125 -82.73 -0.18 -35.97
C ALA I 125 -83.99 -0.02 -36.81
N THR I 126 -84.55 -1.15 -37.22
CA THR I 126 -85.76 -1.13 -38.04
C THR I 126 -86.83 -2.08 -37.48
N PRO I 127 -88.06 -1.94 -37.98
CA PRO I 127 -89.14 -2.80 -37.50
C PRO I 127 -88.84 -4.29 -37.69
N LYS I 128 -88.13 -4.62 -38.76
CA LYS I 128 -87.79 -6.00 -39.03
C LYS I 128 -87.17 -6.69 -37.82
N TRP I 129 -86.46 -5.93 -37.00
CA TRP I 129 -85.79 -6.47 -35.82
C TRP I 129 -86.44 -6.15 -34.49
N LYS I 130 -87.77 -6.18 -34.44
CA LYS I 130 -88.45 -5.92 -33.17
C LYS I 130 -88.27 -7.14 -32.29
N ASN I 131 -87.71 -6.92 -31.10
CA ASN I 131 -87.47 -7.99 -30.14
C ASN I 131 -86.57 -9.11 -30.69
N ARG I 132 -85.82 -8.78 -31.73
CA ARG I 132 -84.91 -9.73 -32.38
C ARG I 132 -83.46 -9.27 -32.27
N ILE I 133 -83.23 -8.06 -31.80
CA ILE I 133 -81.87 -7.54 -31.68
C ILE I 133 -81.65 -6.89 -30.32
N GLY I 134 -80.62 -7.32 -29.63
CA GLY I 134 -80.32 -6.77 -28.33
C GLY I 134 -79.10 -5.87 -28.33
N TYR I 135 -79.02 -4.99 -27.33
CA TYR I 135 -77.88 -4.09 -27.19
C TYR I 135 -77.70 -3.72 -25.72
N VAL I 136 -76.50 -3.26 -25.38
CA VAL I 136 -76.16 -2.88 -24.02
C VAL I 136 -75.95 -1.37 -24.06
N PRO I 137 -77.03 -0.60 -23.79
CA PRO I 137 -76.98 0.87 -23.80
C PRO I 137 -76.07 1.54 -22.78
N THR I 138 -75.64 0.77 -21.78
CA THR I 138 -74.76 1.31 -20.75
C THR I 138 -73.30 1.09 -21.17
N SER I 139 -73.11 0.15 -22.09
CA SER I 139 -71.80 -0.24 -22.61
C SER I 139 -70.87 0.89 -23.08
N GLY I 140 -69.57 0.72 -22.81
CA GLY I 140 -68.60 1.69 -23.24
C GLY I 140 -68.45 1.55 -24.74
N ALA I 141 -68.46 0.30 -25.20
CA ALA I 141 -68.34 -0.04 -26.61
C ALA I 141 -69.53 0.55 -27.39
N PHE I 142 -70.70 0.46 -26.78
CA PHE I 142 -71.91 0.99 -27.39
C PHE I 142 -71.74 2.48 -27.63
N LEU I 143 -71.24 3.18 -26.61
CA LEU I 143 -70.99 4.62 -26.72
C LEU I 143 -70.00 4.83 -27.86
N GLU I 144 -68.99 3.96 -27.92
CA GLU I 144 -67.98 4.04 -28.96
C GLU I 144 -68.57 3.87 -30.35
N GLN I 145 -69.64 3.08 -30.46
CA GLN I 145 -70.30 2.82 -31.73
C GLN I 145 -71.08 4.04 -32.22
N ILE I 146 -71.71 4.76 -31.29
CA ILE I 146 -72.47 5.96 -31.63
C ILE I 146 -71.51 7.02 -32.16
N VAL I 147 -70.41 7.23 -31.43
CA VAL I 147 -69.38 8.18 -31.81
C VAL I 147 -68.87 7.91 -33.23
N ALA I 148 -68.73 6.62 -33.57
CA ALA I 148 -68.24 6.21 -34.88
C ALA I 148 -69.27 6.47 -35.98
N ILE I 149 -70.54 6.25 -35.67
CA ILE I 149 -71.59 6.50 -36.64
C ILE I 149 -71.68 8.00 -36.92
N VAL I 150 -71.50 8.80 -35.87
CA VAL I 150 -71.53 10.24 -36.01
C VAL I 150 -70.39 10.71 -36.91
N LYS I 151 -69.21 10.11 -36.72
CA LYS I 151 -68.04 10.47 -37.52
C LYS I 151 -68.07 9.96 -38.96
N LEU I 152 -68.81 8.88 -39.18
CA LEU I 152 -68.90 8.26 -40.50
C LEU I 152 -70.13 8.59 -41.32
N LYS I 153 -71.25 8.83 -40.63
CA LYS I 153 -72.51 9.10 -41.30
C LYS I 153 -73.10 10.48 -41.00
N GLY I 154 -72.71 11.04 -39.86
CA GLY I 154 -73.25 12.32 -39.49
C GLY I 154 -74.16 12.07 -38.30
N GLU I 155 -74.42 13.12 -37.55
CA GLU I 155 -75.25 13.08 -36.35
C GLU I 155 -76.66 12.53 -36.59
N ALA I 156 -77.24 12.89 -37.74
CA ALA I 156 -78.59 12.48 -38.09
C ALA I 156 -78.78 10.97 -37.99
N ALA I 157 -77.92 10.25 -38.69
CA ALA I 157 -77.93 8.80 -38.72
C ALA I 157 -77.70 8.18 -37.33
N ALA I 158 -76.87 8.83 -36.53
CA ALA I 158 -76.57 8.34 -35.18
C ALA I 158 -77.80 8.38 -34.28
N LEU I 159 -78.55 9.47 -34.31
CA LEU I 159 -79.77 9.58 -33.50
C LEU I 159 -80.86 8.71 -34.11
N LYS I 160 -80.87 8.64 -35.44
CA LYS I 160 -81.85 7.81 -36.15
C LYS I 160 -81.65 6.37 -35.73
N TRP I 161 -80.40 5.97 -35.62
CA TRP I 161 -80.01 4.63 -35.24
C TRP I 161 -80.45 4.35 -33.80
N LEU I 162 -80.13 5.26 -32.89
CA LEU I 162 -80.50 5.13 -31.47
C LEU I 162 -82.01 5.23 -31.24
N LYS I 163 -82.72 5.95 -32.08
CA LYS I 163 -84.16 6.07 -31.94
C LYS I 163 -84.87 4.82 -32.43
N GLY I 164 -84.21 4.12 -33.35
CA GLY I 164 -84.76 2.87 -33.87
C GLY I 164 -84.46 1.74 -32.89
N LEU I 165 -83.27 1.72 -32.31
CA LEU I 165 -82.88 0.68 -31.35
C LEU I 165 -83.71 0.70 -30.08
N LYS I 166 -84.04 1.90 -29.62
CA LYS I 166 -84.84 2.07 -28.42
C LYS I 166 -86.24 1.57 -28.75
N GLU I 167 -86.75 2.01 -29.89
CA GLU I 167 -88.07 1.64 -30.33
C GLU I 167 -88.25 0.14 -30.57
N TYR I 168 -87.31 -0.46 -31.30
CA TYR I 168 -87.40 -1.87 -31.64
C TYR I 168 -86.50 -2.87 -30.93
N GLY I 169 -85.36 -2.41 -30.42
CA GLY I 169 -84.43 -3.31 -29.77
C GLY I 169 -84.67 -3.70 -28.32
N LYS I 170 -83.91 -4.68 -27.86
CA LYS I 170 -83.99 -5.14 -26.48
C LYS I 170 -82.66 -4.78 -25.80
N PRO I 171 -82.73 -3.96 -24.73
CA PRO I 171 -81.51 -3.58 -24.03
C PRO I 171 -81.12 -4.58 -22.93
N TYR I 172 -79.82 -4.78 -22.77
CA TYR I 172 -79.28 -5.69 -21.76
C TYR I 172 -78.27 -4.93 -20.89
N ALA I 173 -78.16 -5.37 -19.64
CA ALA I 173 -77.27 -4.74 -18.66
C ALA I 173 -75.81 -4.78 -19.05
N LYS I 174 -75.30 -5.98 -19.27
CA LYS I 174 -73.90 -6.15 -19.63
C LYS I 174 -73.80 -6.95 -20.91
N ASN I 175 -72.67 -6.84 -21.60
CA ASN I 175 -72.46 -7.57 -22.83
C ASN I 175 -72.66 -9.05 -22.54
N SER I 176 -72.14 -9.50 -21.39
CA SER I 176 -72.23 -10.89 -20.96
C SER I 176 -73.66 -11.44 -20.91
N VAL I 177 -74.59 -10.59 -20.46
CA VAL I 177 -76.00 -10.96 -20.36
C VAL I 177 -76.62 -11.14 -21.75
N ALA I 178 -76.26 -10.25 -22.67
CA ALA I 178 -76.77 -10.28 -24.04
C ALA I 178 -76.30 -11.55 -24.77
N LEU I 179 -75.08 -11.95 -24.47
CA LEU I 179 -74.49 -13.14 -25.09
C LEU I 179 -75.22 -14.40 -24.64
N GLN I 180 -75.57 -14.45 -23.36
CA GLN I 180 -76.28 -15.62 -22.83
C GLN I 180 -77.74 -15.63 -23.25
N ALA I 181 -78.30 -14.45 -23.51
CA ALA I 181 -79.70 -14.32 -23.92
C ALA I 181 -79.88 -14.90 -25.34
N VAL I 182 -78.95 -14.61 -26.23
CA VAL I 182 -79.04 -15.14 -27.59
C VAL I 182 -78.59 -16.59 -27.55
N GLU I 183 -77.82 -16.91 -26.51
CA GLU I 183 -77.29 -18.24 -26.30
C GLU I 183 -78.42 -19.19 -25.88
N ASN I 184 -79.32 -18.69 -25.04
CA ASN I 184 -80.43 -19.47 -24.53
C ASN I 184 -81.73 -19.29 -25.32
N GLY I 185 -81.59 -19.02 -26.61
CA GLY I 185 -82.74 -18.85 -27.46
C GLY I 185 -83.77 -17.82 -27.01
N GLU I 186 -83.34 -16.83 -26.22
CA GLU I 186 -84.25 -15.79 -25.74
C GLU I 186 -84.43 -14.67 -26.77
N ILE I 187 -83.33 -14.29 -27.43
CA ILE I 187 -83.40 -13.27 -28.47
C ILE I 187 -82.50 -13.68 -29.62
N ASP I 188 -82.98 -13.45 -30.84
CA ASP I 188 -82.28 -13.82 -32.09
C ASP I 188 -80.80 -13.42 -32.22
N ALA I 189 -80.49 -12.16 -31.92
CA ALA I 189 -79.11 -11.66 -32.03
C ALA I 189 -78.81 -10.52 -31.05
N ALA I 190 -77.55 -10.11 -31.01
CA ALA I 190 -77.13 -9.03 -30.13
C ALA I 190 -75.89 -8.32 -30.67
N LEU I 191 -75.77 -7.04 -30.35
CA LEU I 191 -74.63 -6.24 -30.75
C LEU I 191 -73.66 -6.23 -29.56
N ILE I 192 -72.49 -6.82 -29.74
CA ILE I 192 -71.49 -6.90 -28.68
C ILE I 192 -70.07 -6.75 -29.26
N ASN I 193 -69.08 -7.16 -28.47
CA ASN I 193 -67.66 -7.13 -28.85
C ASN I 193 -67.28 -8.60 -29.08
N ASN I 194 -66.35 -8.87 -29.99
CA ASN I 194 -65.98 -10.24 -30.33
C ASN I 194 -65.48 -11.20 -29.25
N TYR I 195 -64.36 -10.84 -28.61
CA TYR I 195 -63.72 -11.68 -27.59
C TYR I 195 -64.66 -12.38 -26.61
N TYR I 196 -65.80 -11.76 -26.31
CA TYR I 196 -66.76 -12.39 -25.39
C TYR I 196 -67.13 -13.78 -25.90
N TRP I 197 -67.59 -13.85 -27.15
CA TRP I 197 -67.97 -15.11 -27.75
C TRP I 197 -66.78 -16.07 -27.79
N HIS I 198 -65.65 -15.61 -28.32
CA HIS I 198 -64.45 -16.45 -28.42
C HIS I 198 -64.04 -17.05 -27.06
N ALA I 199 -64.25 -16.30 -25.99
CA ALA I 199 -63.91 -16.76 -24.65
C ALA I 199 -64.86 -17.91 -24.24
N PHE I 200 -66.14 -17.68 -24.51
CA PHE I 200 -67.20 -18.63 -24.22
C PHE I 200 -66.97 -19.93 -24.98
N ALA I 201 -66.86 -19.80 -26.31
CA ALA I 201 -66.64 -20.93 -27.21
C ALA I 201 -65.43 -21.77 -26.78
N ARG I 202 -64.29 -21.11 -26.60
CA ARG I 202 -63.09 -21.83 -26.21
C ARG I 202 -63.26 -22.70 -24.95
N GLU I 203 -64.01 -22.18 -23.98
CA GLU I 203 -64.25 -22.90 -22.74
C GLU I 203 -65.31 -23.99 -22.86
N LYS I 204 -66.30 -23.73 -23.70
CA LYS I 204 -67.39 -24.68 -23.93
C LYS I 204 -67.11 -25.68 -25.05
N GLY I 205 -66.19 -25.33 -25.94
CA GLY I 205 -65.91 -26.17 -27.06
C GLY I 205 -66.87 -25.62 -28.09
N VAL I 206 -66.34 -25.07 -29.17
CA VAL I 206 -67.17 -24.48 -30.20
C VAL I 206 -68.36 -25.33 -30.65
N GLN I 207 -68.23 -26.64 -30.60
CA GLN I 207 -69.32 -27.53 -31.03
C GLN I 207 -70.51 -27.55 -30.06
N ASN I 208 -70.35 -26.96 -28.88
CA ASN I 208 -71.42 -26.92 -27.88
C ASN I 208 -71.97 -25.51 -27.69
N VAL I 209 -71.88 -24.70 -28.73
CA VAL I 209 -72.35 -23.32 -28.70
C VAL I 209 -73.37 -23.12 -29.82
N HIS I 210 -74.52 -22.53 -29.48
CA HIS I 210 -75.59 -22.29 -30.46
C HIS I 210 -75.35 -21.00 -31.28
N THR I 211 -74.57 -20.09 -30.72
CA THR I 211 -74.29 -18.81 -31.37
C THR I 211 -73.02 -18.76 -32.20
N ARG I 212 -73.05 -17.93 -33.25
CA ARG I 212 -71.90 -17.75 -34.11
C ARG I 212 -71.67 -16.23 -34.19
N LEU I 213 -70.58 -15.81 -34.80
CA LEU I 213 -70.30 -14.38 -34.90
C LEU I 213 -70.42 -13.85 -36.33
N ASN I 214 -70.93 -12.64 -36.47
CA ASN I 214 -71.08 -12.04 -37.79
C ASN I 214 -70.34 -10.72 -37.90
N PHE I 215 -69.54 -10.58 -38.96
CA PHE I 215 -68.77 -9.35 -39.16
C PHE I 215 -69.30 -8.62 -40.41
N VAL I 216 -69.71 -7.38 -40.23
CA VAL I 216 -70.25 -6.61 -41.33
C VAL I 216 -69.20 -6.21 -42.39
N ARG I 217 -67.99 -5.88 -41.96
CA ARG I 217 -66.92 -5.46 -42.88
C ARG I 217 -67.33 -4.25 -43.74
N HIS I 218 -66.68 -4.11 -44.90
CA HIS I 218 -66.93 -3.02 -45.85
C HIS I 218 -66.91 -1.61 -45.26
N ARG I 219 -66.07 -1.38 -44.26
CA ARG I 219 -65.95 -0.07 -43.62
C ARG I 219 -67.25 0.42 -42.97
N ASP I 220 -68.16 -0.50 -42.70
CA ASP I 220 -69.44 -0.16 -42.07
C ASP I 220 -69.17 0.25 -40.61
N PRO I 221 -69.96 1.19 -40.07
CA PRO I 221 -69.74 1.58 -38.68
C PRO I 221 -69.72 0.35 -37.77
N GLY I 222 -70.56 -0.63 -38.07
CA GLY I 222 -70.64 -1.84 -37.29
C GLY I 222 -69.39 -2.69 -37.31
N ALA I 223 -68.41 -2.27 -38.11
CA ALA I 223 -67.15 -2.97 -38.24
C ALA I 223 -66.06 -2.27 -37.43
N LEU I 224 -66.48 -1.29 -36.62
CA LEU I 224 -65.58 -0.52 -35.77
C LEU I 224 -64.63 -1.35 -34.91
N VAL I 225 -63.33 -1.06 -35.02
CA VAL I 225 -62.30 -1.73 -34.21
C VAL I 225 -61.69 -0.68 -33.28
N THR I 226 -61.58 -1.00 -32.00
CA THR I 226 -61.01 -0.06 -31.02
C THR I 226 -59.66 -0.63 -30.58
N TYR I 227 -58.67 0.23 -30.41
CA TYR I 227 -57.34 -0.24 -30.06
C TYR I 227 -56.84 -0.07 -28.64
N SER I 228 -55.85 -0.89 -28.32
CA SER I 228 -55.17 -0.90 -27.03
C SER I 228 -53.73 -0.48 -27.31
N GLY I 229 -53.12 0.21 -26.35
CA GLY I 229 -51.75 0.67 -26.52
C GLY I 229 -50.99 0.65 -25.21
N ALA I 230 -49.71 1.00 -25.27
CA ALA I 230 -48.86 1.01 -24.08
C ALA I 230 -47.86 2.15 -24.15
N ALA I 231 -47.33 2.53 -22.99
CA ALA I 231 -46.35 3.60 -22.92
C ALA I 231 -45.59 3.56 -21.60
N VAL I 232 -44.43 4.19 -21.59
CA VAL I 232 -43.60 4.28 -20.39
C VAL I 232 -43.78 5.69 -19.83
N LEU I 233 -43.86 5.78 -18.50
CA LEU I 233 -44.03 7.06 -17.83
C LEU I 233 -42.70 7.76 -17.63
N LYS I 234 -42.66 9.05 -17.92
CA LYS I 234 -41.45 9.86 -17.76
C LYS I 234 -41.04 9.94 -16.27
N SER I 235 -41.93 9.51 -15.39
CA SER I 235 -41.67 9.52 -13.94
C SER I 235 -41.03 8.19 -13.51
N SER I 236 -41.03 7.23 -14.42
CA SER I 236 -40.49 5.90 -14.13
C SER I 236 -39.05 5.86 -13.60
N GLN I 237 -38.90 5.17 -12.48
CA GLN I 237 -37.61 5.00 -11.81
C GLN I 237 -36.93 3.73 -12.35
N ASN I 238 -37.61 3.08 -13.29
CA ASN I 238 -37.10 1.86 -13.94
C ASN I 238 -37.31 2.02 -15.44
N LYS I 239 -37.04 3.23 -15.93
CA LYS I 239 -37.22 3.59 -17.34
C LYS I 239 -36.65 2.58 -18.34
N ASP I 240 -35.45 2.07 -18.06
CA ASP I 240 -34.79 1.10 -18.92
C ASP I 240 -35.65 -0.16 -19.05
N GLU I 241 -35.91 -0.79 -17.90
CA GLU I 241 -36.69 -2.01 -17.81
C GLU I 241 -38.13 -1.83 -18.30
N ALA I 242 -38.64 -0.61 -18.23
CA ALA I 242 -40.00 -0.29 -18.67
C ALA I 242 -40.07 -0.23 -20.18
N LYS I 243 -39.08 0.41 -20.81
CA LYS I 243 -39.05 0.52 -22.26
C LYS I 243 -38.80 -0.83 -22.91
N LYS I 244 -38.19 -1.74 -22.16
CA LYS I 244 -37.91 -3.08 -22.68
C LYS I 244 -39.19 -3.90 -22.63
N PHE I 245 -40.06 -3.57 -21.70
CA PHE I 245 -41.35 -4.24 -21.54
C PHE I 245 -42.28 -3.86 -22.67
N VAL I 246 -42.41 -2.56 -22.94
CA VAL I 246 -43.27 -2.12 -24.02
C VAL I 246 -42.75 -2.65 -25.36
N ALA I 247 -41.42 -2.75 -25.48
CA ALA I 247 -40.83 -3.29 -26.70
C ALA I 247 -41.42 -4.68 -26.88
N PHE I 248 -41.40 -5.44 -25.78
CA PHE I 248 -41.92 -6.80 -25.71
C PHE I 248 -43.37 -6.86 -26.22
N LEU I 249 -44.23 -6.05 -25.62
CA LEU I 249 -45.65 -5.97 -25.98
C LEU I 249 -45.88 -5.82 -27.48
N ALA I 250 -45.06 -4.99 -28.13
CA ALA I 250 -45.19 -4.74 -29.57
C ALA I 250 -44.54 -5.79 -30.46
N GLY I 251 -43.68 -6.61 -29.88
CA GLY I 251 -42.99 -7.63 -30.65
C GLY I 251 -43.70 -8.97 -30.79
N LYS I 252 -43.12 -9.82 -31.64
CA LYS I 252 -43.65 -11.16 -31.91
C LYS I 252 -44.01 -11.94 -30.64
N GLU I 253 -43.07 -12.05 -29.71
CA GLU I 253 -43.28 -12.78 -28.45
C GLU I 253 -44.44 -12.28 -27.58
N GLY I 254 -44.49 -10.97 -27.33
CA GLY I 254 -45.55 -10.40 -26.53
C GLY I 254 -46.89 -10.56 -27.22
N GLN I 255 -46.90 -10.36 -28.52
CA GLN I 255 -48.12 -10.49 -29.31
C GLN I 255 -48.64 -11.92 -29.19
N ARG I 256 -47.75 -12.90 -29.32
CA ARG I 256 -48.14 -14.30 -29.22
C ARG I 256 -48.62 -14.64 -27.82
N ALA I 257 -47.93 -14.10 -26.81
CA ALA I 257 -48.31 -14.36 -25.42
C ALA I 257 -49.74 -13.87 -25.17
N LEU I 258 -50.07 -12.71 -25.73
CA LEU I 258 -51.40 -12.13 -25.56
C LEU I 258 -52.47 -12.92 -26.31
N THR I 259 -52.25 -13.13 -27.61
CA THR I 259 -53.21 -13.85 -28.46
C THR I 259 -53.36 -15.33 -28.08
N ALA I 260 -52.50 -15.82 -27.21
CA ALA I 260 -52.63 -17.20 -26.80
C ALA I 260 -53.76 -17.26 -25.79
N VAL I 261 -54.04 -16.13 -25.15
CA VAL I 261 -55.07 -16.06 -24.11
C VAL I 261 -56.21 -15.05 -24.38
N ARG I 262 -55.89 -13.94 -25.05
CA ARG I 262 -56.88 -12.90 -25.33
C ARG I 262 -57.27 -12.85 -26.81
N ALA I 263 -58.59 -12.82 -27.06
CA ALA I 263 -59.12 -12.80 -28.42
C ALA I 263 -59.12 -11.37 -28.96
N GLU I 264 -57.93 -10.82 -29.10
CA GLU I 264 -57.72 -9.47 -29.61
C GLU I 264 -57.03 -9.64 -30.96
N TYR I 265 -57.25 -8.70 -31.87
CA TYR I 265 -56.60 -8.80 -33.18
C TYR I 265 -55.19 -8.26 -33.07
N PRO I 266 -54.20 -9.12 -33.36
CA PRO I 266 -52.80 -8.71 -33.29
C PRO I 266 -52.50 -7.56 -34.24
N LEU I 267 -51.68 -6.62 -33.78
CA LEU I 267 -51.30 -5.50 -34.62
C LEU I 267 -49.94 -5.80 -35.27
N ASN I 268 -49.29 -6.88 -34.82
CA ASN I 268 -48.01 -7.32 -35.37
C ASN I 268 -48.38 -8.30 -36.49
N PRO I 269 -48.30 -7.87 -37.75
CA PRO I 269 -48.63 -8.68 -38.93
C PRO I 269 -47.94 -10.05 -39.03
N HIS I 270 -46.95 -10.27 -38.18
CA HIS I 270 -46.21 -11.53 -38.16
C HIS I 270 -46.79 -12.55 -37.18
N VAL I 271 -47.85 -12.19 -36.47
CA VAL I 271 -48.43 -13.08 -35.48
C VAL I 271 -49.75 -13.72 -35.89
N VAL I 272 -49.94 -14.95 -35.41
CA VAL I 272 -51.14 -15.71 -35.68
C VAL I 272 -51.89 -15.85 -34.36
N SER I 273 -53.17 -15.54 -34.35
CA SER I 273 -53.92 -15.68 -33.12
C SER I 273 -54.18 -17.17 -32.89
N THR I 274 -54.48 -17.52 -31.64
CA THR I 274 -54.80 -18.89 -31.28
C THR I 274 -56.32 -19.01 -31.42
N PHE I 275 -56.95 -17.86 -31.65
CA PHE I 275 -58.39 -17.78 -31.86
C PHE I 275 -58.61 -17.66 -33.36
N ASN I 276 -59.79 -18.05 -33.82
CA ASN I 276 -60.06 -17.94 -35.24
C ASN I 276 -60.34 -16.49 -35.55
N LEU I 277 -59.27 -15.70 -35.60
CA LEU I 277 -59.34 -14.26 -35.86
C LEU I 277 -58.64 -13.92 -37.16
N GLU I 278 -59.40 -13.64 -38.21
CA GLU I 278 -58.80 -13.29 -39.50
C GLU I 278 -57.83 -12.13 -39.38
N PRO I 279 -56.89 -11.99 -40.35
CA PRO I 279 -55.94 -10.89 -40.28
C PRO I 279 -56.79 -9.63 -40.08
N ILE I 280 -56.34 -8.72 -39.24
CA ILE I 280 -57.11 -7.52 -38.95
C ILE I 280 -57.43 -6.70 -40.21
N ALA I 281 -56.60 -6.85 -41.25
CA ALA I 281 -56.77 -6.14 -42.50
C ALA I 281 -58.09 -6.54 -43.15
N LYS I 282 -58.35 -7.84 -43.12
CA LYS I 282 -59.56 -8.42 -43.70
C LYS I 282 -60.86 -7.94 -43.06
N LEU I 283 -60.80 -7.44 -41.83
CA LEU I 283 -62.00 -6.93 -41.15
C LEU I 283 -62.63 -5.75 -41.87
N GLU I 284 -61.81 -5.02 -42.64
CA GLU I 284 -62.26 -3.86 -43.39
C GLU I 284 -62.93 -2.84 -42.46
N ALA I 285 -62.32 -2.62 -41.31
CA ALA I 285 -62.86 -1.68 -40.33
C ALA I 285 -62.67 -0.23 -40.78
N PRO I 286 -63.66 0.64 -40.50
CA PRO I 286 -63.59 2.06 -40.89
C PRO I 286 -62.45 2.79 -40.20
N GLN I 287 -61.92 3.81 -40.86
CA GLN I 287 -60.85 4.61 -40.27
C GLN I 287 -61.54 5.76 -39.55
N VAL I 288 -61.35 5.82 -38.24
CA VAL I 288 -61.95 6.86 -37.38
C VAL I 288 -60.86 7.47 -36.50
N SER I 289 -61.03 8.74 -36.14
CA SER I 289 -60.05 9.41 -35.28
C SER I 289 -60.25 8.94 -33.84
N ALA I 290 -59.39 9.37 -32.93
CA ALA I 290 -59.53 8.95 -31.54
C ALA I 290 -60.74 9.62 -30.89
N THR I 291 -61.41 8.90 -30.00
CA THR I 291 -62.58 9.45 -29.33
C THR I 291 -62.22 10.51 -28.29
N THR I 292 -62.84 11.68 -28.39
CA THR I 292 -62.58 12.78 -27.45
C THR I 292 -63.70 12.94 -26.42
N VAL I 293 -63.40 13.73 -25.40
CA VAL I 293 -64.33 14.01 -24.31
C VAL I 293 -65.62 14.59 -24.89
N SER I 294 -65.47 15.59 -25.76
CA SER I 294 -66.62 16.24 -26.40
C SER I 294 -67.41 15.24 -27.24
N GLU I 295 -66.68 14.34 -27.91
CA GLU I 295 -67.29 13.29 -28.72
C GLU I 295 -68.16 12.38 -27.87
N LYS I 296 -67.61 11.82 -26.80
CA LYS I 296 -68.41 10.98 -25.91
C LYS I 296 -69.56 11.82 -25.33
N GLU I 297 -69.26 13.09 -25.04
CA GLU I 297 -70.24 14.04 -24.51
C GLU I 297 -71.42 14.16 -25.47
N HIS I 298 -71.08 14.23 -26.75
CA HIS I 298 -72.05 14.34 -27.83
C HIS I 298 -72.88 13.06 -27.92
N ALA I 299 -72.20 11.91 -27.84
CA ALA I 299 -72.88 10.61 -27.91
C ALA I 299 -73.80 10.42 -26.70
N THR I 300 -73.34 10.89 -25.54
CA THR I 300 -74.14 10.77 -24.32
C THR I 300 -75.43 11.57 -24.49
N ARG I 301 -75.34 12.73 -25.14
CA ARG I 301 -76.51 13.59 -25.37
C ARG I 301 -77.49 12.92 -26.34
N LEU I 302 -76.95 12.20 -27.33
CA LEU I 302 -77.77 11.50 -28.31
C LEU I 302 -78.52 10.31 -27.69
N LEU I 303 -77.94 9.70 -26.65
CA LEU I 303 -78.55 8.57 -25.95
C LEU I 303 -79.80 9.07 -25.22
N GLU I 304 -79.67 10.22 -24.58
CA GLU I 304 -80.76 10.82 -23.84
C GLU I 304 -81.86 11.29 -24.80
N GLN I 305 -81.45 11.89 -25.93
CA GLN I 305 -82.41 12.35 -26.93
C GLN I 305 -83.26 11.20 -27.43
N ALA I 306 -82.75 9.97 -27.28
CA ALA I 306 -83.51 8.80 -27.69
C ALA I 306 -84.41 8.48 -26.51
N GLY I 307 -83.79 8.10 -25.40
CA GLY I 307 -84.52 7.77 -24.20
C GLY I 307 -83.95 6.52 -23.55
N MET I 308 -82.70 6.22 -23.89
CA MET I 308 -82.02 5.04 -23.37
C MET I 308 -81.41 5.25 -22.00
N LYS I 309 -80.61 6.31 -21.86
CA LYS I 309 -79.98 6.63 -20.59
C LYS I 309 -80.39 8.00 -20.07
#